data_9DHY
#
_entry.id   9DHY
#
_cell.length_a   1.00
_cell.length_b   1.00
_cell.length_c   1.00
_cell.angle_alpha   90.00
_cell.angle_beta   90.00
_cell.angle_gamma   90.00
#
_symmetry.space_group_name_H-M   'P 1'
#
loop_
_entity.id
_entity.type
_entity.pdbx_description
1 polymer 'Antibody Fab COVIC-154 Heavy Chain'
2 polymer 'Antibody Fab COVIC-154 Light Chain'
3 polymer 'Spike glycoprotein'
4 branched 2-acetamido-2-deoxy-beta-D-glucopyranose-(1-4)-2-acetamido-2-deoxy-beta-D-glucopyranose
5 non-polymer 2-acetamido-2-deoxy-beta-D-glucopyranose
#
loop_
_entity_poly.entity_id
_entity_poly.type
_entity_poly.pdbx_seq_one_letter_code
_entity_poly.pdbx_strand_id
1 'polypeptide(L)'
;EVQLVESGGGLVQPGRSLRLSCAASGFTFDDYAMHWVRQTPGKGLEWVSGISWNSGSIGYADSVKGRFTISRDNAKNSLY
LQMNSLRAEDTALYYCTKDLGLGIGFYYGLDVWGQGTTVTVSS
;
A,D,I
2 'polypeptide(L)'
;AIQMTQSPSSLSTSVGDRVTITCRASQGIRNDLGWYQLKPGKAPKLLIYDASTLQSGVPSRFSGSGSGTDFTLTISSLEP
EDLATYYCLHHYTYPWTFGHGTKVELK
;
B,E,J
3 'polypeptide(L)'
;MGVKVLFALICIAVAEAQCVNLTTRTQLPPAYTNSFTRGVYYPDKVFRSSVLHSTQDLFLPFFSNVTWFHAIHVSGTNGT
KRFDNPVLPFNDGVYFASTEKSNIIRGWIFGTTLDSKTQSLLIVNNATNVVIKVCEFQFCNDPFLGVYYHKNNKSWMESE
FRVYSSANNCTFEYVSQPFLMDLEGKQGNFKNLREFVFKNIDGYFKIYSKHTPINLVRDLPQGFSALEPLVDLPIGINIT
RFQTLLALHRSYLTPGDSSSGWTAGAAAYYVGYLQPRTFLLKYNENGTITDAVDCALDPLSETKCTLKSFTVEKGIYQTS
NFRVQPTESIVRFPNITNLCPFGEVFNATRFASVYAWNRKRISNCVADYSVLYNSASFSTFKCYGVSPTKLNDLCFTNVY
ADSFVIRGDEVRQIAPGQTGKIADYNYKLPDDFTGCVIAWNSNNLDSKVGGNYNYLYRLFRKSNLKPFERDISTEIYQAG
STPCNGVEGFNCYFPLQSYGFQPTNGVGYQPYRVVVLSFELLHAPATVCGPKKSTNLVKNKCVNFNFNGLTGTGVLTESN
KKFLPFQQFGRDIADTTDAVRDPQTLEILDITPCSFGGVSVITPGTNTSNQVAVLYQDVNCTEVPVAIHADQLTPTWRVY
STGSNVFQTRAGCLIGAEHVNNSYECDIPIGAGICASYQTQTNSPGSASSVASQSIIAYTMSLGAENSVAYSNNSIAIPT
NFTISVTTEILPVSMTKTSVDCTMYICGDSTECSNLLLQYGSFCTQLNRALTGIAVEQDKNTQEVFAQVKQIYKTPPIKD
FGGFNFSQILPDPSKPSKRSFIEDLLFNKVTLADAGFIKQYGDCLGDIAARDLICAQKFNGLTVLPPLLTDEMIAQYTSA
LLAGTITSGWTFGAGPALQIPFPMQMAYRFNGIGVTQNVLYENQKLIANQFNSAIGKIQDSLSSTPSALGKLQDVVNQNA
QALNTLVKQLSSNFGAISSVLNDILSRLDPPEAEVQIDRLITGRLQSLQTYVTQQLIRAAEIRASANLAATKMSECVLGQ
SKRVDFCGKGYHLMSFPQSAPHGVVFLHVTYVPAQEKNFTTAPAICHDGKAHFPREGVFVSNGTHWFVTQRNFYEPQIIT
TDNTFVSGNCDVVIGIVNNTVYDPLQPELDSFKEELDKYFKNHTSPDVDLGDISGINASVVNIQKEIDRLNEVAKNLNES
LIDLQELGKYEQ
;
C,F,K
#
loop_
_chem_comp.id
_chem_comp.type
_chem_comp.name
_chem_comp.formula
NAG D-saccharide, beta linking 2-acetamido-2-deoxy-beta-D-glucopyranose 'C8 H15 N O6'
#
# COMPACT_ATOMS: atom_id res chain seq x y z
N GLU A 1 -37.57 -26.11 -52.38
CA GLU A 1 -38.51 -25.30 -53.12
C GLU A 1 -39.00 -24.13 -52.30
N VAL A 2 -38.11 -23.19 -52.01
CA VAL A 2 -38.45 -22.02 -51.24
C VAL A 2 -38.74 -20.90 -52.23
N GLN A 3 -39.93 -20.35 -52.17
CA GLN A 3 -40.33 -19.32 -53.11
C GLN A 3 -40.75 -18.04 -52.39
N LEU A 4 -40.16 -16.91 -52.77
CA LEU A 4 -40.53 -15.61 -52.24
C LEU A 4 -41.10 -14.77 -53.37
N VAL A 5 -42.32 -14.27 -53.20
CA VAL A 5 -43.00 -13.52 -54.25
C VAL A 5 -43.28 -12.10 -53.78
N GLU A 6 -42.87 -11.11 -54.57
CA GLU A 6 -43.05 -9.70 -54.23
C GLU A 6 -44.28 -9.15 -54.94
N SER A 7 -44.93 -8.18 -54.30
CA SER A 7 -46.10 -7.55 -54.88
C SER A 7 -46.24 -6.13 -54.33
N GLY A 8 -47.04 -5.33 -55.02
CA GLY A 8 -47.30 -3.97 -54.59
C GLY A 8 -46.38 -2.89 -55.16
N GLY A 9 -45.48 -3.24 -56.07
CA GLY A 9 -44.64 -2.23 -56.69
C GLY A 9 -45.32 -1.58 -57.87
N GLY A 10 -45.40 -0.25 -57.85
CA GLY A 10 -46.08 0.51 -58.89
C GLY A 10 -45.60 1.93 -58.92
N LEU A 11 -45.95 2.63 -60.00
CA LEU A 11 -45.61 4.04 -60.12
C LEU A 11 -46.29 4.86 -59.03
N VAL A 12 -45.55 5.77 -58.44
CA VAL A 12 -46.08 6.60 -57.36
C VAL A 12 -45.55 8.02 -57.51
N GLN A 13 -46.39 8.99 -57.19
CA GLN A 13 -45.97 10.39 -57.21
C GLN A 13 -45.05 10.69 -56.02
N PRO A 14 -44.13 11.63 -56.17
CA PRO A 14 -43.21 11.93 -55.07
C PRO A 14 -43.96 12.45 -53.85
N GLY A 15 -43.52 11.99 -52.69
CA GLY A 15 -44.10 12.39 -51.42
C GLY A 15 -45.25 11.53 -50.96
N ARG A 16 -45.71 10.61 -51.79
CA ARG A 16 -46.78 9.68 -51.45
C ARG A 16 -46.20 8.46 -50.70
N SER A 17 -47.09 7.64 -50.15
CA SER A 17 -46.74 6.45 -49.40
C SER A 17 -47.17 5.17 -50.12
N LEU A 18 -46.28 4.19 -50.19
CA LEU A 18 -46.54 2.91 -50.83
C LEU A 18 -46.14 1.75 -49.91
N ARG A 19 -46.86 0.62 -50.04
CA ARG A 19 -46.64 -0.57 -49.22
C ARG A 19 -46.22 -1.76 -50.08
N LEU A 20 -45.19 -2.47 -49.65
CA LEU A 20 -44.71 -3.67 -50.35
C LEU A 20 -44.97 -4.93 -49.53
N SER A 21 -45.54 -5.95 -50.15
CA SER A 21 -45.83 -7.20 -49.45
C SER A 21 -45.09 -8.35 -50.11
N CYS A 22 -44.41 -9.17 -49.32
CA CYS A 22 -43.71 -10.34 -49.82
C CYS A 22 -44.36 -11.60 -49.27
N ALA A 23 -44.71 -12.54 -50.15
CA ALA A 23 -45.35 -13.78 -49.76
C ALA A 23 -44.32 -14.88 -49.63
N ALA A 24 -44.34 -15.62 -48.53
CA ALA A 24 -43.35 -16.65 -48.24
C ALA A 24 -43.97 -18.03 -48.24
N SER A 25 -43.36 -18.96 -48.96
CA SER A 25 -43.85 -20.32 -49.03
C SER A 25 -42.71 -21.31 -49.08
N GLY A 26 -42.98 -22.55 -48.65
CA GLY A 26 -41.98 -23.60 -48.73
C GLY A 26 -40.98 -23.71 -47.61
N PHE A 27 -41.11 -22.92 -46.56
CA PHE A 27 -40.20 -22.99 -45.42
C PHE A 27 -40.93 -22.47 -44.20
N THR A 28 -40.36 -22.72 -43.01
CA THR A 28 -40.98 -22.21 -41.80
C THR A 28 -40.59 -20.76 -41.66
N PHE A 29 -41.58 -19.91 -41.84
CA PHE A 29 -41.45 -18.48 -41.86
C PHE A 29 -40.96 -17.93 -40.53
N ASP A 30 -41.36 -18.52 -39.42
CA ASP A 30 -41.02 -17.96 -38.12
C ASP A 30 -39.71 -18.46 -37.55
N ASP A 31 -38.76 -18.83 -38.41
CA ASP A 31 -37.52 -19.43 -37.96
C ASP A 31 -36.35 -18.77 -38.68
N TYR A 32 -36.56 -17.59 -39.25
CA TYR A 32 -35.50 -16.94 -40.02
C TYR A 32 -35.78 -15.45 -40.12
N ALA A 33 -34.72 -14.65 -40.10
CA ALA A 33 -34.86 -13.22 -40.25
C ALA A 33 -35.10 -12.89 -41.71
N MET A 34 -35.73 -11.76 -41.98
CA MET A 34 -36.04 -11.38 -43.35
C MET A 34 -35.43 -10.02 -43.63
N HIS A 35 -35.04 -9.77 -44.87
CA HIS A 35 -34.40 -8.51 -45.20
C HIS A 35 -34.95 -7.95 -46.50
N TRP A 36 -34.83 -6.64 -46.69
CA TRP A 36 -35.26 -5.99 -47.91
C TRP A 36 -34.03 -5.40 -48.59
N VAL A 37 -33.84 -5.68 -49.87
CA VAL A 37 -32.72 -5.13 -50.63
C VAL A 37 -33.24 -4.51 -51.92
N ARG A 38 -32.70 -3.36 -52.29
CA ARG A 38 -33.12 -2.67 -53.51
C ARG A 38 -31.94 -2.53 -54.46
N GLN A 39 -32.18 -2.79 -55.74
CA GLN A 39 -31.17 -2.62 -56.77
C GLN A 39 -31.47 -1.38 -57.59
N THR A 40 -30.62 -0.37 -57.47
CA THR A 40 -30.81 0.83 -58.25
C THR A 40 -30.42 0.55 -59.69
N PRO A 41 -31.11 1.14 -60.67
CA PRO A 41 -30.71 0.90 -62.06
C PRO A 41 -29.28 1.31 -62.37
N GLY A 42 -28.85 2.44 -61.87
CA GLY A 42 -27.51 2.92 -62.14
C GLY A 42 -26.52 2.69 -61.03
N LYS A 43 -26.92 2.04 -59.94
CA LYS A 43 -26.07 1.87 -58.78
C LYS A 43 -26.12 0.43 -58.30
N GLY A 44 -25.16 0.08 -57.47
CA GLY A 44 -25.07 -1.26 -56.95
C GLY A 44 -26.13 -1.51 -55.90
N LEU A 45 -26.26 -2.77 -55.51
CA LEU A 45 -27.28 -3.17 -54.56
C LEU A 45 -27.14 -2.41 -53.24
N GLU A 46 -28.27 -2.00 -52.66
CA GLU A 46 -28.25 -1.33 -51.37
C GLU A 46 -29.16 -2.04 -50.38
N TRP A 47 -28.65 -2.38 -49.21
CA TRP A 47 -29.45 -3.01 -48.16
C TRP A 47 -30.40 -2.01 -47.52
N VAL A 48 -31.67 -2.37 -47.37
CA VAL A 48 -32.64 -1.41 -46.84
C VAL A 48 -33.02 -1.67 -45.39
N SER A 49 -33.48 -2.87 -45.04
CA SER A 49 -33.93 -3.10 -43.69
C SER A 49 -33.89 -4.58 -43.36
N GLY A 50 -33.83 -4.90 -42.07
CA GLY A 50 -33.86 -6.28 -41.63
C GLY A 50 -34.65 -6.44 -40.35
N ILE A 51 -35.34 -7.57 -40.24
CA ILE A 51 -36.17 -7.88 -39.08
C ILE A 51 -35.85 -9.29 -38.60
N SER A 52 -35.91 -9.49 -37.29
CA SER A 52 -35.64 -10.79 -36.69
C SER A 52 -36.88 -11.67 -36.78
N TRP A 53 -36.81 -12.86 -36.20
CA TRP A 53 -37.94 -13.78 -36.30
C TRP A 53 -39.12 -13.30 -35.46
N ASN A 54 -38.88 -12.74 -34.29
CA ASN A 54 -39.94 -12.29 -33.41
C ASN A 54 -40.18 -10.80 -33.54
N SER A 55 -39.42 -10.13 -34.41
CA SER A 55 -39.47 -8.69 -34.64
C SER A 55 -38.77 -7.91 -33.55
N GLY A 56 -38.04 -8.59 -32.67
CA GLY A 56 -37.31 -7.90 -31.62
C GLY A 56 -36.21 -6.99 -32.13
N SER A 57 -35.46 -7.41 -33.15
CA SER A 57 -34.36 -6.62 -33.68
C SER A 57 -34.69 -6.11 -35.08
N ILE A 58 -34.73 -4.78 -35.23
CA ILE A 58 -35.01 -4.15 -36.51
C ILE A 58 -33.93 -3.12 -36.83
N GLY A 59 -33.45 -3.15 -38.06
CA GLY A 59 -32.44 -2.20 -38.51
C GLY A 59 -32.83 -1.57 -39.83
N TYR A 60 -32.40 -0.32 -40.01
CA TYR A 60 -32.69 0.43 -41.23
C TYR A 60 -31.44 1.13 -41.74
N ALA A 61 -31.39 1.31 -43.05
CA ALA A 61 -30.32 2.07 -43.67
C ALA A 61 -30.45 3.53 -43.29
N ASP A 62 -29.32 4.24 -43.23
CA ASP A 62 -29.38 5.62 -42.77
C ASP A 62 -30.26 6.46 -43.67
N SER A 63 -30.19 6.24 -44.97
CA SER A 63 -30.98 7.03 -45.91
C SER A 63 -32.46 6.85 -45.68
N VAL A 64 -32.91 5.62 -45.41
CA VAL A 64 -34.34 5.35 -45.28
C VAL A 64 -34.85 5.47 -43.86
N LYS A 65 -33.99 5.77 -42.89
CA LYS A 65 -34.43 5.80 -41.50
C LYS A 65 -35.46 6.89 -41.29
N GLY A 66 -36.52 6.55 -40.56
CA GLY A 66 -37.55 7.50 -40.22
C GLY A 66 -38.65 7.62 -41.23
N ARG A 67 -38.50 7.00 -42.39
CA ARG A 67 -39.53 6.99 -43.43
C ARG A 67 -40.00 5.59 -43.81
N PHE A 68 -39.29 4.55 -43.43
CA PHE A 68 -39.60 3.19 -43.82
C PHE A 68 -39.85 2.35 -42.59
N THR A 69 -40.90 1.55 -42.60
CA THR A 69 -41.19 0.65 -41.49
C THR A 69 -41.28 -0.76 -42.03
N ILE A 70 -40.60 -1.71 -41.38
CA ILE A 70 -40.65 -3.12 -41.76
C ILE A 70 -41.42 -3.88 -40.70
N SER A 71 -42.40 -4.67 -41.13
CA SER A 71 -43.22 -5.48 -40.24
C SER A 71 -43.42 -6.85 -40.85
N ARG A 72 -43.66 -7.84 -40.01
CA ARG A 72 -43.88 -9.18 -40.50
C ARG A 72 -45.05 -9.81 -39.76
N ASP A 73 -45.81 -10.63 -40.47
CA ASP A 73 -46.89 -11.41 -39.87
C ASP A 73 -46.52 -12.87 -39.96
N ASN A 74 -46.22 -13.48 -38.82
CA ASN A 74 -45.83 -14.88 -38.82
C ASN A 74 -46.97 -15.80 -39.25
N ALA A 75 -48.19 -15.51 -38.81
CA ALA A 75 -49.32 -16.36 -39.16
C ALA A 75 -49.59 -16.37 -40.66
N LYS A 76 -49.49 -15.21 -41.29
CA LYS A 76 -49.80 -15.07 -42.71
C LYS A 76 -48.60 -15.31 -43.61
N ASN A 77 -47.42 -15.53 -43.03
CA ASN A 77 -46.19 -15.72 -43.80
C ASN A 77 -45.91 -14.54 -44.74
N SER A 78 -46.10 -13.32 -44.25
CA SER A 78 -45.94 -12.16 -45.10
C SER A 78 -44.98 -11.15 -44.50
N LEU A 79 -44.18 -10.52 -45.36
CA LEU A 79 -43.23 -9.48 -44.98
C LEU A 79 -43.69 -8.16 -45.58
N TYR A 80 -43.81 -7.12 -44.76
CA TYR A 80 -44.34 -5.84 -45.20
C TYR A 80 -43.34 -4.71 -45.02
N LEU A 81 -43.16 -3.90 -46.06
CA LEU A 81 -42.35 -2.71 -45.97
C LEU A 81 -43.26 -1.54 -46.25
N GLN A 82 -43.29 -0.56 -45.35
CA GLN A 82 -44.10 0.62 -45.55
C GLN A 82 -43.19 1.78 -45.93
N MET A 83 -43.45 2.42 -47.05
CA MET A 83 -42.61 3.52 -47.53
C MET A 83 -43.36 4.84 -47.53
N ASN A 84 -42.78 5.85 -46.90
CA ASN A 84 -43.39 7.16 -46.80
C ASN A 84 -42.39 8.22 -47.25
N SER A 85 -42.89 9.38 -47.64
CA SER A 85 -42.07 10.48 -48.13
C SER A 85 -41.16 10.06 -49.28
N LEU A 86 -41.75 9.35 -50.23
CA LEU A 86 -41.00 8.79 -51.35
C LEU A 86 -40.34 9.89 -52.18
N ARG A 87 -39.13 9.61 -52.67
CA ARG A 87 -38.35 10.56 -53.42
C ARG A 87 -37.82 9.90 -54.69
N ALA A 88 -37.30 10.73 -55.60
CA ALA A 88 -36.85 10.23 -56.89
C ALA A 88 -35.74 9.19 -56.75
N GLU A 89 -34.85 9.40 -55.79
CA GLU A 89 -33.74 8.47 -55.57
C GLU A 89 -34.24 7.07 -55.21
N ASP A 90 -35.41 6.98 -54.58
CA ASP A 90 -35.92 5.69 -54.14
C ASP A 90 -36.16 4.72 -55.29
N THR A 91 -36.44 5.20 -56.50
CA THR A 91 -36.78 4.27 -57.58
C THR A 91 -35.69 3.21 -57.73
N ALA A 92 -36.09 1.95 -57.66
CA ALA A 92 -35.18 0.82 -57.75
C ALA A 92 -35.99 -0.46 -57.82
N LEU A 93 -35.29 -1.57 -58.00
CA LEU A 93 -35.90 -2.90 -57.97
C LEU A 93 -35.74 -3.47 -56.56
N TYR A 94 -36.86 -3.72 -55.88
CA TYR A 94 -36.86 -4.15 -54.48
C TYR A 94 -36.98 -5.67 -54.34
N TYR A 95 -36.11 -6.27 -53.54
CA TYR A 95 -36.08 -7.72 -53.34
C TYR A 95 -36.33 -8.09 -51.90
N CYS A 96 -37.21 -9.05 -51.64
CA CYS A 96 -37.37 -9.58 -50.28
C CYS A 96 -36.51 -10.82 -50.14
N THR A 97 -35.67 -10.87 -49.10
CA THR A 97 -34.72 -12.00 -48.96
C THR A 97 -34.95 -12.74 -47.64
N LYS A 98 -34.34 -13.92 -47.49
CA LYS A 98 -34.49 -14.72 -46.25
C LYS A 98 -33.12 -14.89 -45.60
N ASP A 99 -32.95 -14.43 -44.36
CA ASP A 99 -31.64 -14.54 -43.65
C ASP A 99 -31.45 -15.99 -43.19
N LEU A 100 -30.25 -16.52 -43.37
CA LEU A 100 -29.94 -17.91 -42.93
C LEU A 100 -30.10 -18.01 -41.42
N GLY A 101 -29.84 -16.92 -40.69
CA GLY A 101 -29.93 -16.95 -39.21
C GLY A 101 -31.28 -16.48 -38.69
N LEU A 102 -31.35 -16.14 -37.41
CA LEU A 102 -32.63 -15.70 -36.79
C LEU A 102 -32.59 -14.20 -36.47
N GLY A 103 -31.57 -13.50 -36.97
CA GLY A 103 -31.42 -12.06 -36.65
C GLY A 103 -30.76 -11.89 -35.29
N ILE A 104 -30.43 -13.01 -34.63
CA ILE A 104 -29.77 -12.98 -33.34
C ILE A 104 -28.85 -14.19 -33.32
N GLY A 105 -27.67 -14.06 -32.72
CA GLY A 105 -26.79 -15.20 -32.60
C GLY A 105 -25.51 -15.00 -33.37
N PHE A 106 -25.08 -16.05 -34.06
CA PHE A 106 -23.80 -16.09 -34.72
C PHE A 106 -23.86 -16.34 -36.22
N TYR A 107 -24.99 -16.73 -36.81
CA TYR A 107 -25.05 -17.08 -38.22
C TYR A 107 -25.83 -16.03 -39.01
N TYR A 108 -25.24 -15.50 -40.07
CA TYR A 108 -25.85 -14.42 -40.83
C TYR A 108 -25.58 -14.60 -42.32
N GLY A 109 -26.43 -14.01 -43.14
CA GLY A 109 -26.31 -14.08 -44.59
C GLY A 109 -27.66 -14.20 -45.26
N LEU A 110 -27.73 -13.77 -46.51
CA LEU A 110 -29.01 -13.74 -47.24
C LEU A 110 -29.04 -14.99 -48.11
N ASP A 111 -29.69 -16.03 -47.61
CA ASP A 111 -29.75 -17.32 -48.29
C ASP A 111 -30.61 -17.34 -49.56
N VAL A 112 -31.81 -16.77 -49.52
CA VAL A 112 -32.75 -16.86 -50.64
C VAL A 112 -33.20 -15.48 -51.07
N TRP A 113 -33.28 -15.26 -52.38
CA TRP A 113 -33.69 -13.97 -52.92
C TRP A 113 -34.95 -14.11 -53.76
N GLY A 114 -35.90 -13.21 -53.56
CA GLY A 114 -37.11 -13.22 -54.36
C GLY A 114 -36.85 -12.62 -55.74
N GLN A 115 -37.80 -12.81 -56.66
CA GLN A 115 -37.59 -12.32 -58.02
C GLN A 115 -37.47 -10.78 -58.05
N GLY A 116 -38.25 -10.10 -57.23
CA GLY A 116 -38.15 -8.65 -57.13
C GLY A 116 -39.32 -7.94 -57.77
N THR A 117 -39.55 -6.70 -57.31
CA THR A 117 -40.60 -5.83 -57.80
C THR A 117 -40.03 -4.46 -58.07
N THR A 118 -40.63 -3.75 -59.02
CA THR A 118 -40.12 -2.46 -59.48
C THR A 118 -40.98 -1.33 -58.94
N VAL A 119 -40.33 -0.37 -58.28
CA VAL A 119 -40.99 0.83 -57.79
C VAL A 119 -40.41 2.03 -58.53
N THR A 120 -41.28 2.83 -59.14
CA THR A 120 -40.87 4.03 -59.84
C THR A 120 -41.49 5.25 -59.19
N VAL A 121 -40.66 6.23 -58.84
CA VAL A 121 -41.13 7.49 -58.26
C VAL A 121 -40.93 8.57 -59.31
N SER A 122 -42.03 9.17 -59.76
CA SER A 122 -41.96 10.19 -60.78
C SER A 122 -43.18 11.09 -60.69
N SER A 123 -43.04 12.28 -61.26
CA SER A 123 -44.15 13.22 -61.32
C SER A 123 -44.88 13.04 -62.64
N ILE B 2 -20.41 1.67 -41.56
CA ILE B 2 -19.15 1.06 -41.96
C ILE B 2 -19.02 0.86 -43.45
N GLN B 3 -18.32 1.79 -44.09
CA GLN B 3 -18.10 1.73 -45.52
C GLN B 3 -17.21 0.57 -45.92
N MET B 4 -17.55 -0.05 -47.04
CA MET B 4 -16.84 -1.17 -47.62
C MET B 4 -16.28 -0.71 -48.94
N THR B 5 -14.99 -0.90 -49.16
CA THR B 5 -14.35 -0.49 -50.39
C THR B 5 -13.89 -1.74 -51.13
N GLN B 6 -14.27 -1.85 -52.38
CA GLN B 6 -13.97 -3.02 -53.17
C GLN B 6 -13.08 -2.63 -54.34
N SER B 7 -11.99 -3.36 -54.52
CA SER B 7 -11.02 -3.13 -55.57
C SER B 7 -10.70 -4.44 -56.27
N PRO B 8 -10.36 -4.39 -57.57
CA PRO B 8 -10.50 -3.28 -58.51
C PRO B 8 -11.93 -3.10 -58.95
N SER B 9 -12.28 -1.91 -59.46
CA SER B 9 -13.65 -1.72 -59.90
C SER B 9 -14.01 -2.65 -61.05
N SER B 10 -13.10 -2.83 -62.01
CA SER B 10 -13.32 -3.77 -63.09
C SER B 10 -12.03 -4.47 -63.46
N LEU B 11 -12.14 -5.72 -63.88
CA LEU B 11 -10.98 -6.45 -64.36
C LEU B 11 -11.43 -7.32 -65.53
N SER B 12 -10.50 -7.58 -66.45
CA SER B 12 -10.75 -8.46 -67.59
C SER B 12 -9.77 -9.62 -67.56
N THR B 13 -10.29 -10.84 -67.62
CA THR B 13 -9.44 -12.02 -67.54
C THR B 13 -9.88 -13.07 -68.53
N SER B 14 -8.93 -13.89 -68.95
CA SER B 14 -9.19 -14.98 -69.86
C SER B 14 -9.67 -16.20 -69.08
N VAL B 15 -10.29 -17.14 -69.81
CA VAL B 15 -10.75 -18.37 -69.19
C VAL B 15 -9.56 -19.14 -68.66
N GLY B 16 -9.74 -19.75 -67.49
CA GLY B 16 -8.64 -20.48 -66.90
C GLY B 16 -7.67 -19.65 -66.09
N ASP B 17 -7.99 -18.39 -65.83
CA ASP B 17 -7.10 -17.50 -65.11
C ASP B 17 -7.60 -17.27 -63.69
N ARG B 18 -6.68 -17.38 -62.74
CA ARG B 18 -7.03 -17.16 -61.34
C ARG B 18 -7.47 -15.71 -61.16
N VAL B 19 -8.55 -15.48 -60.42
CA VAL B 19 -9.06 -14.13 -60.16
C VAL B 19 -9.09 -13.82 -58.67
N THR B 20 -8.52 -12.68 -58.28
CA THR B 20 -8.55 -12.24 -56.89
C THR B 20 -9.25 -10.89 -56.77
N ILE B 21 -10.24 -10.80 -55.87
CA ILE B 21 -10.97 -9.56 -55.59
C ILE B 21 -10.82 -9.23 -54.11
N THR B 22 -10.50 -7.98 -53.81
CA THR B 22 -10.24 -7.54 -52.44
C THR B 22 -11.29 -6.56 -51.94
N CYS B 23 -11.83 -6.85 -50.75
CA CYS B 23 -12.80 -5.99 -50.09
C CYS B 23 -12.23 -5.55 -48.74
N ARG B 24 -12.31 -4.25 -48.45
CA ARG B 24 -11.76 -3.72 -47.20
C ARG B 24 -12.87 -3.04 -46.41
N ALA B 25 -12.69 -2.99 -45.09
CA ALA B 25 -13.71 -2.46 -44.20
C ALA B 25 -13.16 -1.28 -43.40
N SER B 26 -14.01 -0.30 -43.14
CA SER B 26 -13.58 0.86 -42.38
C SER B 26 -13.16 0.50 -40.97
N GLN B 27 -13.89 -0.36 -40.30
CA GLN B 27 -13.58 -0.81 -38.95
C GLN B 27 -13.69 -2.32 -38.90
N GLY B 28 -13.08 -2.94 -37.90
CA GLY B 28 -13.12 -4.39 -37.86
C GLY B 28 -14.51 -4.97 -37.76
N ILE B 29 -14.81 -5.95 -38.62
CA ILE B 29 -16.09 -6.62 -38.68
C ILE B 29 -16.00 -8.07 -38.22
N ARG B 30 -14.93 -8.44 -37.53
CA ARG B 30 -14.66 -9.82 -37.12
C ARG B 30 -14.73 -10.69 -38.37
N ASN B 31 -15.53 -11.74 -38.40
CA ASN B 31 -15.64 -12.59 -39.57
C ASN B 31 -16.93 -12.43 -40.35
N ASP B 32 -17.71 -11.39 -40.12
CA ASP B 32 -19.00 -11.28 -40.77
C ASP B 32 -18.88 -10.64 -42.14
N LEU B 33 -18.91 -11.45 -43.19
CA LEU B 33 -18.85 -10.91 -44.54
C LEU B 33 -19.48 -11.91 -45.48
N GLY B 34 -19.97 -11.43 -46.61
CA GLY B 34 -20.55 -12.31 -47.62
C GLY B 34 -20.17 -11.86 -49.01
N TRP B 35 -20.05 -12.81 -49.91
CA TRP B 35 -19.77 -12.52 -51.31
C TRP B 35 -21.00 -12.88 -52.13
N TYR B 36 -21.48 -11.95 -52.92
CA TYR B 36 -22.71 -12.10 -53.70
C TYR B 36 -22.44 -11.95 -55.19
N GLN B 37 -22.94 -12.89 -55.98
CA GLN B 37 -22.80 -12.87 -57.44
C GLN B 37 -24.05 -12.34 -58.10
N LEU B 38 -23.91 -11.28 -58.89
CA LEU B 38 -25.04 -10.71 -59.60
C LEU B 38 -24.85 -10.88 -61.09
N LYS B 39 -25.84 -11.47 -61.75
CA LYS B 39 -25.85 -11.70 -63.18
C LYS B 39 -27.01 -10.95 -63.81
N PRO B 40 -26.87 -10.44 -65.02
CA PRO B 40 -27.95 -9.64 -65.60
C PRO B 40 -29.23 -10.47 -65.71
N GLY B 41 -30.34 -9.89 -65.27
CA GLY B 41 -31.60 -10.58 -65.33
C GLY B 41 -31.78 -11.66 -64.30
N LYS B 42 -30.90 -11.72 -63.30
CA LYS B 42 -30.92 -12.76 -62.29
C LYS B 42 -30.83 -12.14 -60.90
N ALA B 43 -31.46 -12.78 -59.94
CA ALA B 43 -31.37 -12.33 -58.57
C ALA B 43 -29.95 -12.61 -58.07
N PRO B 44 -29.42 -11.79 -57.18
CA PRO B 44 -28.12 -12.07 -56.59
C PRO B 44 -28.09 -13.42 -55.89
N LYS B 45 -26.91 -14.02 -55.88
CA LYS B 45 -26.69 -15.33 -55.30
C LYS B 45 -25.60 -15.27 -54.25
N LEU B 46 -25.79 -15.99 -53.15
CA LEU B 46 -24.84 -16.02 -52.03
C LEU B 46 -23.74 -17.05 -52.23
N LEU B 47 -22.57 -16.60 -52.68
CA LEU B 47 -21.48 -17.53 -52.87
C LEU B 47 -20.86 -17.97 -51.55
N ILE B 48 -20.42 -17.00 -50.74
CA ILE B 48 -19.72 -17.26 -49.48
C ILE B 48 -20.38 -16.48 -48.35
N TYR B 49 -20.42 -17.09 -47.18
CA TYR B 49 -20.93 -16.47 -45.97
C TYR B 49 -19.87 -16.65 -44.91
N ASP B 50 -20.03 -15.94 -43.81
CA ASP B 50 -19.04 -15.90 -42.74
C ASP B 50 -17.75 -15.44 -43.40
N ALA B 51 -16.63 -16.10 -43.21
CA ALA B 51 -15.49 -15.64 -43.97
C ALA B 51 -15.22 -16.51 -45.17
N SER B 52 -15.14 -17.81 -44.96
CA SER B 52 -14.77 -18.76 -46.00
C SER B 52 -15.75 -19.90 -46.21
N THR B 53 -16.96 -19.82 -45.69
CA THR B 53 -17.90 -20.94 -45.77
C THR B 53 -18.70 -20.85 -47.05
N LEU B 54 -18.48 -21.79 -47.95
CA LEU B 54 -19.22 -21.83 -49.21
C LEU B 54 -20.65 -22.32 -48.99
N GLN B 55 -21.58 -21.72 -49.69
CA GLN B 55 -22.96 -22.17 -49.63
C GLN B 55 -23.09 -23.49 -50.36
N SER B 56 -24.05 -24.30 -49.94
CA SER B 56 -24.30 -25.55 -50.63
C SER B 56 -24.68 -25.27 -52.08
N GLY B 57 -24.13 -26.04 -53.00
CA GLY B 57 -24.44 -25.81 -54.38
C GLY B 57 -23.57 -24.80 -55.08
N VAL B 58 -22.47 -24.41 -54.47
CA VAL B 58 -21.55 -23.43 -55.06
C VAL B 58 -20.28 -24.16 -55.49
N PRO B 59 -19.81 -23.94 -56.70
CA PRO B 59 -18.64 -24.67 -57.19
C PRO B 59 -17.42 -24.39 -56.33
N SER B 60 -16.57 -25.40 -56.24
CA SER B 60 -15.38 -25.37 -55.41
C SER B 60 -14.39 -24.31 -55.82
N ARG B 61 -14.43 -23.86 -57.08
CA ARG B 61 -13.43 -22.90 -57.55
C ARG B 61 -13.43 -21.64 -56.71
N PHE B 62 -14.61 -21.13 -56.35
CA PHE B 62 -14.70 -19.97 -55.48
C PHE B 62 -14.17 -20.26 -54.09
N SER B 63 -13.37 -19.35 -53.55
CA SER B 63 -12.82 -19.51 -52.22
C SER B 63 -12.80 -18.17 -51.51
N GLY B 64 -12.93 -18.22 -50.18
CA GLY B 64 -12.97 -17.03 -49.35
C GLY B 64 -11.84 -16.98 -48.35
N SER B 65 -11.23 -15.80 -48.21
CA SER B 65 -10.10 -15.66 -47.31
C SER B 65 -10.13 -14.29 -46.65
N GLY B 66 -9.39 -14.17 -45.56
CA GLY B 66 -9.23 -12.92 -44.87
C GLY B 66 -10.01 -12.84 -43.57
N SER B 67 -9.56 -11.95 -42.70
CA SER B 67 -10.18 -11.72 -41.41
C SER B 67 -10.06 -10.25 -41.06
N GLY B 68 -10.96 -9.80 -40.21
CA GLY B 68 -10.95 -8.42 -39.74
C GLY B 68 -11.14 -7.40 -40.85
N THR B 69 -10.24 -6.44 -40.96
CA THR B 69 -10.41 -5.36 -41.93
C THR B 69 -10.34 -5.83 -43.40
N ASP B 70 -9.35 -6.64 -43.75
CA ASP B 70 -9.12 -7.02 -45.14
C ASP B 70 -9.73 -8.37 -45.47
N PHE B 71 -10.47 -8.44 -46.59
CA PHE B 71 -11.05 -9.70 -47.01
C PHE B 71 -10.84 -9.93 -48.49
N THR B 72 -10.72 -11.21 -48.91
CA THR B 72 -10.41 -11.53 -50.29
C THR B 72 -11.26 -12.67 -50.83
N LEU B 73 -11.65 -12.58 -52.11
CA LEU B 73 -12.38 -13.62 -52.83
C LEU B 73 -11.56 -14.12 -54.00
N THR B 74 -11.37 -15.43 -54.13
CA THR B 74 -10.54 -16.02 -55.17
C THR B 74 -11.25 -17.08 -55.99
N ILE B 75 -11.13 -16.99 -57.31
CA ILE B 75 -11.67 -17.98 -58.25
C ILE B 75 -10.49 -18.68 -58.91
N SER B 76 -10.32 -19.98 -58.62
CA SER B 76 -9.13 -20.67 -59.11
C SER B 76 -9.02 -20.64 -60.62
N SER B 77 -10.12 -20.91 -61.33
CA SER B 77 -10.15 -20.82 -62.78
C SER B 77 -11.39 -20.07 -63.23
N LEU B 78 -11.21 -19.09 -64.09
CA LEU B 78 -12.34 -18.36 -64.64
C LEU B 78 -13.11 -19.26 -65.61
N GLU B 79 -14.43 -19.08 -65.64
CA GLU B 79 -15.28 -19.85 -66.52
C GLU B 79 -16.23 -18.90 -67.21
N PRO B 80 -16.86 -19.33 -68.31
CA PRO B 80 -17.84 -18.44 -68.94
C PRO B 80 -18.99 -18.09 -68.02
N GLU B 81 -19.45 -19.07 -67.24
CA GLU B 81 -20.51 -18.82 -66.28
C GLU B 81 -20.11 -17.81 -65.23
N ASP B 82 -18.84 -17.79 -64.86
CA ASP B 82 -18.33 -16.94 -63.79
C ASP B 82 -18.34 -15.45 -64.12
N LEU B 83 -18.57 -15.06 -65.36
CA LEU B 83 -18.47 -13.64 -65.70
C LEU B 83 -19.71 -12.91 -65.23
N ALA B 84 -19.59 -12.24 -64.09
CA ALA B 84 -20.69 -11.48 -63.49
C ALA B 84 -20.11 -10.51 -62.48
N THR B 85 -20.92 -9.55 -62.07
CA THR B 85 -20.49 -8.61 -61.04
C THR B 85 -20.49 -9.28 -59.67
N TYR B 86 -19.55 -8.88 -58.82
CA TYR B 86 -19.39 -9.43 -57.49
C TYR B 86 -19.44 -8.35 -56.42
N TYR B 87 -20.13 -8.63 -55.32
CA TYR B 87 -20.33 -7.67 -54.24
C TYR B 87 -19.97 -8.28 -52.90
N CYS B 88 -19.46 -7.46 -51.98
CA CYS B 88 -19.16 -7.90 -50.64
C CYS B 88 -20.05 -7.15 -49.66
N LEU B 89 -20.74 -7.87 -48.79
CA LEU B 89 -21.65 -7.29 -47.82
C LEU B 89 -21.19 -7.62 -46.41
N HIS B 90 -21.03 -6.60 -45.56
CA HIS B 90 -20.69 -6.87 -44.16
C HIS B 90 -21.97 -7.16 -43.40
N HIS B 91 -21.91 -8.12 -42.49
CA HIS B 91 -23.04 -8.45 -41.64
C HIS B 91 -22.83 -8.06 -40.20
N TYR B 92 -21.83 -7.25 -39.90
CA TYR B 92 -21.49 -6.97 -38.51
C TYR B 92 -22.57 -6.25 -37.73
N THR B 93 -23.13 -5.17 -38.26
CA THR B 93 -24.07 -4.44 -37.43
C THR B 93 -24.99 -3.66 -38.35
N TYR B 94 -26.21 -3.42 -37.90
CA TYR B 94 -27.06 -2.60 -38.72
C TYR B 94 -26.55 -1.17 -38.71
N PRO B 95 -26.57 -0.48 -39.87
CA PRO B 95 -26.97 -0.98 -41.18
C PRO B 95 -25.91 -1.74 -41.96
N TRP B 96 -26.30 -2.87 -42.53
CA TRP B 96 -25.39 -3.62 -43.38
C TRP B 96 -25.10 -2.82 -44.63
N THR B 97 -23.85 -2.81 -45.08
CA THR B 97 -23.45 -2.00 -46.22
C THR B 97 -22.83 -2.84 -47.33
N PHE B 98 -23.34 -2.69 -48.55
CA PHE B 98 -22.77 -3.39 -49.69
C PHE B 98 -21.56 -2.64 -50.25
N GLY B 99 -20.69 -3.38 -50.93
CA GLY B 99 -19.56 -2.77 -51.59
C GLY B 99 -19.97 -2.19 -52.95
N HIS B 100 -19.08 -1.40 -53.54
CA HIS B 100 -19.41 -0.80 -54.84
C HIS B 100 -19.62 -1.86 -55.89
N GLY B 101 -18.83 -2.91 -55.87
CA GLY B 101 -18.99 -4.01 -56.79
C GLY B 101 -17.87 -4.05 -57.80
N THR B 102 -17.59 -5.26 -58.28
CA THR B 102 -16.56 -5.48 -59.28
C THR B 102 -17.13 -6.23 -60.46
N LYS B 103 -16.93 -5.71 -61.66
CA LYS B 103 -17.42 -6.33 -62.88
C LYS B 103 -16.32 -7.14 -63.54
N VAL B 104 -16.58 -8.41 -63.78
CA VAL B 104 -15.62 -9.32 -64.42
C VAL B 104 -16.10 -9.59 -65.84
N GLU B 105 -15.21 -9.40 -66.81
CA GLU B 105 -15.55 -9.57 -68.20
C GLU B 105 -14.40 -10.22 -68.95
N LEU B 106 -14.72 -10.89 -70.06
CA LEU B 106 -13.72 -11.54 -70.87
C LEU B 106 -12.87 -10.53 -71.63
N LYS B 107 -11.58 -10.86 -71.80
CA LYS B 107 -10.66 -10.00 -72.54
C LYS B 107 -11.03 -9.79 -74.00
N TYR C 32 -40.64 45.17 5.90
CA TYR C 32 -39.46 44.39 5.56
C TYR C 32 -39.76 43.42 4.43
N THR C 33 -38.92 43.40 3.41
CA THR C 33 -39.09 42.51 2.28
C THR C 33 -37.94 41.51 2.23
N ASN C 34 -38.27 40.24 2.09
CA ASN C 34 -37.26 39.19 2.08
C ASN C 34 -36.37 39.31 0.84
N SER C 35 -35.07 39.14 1.05
CA SER C 35 -34.11 39.17 -0.06
C SER C 35 -34.29 38.02 -1.04
N PHE C 36 -34.63 36.83 -0.54
CA PHE C 36 -34.73 35.61 -1.35
C PHE C 36 -33.41 35.37 -2.08
N THR C 37 -33.43 35.12 -3.39
CA THR C 37 -32.26 34.86 -4.21
C THR C 37 -31.74 36.08 -4.95
N ARG C 38 -32.39 37.22 -4.82
CA ARG C 38 -31.99 38.41 -5.56
C ARG C 38 -30.69 39.00 -5.00
N GLY C 39 -29.89 39.56 -5.88
CA GLY C 39 -28.68 40.26 -5.50
C GLY C 39 -27.32 39.61 -5.77
N VAL C 40 -27.23 38.62 -6.63
CA VAL C 40 -25.94 38.02 -6.98
C VAL C 40 -25.30 38.81 -8.12
N TYR C 41 -23.99 39.01 -8.04
CA TYR C 41 -23.27 39.78 -9.05
C TYR C 41 -22.01 39.02 -9.45
N TYR C 42 -21.47 39.33 -10.61
CA TYR C 42 -20.29 38.62 -11.06
C TYR C 42 -19.10 39.04 -10.21
N PRO C 43 -18.40 38.11 -9.56
CA PRO C 43 -17.32 38.50 -8.66
C PRO C 43 -16.12 39.13 -9.34
N ASP C 44 -15.69 38.60 -10.48
CA ASP C 44 -14.46 39.05 -11.11
C ASP C 44 -14.61 39.07 -12.62
N LYS C 45 -13.71 39.82 -13.25
CA LYS C 45 -13.72 39.95 -14.70
C LYS C 45 -13.46 38.63 -15.41
N VAL C 46 -12.62 37.76 -14.86
CA VAL C 46 -12.26 36.53 -15.56
C VAL C 46 -13.50 35.72 -15.89
N PHE C 47 -13.52 35.13 -17.07
CA PHE C 47 -14.67 34.39 -17.56
C PHE C 47 -14.53 32.89 -17.35
N ARG C 48 -15.54 32.30 -16.72
CA ARG C 48 -15.62 30.87 -16.47
C ARG C 48 -16.90 30.33 -17.10
N SER C 49 -16.79 29.23 -17.84
CA SER C 49 -17.97 28.68 -18.49
C SER C 49 -18.15 27.22 -18.12
N SER C 50 -19.40 26.84 -17.82
CA SER C 50 -19.77 25.46 -17.52
C SER C 50 -18.94 24.88 -16.37
N VAL C 51 -18.69 25.69 -15.35
CA VAL C 51 -17.93 25.26 -14.19
C VAL C 51 -18.58 25.84 -12.94
N LEU C 52 -18.32 25.22 -11.80
CA LEU C 52 -18.80 25.72 -10.53
C LEU C 52 -17.59 26.23 -9.77
N HIS C 53 -17.63 27.50 -9.37
CA HIS C 53 -16.50 28.13 -8.72
C HIS C 53 -16.94 28.63 -7.35
N SER C 54 -16.13 28.39 -6.33
CA SER C 54 -16.43 28.88 -5.00
C SER C 54 -15.55 30.09 -4.71
N THR C 55 -16.19 31.19 -4.32
CA THR C 55 -15.49 32.44 -4.05
C THR C 55 -16.12 33.14 -2.85
N GLN C 56 -15.33 33.99 -2.20
CA GLN C 56 -15.82 34.78 -1.08
C GLN C 56 -16.25 36.19 -1.47
N ASP C 57 -16.22 36.53 -2.77
CA ASP C 57 -16.55 37.90 -3.17
C ASP C 57 -17.99 38.27 -2.85
N LEU C 58 -18.94 37.37 -3.05
CA LEU C 58 -20.34 37.75 -2.87
C LEU C 58 -20.60 38.15 -1.42
N PHE C 59 -21.32 39.25 -1.26
CA PHE C 59 -21.53 39.78 0.08
C PHE C 59 -22.99 39.86 0.50
N LEU C 60 -23.93 39.28 -0.26
CA LEU C 60 -25.34 39.43 0.10
C LEU C 60 -25.86 38.17 0.77
N PRO C 61 -26.26 38.22 2.05
CA PRO C 61 -26.83 37.04 2.69
C PRO C 61 -28.18 36.67 2.11
N PHE C 62 -28.35 35.39 1.80
CA PHE C 62 -29.59 34.93 1.19
C PHE C 62 -30.74 34.96 2.19
N PHE C 63 -31.95 35.17 1.69
CA PHE C 63 -33.17 35.15 2.50
C PHE C 63 -33.05 36.05 3.72
N SER C 64 -32.66 37.30 3.50
CA SER C 64 -32.57 38.26 4.58
C SER C 64 -33.56 39.38 4.34
N ASN C 65 -34.38 39.66 5.34
CA ASN C 65 -35.35 40.74 5.25
C ASN C 65 -34.63 42.08 5.22
N VAL C 66 -34.88 42.87 4.19
CA VAL C 66 -34.23 44.16 4.03
C VAL C 66 -35.23 45.26 4.35
N THR C 67 -34.70 46.40 4.81
CA THR C 67 -35.56 47.50 5.22
C THR C 67 -36.37 48.00 4.04
N TRP C 68 -37.63 48.29 4.30
CA TRP C 68 -38.56 48.74 3.27
C TRP C 68 -38.81 50.23 3.44
N PHE C 69 -38.61 50.99 2.37
CA PHE C 69 -38.90 52.42 2.38
C PHE C 69 -39.69 52.76 1.13
N HIS C 70 -40.66 53.64 1.29
CA HIS C 70 -41.49 54.07 0.16
C HIS C 70 -40.68 54.80 -0.89
N VAL C 87 -31.39 59.77 5.91
CA VAL C 87 -30.08 59.26 5.56
C VAL C 87 -29.91 57.87 6.15
N LEU C 88 -29.47 56.92 5.31
CA LEU C 88 -29.28 55.54 5.73
C LEU C 88 -27.81 55.18 5.75
N PRO C 89 -27.32 54.57 6.83
CA PRO C 89 -25.88 54.28 6.93
C PRO C 89 -25.42 53.31 5.85
N PHE C 90 -24.23 53.57 5.32
CA PHE C 90 -23.60 52.71 4.31
C PHE C 90 -22.61 51.78 5.00
N ASN C 91 -23.04 50.55 5.28
CA ASN C 91 -22.20 49.64 6.05
C ASN C 91 -21.72 48.52 5.14
N ASP C 92 -20.45 48.56 4.77
CA ASP C 92 -19.83 47.50 3.98
C ASP C 92 -20.59 47.23 2.69
N GLY C 93 -21.09 48.28 2.06
CA GLY C 93 -21.85 48.11 0.85
C GLY C 93 -23.34 48.03 1.12
N VAL C 94 -24.13 48.37 0.10
CA VAL C 94 -25.58 48.40 0.23
C VAL C 94 -26.21 47.88 -1.05
N TYR C 95 -27.32 47.16 -0.91
CA TYR C 95 -28.08 46.68 -2.05
C TYR C 95 -29.31 47.57 -2.20
N PHE C 96 -29.48 48.18 -3.36
CA PHE C 96 -30.58 49.09 -3.62
C PHE C 96 -31.50 48.59 -4.72
N ALA C 97 -32.80 48.52 -4.45
CA ALA C 97 -33.76 48.10 -5.47
C ALA C 97 -34.97 49.02 -5.43
N SER C 98 -35.25 49.70 -6.55
CA SER C 98 -36.43 50.56 -6.66
C SER C 98 -37.36 50.02 -7.73
N THR C 99 -38.57 49.67 -7.34
CA THR C 99 -39.59 49.16 -8.26
C THR C 99 -40.47 50.29 -8.79
N GLU C 100 -39.88 51.18 -9.59
CA GLU C 100 -40.68 52.23 -10.20
C GLU C 100 -40.48 52.32 -11.69
N LYS C 101 -41.59 52.22 -12.44
CA LYS C 101 -41.56 52.42 -13.89
C LYS C 101 -41.23 53.88 -14.22
N SER C 102 -41.76 54.80 -13.41
CA SER C 102 -41.56 56.24 -13.64
C SER C 102 -40.09 56.62 -13.47
N ASN C 103 -39.36 55.91 -12.64
CA ASN C 103 -37.95 56.17 -12.38
C ASN C 103 -37.72 57.62 -11.96
N ILE C 104 -38.53 58.07 -11.01
CA ILE C 104 -38.36 59.43 -10.50
C ILE C 104 -36.99 59.57 -9.85
N ILE C 105 -36.55 58.53 -9.14
CA ILE C 105 -35.28 58.61 -8.44
C ILE C 105 -34.16 58.82 -9.44
N ARG C 106 -33.35 59.85 -9.23
CA ARG C 106 -32.22 60.03 -10.10
C ARG C 106 -30.95 60.46 -9.37
N GLY C 107 -30.91 60.33 -8.05
CA GLY C 107 -29.77 60.83 -7.29
C GLY C 107 -29.32 59.82 -6.25
N TRP C 108 -28.02 59.86 -5.96
CA TRP C 108 -27.42 59.01 -4.94
C TRP C 108 -26.34 59.82 -4.24
N ILE C 109 -26.57 60.18 -2.99
CA ILE C 109 -25.63 61.01 -2.24
C ILE C 109 -24.83 60.10 -1.33
N PHE C 110 -23.52 60.27 -1.34
CA PHE C 110 -22.65 59.47 -0.50
C PHE C 110 -21.73 60.36 0.31
N GLY C 111 -21.60 60.06 1.60
CA GLY C 111 -20.75 60.85 2.46
C GLY C 111 -20.31 60.05 3.67
N SER C 120 -17.74 64.04 -0.49
CA SER C 120 -19.08 63.61 -0.86
C SER C 120 -19.09 63.11 -2.30
N LEU C 121 -19.63 61.92 -2.49
CA LEU C 121 -19.76 61.32 -3.82
C LEU C 121 -21.20 61.54 -4.29
N LEU C 122 -21.38 62.40 -5.27
CA LEU C 122 -22.69 62.65 -5.83
C LEU C 122 -22.80 61.95 -7.18
N ILE C 123 -23.75 61.03 -7.28
CA ILE C 123 -24.04 60.34 -8.53
C ILE C 123 -25.41 60.79 -8.99
N VAL C 124 -25.48 61.43 -10.14
CA VAL C 124 -26.73 61.95 -10.65
C VAL C 124 -26.97 61.41 -12.05
N ASN C 125 -28.11 60.73 -12.23
CA ASN C 125 -28.48 60.23 -13.54
C ASN C 125 -28.70 61.39 -14.49
N ASN C 126 -29.38 62.44 -14.01
CA ASN C 126 -29.69 63.68 -14.72
C ASN C 126 -30.27 63.36 -16.10
N ALA C 127 -29.73 63.89 -17.18
CA ALA C 127 -30.18 63.61 -18.53
C ALA C 127 -29.07 62.90 -19.28
N THR C 128 -29.48 62.09 -20.26
CA THR C 128 -28.56 61.34 -21.10
C THR C 128 -27.51 60.65 -20.25
N ASN C 129 -26.24 60.96 -20.49
CA ASN C 129 -25.17 60.27 -19.78
C ASN C 129 -25.21 60.57 -18.30
N VAL C 130 -25.00 59.54 -17.48
CA VAL C 130 -24.93 59.73 -16.05
C VAL C 130 -23.64 60.47 -15.69
N VAL C 131 -23.77 61.51 -14.88
CA VAL C 131 -22.63 62.32 -14.45
C VAL C 131 -22.37 62.04 -12.98
N ILE C 132 -21.10 61.85 -12.63
CA ILE C 132 -20.72 61.48 -11.28
C ILE C 132 -19.68 62.46 -10.76
N LYS C 133 -19.96 63.05 -9.61
CA LYS C 133 -19.08 64.03 -8.96
C LYS C 133 -18.62 63.47 -7.63
N VAL C 134 -17.30 63.49 -7.39
CA VAL C 134 -16.76 63.07 -6.10
C VAL C 134 -16.30 64.27 -5.28
N CYS C 135 -16.57 65.49 -5.73
CA CYS C 135 -16.14 66.69 -5.04
C CYS C 135 -16.79 66.83 -3.67
N CYS C 170 -12.31 69.96 -6.27
CA CYS C 170 -12.65 68.59 -6.60
C CYS C 170 -11.43 67.70 -6.54
N THR C 171 -11.45 66.70 -5.66
CA THR C 171 -10.35 65.75 -5.60
C THR C 171 -10.29 64.92 -6.87
N PHE C 172 -11.45 64.56 -7.41
CA PHE C 172 -11.56 63.81 -8.65
C PHE C 172 -12.87 64.17 -9.34
N GLU C 173 -12.91 63.92 -10.64
CA GLU C 173 -14.12 64.10 -11.40
C GLU C 173 -14.32 62.90 -12.30
N TYR C 174 -15.53 62.34 -12.29
CA TYR C 174 -15.81 61.16 -13.08
C TYR C 174 -16.47 61.56 -14.38
N VAL C 175 -16.00 61.00 -15.48
CA VAL C 175 -16.55 61.34 -16.78
C VAL C 175 -17.98 60.82 -16.88
N SER C 176 -18.80 61.56 -17.64
CA SER C 176 -20.18 61.15 -17.83
C SER C 176 -20.25 59.82 -18.56
N GLN C 177 -21.20 58.98 -18.16
CA GLN C 177 -21.28 57.64 -18.70
C GLN C 177 -22.52 57.50 -19.59
N ASN C 192 -40.98 48.92 -13.61
CA ASN C 192 -40.12 47.75 -13.50
C ASN C 192 -39.23 47.86 -12.26
N LEU C 193 -38.32 46.91 -12.09
CA LEU C 193 -37.40 46.90 -10.97
C LEU C 193 -35.96 47.08 -11.41
N ARG C 194 -35.27 48.03 -10.78
CA ARG C 194 -33.86 48.30 -11.02
C ARG C 194 -33.05 47.87 -9.80
N GLU C 195 -32.06 47.02 -10.02
CA GLU C 195 -31.24 46.47 -8.94
C GLU C 195 -29.84 47.05 -9.00
N PHE C 196 -29.39 47.63 -7.90
CA PHE C 196 -28.08 48.26 -7.80
C PHE C 196 -27.33 47.74 -6.60
N VAL C 197 -26.06 47.38 -6.79
CA VAL C 197 -25.18 46.98 -5.70
C VAL C 197 -24.06 47.99 -5.61
N PHE C 198 -23.89 48.59 -4.43
CA PHE C 198 -22.88 49.61 -4.21
C PHE C 198 -21.89 49.10 -3.16
N LYS C 199 -20.61 49.07 -3.53
CA LYS C 199 -19.57 48.70 -2.58
C LYS C 199 -18.30 49.47 -2.91
N ASN C 200 -17.52 49.76 -1.87
CA ASN C 200 -16.24 50.41 -2.02
C ASN C 200 -15.16 49.46 -1.50
N ILE C 201 -14.25 49.07 -2.38
CA ILE C 201 -13.14 48.20 -2.02
C ILE C 201 -11.84 48.84 -2.50
N ASP C 202 -10.88 49.01 -1.59
CA ASP C 202 -9.56 49.53 -1.93
C ASP C 202 -9.67 50.87 -2.62
N GLY C 203 -10.64 51.68 -2.22
CA GLY C 203 -10.75 52.99 -2.83
C GLY C 203 -11.32 52.92 -4.23
N TYR C 204 -11.94 51.80 -4.58
CA TYR C 204 -12.61 51.62 -5.86
C TYR C 204 -14.08 51.36 -5.61
N PHE C 205 -14.94 52.09 -6.31
CA PHE C 205 -16.38 51.99 -6.08
C PHE C 205 -17.02 51.23 -7.24
N LYS C 206 -17.38 49.98 -7.01
CA LYS C 206 -17.92 49.13 -8.06
C LYS C 206 -19.44 49.13 -7.97
N ILE C 207 -20.11 49.49 -9.06
CA ILE C 207 -21.56 49.47 -9.12
C ILE C 207 -22.04 48.35 -10.03
N TYR C 208 -23.07 47.62 -9.59
CA TYR C 208 -23.63 46.52 -10.37
C TYR C 208 -25.11 46.81 -10.61
N SER C 209 -25.54 46.78 -11.87
CA SER C 209 -26.91 47.15 -12.18
C SER C 209 -27.63 46.13 -13.04
N LYS C 210 -28.86 45.78 -12.66
CA LYS C 210 -29.70 44.91 -13.45
C LYS C 210 -31.11 45.47 -13.45
N HIS C 211 -31.81 45.39 -14.59
CA HIS C 211 -33.19 45.84 -14.67
C HIS C 211 -34.09 44.67 -15.04
N THR C 212 -35.10 44.41 -14.20
CA THR C 212 -35.99 43.29 -14.44
C THR C 212 -37.45 43.71 -14.41
N PRO C 213 -38.25 43.35 -15.42
CA PRO C 213 -39.69 43.64 -15.35
C PRO C 213 -40.30 42.84 -14.21
N ILE C 214 -41.24 43.45 -13.50
CA ILE C 214 -41.84 42.83 -12.32
C ILE C 214 -43.33 42.64 -12.54
N ASN C 215 -43.81 41.41 -12.32
CA ASN C 215 -45.24 41.18 -12.39
C ASN C 215 -45.95 41.93 -11.28
N LEU C 216 -45.37 41.90 -10.07
CA LEU C 216 -45.91 42.61 -8.92
C LEU C 216 -44.87 43.58 -8.40
N VAL C 217 -45.26 44.86 -8.29
CA VAL C 217 -44.37 45.90 -7.79
C VAL C 217 -44.11 45.73 -6.29
N ARG C 218 -45.12 45.30 -5.54
CA ARG C 218 -45.01 45.22 -4.09
C ARG C 218 -43.93 44.26 -3.61
N ASP C 219 -43.80 43.11 -4.24
CA ASP C 219 -42.88 42.07 -3.79
C ASP C 219 -41.75 41.86 -4.78
N LEU C 220 -40.55 41.66 -4.25
CA LEU C 220 -39.41 41.38 -5.09
C LEU C 220 -39.68 40.08 -5.84
N PRO C 221 -39.37 40.01 -7.13
CA PRO C 221 -39.73 38.80 -7.88
C PRO C 221 -38.96 37.61 -7.37
N GLN C 222 -39.65 36.50 -7.22
CA GLN C 222 -38.96 35.28 -6.84
C GLN C 222 -38.19 34.79 -8.06
N GLY C 223 -36.93 34.46 -7.88
CA GLY C 223 -36.12 34.04 -9.01
C GLY C 223 -34.68 34.47 -8.79
N PHE C 224 -33.86 34.18 -9.78
CA PHE C 224 -32.44 34.45 -9.69
C PHE C 224 -32.05 35.53 -10.69
N SER C 225 -31.35 36.55 -10.20
CA SER C 225 -30.87 37.67 -10.99
C SER C 225 -29.37 37.79 -10.87
N ALA C 226 -28.69 37.97 -12.00
CA ALA C 226 -27.25 38.19 -12.03
C ALA C 226 -26.99 39.65 -12.37
N LEU C 227 -26.21 40.32 -11.54
CA LEU C 227 -25.96 41.76 -11.68
C LEU C 227 -24.63 41.99 -12.37
N GLU C 228 -24.68 42.56 -13.56
CA GLU C 228 -23.52 42.87 -14.35
C GLU C 228 -22.81 44.11 -13.83
N PRO C 229 -21.48 44.10 -13.69
CA PRO C 229 -20.78 45.29 -13.25
C PRO C 229 -20.90 46.42 -14.28
N LEU C 230 -21.15 47.63 -13.79
CA LEU C 230 -21.24 48.72 -14.76
C LEU C 230 -19.99 49.59 -14.76
N VAL C 231 -19.71 50.28 -13.66
CA VAL C 231 -18.58 51.20 -13.60
C VAL C 231 -17.80 51.02 -12.31
N ASP C 232 -16.49 51.25 -12.41
CA ASP C 232 -15.59 51.22 -11.25
C ASP C 232 -14.85 52.53 -11.14
N LEU C 233 -14.85 53.13 -9.96
CA LEU C 233 -14.24 54.43 -9.78
C LEU C 233 -13.18 54.38 -8.70
N PRO C 234 -11.92 54.83 -8.98
CA PRO C 234 -10.87 54.85 -7.94
C PRO C 234 -10.91 56.10 -7.08
N ILE C 235 -12.10 56.46 -6.60
CA ILE C 235 -12.29 57.68 -5.83
C ILE C 235 -11.50 57.64 -4.53
N GLY C 236 -11.41 56.47 -3.89
CA GLY C 236 -10.74 56.43 -2.60
C GLY C 236 -11.33 57.31 -1.53
N ILE C 237 -12.67 57.39 -1.46
CA ILE C 237 -13.37 58.22 -0.49
C ILE C 237 -14.12 57.32 0.48
N ASN C 238 -13.99 57.62 1.78
CA ASN C 238 -14.69 56.86 2.81
C ASN C 238 -16.15 57.30 2.86
N ILE C 239 -17.07 56.34 2.77
CA ILE C 239 -18.49 56.66 2.84
C ILE C 239 -19.17 55.88 3.94
N THR C 240 -19.71 56.56 4.95
CA THR C 240 -20.40 55.84 6.01
C THR C 240 -21.91 56.02 5.96
N ARG C 241 -22.38 57.03 5.23
CA ARG C 241 -23.79 57.33 5.12
C ARG C 241 -24.17 57.51 3.66
N PHE C 242 -25.42 57.25 3.32
CA PHE C 242 -25.85 57.47 1.95
C PHE C 242 -27.28 57.96 1.97
N GLN C 243 -27.67 58.65 0.89
CA GLN C 243 -29.01 59.18 0.75
C GLN C 243 -29.46 59.00 -0.70
N THR C 244 -30.76 58.93 -0.91
CA THR C 244 -31.32 58.73 -2.24
C THR C 244 -32.14 59.95 -2.62
N LEU C 245 -31.95 60.43 -3.85
CA LEU C 245 -32.63 61.61 -4.36
C LEU C 245 -33.70 61.18 -5.34
N LEU C 246 -34.94 61.58 -5.07
CA LEU C 246 -36.05 61.26 -5.95
C LEU C 246 -35.94 61.97 -7.29
N ALA C 268 -41.09 52.23 -4.42
CA ALA C 268 -40.46 51.98 -3.14
C ALA C 268 -39.02 51.51 -3.32
N TYR C 269 -38.14 51.95 -2.43
CA TYR C 269 -36.74 51.57 -2.46
C TYR C 269 -36.39 50.78 -1.21
N TYR C 270 -35.70 49.66 -1.39
CA TYR C 270 -35.33 48.73 -0.33
C TYR C 270 -33.82 48.72 -0.18
N VAL C 271 -33.32 48.84 1.05
CA VAL C 271 -31.89 48.90 1.30
C VAL C 271 -31.46 47.71 2.13
N GLY C 272 -30.48 46.96 1.62
CA GLY C 272 -29.90 45.85 2.35
C GLY C 272 -28.38 45.87 2.51
N TYR C 273 -27.91 45.75 3.73
CA TYR C 273 -26.48 45.69 4.03
C TYR C 273 -25.84 44.39 3.55
N LEU C 274 -24.58 44.49 3.14
CA LEU C 274 -23.82 43.37 2.58
C LEU C 274 -22.85 42.80 3.61
N GLN C 275 -22.91 41.49 3.79
CA GLN C 275 -22.09 40.73 4.73
C GLN C 275 -21.28 39.69 3.98
N PRO C 276 -20.00 39.54 4.28
CA PRO C 276 -19.16 38.62 3.52
C PRO C 276 -19.68 37.19 3.62
N ARG C 277 -19.74 36.52 2.47
CA ARG C 277 -20.24 35.16 2.41
C ARG C 277 -19.43 34.36 1.39
N THR C 278 -19.40 33.06 1.58
CA THR C 278 -18.77 32.14 0.64
C THR C 278 -19.86 31.62 -0.28
N PHE C 279 -19.67 31.75 -1.57
CA PHE C 279 -20.73 31.38 -2.50
C PHE C 279 -20.25 30.42 -3.56
N LEU C 280 -21.05 29.41 -3.83
CA LEU C 280 -20.78 28.49 -4.92
C LEU C 280 -21.59 29.00 -6.10
N LEU C 281 -20.93 29.37 -7.19
CA LEU C 281 -21.62 29.98 -8.31
C LEU C 281 -21.69 29.02 -9.48
N LYS C 282 -22.89 28.80 -10.00
CA LYS C 282 -23.04 27.95 -11.17
C LYS C 282 -22.93 28.80 -12.42
N TYR C 283 -21.99 28.46 -13.30
CA TYR C 283 -21.81 29.14 -14.58
C TYR C 283 -22.27 28.24 -15.70
N ASN C 284 -23.13 28.77 -16.57
CA ASN C 284 -23.62 27.98 -17.69
C ASN C 284 -22.64 28.06 -18.86
N GLU C 285 -23.01 27.49 -20.00
CA GLU C 285 -22.15 27.58 -21.18
C GLU C 285 -21.94 29.02 -21.59
N ASN C 286 -23.00 29.81 -21.50
CA ASN C 286 -22.93 31.24 -21.79
C ASN C 286 -22.01 31.94 -20.80
N GLY C 287 -21.89 31.40 -19.59
CA GLY C 287 -21.10 32.00 -18.56
C GLY C 287 -21.89 32.84 -17.60
N THR C 288 -23.21 32.93 -17.80
CA THR C 288 -24.04 33.64 -16.86
C THR C 288 -24.08 32.85 -15.55
N ILE C 289 -24.22 33.57 -14.44
CA ILE C 289 -24.36 32.86 -13.17
C ILE C 289 -25.82 32.47 -13.05
N THR C 290 -26.14 31.25 -13.49
CA THR C 290 -27.51 30.76 -13.43
C THR C 290 -28.03 30.64 -12.01
N ASP C 291 -27.21 30.12 -11.09
CA ASP C 291 -27.67 29.92 -9.73
C ASP C 291 -26.48 29.99 -8.78
N ALA C 292 -26.78 30.26 -7.51
CA ALA C 292 -25.73 30.32 -6.50
C ALA C 292 -26.21 29.63 -5.22
N VAL C 293 -25.25 29.28 -4.38
CA VAL C 293 -25.49 28.60 -3.12
C VAL C 293 -24.83 29.38 -1.99
N ASP C 294 -25.61 29.73 -0.98
CA ASP C 294 -25.07 30.39 0.21
C ASP C 294 -24.69 29.30 1.20
N CYS C 295 -23.39 29.06 1.36
CA CYS C 295 -22.95 27.95 2.19
C CYS C 295 -23.40 28.10 3.64
N ALA C 296 -23.41 29.30 4.19
CA ALA C 296 -23.76 29.47 5.59
C ALA C 296 -25.26 29.51 5.87
N LEU C 297 -26.10 29.47 4.83
CA LEU C 297 -27.53 29.61 5.06
C LEU C 297 -28.12 28.51 5.94
N ASP C 298 -27.80 27.26 5.65
CA ASP C 298 -28.38 26.16 6.38
C ASP C 298 -27.50 24.93 6.19
N PRO C 299 -27.70 23.89 7.00
CA PRO C 299 -26.84 22.72 6.86
C PRO C 299 -26.90 22.11 5.48
N LEU C 300 -28.08 21.96 4.89
CA LEU C 300 -28.14 21.36 3.56
C LEU C 300 -27.31 22.16 2.57
N SER C 301 -27.42 23.48 2.62
CA SER C 301 -26.63 24.31 1.74
C SER C 301 -25.15 24.08 1.94
N GLU C 302 -24.73 24.00 3.21
CA GLU C 302 -23.33 23.74 3.52
C GLU C 302 -22.89 22.43 2.93
N THR C 303 -23.72 21.40 3.04
CA THR C 303 -23.36 20.10 2.48
C THR C 303 -23.07 20.24 0.99
N LYS C 304 -23.90 21.00 0.29
CA LYS C 304 -23.70 21.17 -1.14
C LYS C 304 -22.35 21.82 -1.42
N CYS C 305 -21.98 22.83 -0.64
CA CYS C 305 -20.69 23.46 -0.86
C CYS C 305 -19.56 22.47 -0.67
N THR C 306 -19.63 21.65 0.38
CA THR C 306 -18.57 20.69 0.62
C THR C 306 -18.46 19.69 -0.52
N LEU C 307 -19.60 19.16 -0.97
CA LEU C 307 -19.59 18.21 -2.07
C LEU C 307 -19.39 18.88 -3.42
N LYS C 308 -19.32 20.22 -3.45
CA LYS C 308 -19.14 21.00 -4.68
C LYS C 308 -20.17 20.65 -5.74
N SER C 309 -21.26 19.99 -5.37
CA SER C 309 -22.32 19.63 -6.30
C SER C 309 -23.68 20.10 -5.80
N PHE C 310 -24.49 20.66 -6.70
CA PHE C 310 -25.80 21.12 -6.27
C PHE C 310 -26.66 19.97 -5.76
N THR C 311 -26.63 18.83 -6.45
CA THR C 311 -27.40 17.67 -6.02
C THR C 311 -26.63 16.89 -4.97
N VAL C 312 -27.33 16.49 -3.91
CA VAL C 312 -26.75 15.68 -2.85
C VAL C 312 -27.49 14.35 -2.76
N GLU C 313 -26.75 13.26 -2.82
CA GLU C 313 -27.28 11.91 -2.76
C GLU C 313 -27.55 11.50 -1.32
N LYS C 314 -28.36 10.45 -1.16
CA LYS C 314 -28.68 9.93 0.16
C LYS C 314 -27.42 9.50 0.89
N GLY C 315 -27.31 9.90 2.14
CA GLY C 315 -26.18 9.51 2.95
C GLY C 315 -25.94 10.48 4.07
N ILE C 316 -24.88 10.22 4.83
CA ILE C 316 -24.44 11.06 5.92
C ILE C 316 -23.09 11.64 5.54
N TYR C 317 -22.96 12.96 5.62
CA TYR C 317 -21.74 13.64 5.20
C TYR C 317 -21.23 14.50 6.33
N GLN C 318 -19.94 14.43 6.61
CA GLN C 318 -19.32 15.29 7.61
C GLN C 318 -18.89 16.58 6.94
N THR C 319 -19.55 17.69 7.26
CA THR C 319 -19.27 18.94 6.58
C THR C 319 -18.72 20.05 7.47
N SER C 320 -18.54 19.82 8.76
CA SER C 320 -18.14 20.94 9.60
C SER C 320 -17.48 20.44 10.86
N ASN C 321 -16.84 21.36 11.58
CA ASN C 321 -16.27 21.02 12.87
C ASN C 321 -16.86 22.00 13.87
N PHE C 322 -17.05 21.52 15.09
CA PHE C 322 -17.69 22.30 16.13
C PHE C 322 -16.72 22.63 17.26
N ARG C 323 -16.71 23.88 17.70
CA ARG C 323 -15.90 24.30 18.84
C ARG C 323 -16.73 25.19 19.74
N VAL C 324 -16.37 25.24 21.01
CA VAL C 324 -17.03 26.11 21.98
C VAL C 324 -16.15 27.32 22.23
N GLN C 325 -16.67 28.50 21.93
CA GLN C 325 -15.87 29.71 22.06
C GLN C 325 -15.62 30.08 23.52
N PRO C 326 -14.43 30.61 23.82
CA PRO C 326 -14.14 31.07 25.19
C PRO C 326 -15.02 32.23 25.60
N THR C 327 -15.61 32.13 26.79
CA THR C 327 -16.47 33.19 27.30
C THR C 327 -15.71 34.48 27.59
N GLU C 328 -14.52 34.40 28.18
CA GLU C 328 -13.78 35.58 28.59
C GLU C 328 -12.29 35.27 28.65
N SER C 329 -11.50 36.32 28.76
CA SER C 329 -10.05 36.21 28.92
C SER C 329 -9.63 36.55 30.34
N ILE C 330 -8.95 35.62 31.00
CA ILE C 330 -8.47 35.78 32.37
C ILE C 330 -6.95 35.83 32.40
N VAL C 331 -6.40 36.88 32.99
CA VAL C 331 -4.95 37.04 33.08
C VAL C 331 -4.56 36.96 34.54
N ARG C 332 -3.68 36.03 34.91
CA ARG C 332 -3.18 35.99 36.28
C ARG C 332 -1.68 36.25 36.29
N PHE C 333 -1.27 37.40 36.82
CA PHE C 333 0.13 37.73 36.95
C PHE C 333 0.57 37.84 38.41
N PRO C 334 1.87 37.79 38.68
CA PRO C 334 2.38 37.95 40.04
C PRO C 334 2.03 39.35 40.54
N ASN C 335 2.03 39.55 41.86
CA ASN C 335 1.75 40.87 42.41
C ASN C 335 3.11 41.46 42.77
N ILE C 336 3.66 42.30 41.91
CA ILE C 336 4.96 42.90 42.20
C ILE C 336 4.87 44.41 42.05
N THR C 337 5.16 45.12 43.13
CA THR C 337 5.14 46.57 43.25
C THR C 337 6.47 47.19 42.85
N ASN C 338 7.56 46.49 43.11
CA ASN C 338 8.89 47.01 42.84
C ASN C 338 9.06 47.28 41.35
N LEU C 339 9.70 48.41 41.06
CA LEU C 339 9.99 48.82 39.70
C LEU C 339 11.45 48.53 39.40
N CYS C 340 11.70 47.94 38.26
CA CYS C 340 13.05 47.56 37.90
C CYS C 340 13.89 48.82 37.69
N PRO C 341 15.12 48.82 38.14
CA PRO C 341 15.97 50.01 38.06
C PRO C 341 16.83 50.07 36.80
N PHE C 342 16.19 49.85 35.64
CA PHE C 342 16.90 49.94 34.36
C PHE C 342 17.68 51.25 34.27
N GLY C 343 17.10 52.33 34.80
CA GLY C 343 17.75 53.64 34.74
C GLY C 343 19.17 53.60 35.25
N GLU C 344 19.40 52.90 36.36
CA GLU C 344 20.74 52.83 36.92
C GLU C 344 21.72 52.28 35.89
N VAL C 345 21.35 51.18 35.24
CA VAL C 345 22.23 50.56 34.27
C VAL C 345 22.45 51.46 33.07
N PHE C 346 21.37 52.05 32.56
CA PHE C 346 21.48 52.86 31.34
C PHE C 346 22.17 54.18 31.61
N ASN C 347 21.84 54.84 32.72
CA ASN C 347 22.39 56.15 33.00
C ASN C 347 23.62 56.09 33.91
N ALA C 348 24.15 54.89 34.13
CA ALA C 348 25.35 54.70 34.94
C ALA C 348 26.43 55.68 34.51
N THR C 349 26.92 56.48 35.47
CA THR C 349 27.94 57.47 35.12
C THR C 349 29.19 56.81 34.58
N ARG C 350 29.64 55.72 35.19
CA ARG C 350 30.84 55.03 34.75
C ARG C 350 30.47 53.76 34.02
N PHE C 351 31.02 53.59 32.83
CA PHE C 351 30.74 52.43 32.01
C PHE C 351 31.93 51.49 32.03
N ALA C 352 31.66 50.20 31.94
CA ALA C 352 32.73 49.20 31.99
C ALA C 352 33.45 49.11 30.66
N SER C 353 34.63 48.47 30.70
CA SER C 353 35.40 48.27 29.50
C SER C 353 34.72 47.27 28.60
N VAL C 354 35.01 47.36 27.29
CA VAL C 354 34.40 46.44 26.34
C VAL C 354 34.78 45.00 26.67
N TYR C 355 36.08 44.74 26.79
CA TYR C 355 36.50 43.38 27.14
C TYR C 355 36.05 43.02 28.55
N ALA C 356 36.15 43.95 29.48
CA ALA C 356 35.73 43.71 30.86
C ALA C 356 34.27 44.09 31.09
N TRP C 357 33.40 43.64 30.21
CA TRP C 357 31.97 43.93 30.33
C TRP C 357 31.42 43.38 31.64
N ASN C 358 30.52 44.16 32.26
CA ASN C 358 29.94 43.80 33.54
C ASN C 358 28.51 43.34 33.36
N ARG C 359 28.09 42.37 34.16
CA ARG C 359 26.74 41.83 34.09
C ARG C 359 25.99 42.12 35.38
N LYS C 360 24.92 42.90 35.28
CA LYS C 360 24.06 43.21 36.41
C LYS C 360 22.76 42.45 36.23
N ARG C 361 22.31 41.76 37.27
CA ARG C 361 21.10 40.94 37.14
C ARG C 361 19.91 41.70 37.70
N ILE C 362 18.86 41.85 36.88
CA ILE C 362 17.63 42.52 37.27
C ILE C 362 16.57 41.49 37.60
N SER C 363 15.99 41.57 38.80
CA SER C 363 15.05 40.56 39.23
C SER C 363 14.08 41.14 40.25
N ASN C 364 12.98 40.41 40.47
CA ASN C 364 11.96 40.76 41.46
C ASN C 364 11.36 42.15 41.26
N CYS C 365 11.00 42.47 40.03
CA CYS C 365 10.43 43.78 39.80
C CYS C 365 9.71 43.82 38.47
N VAL C 366 8.64 44.60 38.41
CA VAL C 366 7.93 44.78 37.14
C VAL C 366 8.79 45.65 36.25
N ALA C 367 8.95 45.25 35.00
CA ALA C 367 9.79 45.96 34.06
C ALA C 367 8.96 46.46 32.90
N ASP C 368 9.11 47.73 32.56
CA ASP C 368 8.42 48.31 31.42
C ASP C 368 9.44 48.65 30.34
N TYR C 369 9.45 47.86 29.28
CA TYR C 369 10.39 48.06 28.19
C TYR C 369 9.95 49.15 27.24
N SER C 370 8.70 49.58 27.32
CA SER C 370 8.19 50.62 26.44
C SER C 370 9.02 51.88 26.54
N VAL C 371 9.31 52.31 27.79
CA VAL C 371 10.06 53.55 28.00
C VAL C 371 11.37 53.51 27.22
N LEU C 372 12.10 52.41 27.34
CA LEU C 372 13.38 52.31 26.66
C LEU C 372 13.18 52.43 25.16
N TYR C 373 12.22 51.67 24.63
CA TYR C 373 11.95 51.68 23.21
C TYR C 373 11.53 53.07 22.74
N ASN C 374 10.75 53.77 23.54
CA ASN C 374 10.31 55.12 23.16
C ASN C 374 11.50 56.06 23.05
N SER C 375 12.39 56.04 24.03
CA SER C 375 13.55 56.92 24.04
C SER C 375 14.35 56.79 22.75
N ALA C 376 14.48 57.90 22.03
CA ALA C 376 15.21 57.92 20.77
C ALA C 376 16.73 57.93 20.95
N SER C 377 17.21 58.17 22.17
CA SER C 377 18.64 58.22 22.42
C SER C 377 19.35 56.98 21.87
N PHE C 378 18.70 55.83 21.98
CA PHE C 378 19.27 54.57 21.52
C PHE C 378 19.22 54.50 20.00
N SER C 379 20.39 54.60 19.37
CA SER C 379 20.49 54.50 17.92
C SER C 379 19.94 53.17 17.39
N THR C 380 20.22 52.07 18.08
CA THR C 380 19.79 50.74 17.67
C THR C 380 19.01 50.07 18.80
N PHE C 381 17.88 49.45 18.46
CA PHE C 381 17.11 48.71 19.45
C PHE C 381 16.74 47.34 18.93
N LYS C 382 17.60 46.74 18.10
CA LYS C 382 17.31 45.46 17.47
C LYS C 382 17.08 44.36 18.50
N CYS C 383 16.00 43.58 18.35
CA CYS C 383 15.79 42.48 19.27
C CYS C 383 15.89 41.18 18.46
N TYR C 384 16.84 40.32 18.83
CA TYR C 384 17.09 39.08 18.09
C TYR C 384 16.01 38.00 18.20
N GLY C 385 15.55 37.68 19.40
CA GLY C 385 14.58 36.61 19.53
C GLY C 385 13.20 36.93 20.04
N VAL C 386 12.91 38.22 20.17
CA VAL C 386 11.67 38.72 20.72
C VAL C 386 11.32 40.01 19.98
N SER C 387 10.09 40.40 20.14
CA SER C 387 9.61 41.62 19.53
C SER C 387 9.30 42.64 20.62
N PRO C 388 9.72 43.89 20.40
CA PRO C 388 9.55 44.93 21.43
C PRO C 388 8.14 45.08 21.93
N THR C 389 7.14 45.04 21.05
CA THR C 389 5.78 45.18 21.52
C THR C 389 5.45 44.09 22.52
N LYS C 390 5.80 42.85 22.19
CA LYS C 390 5.49 41.71 23.05
C LYS C 390 6.20 41.81 24.40
N LEU C 391 7.37 42.45 24.44
CA LEU C 391 8.17 42.55 25.66
C LEU C 391 7.34 42.99 26.85
N ASN C 392 6.42 43.93 26.63
CA ASN C 392 5.62 44.48 27.71
C ASN C 392 4.80 43.40 28.41
N ASP C 393 4.29 42.43 27.66
CA ASP C 393 3.44 41.42 28.26
C ASP C 393 4.20 40.15 28.67
N LEU C 394 5.32 39.83 28.03
CA LEU C 394 6.04 38.60 28.35
C LEU C 394 6.66 38.71 29.73
N CYS C 395 6.66 37.59 30.46
CA CYS C 395 7.26 37.50 31.79
C CYS C 395 8.47 36.58 31.77
N PHE C 396 9.64 37.11 32.12
CA PHE C 396 10.91 36.40 32.09
C PHE C 396 11.44 36.09 33.48
N THR C 397 12.04 34.90 33.64
CA THR C 397 12.53 34.51 34.96
C THR C 397 13.62 35.45 35.47
N ASN C 398 14.59 35.80 34.62
CA ASN C 398 15.65 36.72 35.00
C ASN C 398 16.10 37.55 33.82
N VAL C 399 16.54 38.78 34.09
CA VAL C 399 17.07 39.66 33.07
C VAL C 399 18.51 40.04 33.43
N TYR C 400 19.41 39.93 32.46
CA TYR C 400 20.83 40.21 32.67
C TYR C 400 21.25 41.35 31.77
N ALA C 401 21.93 42.35 32.32
CA ALA C 401 22.34 43.53 31.56
C ALA C 401 23.85 43.59 31.50
N ASP C 402 24.39 43.70 30.28
CA ASP C 402 25.84 43.79 30.06
C ASP C 402 26.19 45.18 29.57
N SER C 403 27.07 45.89 30.28
CA SER C 403 27.44 47.25 29.94
C SER C 403 28.88 47.35 29.47
N PHE C 404 29.09 47.93 28.28
CA PHE C 404 30.44 48.12 27.74
C PHE C 404 30.39 49.26 26.73
N VAL C 405 31.54 49.88 26.49
CA VAL C 405 31.67 50.98 25.55
C VAL C 405 32.49 50.54 24.34
N ILE C 406 31.94 50.75 23.14
CA ILE C 406 32.59 50.33 21.90
C ILE C 406 32.41 51.41 20.85
N ARG C 407 33.34 51.42 19.89
CA ARG C 407 33.27 52.34 18.77
C ARG C 407 32.05 52.03 17.91
N GLY C 408 31.56 53.05 17.19
CA GLY C 408 30.38 52.87 16.35
C GLY C 408 30.48 51.66 15.42
N ASP C 409 31.67 51.45 14.85
CA ASP C 409 31.88 50.31 13.97
C ASP C 409 31.74 49.01 14.74
N GLU C 410 32.26 48.98 15.96
CA GLU C 410 32.28 47.79 16.80
C GLU C 410 30.89 47.32 17.19
N VAL C 411 29.88 48.20 17.10
CA VAL C 411 28.52 47.84 17.49
C VAL C 411 28.03 46.64 16.71
N ARG C 412 28.29 46.62 15.40
CA ARG C 412 27.85 45.51 14.56
C ARG C 412 28.45 44.19 15.01
N GLN C 413 29.71 44.21 15.43
CA GLN C 413 30.41 42.98 15.80
C GLN C 413 29.66 42.23 16.90
N ILE C 414 29.08 42.94 17.84
CA ILE C 414 28.40 42.32 18.99
C ILE C 414 27.35 41.32 18.53
N ALA C 415 26.59 41.66 17.50
CA ALA C 415 25.48 40.88 16.96
C ALA C 415 25.74 39.38 16.92
N PRO C 416 24.73 38.59 17.30
CA PRO C 416 24.85 37.14 17.38
C PRO C 416 25.21 36.50 16.05
N GLY C 417 26.11 35.52 16.10
CA GLY C 417 26.56 34.86 14.89
C GLY C 417 27.17 35.77 13.84
N GLN C 418 28.06 36.64 14.31
CA GLN C 418 28.78 37.59 13.49
C GLN C 418 30.23 37.52 13.95
N THR C 419 31.15 37.61 13.00
CA THR C 419 32.60 37.52 13.23
C THR C 419 33.28 38.88 13.25
N GLY C 420 33.57 39.37 14.44
CA GLY C 420 34.26 40.64 14.61
C GLY C 420 35.24 40.49 15.76
N LYS C 421 36.37 41.20 15.66
CA LYS C 421 37.40 41.07 16.68
C LYS C 421 36.83 41.31 18.07
N ILE C 422 35.96 42.32 18.20
CA ILE C 422 35.31 42.52 19.48
C ILE C 422 34.53 41.27 19.84
N ALA C 423 33.79 40.75 18.86
CA ALA C 423 33.00 39.54 19.04
C ALA C 423 33.89 38.30 19.24
N ASP C 424 35.06 38.30 18.62
CA ASP C 424 35.96 37.15 18.68
C ASP C 424 36.45 36.88 20.09
N TYR C 425 36.70 37.94 20.85
CA TYR C 425 37.27 37.77 22.18
C TYR C 425 36.58 38.62 23.22
N ASN C 426 36.57 39.94 22.99
CA ASN C 426 36.05 40.87 23.98
C ASN C 426 34.69 40.45 24.53
N TYR C 427 33.72 40.20 23.64
CA TYR C 427 32.40 39.80 24.09
C TYR C 427 31.78 38.92 23.00
N LYS C 428 31.22 37.77 23.39
CA LYS C 428 30.65 36.84 22.41
C LYS C 428 29.18 36.60 22.71
N LEU C 429 28.34 36.67 21.67
CA LEU C 429 26.91 36.40 21.81
C LEU C 429 26.55 35.04 21.26
N PRO C 430 25.96 34.15 22.04
CA PRO C 430 25.52 32.86 21.52
C PRO C 430 24.33 33.04 20.59
N ASP C 431 24.20 32.13 19.63
CA ASP C 431 23.10 32.21 18.69
C ASP C 431 21.77 32.03 19.43
N ASP C 432 20.76 32.79 19.00
CA ASP C 432 19.42 32.73 19.58
C ASP C 432 19.45 32.96 21.09
N PHE C 433 20.10 34.04 21.50
CA PHE C 433 20.12 34.35 22.92
C PHE C 433 18.84 35.02 23.39
N THR C 434 17.90 35.30 22.48
CA THR C 434 16.60 35.87 22.81
C THR C 434 16.72 37.15 23.63
N GLY C 435 17.57 38.06 23.17
CA GLY C 435 17.75 39.31 23.87
C GLY C 435 17.89 40.47 22.89
N CYS C 436 17.67 41.67 23.41
CA CYS C 436 17.77 42.89 22.64
C CYS C 436 19.09 43.60 22.92
N VAL C 437 19.81 43.96 21.87
CA VAL C 437 21.03 44.74 21.99
C VAL C 437 20.70 46.21 21.77
N ILE C 438 20.99 47.05 22.77
CA ILE C 438 20.66 48.47 22.71
C ILE C 438 21.94 49.29 22.72
N ALA C 439 22.12 50.14 21.71
CA ALA C 439 23.30 51.00 21.62
C ALA C 439 22.89 52.46 21.45
N TRP C 440 23.58 53.36 22.13
CA TRP C 440 23.29 54.79 22.04
C TRP C 440 24.60 55.54 21.87
N ASN C 441 24.52 56.70 21.22
CA ASN C 441 25.71 57.50 20.96
C ASN C 441 26.20 58.14 22.27
N SER C 442 27.46 57.86 22.62
CA SER C 442 28.07 58.37 23.83
C SER C 442 29.39 59.09 23.56
N ASN C 443 29.69 59.43 22.30
CA ASN C 443 30.97 60.05 21.99
C ASN C 443 31.19 61.34 22.79
N ASN C 444 30.14 62.17 22.91
CA ASN C 444 30.30 63.46 23.59
C ASN C 444 30.88 63.26 24.99
N LEU C 445 30.30 62.34 25.75
CA LEU C 445 30.81 62.07 27.09
C LEU C 445 32.14 61.33 27.02
N ASP C 446 32.22 60.30 26.19
CA ASP C 446 33.43 59.49 26.12
C ASP C 446 34.60 60.28 25.56
N SER C 447 34.39 60.99 24.46
CA SER C 447 35.49 61.73 23.81
C SER C 447 35.05 63.14 23.45
N LEU C 456 39.87 50.85 27.41
CA LEU C 456 40.76 49.76 27.04
C LEU C 456 40.04 48.65 26.32
N TYR C 457 40.62 48.21 25.20
CA TYR C 457 40.09 47.12 24.40
C TYR C 457 41.20 46.13 24.10
N ARG C 458 40.82 44.88 23.87
CA ARG C 458 41.80 43.85 23.56
C ARG C 458 41.67 43.42 22.10
N LYS C 466 34.14 31.97 23.41
CA LYS C 466 33.06 31.31 24.12
C LYS C 466 31.92 32.27 24.44
N PRO C 467 30.70 31.84 24.15
CA PRO C 467 29.55 32.74 24.35
C PRO C 467 29.37 33.11 25.82
N PHE C 468 29.08 34.39 26.04
CA PHE C 468 28.83 34.95 27.36
C PHE C 468 30.00 34.69 28.32
N GLU C 469 31.22 34.80 27.81
CA GLU C 469 32.40 34.55 28.61
C GLU C 469 33.34 35.74 28.55
N ARG C 470 33.82 36.20 29.70
CA ARG C 470 34.79 37.29 29.71
C ARG C 470 36.12 36.81 30.28
N GLY C 508 32.86 57.82 12.76
CA GLY C 508 33.22 56.42 12.58
C GLY C 508 33.92 55.86 13.80
N TYR C 509 34.84 56.64 14.35
CA TYR C 509 35.65 56.20 15.47
C TYR C 509 35.08 56.61 16.81
N GLN C 510 33.97 57.34 16.80
CA GLN C 510 33.37 57.81 18.03
C GLN C 510 32.87 56.63 18.85
N PRO C 511 33.11 56.62 20.16
CA PRO C 511 32.69 55.48 20.99
C PRO C 511 31.27 55.62 21.51
N TYR C 512 30.46 54.57 21.35
CA TYR C 512 29.07 54.57 21.76
C TYR C 512 28.81 53.49 22.79
N ARG C 513 28.17 53.86 23.91
CA ARG C 513 27.89 52.90 24.96
C ARG C 513 26.85 51.89 24.49
N VAL C 514 27.08 50.62 24.82
CA VAL C 514 26.21 49.52 24.40
C VAL C 514 25.86 48.66 25.59
N VAL C 515 24.56 48.44 25.80
CA VAL C 515 24.06 47.56 26.85
C VAL C 515 23.30 46.41 26.19
N VAL C 516 23.61 45.18 26.59
CA VAL C 516 23.00 43.99 26.03
C VAL C 516 22.10 43.34 27.07
N LEU C 517 20.85 43.10 26.72
CA LEU C 517 19.89 42.45 27.60
C LEU C 517 19.67 41.02 27.15
N SER C 518 19.79 40.08 28.08
CA SER C 518 19.54 38.66 27.83
C SER C 518 18.36 38.22 28.67
N PHE C 519 17.40 37.53 28.05
CA PHE C 519 16.18 37.14 28.75
C PHE C 519 16.18 35.65 29.01
N GLU C 520 15.98 35.27 30.27
CA GLU C 520 15.94 33.87 30.64
C GLU C 520 14.55 33.31 30.39
N LEU C 521 14.47 32.25 29.60
CA LEU C 521 13.17 31.68 29.23
C LEU C 521 12.88 30.37 29.93
N LEU C 522 13.67 30.00 30.94
CA LEU C 522 13.48 28.72 31.59
C LEU C 522 12.18 28.70 32.39
N HIS C 523 11.66 27.49 32.62
CA HIS C 523 10.39 27.36 33.31
C HIS C 523 10.65 27.41 34.81
N ALA C 524 10.31 28.54 35.41
CA ALA C 524 10.50 28.80 36.83
C ALA C 524 9.58 29.94 37.20
N PRO C 525 9.34 30.17 38.49
CA PRO C 525 8.56 31.36 38.84
C PRO C 525 9.31 32.54 38.27
N ALA C 526 8.60 33.41 37.56
CA ALA C 526 9.25 34.48 36.82
C ALA C 526 9.27 35.75 37.67
N THR C 527 10.47 36.11 38.12
CA THR C 527 10.63 37.30 38.94
C THR C 527 10.28 38.57 38.19
N VAL C 528 10.69 38.67 36.91
CA VAL C 528 10.50 39.89 36.15
C VAL C 528 9.26 39.73 35.29
N CYS C 529 8.31 40.65 35.45
CA CYS C 529 7.08 40.60 34.68
C CYS C 529 6.79 41.97 34.12
N GLY C 530 6.13 42.01 32.99
CA GLY C 530 5.76 43.27 32.39
C GLY C 530 4.55 43.86 33.07
N PRO C 531 4.21 45.10 32.71
CA PRO C 531 3.08 45.74 33.41
C PRO C 531 1.79 45.13 32.91
N LYS C 532 1.00 44.58 33.83
CA LYS C 532 -0.22 43.91 33.46
C LYS C 532 -1.17 43.95 34.64
N LYS C 533 -2.45 43.73 34.39
CA LYS C 533 -3.44 43.70 35.45
C LYS C 533 -4.07 42.31 35.54
N SER C 534 -4.03 41.73 36.74
CA SER C 534 -4.62 40.42 36.97
C SER C 534 -6.14 40.51 36.99
N THR C 535 -6.79 39.41 36.65
CA THR C 535 -8.24 39.34 36.66
C THR C 535 -8.68 38.11 37.45
N ASN C 536 -9.90 38.18 37.97
CA ASN C 536 -10.42 37.14 38.83
C ASN C 536 -10.51 35.79 38.10
N LEU C 537 -10.13 34.74 38.80
CA LEU C 537 -10.15 33.41 38.22
C LEU C 537 -11.58 32.96 37.94
N VAL C 538 -11.77 32.28 36.82
CA VAL C 538 -13.04 31.71 36.40
C VAL C 538 -12.89 30.21 36.25
N LYS C 539 -13.84 29.44 36.75
CA LYS C 539 -13.74 27.99 36.69
C LYS C 539 -15.02 27.38 36.14
N ASN C 540 -14.90 26.19 35.55
CA ASN C 540 -16.00 25.41 35.01
C ASN C 540 -16.59 25.99 33.73
N LYS C 541 -15.88 26.90 33.08
CA LYS C 541 -16.33 27.49 31.83
C LYS C 541 -15.16 27.63 30.87
N CYS C 542 -15.44 27.56 29.57
CA CYS C 542 -14.37 27.79 28.62
C CYS C 542 -13.90 29.22 28.77
N VAL C 543 -12.58 29.38 28.85
CA VAL C 543 -11.99 30.69 29.09
C VAL C 543 -10.64 30.74 28.42
N ASN C 544 -10.26 31.93 27.96
CA ASN C 544 -8.94 32.15 27.42
C ASN C 544 -8.08 32.60 28.59
N PHE C 545 -6.97 31.91 28.86
CA PHE C 545 -6.18 32.20 30.05
C PHE C 545 -4.74 32.53 29.74
N ASN C 546 -4.26 33.61 30.33
CA ASN C 546 -2.86 34.01 30.26
C ASN C 546 -2.25 33.93 31.67
N PHE C 547 -1.44 32.91 31.93
CA PHE C 547 -0.87 32.74 33.27
C PHE C 547 0.63 32.88 33.20
N ASN C 548 1.14 33.93 33.82
CA ASN C 548 2.57 34.16 33.89
C ASN C 548 3.19 34.10 32.51
N GLY C 549 2.51 34.70 31.53
CA GLY C 549 3.03 34.74 30.19
C GLY C 549 2.76 33.49 29.38
N LEU C 550 1.92 32.58 29.87
CA LEU C 550 1.52 31.37 29.18
C LEU C 550 0.07 31.54 28.72
N THR C 551 -0.17 31.38 27.43
CA THR C 551 -1.49 31.62 26.86
C THR C 551 -2.11 30.32 26.35
N GLY C 552 -3.33 30.04 26.79
CA GLY C 552 -4.06 28.88 26.31
C GLY C 552 -5.54 29.10 26.51
N THR C 553 -6.35 28.38 25.74
CA THR C 553 -7.80 28.41 25.91
C THR C 553 -8.28 27.03 26.34
N GLY C 554 -8.86 26.95 27.54
CA GLY C 554 -9.38 25.68 28.03
C GLY C 554 -10.28 25.90 29.22
N VAL C 555 -11.07 24.87 29.53
CA VAL C 555 -11.87 24.90 30.74
C VAL C 555 -10.95 24.79 31.94
N LEU C 556 -11.26 25.52 33.01
CA LEU C 556 -10.47 25.41 34.24
C LEU C 556 -11.29 24.75 35.32
N THR C 557 -10.71 23.73 35.95
CA THR C 557 -11.36 23.01 37.03
C THR C 557 -10.34 22.80 38.14
N GLU C 558 -10.84 22.60 39.36
CA GLU C 558 -9.94 22.31 40.46
C GLU C 558 -9.24 20.99 40.21
N SER C 559 -7.97 20.93 40.57
CA SER C 559 -7.14 19.77 40.31
C SER C 559 -6.83 19.00 41.59
N ASN C 560 -7.05 17.69 41.54
CA ASN C 560 -6.74 16.81 42.65
C ASN C 560 -5.32 16.29 42.57
N LYS C 561 -4.54 16.82 41.64
CA LYS C 561 -3.15 16.39 41.50
C LYS C 561 -2.38 16.77 42.76
N LYS C 562 -1.53 15.86 43.22
CA LYS C 562 -0.69 16.15 44.37
C LYS C 562 0.56 16.86 43.90
N PHE C 563 0.39 18.12 43.52
CA PHE C 563 1.52 18.87 42.98
C PHE C 563 2.59 19.03 44.03
N LEU C 564 3.83 18.77 43.66
CA LEU C 564 4.92 18.99 44.60
C LEU C 564 5.17 20.49 44.69
N PRO C 565 5.69 20.97 45.82
CA PRO C 565 5.83 22.43 45.97
C PRO C 565 6.75 23.05 44.93
N PHE C 566 7.85 22.40 44.58
CA PHE C 566 8.78 22.99 43.64
C PHE C 566 8.17 23.08 42.25
N GLN C 567 7.21 22.19 41.96
CA GLN C 567 6.55 22.09 40.66
C GLN C 567 5.62 23.27 40.39
N GLN C 568 5.73 23.83 39.18
CA GLN C 568 4.87 24.92 38.75
C GLN C 568 3.90 24.56 37.62
N PHE C 569 4.28 23.64 36.71
CA PHE C 569 3.47 23.24 35.56
C PHE C 569 3.41 21.74 35.41
N GLY C 570 2.26 21.25 34.95
CA GLY C 570 2.12 19.83 34.68
C GLY C 570 1.82 19.69 33.20
N ARG C 571 2.57 18.84 32.50
CA ARG C 571 2.46 18.71 31.06
C ARG C 571 2.11 17.28 30.67
N ASP C 572 1.34 17.15 29.59
CA ASP C 572 0.95 15.85 29.06
C ASP C 572 2.03 15.34 28.10
N ILE C 573 1.71 14.33 27.29
CA ILE C 573 2.71 13.84 26.35
C ILE C 573 3.12 14.95 25.40
N ALA C 574 2.14 15.72 24.94
CA ALA C 574 2.32 16.90 24.12
C ALA C 574 2.86 18.04 24.98
N ASP C 575 3.44 19.04 24.32
CA ASP C 575 4.01 20.17 25.05
C ASP C 575 2.95 20.96 25.80
N THR C 576 1.68 20.83 25.42
CA THR C 576 0.63 21.63 26.04
C THR C 576 0.59 21.34 27.54
N THR C 577 0.29 22.38 28.32
CA THR C 577 0.32 22.26 29.77
C THR C 577 -1.02 21.79 30.31
N ASP C 578 -1.02 20.58 30.87
CA ASP C 578 -2.24 20.00 31.42
C ASP C 578 -2.74 20.73 32.67
N ALA C 579 -1.83 21.09 33.58
CA ALA C 579 -2.18 21.71 34.86
C ALA C 579 -1.31 22.91 35.15
N VAL C 580 -1.89 23.94 35.79
CA VAL C 580 -1.17 25.17 36.07
C VAL C 580 -1.42 25.59 37.51
N ARG C 581 -0.40 26.19 38.12
CA ARG C 581 -0.47 26.71 39.48
C ARG C 581 -0.64 28.22 39.44
N ASP C 582 -1.64 28.69 40.16
CA ASP C 582 -2.01 30.10 40.17
C ASP C 582 -0.88 30.98 40.67
N PRO C 583 -0.55 32.07 39.97
CA PRO C 583 0.51 32.98 40.41
C PRO C 583 0.17 33.81 41.63
N GLN C 584 -1.05 33.69 42.15
CA GLN C 584 -1.51 34.53 43.26
C GLN C 584 -2.15 33.74 44.37
N THR C 585 -2.58 32.51 44.14
CA THR C 585 -3.31 31.75 45.14
C THR C 585 -2.67 30.41 45.36
N LEU C 586 -1.69 30.04 44.54
CA LEU C 586 -0.95 28.78 44.65
C LEU C 586 -1.88 27.59 44.72
N GLU C 587 -2.86 27.56 43.83
CA GLU C 587 -3.77 26.44 43.70
C GLU C 587 -3.51 25.71 42.39
N ILE C 588 -3.78 24.41 42.40
CA ILE C 588 -3.52 23.55 41.25
C ILE C 588 -4.80 23.39 40.46
N LEU C 589 -4.81 23.87 39.22
CA LEU C 589 -6.02 23.85 38.40
C LEU C 589 -5.82 22.97 37.18
N ASP C 590 -6.71 22.00 36.99
CA ASP C 590 -6.69 21.17 35.80
C ASP C 590 -7.20 21.94 34.59
N ILE C 591 -6.63 21.67 33.41
CA ILE C 591 -7.08 22.29 32.17
C ILE C 591 -7.68 21.22 31.27
N THR C 592 -8.92 21.43 30.84
CA THR C 592 -9.59 20.51 29.94
C THR C 592 -9.93 21.22 28.63
N PRO C 593 -9.59 20.66 27.47
CA PRO C 593 -9.86 21.37 26.22
C PRO C 593 -11.36 21.56 26.01
N CYS C 594 -11.71 22.70 25.39
CA CYS C 594 -13.10 22.98 25.09
C CYS C 594 -13.66 21.93 24.14
N SER C 595 -14.93 21.55 24.33
CA SER C 595 -15.49 20.46 23.55
C SER C 595 -15.42 20.76 22.06
N PHE C 596 -14.90 19.80 21.29
CA PHE C 596 -14.80 19.90 19.85
C PHE C 596 -15.33 18.61 19.23
N GLY C 597 -16.20 18.74 18.24
CA GLY C 597 -16.70 17.54 17.58
C GLY C 597 -17.02 17.78 16.13
N GLY C 598 -16.92 16.72 15.33
CA GLY C 598 -17.31 16.82 13.94
C GLY C 598 -18.81 16.97 13.82
N VAL C 599 -19.24 17.75 12.83
CA VAL C 599 -20.64 17.94 12.53
C VAL C 599 -20.99 17.17 11.26
N SER C 600 -21.92 16.24 11.37
CA SER C 600 -22.33 15.42 10.24
C SER C 600 -23.77 15.74 9.88
N VAL C 601 -24.06 15.77 8.59
CA VAL C 601 -25.41 16.08 8.10
C VAL C 601 -26.00 14.82 7.49
N ILE C 602 -27.14 14.40 8.02
CA ILE C 602 -27.86 13.25 7.50
C ILE C 602 -28.87 13.75 6.48
N THR C 603 -28.69 13.37 5.23
CA THR C 603 -29.52 13.89 4.18
C THR C 603 -30.18 12.81 3.35
N PRO C 604 -31.50 12.82 3.21
CA PRO C 604 -32.13 11.89 2.27
C PRO C 604 -31.84 12.46 0.90
N GLY C 605 -32.05 11.68 -0.14
CA GLY C 605 -31.66 12.22 -1.43
C GLY C 605 -32.27 13.57 -1.72
N THR C 606 -31.46 14.51 -2.22
CA THR C 606 -31.93 15.86 -2.45
C THR C 606 -33.20 15.87 -3.28
N ASN C 607 -33.32 14.94 -4.21
CA ASN C 607 -34.51 14.85 -5.03
C ASN C 607 -35.73 14.50 -4.18
N THR C 608 -35.59 13.54 -3.27
CA THR C 608 -36.74 13.16 -2.46
C THR C 608 -37.19 14.26 -1.53
N SER C 609 -36.26 14.90 -0.83
CA SER C 609 -36.63 15.92 0.14
C SER C 609 -35.43 16.79 0.47
N ASN C 610 -35.70 17.98 0.96
CA ASN C 610 -34.61 18.85 1.39
C ASN C 610 -34.46 18.92 2.90
N GLN C 611 -35.30 18.21 3.66
CA GLN C 611 -35.20 18.24 5.11
C GLN C 611 -33.91 17.52 5.54
N VAL C 612 -33.24 18.02 6.58
CA VAL C 612 -31.98 17.44 7.03
C VAL C 612 -31.93 17.27 8.54
N ALA C 613 -31.14 16.30 8.99
CA ALA C 613 -30.91 16.04 10.39
C ALA C 613 -29.42 16.19 10.68
N VAL C 614 -29.10 16.85 11.79
CA VAL C 614 -27.74 17.19 12.15
C VAL C 614 -27.27 16.40 13.37
N LEU C 615 -26.11 15.77 13.25
CA LEU C 615 -25.52 14.99 14.33
C LEU C 615 -24.23 15.62 14.79
N TYR C 616 -24.08 15.80 16.10
CA TYR C 616 -22.84 16.30 16.66
C TYR C 616 -22.13 15.11 17.29
N GLN C 617 -20.93 14.82 16.82
CA GLN C 617 -20.23 13.63 17.26
C GLN C 617 -19.58 13.80 18.62
N ASP C 618 -19.91 12.90 19.55
CA ASP C 618 -19.32 12.89 20.88
C ASP C 618 -19.51 14.21 21.61
N VAL C 619 -20.63 14.86 21.40
CA VAL C 619 -20.95 16.10 22.08
C VAL C 619 -22.27 15.93 22.80
N ASN C 620 -22.29 16.24 24.08
CA ASN C 620 -23.54 16.13 24.82
C ASN C 620 -24.54 17.19 24.34
N CYS C 621 -25.82 16.83 24.39
CA CYS C 621 -26.86 17.76 23.97
C CYS C 621 -26.86 19.04 24.80
N THR C 622 -26.54 18.93 26.09
CA THR C 622 -26.53 20.09 26.98
C THR C 622 -25.52 21.13 26.52
N GLU C 623 -24.34 20.68 26.07
CA GLU C 623 -23.29 21.62 25.66
C GLU C 623 -23.74 22.49 24.50
N VAL C 624 -24.43 21.91 23.52
CA VAL C 624 -24.82 22.69 22.37
C VAL C 624 -26.32 22.90 22.40
N ASN C 645 -37.06 17.79 18.80
CA ASN C 645 -36.48 16.60 18.19
C ASN C 645 -35.01 16.48 18.54
N VAL C 646 -34.70 16.63 19.82
CA VAL C 646 -33.35 16.53 20.33
C VAL C 646 -33.21 15.19 21.03
N PHE C 647 -32.33 14.34 20.51
CA PHE C 647 -32.17 13.00 21.05
C PHE C 647 -30.69 12.78 21.37
N GLN C 648 -30.43 11.97 22.39
CA GLN C 648 -29.06 11.66 22.79
C GLN C 648 -28.67 10.26 22.35
N THR C 649 -27.54 10.14 21.65
CA THR C 649 -27.06 8.89 21.14
C THR C 649 -25.61 8.69 21.54
N ARG C 650 -25.16 7.43 21.51
CA ARG C 650 -23.76 7.16 21.82
C ARG C 650 -22.87 7.89 20.84
N ALA C 651 -23.29 7.95 19.58
CA ALA C 651 -22.54 8.70 18.58
C ALA C 651 -22.49 10.17 18.95
N GLY C 652 -23.57 10.71 19.46
CA GLY C 652 -23.61 12.09 19.89
C GLY C 652 -25.03 12.62 19.82
N CYS C 653 -25.16 13.91 20.09
CA CYS C 653 -26.47 14.54 20.08
C CYS C 653 -27.01 14.55 18.65
N LEU C 654 -28.27 14.19 18.50
CA LEU C 654 -28.93 14.14 17.19
C LEU C 654 -30.12 15.08 17.18
N ILE C 655 -30.19 15.92 16.15
CA ILE C 655 -31.26 16.92 16.05
C ILE C 655 -31.96 16.81 14.71
N GLY C 656 -33.26 17.06 14.72
CA GLY C 656 -34.04 17.00 13.51
C GLY C 656 -34.51 15.61 13.14
N ALA C 657 -34.31 14.64 14.01
CA ALA C 657 -34.75 13.27 13.79
C ALA C 657 -35.64 12.85 14.95
N GLU C 658 -36.66 12.08 14.64
CA GLU C 658 -37.64 11.65 15.61
C GLU C 658 -37.40 10.20 15.96
N HIS C 659 -37.22 9.93 17.24
CA HIS C 659 -36.95 8.58 17.69
C HIS C 659 -38.17 7.70 17.42
N VAL C 660 -37.93 6.50 16.92
CA VAL C 660 -39.01 5.55 16.64
C VAL C 660 -38.75 4.25 17.38
N ASN C 661 -39.78 3.77 18.07
CA ASN C 661 -39.67 2.51 18.81
C ASN C 661 -39.45 1.32 17.89
N ASN C 662 -40.12 1.29 16.74
CA ASN C 662 -40.02 0.18 15.81
C ASN C 662 -38.63 0.04 15.21
N SER C 663 -38.19 -1.20 15.00
CA SER C 663 -36.89 -1.45 14.40
C SER C 663 -37.06 -1.79 12.92
N TYR C 664 -36.19 -1.25 12.10
CA TYR C 664 -36.22 -1.45 10.66
C TYR C 664 -34.82 -1.76 10.16
N GLU C 665 -34.73 -2.30 8.95
CA GLU C 665 -33.43 -2.55 8.35
C GLU C 665 -32.69 -1.23 8.17
N CYS C 666 -31.37 -1.26 8.37
CA CYS C 666 -30.61 -0.03 8.33
C CYS C 666 -30.66 0.60 6.95
N ASP C 667 -30.89 1.91 6.92
CA ASP C 667 -30.86 2.69 5.69
C ASP C 667 -29.65 3.61 5.68
N ILE C 668 -29.49 4.46 6.69
CA ILE C 668 -28.31 5.31 6.79
C ILE C 668 -27.67 5.03 8.16
N PRO C 669 -26.41 4.63 8.20
CA PRO C 669 -25.77 4.28 9.47
C PRO C 669 -25.33 5.49 10.30
N ILE C 670 -25.75 5.55 11.56
CA ILE C 670 -25.32 6.61 12.45
C ILE C 670 -24.27 6.13 13.43
N GLY C 671 -24.10 4.83 13.56
CA GLY C 671 -23.14 4.21 14.44
C GLY C 671 -23.78 3.74 15.73
N ALA C 672 -23.10 2.81 16.39
CA ALA C 672 -23.58 2.27 17.66
C ALA C 672 -24.95 1.65 17.53
N GLY C 673 -25.21 1.01 16.39
CA GLY C 673 -26.47 0.35 16.21
C GLY C 673 -27.65 1.24 15.92
N ILE C 674 -27.44 2.50 15.57
CA ILE C 674 -28.50 3.45 15.29
C ILE C 674 -28.46 3.81 13.82
N CYS C 675 -29.61 3.78 13.17
CA CYS C 675 -29.71 4.08 11.75
C CYS C 675 -30.83 5.08 11.54
N ALA C 676 -30.74 5.86 10.46
CA ALA C 676 -31.72 6.90 10.19
C ALA C 676 -32.36 6.68 8.82
N SER C 677 -33.69 6.84 8.75
CA SER C 677 -34.39 6.74 7.49
C SER C 677 -35.41 7.86 7.32
N TYR C 678 -35.73 8.15 6.06
CA TYR C 678 -36.75 9.14 5.70
C TYR C 678 -38.08 8.47 5.40
N GLN C 679 -39.03 8.58 6.31
CA GLN C 679 -40.36 8.02 6.08
C GLN C 679 -41.36 9.14 5.92
N GLN C 694 -43.94 13.29 6.36
CA GLN C 694 -42.63 12.68 6.11
C GLN C 694 -41.51 13.41 6.84
N SER C 695 -40.92 12.73 7.81
CA SER C 695 -39.84 13.27 8.61
C SER C 695 -38.76 12.21 8.77
N ILE C 696 -37.53 12.66 8.96
CA ILE C 696 -36.44 11.73 9.21
C ILE C 696 -36.63 11.06 10.57
N ILE C 697 -36.39 9.75 10.62
CA ILE C 697 -36.57 8.97 11.83
C ILE C 697 -35.27 8.26 12.19
N ALA C 698 -35.00 8.14 13.49
CA ALA C 698 -33.85 7.43 14.01
C ALA C 698 -34.31 6.20 14.77
N TYR C 699 -33.73 5.05 14.49
CA TYR C 699 -34.22 3.83 15.12
C TYR C 699 -33.05 2.88 15.30
N THR C 700 -33.21 1.92 16.18
CA THR C 700 -32.19 0.89 16.34
C THR C 700 -32.36 -0.15 15.23
N MET C 701 -31.25 -0.58 14.65
CA MET C 701 -31.36 -1.51 13.54
C MET C 701 -31.80 -2.89 14.03
N SER C 702 -32.47 -3.62 13.15
CA SER C 702 -32.98 -4.94 13.45
C SER C 702 -32.14 -6.02 12.78
N LEU C 703 -31.66 -6.98 13.57
CA LEU C 703 -30.83 -8.03 13.00
C LEU C 703 -31.59 -8.90 12.02
N GLY C 704 -32.81 -9.30 12.36
CA GLY C 704 -33.60 -10.05 11.40
C GLY C 704 -34.82 -10.66 12.05
N ALA C 705 -35.60 -11.34 11.21
CA ALA C 705 -36.78 -12.05 11.63
C ALA C 705 -36.43 -13.35 12.33
N GLU C 706 -37.35 -13.83 13.16
CA GLU C 706 -37.12 -15.03 13.94
C GLU C 706 -37.76 -16.23 13.27
N ASN C 707 -36.94 -17.15 12.81
CA ASN C 707 -37.39 -18.40 12.24
C ASN C 707 -36.70 -19.51 13.01
N SER C 708 -37.47 -20.37 13.66
CA SER C 708 -36.89 -21.51 14.37
C SER C 708 -37.51 -22.82 13.94
N VAL C 709 -36.71 -23.76 13.54
CA VAL C 709 -37.24 -25.05 13.12
C VAL C 709 -37.64 -25.84 14.35
N ALA C 710 -38.77 -26.53 14.30
CA ALA C 710 -39.11 -27.38 15.42
C ALA C 710 -38.14 -28.55 15.45
N TYR C 711 -37.35 -28.66 16.50
CA TYR C 711 -36.33 -29.69 16.59
C TYR C 711 -36.84 -30.83 17.45
N SER C 712 -36.82 -32.02 16.91
CA SER C 712 -37.20 -33.22 17.63
C SER C 712 -36.18 -34.28 17.27
N ASN C 713 -36.13 -35.35 18.04
CA ASN C 713 -35.11 -36.33 17.73
C ASN C 713 -35.50 -37.27 16.62
N ASN C 714 -36.75 -37.28 16.18
CA ASN C 714 -37.18 -38.20 15.15
C ASN C 714 -37.94 -37.49 14.04
N SER C 715 -37.76 -36.19 13.88
CA SER C 715 -38.50 -35.40 12.91
C SER C 715 -37.57 -34.81 11.88
N ILE C 716 -37.92 -34.95 10.59
CA ILE C 716 -37.15 -34.41 9.49
C ILE C 716 -38.08 -33.72 8.50
N ALA C 717 -37.54 -32.72 7.79
CA ALA C 717 -38.26 -31.98 6.76
C ALA C 717 -37.60 -32.14 5.40
N ILE C 718 -38.32 -32.72 4.45
CA ILE C 718 -37.80 -32.99 3.10
C ILE C 718 -38.48 -32.05 2.11
N PRO C 719 -37.73 -31.33 1.28
CA PRO C 719 -38.31 -30.46 0.25
C PRO C 719 -39.11 -31.20 -0.82
N THR C 720 -40.30 -30.70 -1.14
CA THR C 720 -41.09 -31.36 -2.17
C THR C 720 -41.11 -30.63 -3.50
N ASN C 721 -40.41 -29.51 -3.64
CA ASN C 721 -40.42 -28.76 -4.89
C ASN C 721 -39.08 -28.05 -4.99
N PHE C 722 -38.87 -27.30 -6.07
CA PHE C 722 -37.62 -26.58 -6.24
C PHE C 722 -37.86 -25.27 -6.97
N THR C 723 -36.93 -24.35 -6.82
CA THR C 723 -36.98 -23.08 -7.52
C THR C 723 -35.63 -22.78 -8.16
N ILE C 724 -35.62 -22.44 -9.43
CA ILE C 724 -34.41 -22.06 -10.14
C ILE C 724 -34.28 -20.55 -10.08
N SER C 725 -33.19 -20.04 -9.52
CA SER C 725 -33.02 -18.61 -9.33
C SER C 725 -31.75 -18.15 -10.01
N VAL C 726 -31.80 -17.00 -10.67
CA VAL C 726 -30.64 -16.40 -11.29
C VAL C 726 -30.28 -15.12 -10.55
N THR C 727 -29.02 -14.99 -10.14
CA THR C 727 -28.54 -13.86 -9.36
C THR C 727 -27.35 -13.24 -10.08
N THR C 728 -27.09 -11.98 -9.78
CA THR C 728 -26.05 -11.19 -10.45
C THR C 728 -24.93 -10.74 -9.53
N GLU C 729 -23.69 -11.00 -9.93
CA GLU C 729 -22.50 -10.56 -9.23
C GLU C 729 -21.64 -9.65 -10.10
N ILE C 730 -21.24 -8.50 -9.56
CA ILE C 730 -20.48 -7.49 -10.30
C ILE C 730 -19.11 -7.29 -9.68
N LEU C 731 -18.04 -7.46 -10.47
CA LEU C 731 -16.68 -7.34 -9.98
C LEU C 731 -15.84 -6.37 -10.80
N PRO C 732 -15.20 -5.37 -10.18
CA PRO C 732 -14.28 -4.49 -10.91
C PRO C 732 -13.02 -5.23 -11.36
N VAL C 733 -12.61 -5.03 -12.61
CA VAL C 733 -11.44 -5.74 -13.12
C VAL C 733 -10.27 -4.82 -13.45
N SER C 734 -10.51 -3.61 -13.94
CA SER C 734 -9.42 -2.76 -14.38
C SER C 734 -9.72 -1.31 -14.04
N MET C 735 -8.69 -0.49 -14.07
CA MET C 735 -8.83 0.94 -13.85
C MET C 735 -8.17 1.68 -15.00
N THR C 736 -8.55 2.93 -15.20
CA THR C 736 -8.02 3.72 -16.31
C THR C 736 -6.51 3.90 -16.21
N LYS C 737 -5.82 3.74 -17.34
CA LYS C 737 -4.38 3.86 -17.38
C LYS C 737 -4.01 5.32 -17.62
N THR C 738 -3.29 5.92 -16.67
CA THR C 738 -2.94 7.32 -16.72
C THR C 738 -1.44 7.47 -16.64
N SER C 739 -0.88 8.29 -17.52
CA SER C 739 0.54 8.57 -17.50
C SER C 739 0.74 10.06 -17.29
N VAL C 740 1.57 10.43 -16.33
CA VAL C 740 1.85 11.83 -16.05
C VAL C 740 3.32 12.09 -16.33
N ASP C 741 3.60 13.13 -17.10
CA ASP C 741 4.96 13.56 -17.35
C ASP C 741 5.38 14.44 -16.19
N CYS C 742 6.22 13.93 -15.29
CA CYS C 742 6.55 14.70 -14.10
C CYS C 742 7.10 16.07 -14.47
N THR C 743 8.04 16.14 -15.40
CA THR C 743 8.66 17.42 -15.70
C THR C 743 7.65 18.45 -16.18
N MET C 744 6.78 18.07 -17.10
CA MET C 744 5.83 19.03 -17.63
C MET C 744 4.90 19.51 -16.54
N TYR C 745 4.50 18.60 -15.66
CA TYR C 745 3.58 18.96 -14.60
C TYR C 745 4.24 19.94 -13.65
N ILE C 746 5.46 19.67 -13.23
CA ILE C 746 6.11 20.54 -12.26
C ILE C 746 6.55 21.83 -12.92
N CYS C 747 7.12 21.76 -14.11
CA CYS C 747 7.64 22.93 -14.78
C CYS C 747 6.88 23.08 -16.09
N GLY C 748 6.34 24.26 -16.31
CA GLY C 748 5.63 24.48 -17.56
C GLY C 748 6.50 24.88 -18.73
N ASP C 749 7.29 23.95 -19.27
CA ASP C 749 8.15 24.25 -20.40
C ASP C 749 9.11 25.39 -20.08
N SER C 750 9.57 25.43 -18.84
CA SER C 750 10.48 26.47 -18.38
C SER C 750 11.85 25.86 -18.15
N THR C 751 12.84 26.34 -18.89
CA THR C 751 14.19 25.79 -18.72
C THR C 751 14.71 26.06 -17.32
N GLU C 752 14.43 27.24 -16.78
CA GLU C 752 14.92 27.57 -15.45
C GLU C 752 14.44 26.55 -14.44
N CYS C 753 13.15 26.26 -14.45
CA CYS C 753 12.60 25.30 -13.51
C CYS C 753 13.24 23.94 -13.72
N SER C 754 13.42 23.52 -14.97
CA SER C 754 13.99 22.20 -15.23
C SER C 754 15.38 22.07 -14.64
N ASN C 755 16.21 23.10 -14.77
CA ASN C 755 17.55 23.03 -14.22
C ASN C 755 17.51 22.87 -12.71
N LEU C 756 16.61 23.60 -12.06
CA LEU C 756 16.50 23.45 -10.62
C LEU C 756 16.05 22.06 -10.29
N LEU C 757 15.17 21.50 -11.11
CA LEU C 757 14.67 20.18 -10.79
C LEU C 757 15.71 19.11 -11.04
N LEU C 758 16.81 19.41 -11.71
CA LEU C 758 17.85 18.39 -11.87
C LEU C 758 18.34 17.90 -10.53
N GLN C 759 18.39 18.77 -9.54
CA GLN C 759 18.72 18.33 -8.21
C GLN C 759 17.70 17.29 -7.85
N TYR C 760 18.06 16.33 -7.02
CA TYR C 760 17.15 15.22 -6.71
C TYR C 760 16.50 14.73 -7.98
N GLY C 761 17.35 14.37 -8.95
CA GLY C 761 16.84 13.99 -10.26
C GLY C 761 16.10 12.66 -10.28
N SER C 762 16.55 11.70 -9.48
CA SER C 762 15.94 10.38 -9.54
C SER C 762 14.44 10.43 -9.31
N PHE C 763 13.97 11.38 -8.51
CA PHE C 763 12.55 11.44 -8.16
C PHE C 763 11.65 11.38 -9.39
N CYS C 764 11.95 12.20 -10.39
CA CYS C 764 11.11 12.24 -11.58
C CYS C 764 11.01 10.86 -12.22
N THR C 765 12.15 10.21 -12.42
CA THR C 765 12.16 8.90 -13.06
C THR C 765 11.38 7.89 -12.24
N GLN C 766 11.58 7.88 -10.93
CA GLN C 766 10.90 6.92 -10.07
C GLN C 766 9.39 7.03 -10.27
N LEU C 767 8.88 8.25 -10.36
CA LEU C 767 7.44 8.44 -10.49
C LEU C 767 6.96 7.84 -11.80
N ASN C 768 7.56 8.20 -12.92
CA ASN C 768 7.07 7.68 -14.19
C ASN C 768 7.15 6.17 -14.19
N ARG C 769 8.23 5.62 -13.67
CA ARG C 769 8.36 4.18 -13.65
C ARG C 769 7.20 3.57 -12.87
N ALA C 770 6.85 4.15 -11.73
CA ALA C 770 5.79 3.55 -10.91
C ALA C 770 4.48 3.53 -11.67
N LEU C 771 4.09 4.67 -12.25
CA LEU C 771 2.82 4.73 -12.98
C LEU C 771 2.81 3.75 -14.13
N THR C 772 3.95 3.59 -14.79
CA THR C 772 4.02 2.66 -15.90
C THR C 772 3.69 1.27 -15.43
N GLY C 773 4.23 0.86 -14.29
CA GLY C 773 3.94 -0.46 -13.78
C GLY C 773 2.44 -0.63 -13.58
N ILE C 774 1.79 0.38 -13.03
CA ILE C 774 0.35 0.27 -12.80
C ILE C 774 -0.37 0.03 -14.11
N ALA C 775 0.00 0.77 -15.15
CA ALA C 775 -0.68 0.63 -16.43
C ALA C 775 -0.53 -0.78 -16.98
N VAL C 776 0.68 -1.33 -16.92
CA VAL C 776 0.89 -2.67 -17.45
C VAL C 776 0.00 -3.68 -16.75
N GLU C 777 -0.13 -3.58 -15.43
CA GLU C 777 -0.97 -4.55 -14.72
C GLU C 777 -2.39 -4.53 -15.24
N GLN C 778 -2.91 -3.35 -15.55
CA GLN C 778 -4.30 -3.30 -15.98
C GLN C 778 -4.51 -4.21 -17.15
N ASP C 779 -3.59 -4.23 -18.10
CA ASP C 779 -3.73 -5.14 -19.21
C ASP C 779 -3.67 -6.57 -18.74
N LYS C 780 -2.74 -6.87 -17.83
CA LYS C 780 -2.63 -8.23 -17.34
C LYS C 780 -3.93 -8.66 -16.69
N ASN C 781 -4.55 -7.78 -15.90
CA ASN C 781 -5.79 -8.15 -15.22
C ASN C 781 -6.83 -8.60 -16.22
N THR C 782 -7.04 -7.81 -17.28
CA THR C 782 -8.06 -8.15 -18.26
C THR C 782 -7.79 -9.49 -18.90
N GLN C 783 -6.55 -9.75 -19.31
CA GLN C 783 -6.27 -11.01 -19.99
C GLN C 783 -6.57 -12.19 -19.10
N GLU C 784 -6.23 -12.10 -17.83
CA GLU C 784 -6.44 -13.23 -16.94
C GLU C 784 -7.91 -13.56 -16.80
N VAL C 785 -8.77 -12.56 -16.83
CA VAL C 785 -10.17 -12.84 -16.59
C VAL C 785 -10.84 -13.34 -17.86
N PHE C 786 -10.55 -12.72 -19.00
CA PHE C 786 -11.28 -13.08 -20.21
C PHE C 786 -10.51 -14.01 -21.13
N ALA C 787 -9.25 -13.71 -21.41
CA ALA C 787 -8.48 -14.50 -22.36
C ALA C 787 -7.95 -15.79 -21.76
N GLN C 788 -8.85 -16.69 -21.39
CA GLN C 788 -8.41 -17.98 -20.86
C GLN C 788 -8.48 -19.09 -21.90
N VAL C 789 -9.56 -19.18 -22.63
CA VAL C 789 -9.71 -20.15 -23.70
C VAL C 789 -9.41 -19.43 -24.99
N LYS C 790 -8.65 -20.05 -25.88
CA LYS C 790 -8.24 -19.36 -27.09
C LYS C 790 -8.95 -19.86 -28.34
N GLN C 791 -10.14 -20.42 -28.20
CA GLN C 791 -10.92 -20.91 -29.33
C GLN C 791 -12.25 -20.20 -29.37
N ILE C 792 -12.72 -19.86 -30.57
CA ILE C 792 -14.00 -19.21 -30.75
C ILE C 792 -15.08 -20.28 -30.97
N TYR C 793 -16.21 -20.15 -30.28
CA TYR C 793 -17.33 -21.07 -30.38
C TYR C 793 -18.60 -20.34 -30.77
N LYS C 794 -19.42 -20.99 -31.60
CA LYS C 794 -20.69 -20.45 -32.06
C LYS C 794 -21.86 -21.39 -31.80
N THR C 795 -22.97 -20.87 -31.26
CA THR C 795 -24.17 -21.67 -31.08
C THR C 795 -24.90 -21.90 -32.41
N PRO C 796 -25.56 -23.05 -32.58
CA PRO C 796 -26.33 -23.27 -33.78
C PRO C 796 -27.50 -22.30 -33.89
N PRO C 797 -27.95 -22.00 -35.09
CA PRO C 797 -29.02 -21.01 -35.25
C PRO C 797 -30.41 -21.55 -34.95
N ILE C 798 -30.62 -21.97 -33.70
CA ILE C 798 -31.90 -22.57 -33.31
C ILE C 798 -32.51 -21.72 -32.21
N LYS C 799 -33.83 -21.77 -32.09
CA LYS C 799 -34.49 -20.85 -31.16
C LYS C 799 -34.44 -21.30 -29.71
N ASP C 800 -34.59 -22.58 -29.43
CA ASP C 800 -34.58 -23.08 -28.07
C ASP C 800 -33.75 -24.32 -27.94
N PHE C 801 -32.94 -24.39 -26.89
CA PHE C 801 -32.19 -25.61 -26.64
C PHE C 801 -32.99 -26.29 -25.55
N GLY C 802 -33.81 -27.26 -25.94
CA GLY C 802 -34.63 -27.92 -24.95
C GLY C 802 -35.53 -26.99 -24.18
N GLY C 803 -36.03 -25.92 -24.79
CA GLY C 803 -36.89 -25.01 -24.07
C GLY C 803 -36.21 -23.93 -23.25
N PHE C 804 -34.89 -23.82 -23.28
CA PHE C 804 -34.15 -22.78 -22.58
C PHE C 804 -33.85 -21.68 -23.58
N ASN C 805 -34.38 -20.49 -23.36
CA ASN C 805 -34.29 -19.43 -24.36
C ASN C 805 -32.88 -18.90 -24.65
N PHE C 806 -32.13 -18.46 -23.65
CA PHE C 806 -30.75 -17.95 -23.83
C PHE C 806 -30.66 -16.73 -24.73
N SER C 807 -31.76 -16.16 -25.18
CA SER C 807 -31.71 -15.06 -26.14
C SER C 807 -31.02 -13.82 -25.60
N GLN C 808 -31.28 -13.49 -24.34
CA GLN C 808 -30.77 -12.24 -23.79
C GLN C 808 -29.24 -12.18 -23.78
N ILE C 809 -28.59 -13.27 -23.42
CA ILE C 809 -27.13 -13.31 -23.38
C ILE C 809 -26.46 -13.29 -24.77
N LEU C 810 -27.10 -13.87 -25.78
CA LEU C 810 -26.52 -13.96 -27.13
C LEU C 810 -26.40 -12.62 -27.84
N PRO C 811 -25.40 -12.47 -28.72
CA PRO C 811 -25.20 -11.20 -29.43
C PRO C 811 -26.32 -10.78 -30.35
N ASP C 812 -26.52 -9.47 -30.45
CA ASP C 812 -27.58 -8.84 -31.21
C ASP C 812 -27.02 -7.86 -32.24
N PRO C 813 -27.44 -7.92 -33.49
CA PRO C 813 -27.00 -6.92 -34.47
C PRO C 813 -27.44 -5.50 -34.15
N SER C 814 -28.64 -5.33 -33.61
CA SER C 814 -29.14 -3.99 -33.28
C SER C 814 -28.27 -3.28 -32.25
N LYS C 815 -27.73 -4.03 -31.29
CA LYS C 815 -26.93 -3.43 -30.24
C LYS C 815 -25.69 -2.79 -30.83
N PRO C 816 -25.17 -1.73 -30.21
CA PRO C 816 -24.09 -0.96 -30.85
C PRO C 816 -22.83 -1.72 -31.20
N SER C 817 -22.31 -2.57 -30.34
CA SER C 817 -21.05 -3.23 -30.67
C SER C 817 -21.27 -4.70 -30.96
N LYS C 818 -22.48 -5.05 -31.37
CA LYS C 818 -22.85 -6.44 -31.57
C LYS C 818 -22.92 -7.15 -30.23
N ARG C 819 -23.15 -6.38 -29.18
CA ARG C 819 -23.20 -6.92 -27.84
C ARG C 819 -24.54 -7.55 -27.57
N SER C 820 -24.63 -8.23 -26.45
CA SER C 820 -25.87 -8.85 -26.06
C SER C 820 -26.83 -7.82 -25.52
N PHE C 821 -28.07 -8.23 -25.33
CA PHE C 821 -29.07 -7.31 -24.80
C PHE C 821 -28.68 -6.85 -23.40
N ILE C 822 -28.30 -7.78 -22.54
CA ILE C 822 -27.94 -7.40 -21.17
C ILE C 822 -26.70 -6.54 -21.18
N GLU C 823 -25.69 -6.93 -21.96
CA GLU C 823 -24.45 -6.17 -21.96
C GLU C 823 -24.71 -4.75 -22.39
N ASP C 824 -25.59 -4.57 -23.37
CA ASP C 824 -25.90 -3.23 -23.83
C ASP C 824 -26.41 -2.40 -22.67
N LEU C 825 -27.32 -2.97 -21.89
CA LEU C 825 -27.88 -2.28 -20.74
C LEU C 825 -26.77 -1.86 -19.79
N LEU C 826 -25.82 -2.75 -19.52
CA LEU C 826 -24.75 -2.46 -18.57
C LEU C 826 -23.95 -1.24 -19.01
N PHE C 827 -23.58 -1.17 -20.28
CA PHE C 827 -22.75 -0.05 -20.71
C PHE C 827 -23.48 1.27 -20.63
N ASN C 828 -24.80 1.28 -20.71
CA ASN C 828 -25.49 2.55 -20.59
C ASN C 828 -25.51 3.03 -19.15
N LYS C 829 -25.76 2.15 -18.18
CA LYS C 829 -25.86 2.61 -16.81
C LYS C 829 -24.57 3.24 -16.31
N VAL C 830 -23.44 2.58 -16.49
CA VAL C 830 -22.19 3.17 -16.02
C VAL C 830 -21.89 4.42 -16.83
N THR C 831 -21.49 5.49 -16.16
CA THR C 831 -21.24 6.75 -16.84
C THR C 831 -19.88 7.32 -16.47
N PHE C 859 -4.84 18.52 -19.87
CA PHE C 859 -3.62 19.04 -20.48
C PHE C 859 -2.45 18.77 -19.53
N ASN C 860 -1.61 19.76 -19.27
CA ASN C 860 -0.40 19.61 -18.44
C ASN C 860 0.33 18.39 -18.97
N GLY C 861 0.78 17.47 -18.13
CA GLY C 861 1.41 16.26 -18.62
C GLY C 861 0.50 15.06 -18.47
N LEU C 862 -0.74 15.25 -18.10
CA LEU C 862 -1.63 14.14 -17.86
C LEU C 862 -2.12 13.59 -19.18
N THR C 863 -2.19 12.28 -19.27
CA THR C 863 -2.65 11.64 -20.49
C THR C 863 -3.25 10.30 -20.11
N VAL C 864 -4.20 9.84 -20.90
CA VAL C 864 -4.83 8.54 -20.70
C VAL C 864 -4.42 7.61 -21.83
N LEU C 865 -3.93 6.43 -21.48
CA LEU C 865 -3.45 5.45 -22.44
C LEU C 865 -4.55 4.45 -22.74
N PRO C 866 -4.76 4.13 -24.01
CA PRO C 866 -5.83 3.23 -24.38
C PRO C 866 -5.59 1.81 -23.91
N PRO C 867 -6.65 1.14 -23.47
CA PRO C 867 -6.54 -0.25 -23.05
C PRO C 867 -6.15 -1.15 -24.21
N LEU C 868 -5.32 -2.15 -23.93
CA LEU C 868 -4.86 -3.04 -24.99
C LEU C 868 -6.02 -3.78 -25.64
N LEU C 869 -6.93 -4.32 -24.85
CA LEU C 869 -8.05 -5.07 -25.42
C LEU C 869 -9.26 -4.14 -25.55
N THR C 870 -9.68 -3.91 -26.77
CA THR C 870 -10.82 -3.07 -27.05
C THR C 870 -12.09 -3.74 -26.54
N ASP C 871 -13.13 -2.94 -26.33
CA ASP C 871 -14.38 -3.50 -25.82
C ASP C 871 -14.91 -4.57 -26.75
N GLU C 872 -14.76 -4.38 -28.05
CA GLU C 872 -15.26 -5.39 -28.98
C GLU C 872 -14.56 -6.72 -28.76
N MET C 873 -13.25 -6.69 -28.53
CA MET C 873 -12.54 -7.93 -28.29
C MET C 873 -13.06 -8.61 -27.04
N ILE C 874 -13.25 -7.85 -25.97
CA ILE C 874 -13.75 -8.44 -24.74
C ILE C 874 -15.12 -9.01 -24.96
N ALA C 875 -15.95 -8.31 -25.73
CA ALA C 875 -17.28 -8.82 -26.00
C ALA C 875 -17.18 -10.15 -26.71
N GLN C 876 -16.28 -10.26 -27.67
CA GLN C 876 -16.14 -11.51 -28.40
C GLN C 876 -15.70 -12.64 -27.49
N TYR C 877 -14.79 -12.36 -26.55
CA TYR C 877 -14.38 -13.40 -25.62
C TYR C 877 -15.57 -13.93 -24.83
N THR C 878 -16.39 -13.04 -24.29
CA THR C 878 -17.53 -13.48 -23.48
C THR C 878 -18.44 -14.38 -24.28
N SER C 879 -18.72 -14.03 -25.51
CA SER C 879 -19.62 -14.81 -26.35
C SER C 879 -19.07 -16.21 -26.53
N ALA C 880 -17.76 -16.33 -26.76
CA ALA C 880 -17.14 -17.63 -26.97
C ALA C 880 -17.32 -18.49 -25.73
N LEU C 881 -17.06 -17.92 -24.56
CA LEU C 881 -17.22 -18.66 -23.32
C LEU C 881 -18.65 -19.12 -23.18
N LEU C 882 -19.58 -18.23 -23.45
CA LEU C 882 -21.00 -18.53 -23.34
C LEU C 882 -21.38 -19.66 -24.30
N ALA C 883 -20.96 -19.55 -25.55
CA ALA C 883 -21.31 -20.54 -26.57
C ALA C 883 -20.73 -21.90 -26.20
N GLY C 884 -19.48 -21.92 -25.81
CA GLY C 884 -18.84 -23.17 -25.42
C GLY C 884 -19.59 -23.87 -24.31
N THR C 885 -20.10 -23.12 -23.36
CA THR C 885 -20.83 -23.68 -22.23
C THR C 885 -22.17 -24.25 -22.66
N ILE C 886 -22.84 -23.60 -23.59
CA ILE C 886 -24.16 -24.04 -23.98
C ILE C 886 -24.08 -25.30 -24.81
N THR C 887 -23.01 -25.49 -25.56
CA THR C 887 -22.93 -26.62 -26.46
C THR C 887 -22.08 -27.75 -25.95
N SER C 888 -21.05 -27.48 -25.16
CA SER C 888 -20.11 -28.50 -24.71
C SER C 888 -20.01 -28.62 -23.20
N GLY C 889 -20.85 -27.93 -22.46
CA GLY C 889 -20.81 -28.01 -21.00
C GLY C 889 -19.50 -27.58 -20.37
N TRP C 890 -18.90 -28.44 -19.54
CA TRP C 890 -17.67 -28.03 -18.88
C TRP C 890 -16.46 -28.71 -19.48
N THR C 891 -16.58 -29.27 -20.66
CA THR C 891 -15.50 -30.02 -21.26
C THR C 891 -14.58 -29.18 -22.10
N PHE C 892 -14.93 -27.96 -22.43
CA PHE C 892 -14.11 -27.17 -23.32
C PHE C 892 -13.00 -26.46 -22.57
N GLY C 893 -13.04 -26.50 -21.26
CA GLY C 893 -12.07 -25.83 -20.42
C GLY C 893 -11.05 -26.81 -19.91
N ALA C 894 -11.33 -28.10 -20.08
CA ALA C 894 -10.46 -29.15 -19.56
C ALA C 894 -9.83 -29.99 -20.66
N GLY C 895 -9.98 -29.62 -21.91
CA GLY C 895 -9.41 -30.36 -23.01
C GLY C 895 -10.28 -30.23 -24.25
N PRO C 896 -10.34 -31.29 -25.03
CA PRO C 896 -11.13 -31.24 -26.27
C PRO C 896 -12.58 -30.96 -25.94
N ALA C 897 -13.20 -30.02 -26.65
CA ALA C 897 -14.61 -29.73 -26.42
C ALA C 897 -15.50 -30.75 -27.09
N LEU C 898 -16.35 -31.42 -26.32
CA LEU C 898 -17.26 -32.42 -26.87
C LEU C 898 -18.71 -32.00 -26.71
N GLN C 899 -19.51 -32.20 -27.76
CA GLN C 899 -20.90 -31.77 -27.74
C GLN C 899 -21.78 -32.67 -26.88
N ILE C 900 -22.80 -32.06 -26.27
CA ILE C 900 -23.76 -32.82 -25.48
C ILE C 900 -25.08 -32.07 -25.54
N PRO C 901 -26.22 -32.73 -25.73
CA PRO C 901 -27.50 -32.03 -25.72
C PRO C 901 -27.68 -31.21 -24.46
N PHE C 902 -28.17 -29.98 -24.60
CA PHE C 902 -28.26 -29.12 -23.44
C PHE C 902 -29.13 -29.73 -22.36
N PRO C 903 -30.24 -30.33 -22.75
CA PRO C 903 -31.12 -30.91 -21.74
C PRO C 903 -30.36 -31.94 -20.92
N MET C 904 -29.54 -32.75 -21.58
CA MET C 904 -28.76 -33.77 -20.88
C MET C 904 -27.70 -33.15 -20.01
N GLN C 905 -27.11 -32.05 -20.43
CA GLN C 905 -26.12 -31.37 -19.61
C GLN C 905 -26.71 -30.99 -18.26
N MET C 906 -27.93 -30.46 -18.26
CA MET C 906 -28.54 -30.07 -16.99
C MET C 906 -28.71 -31.27 -16.10
N ALA C 907 -29.01 -32.43 -16.66
CA ALA C 907 -29.12 -33.62 -15.84
C ALA C 907 -27.83 -33.89 -15.11
N TYR C 908 -26.69 -33.72 -15.76
CA TYR C 908 -25.41 -33.90 -15.09
C TYR C 908 -25.27 -32.92 -13.95
N ARG C 909 -25.69 -31.68 -14.16
CA ARG C 909 -25.59 -30.67 -13.12
C ARG C 909 -26.40 -31.08 -11.91
N PHE C 910 -27.59 -31.64 -12.13
CA PHE C 910 -28.43 -32.04 -11.01
C PHE C 910 -27.73 -33.10 -10.18
N ASN C 911 -27.06 -34.05 -10.83
CA ASN C 911 -26.34 -35.05 -10.06
C ASN C 911 -25.27 -34.41 -9.21
N GLY C 912 -24.64 -33.36 -9.69
CA GLY C 912 -23.62 -32.73 -8.86
C GLY C 912 -24.20 -32.18 -7.58
N ILE C 913 -25.37 -31.54 -7.65
CA ILE C 913 -25.93 -30.97 -6.43
C ILE C 913 -26.49 -32.08 -5.55
N GLY C 914 -26.78 -33.23 -6.12
CA GLY C 914 -27.27 -34.35 -5.36
C GLY C 914 -28.69 -34.79 -5.61
N VAL C 915 -29.24 -34.51 -6.78
CA VAL C 915 -30.59 -34.90 -7.13
C VAL C 915 -30.53 -35.83 -8.32
N THR C 916 -31.30 -36.91 -8.29
CA THR C 916 -31.25 -37.86 -9.39
C THR C 916 -31.69 -37.20 -10.69
N GLN C 917 -31.12 -37.67 -11.80
CA GLN C 917 -31.41 -37.08 -13.09
C GLN C 917 -32.88 -37.21 -13.49
N ASN C 918 -33.57 -38.26 -13.07
CA ASN C 918 -34.96 -38.42 -13.48
C ASN C 918 -35.74 -37.17 -13.14
N VAL C 919 -35.39 -36.53 -12.03
CA VAL C 919 -36.12 -35.35 -11.57
C VAL C 919 -36.12 -34.30 -12.66
N LEU C 920 -35.00 -34.11 -13.34
CA LEU C 920 -34.96 -33.10 -14.38
C LEU C 920 -35.80 -33.50 -15.58
N TYR C 921 -35.65 -34.73 -16.06
CA TYR C 921 -36.36 -35.13 -17.25
C TYR C 921 -37.86 -35.12 -17.04
N GLU C 922 -38.32 -35.33 -15.83
CA GLU C 922 -39.74 -35.39 -15.59
C GLU C 922 -40.32 -34.02 -15.33
N ASN C 923 -39.49 -33.02 -15.13
CA ASN C 923 -39.93 -31.68 -14.87
C ASN C 923 -39.20 -30.73 -15.79
N GLN C 924 -38.82 -31.22 -16.97
CA GLN C 924 -38.02 -30.41 -17.87
C GLN C 924 -38.75 -29.13 -18.21
N LYS C 925 -40.01 -29.23 -18.61
CA LYS C 925 -40.76 -28.06 -19.03
C LYS C 925 -40.81 -27.03 -17.91
N LEU C 926 -41.13 -27.48 -16.70
CA LEU C 926 -41.25 -26.56 -15.58
C LEU C 926 -39.94 -25.84 -15.34
N ILE C 927 -38.84 -26.59 -15.32
CA ILE C 927 -37.53 -26.01 -15.06
C ILE C 927 -37.21 -24.99 -16.13
N ALA C 928 -37.49 -25.29 -17.38
CA ALA C 928 -37.19 -24.35 -18.45
C ALA C 928 -37.95 -23.06 -18.25
N ASN C 929 -39.24 -23.13 -17.93
CA ASN C 929 -40.00 -21.90 -17.73
C ASN C 929 -39.42 -21.11 -16.58
N GLN C 930 -39.12 -21.77 -15.48
CA GLN C 930 -38.55 -21.07 -14.34
C GLN C 930 -37.29 -20.35 -14.75
N PHE C 931 -36.41 -21.05 -15.47
CA PHE C 931 -35.16 -20.43 -15.87
C PHE C 931 -35.45 -19.21 -16.72
N ASN C 932 -36.33 -19.34 -17.72
CA ASN C 932 -36.60 -18.21 -18.61
C ASN C 932 -37.15 -17.04 -17.82
N SER C 933 -38.05 -17.30 -16.88
CA SER C 933 -38.61 -16.21 -16.10
C SER C 933 -37.54 -15.47 -15.34
N ALA C 934 -36.62 -16.22 -14.71
CA ALA C 934 -35.58 -15.56 -13.93
C ALA C 934 -34.76 -14.65 -14.82
N ILE C 935 -34.37 -15.11 -16.00
CA ILE C 935 -33.57 -14.29 -16.90
C ILE C 935 -34.31 -13.02 -17.23
N GLY C 936 -35.62 -13.11 -17.46
CA GLY C 936 -36.39 -11.93 -17.77
C GLY C 936 -36.31 -10.89 -16.69
N LYS C 937 -36.30 -11.31 -15.43
CA LYS C 937 -36.25 -10.34 -14.34
C LYS C 937 -34.91 -9.61 -14.32
N ILE C 938 -33.83 -10.29 -14.71
CA ILE C 938 -32.51 -9.66 -14.64
C ILE C 938 -32.53 -8.29 -15.28
N GLN C 939 -33.05 -8.20 -16.49
CA GLN C 939 -33.03 -6.91 -17.17
C GLN C 939 -33.73 -5.86 -16.32
N ASP C 940 -34.92 -6.18 -15.85
CA ASP C 940 -35.68 -5.24 -15.04
C ASP C 940 -34.93 -4.84 -13.79
N SER C 941 -34.33 -5.81 -13.11
CA SER C 941 -33.61 -5.52 -11.88
C SER C 941 -32.53 -4.48 -12.07
N LEU C 942 -31.63 -4.69 -13.04
CA LEU C 942 -30.56 -3.73 -13.25
C LEU C 942 -31.10 -2.34 -13.54
N SER C 943 -32.11 -2.25 -14.40
CA SER C 943 -32.66 -0.95 -14.77
C SER C 943 -33.29 -0.25 -13.58
N SER C 944 -34.13 -0.95 -12.82
CA SER C 944 -34.83 -0.30 -11.72
C SER C 944 -33.86 0.18 -10.66
N THR C 945 -32.94 -0.67 -10.25
CA THR C 945 -32.00 -0.32 -9.19
C THR C 945 -30.88 0.52 -9.79
N PRO C 946 -30.88 1.82 -9.50
CA PRO C 946 -29.84 2.69 -10.01
C PRO C 946 -28.49 2.33 -9.41
N SER C 947 -28.47 1.93 -8.14
CA SER C 947 -27.23 1.59 -7.45
C SER C 947 -26.76 0.19 -7.75
N ALA C 948 -27.35 -0.48 -8.74
CA ALA C 948 -26.98 -1.84 -9.06
C ALA C 948 -25.52 -1.94 -9.44
N LEU C 949 -25.04 -1.01 -10.27
CA LEU C 949 -23.67 -1.01 -10.73
C LEU C 949 -22.83 -0.03 -9.94
N GLY C 950 -23.20 0.21 -8.70
CA GLY C 950 -22.47 1.17 -7.90
C GLY C 950 -21.03 0.77 -7.75
N LYS C 951 -20.77 -0.52 -7.61
CA LYS C 951 -19.41 -0.97 -7.40
C LYS C 951 -18.53 -0.51 -8.55
N LEU C 952 -18.95 -0.75 -9.78
CA LEU C 952 -18.17 -0.33 -10.94
C LEU C 952 -18.08 1.19 -11.00
N GLN C 953 -19.18 1.87 -10.71
CA GLN C 953 -19.21 3.32 -10.78
C GLN C 953 -18.22 3.93 -9.80
N ASP C 954 -18.12 3.36 -8.60
CA ASP C 954 -17.20 3.89 -7.60
C ASP C 954 -15.80 4.00 -8.16
N VAL C 955 -15.35 2.94 -8.83
CA VAL C 955 -14.00 2.95 -9.38
C VAL C 955 -13.83 4.16 -10.28
N VAL C 956 -14.79 4.39 -11.17
CA VAL C 956 -14.66 5.52 -12.08
C VAL C 956 -14.55 6.83 -11.31
N ASN C 957 -15.43 7.02 -10.32
CA ASN C 957 -15.41 8.29 -9.59
C ASN C 957 -14.08 8.51 -8.89
N GLN C 958 -13.59 7.49 -8.20
CA GLN C 958 -12.35 7.68 -7.45
C GLN C 958 -11.23 8.14 -8.36
N ASN C 959 -11.07 7.49 -9.52
CA ASN C 959 -9.97 7.90 -10.37
C ASN C 959 -10.15 9.35 -10.77
N ALA C 960 -11.36 9.71 -11.20
CA ALA C 960 -11.61 11.07 -11.64
C ALA C 960 -11.34 12.04 -10.51
N GLN C 961 -11.82 11.70 -9.32
CA GLN C 961 -11.64 12.59 -8.18
C GLN C 961 -10.17 12.86 -7.96
N ALA C 962 -9.36 11.81 -7.97
CA ALA C 962 -7.95 11.95 -7.72
C ALA C 962 -7.33 12.87 -8.75
N LEU C 963 -7.67 12.65 -10.02
CA LEU C 963 -7.07 13.44 -11.08
C LEU C 963 -7.46 14.91 -10.97
N ASN C 964 -8.70 15.19 -10.56
CA ASN C 964 -9.09 16.59 -10.42
C ASN C 964 -8.23 17.26 -9.38
N THR C 965 -8.01 16.57 -8.26
CA THR C 965 -7.25 17.15 -7.18
C THR C 965 -5.86 17.50 -7.66
N LEU C 966 -5.24 16.61 -8.43
CA LEU C 966 -3.89 16.85 -8.89
C LEU C 966 -3.85 18.14 -9.69
N VAL C 967 -4.80 18.29 -10.60
CA VAL C 967 -4.87 19.46 -11.46
C VAL C 967 -5.09 20.71 -10.63
N LYS C 968 -5.97 20.64 -9.64
CA LYS C 968 -6.28 21.78 -8.79
C LYS C 968 -5.04 22.27 -8.07
N GLN C 969 -4.20 21.35 -7.63
CA GLN C 969 -3.02 21.69 -6.86
C GLN C 969 -2.13 22.65 -7.62
N LEU C 970 -2.21 22.69 -8.94
CA LEU C 970 -1.32 23.56 -9.68
C LEU C 970 -1.61 25.03 -9.42
N SER C 971 -2.70 25.35 -8.74
CA SER C 971 -3.05 26.73 -8.49
C SER C 971 -2.73 27.18 -7.08
N SER C 972 -1.98 26.38 -6.32
CA SER C 972 -1.63 26.68 -4.95
C SER C 972 -0.29 27.42 -4.92
N ASN C 973 -0.19 28.41 -4.06
CA ASN C 973 1.07 29.15 -3.96
C ASN C 973 2.16 28.40 -3.22
N PHE C 974 1.81 27.65 -2.20
CA PHE C 974 2.74 26.90 -1.37
C PHE C 974 3.69 27.83 -0.66
N GLY C 975 3.38 29.11 -0.61
CA GLY C 975 4.19 30.10 0.07
C GLY C 975 4.88 31.05 -0.87
N ALA C 976 4.83 30.83 -2.17
CA ALA C 976 5.46 31.69 -3.13
C ALA C 976 4.60 32.91 -3.38
N ILE C 977 5.16 33.92 -4.04
CA ILE C 977 4.38 35.11 -4.33
C ILE C 977 3.22 34.76 -5.23
N SER C 978 3.42 33.85 -6.18
CA SER C 978 2.35 33.52 -7.11
C SER C 978 2.42 32.05 -7.46
N SER C 979 1.31 31.54 -8.00
CA SER C 979 1.22 30.18 -8.45
C SER C 979 1.42 30.03 -9.94
N VAL C 980 1.72 31.12 -10.63
CA VAL C 980 1.98 31.09 -12.07
C VAL C 980 3.46 31.24 -12.25
N LEU C 981 4.09 30.18 -12.76
CA LEU C 981 5.54 30.20 -12.91
C LEU C 981 5.99 31.33 -13.82
N ASN C 982 5.30 31.53 -14.94
CA ASN C 982 5.72 32.55 -15.90
C ASN C 982 5.79 33.93 -15.25
N ASP C 983 4.85 34.23 -14.36
CA ASP C 983 4.84 35.52 -13.71
C ASP C 983 6.12 35.74 -12.94
N ILE C 984 6.47 34.81 -12.05
CA ILE C 984 7.69 34.97 -11.28
C ILE C 984 8.84 35.19 -12.24
N LEU C 985 8.88 34.42 -13.32
CA LEU C 985 9.95 34.55 -14.27
C LEU C 985 9.90 35.90 -14.96
N SER C 986 8.72 36.46 -15.12
CA SER C 986 8.57 37.72 -15.84
C SER C 986 8.75 38.93 -14.94
N ARG C 987 9.00 38.74 -13.65
CA ARG C 987 9.12 39.85 -12.72
C ARG C 987 10.45 39.80 -11.99
N LEU C 988 10.64 38.85 -11.10
CA LEU C 988 11.85 38.79 -10.30
C LEU C 988 13.06 38.42 -11.15
N ASP C 989 14.23 38.86 -10.70
CA ASP C 989 15.50 38.57 -11.36
C ASP C 989 15.92 37.14 -11.04
N PRO C 990 16.87 36.59 -11.79
CA PRO C 990 17.28 35.18 -11.59
C PRO C 990 17.58 34.83 -10.14
N PRO C 991 18.41 35.59 -9.43
CA PRO C 991 18.75 35.15 -8.06
C PRO C 991 17.53 34.98 -7.19
N GLU C 992 16.66 35.99 -7.17
CA GLU C 992 15.47 35.95 -6.34
C GLU C 992 14.48 34.92 -6.83
N ALA C 993 14.29 34.84 -8.15
CA ALA C 993 13.32 33.90 -8.68
C ALA C 993 13.58 32.50 -8.16
N GLU C 994 14.84 32.08 -8.14
CA GLU C 994 15.17 30.74 -7.68
C GLU C 994 14.44 30.42 -6.39
N VAL C 995 14.49 31.33 -5.43
CA VAL C 995 13.87 31.06 -4.14
C VAL C 995 12.39 30.76 -4.33
N GLN C 996 11.69 31.62 -5.06
CA GLN C 996 10.26 31.44 -5.24
C GLN C 996 9.99 30.14 -5.98
N ILE C 997 10.73 29.88 -7.04
CA ILE C 997 10.49 28.67 -7.83
C ILE C 997 10.68 27.44 -6.96
N ASP C 998 11.70 27.45 -6.11
CA ASP C 998 11.95 26.28 -5.28
C ASP C 998 10.73 25.96 -4.44
N ARG C 999 10.08 26.97 -3.89
CA ARG C 999 8.89 26.70 -3.10
C ARG C 999 7.88 25.96 -3.96
N LEU C 1000 7.60 26.46 -5.16
CA LEU C 1000 6.62 25.80 -6.01
C LEU C 1000 7.07 24.39 -6.33
N ILE C 1001 8.35 24.21 -6.68
CA ILE C 1001 8.79 22.87 -7.04
C ILE C 1001 8.55 21.92 -5.89
N THR C 1002 8.90 22.35 -4.68
CA THR C 1002 8.74 21.47 -3.54
C THR C 1002 7.29 21.07 -3.39
N GLY C 1003 6.38 22.04 -3.45
CA GLY C 1003 4.98 21.71 -3.26
C GLY C 1003 4.46 20.83 -4.37
N ARG C 1004 4.74 21.19 -5.62
CA ARG C 1004 4.21 20.40 -6.73
C ARG C 1004 4.78 19.01 -6.71
N LEU C 1005 6.04 18.88 -6.35
CA LEU C 1005 6.66 17.57 -6.28
C LEU C 1005 5.94 16.71 -5.27
N GLN C 1006 5.63 17.29 -4.11
CA GLN C 1006 4.95 16.54 -3.07
C GLN C 1006 3.58 16.09 -3.57
N SER C 1007 2.88 16.97 -4.30
CA SER C 1007 1.55 16.64 -4.79
C SER C 1007 1.59 15.39 -5.67
N LEU C 1008 2.59 15.27 -6.53
CA LEU C 1008 2.68 14.09 -7.37
C LEU C 1008 2.87 12.85 -6.54
N GLN C 1009 3.83 12.88 -5.61
CA GLN C 1009 4.08 11.67 -4.84
C GLN C 1009 2.82 11.22 -4.16
N THR C 1010 2.07 12.14 -3.57
CA THR C 1010 0.84 11.72 -2.92
C THR C 1010 -0.05 11.04 -3.92
N TYR C 1011 -0.22 11.63 -5.09
CA TYR C 1011 -1.07 11.02 -6.10
C TYR C 1011 -0.58 9.63 -6.46
N VAL C 1012 0.71 9.50 -6.72
CA VAL C 1012 1.25 8.21 -7.15
C VAL C 1012 1.03 7.17 -6.06
N THR C 1013 1.27 7.54 -4.82
CA THR C 1013 1.12 6.60 -3.73
C THR C 1013 -0.31 6.10 -3.67
N GLN C 1014 -1.28 7.00 -3.80
CA GLN C 1014 -2.66 6.55 -3.71
C GLN C 1014 -2.95 5.58 -4.84
N GLN C 1015 -2.48 5.86 -6.05
CA GLN C 1015 -2.75 4.94 -7.13
C GLN C 1015 -2.16 3.58 -6.86
N LEU C 1016 -0.96 3.52 -6.29
CA LEU C 1016 -0.38 2.22 -6.03
C LEU C 1016 -1.26 1.43 -5.08
N ILE C 1017 -1.69 2.06 -4.00
CA ILE C 1017 -2.52 1.35 -3.05
C ILE C 1017 -3.84 0.99 -3.69
N ARG C 1018 -4.43 1.92 -4.41
CA ARG C 1018 -5.70 1.66 -5.04
C ARG C 1018 -5.58 0.53 -6.06
N ALA C 1019 -4.50 0.55 -6.84
CA ALA C 1019 -4.29 -0.46 -7.86
C ALA C 1019 -4.22 -1.84 -7.24
N ALA C 1020 -3.58 -1.95 -6.08
CA ALA C 1020 -3.47 -3.22 -5.39
C ALA C 1020 -4.83 -3.77 -5.11
N GLU C 1021 -5.75 -2.92 -4.67
CA GLU C 1021 -7.10 -3.36 -4.38
C GLU C 1021 -7.75 -3.93 -5.64
N ILE C 1022 -7.60 -3.23 -6.77
CA ILE C 1022 -8.19 -3.70 -8.01
C ILE C 1022 -7.60 -5.03 -8.38
N ARG C 1023 -6.29 -5.19 -8.20
CA ARG C 1023 -5.67 -6.45 -8.59
C ARG C 1023 -6.26 -7.59 -7.79
N ALA C 1024 -6.48 -7.39 -6.50
CA ALA C 1024 -7.10 -8.42 -5.69
C ALA C 1024 -8.44 -8.78 -6.28
N SER C 1025 -9.22 -7.77 -6.63
CA SER C 1025 -10.53 -7.99 -7.21
C SER C 1025 -10.42 -8.75 -8.51
N ALA C 1026 -9.45 -8.40 -9.36
CA ALA C 1026 -9.30 -9.09 -10.63
C ALA C 1026 -8.99 -10.56 -10.42
N ASN C 1027 -8.15 -10.88 -9.45
CA ASN C 1027 -7.81 -12.27 -9.19
C ASN C 1027 -9.04 -13.04 -8.77
N LEU C 1028 -9.88 -12.43 -7.94
CA LEU C 1028 -11.10 -13.11 -7.56
C LEU C 1028 -11.97 -13.34 -8.79
N ALA C 1029 -12.07 -12.34 -9.65
CA ALA C 1029 -12.88 -12.49 -10.85
C ALA C 1029 -12.36 -13.62 -11.71
N ALA C 1030 -11.04 -13.73 -11.81
CA ALA C 1030 -10.45 -14.80 -12.60
C ALA C 1030 -10.80 -16.15 -12.02
N THR C 1031 -10.75 -16.27 -10.69
CA THR C 1031 -11.09 -17.53 -10.06
C THR C 1031 -12.53 -17.91 -10.34
N LYS C 1032 -13.44 -16.94 -10.25
CA LYS C 1032 -14.84 -17.24 -10.50
C LYS C 1032 -15.05 -17.67 -11.93
N MET C 1033 -14.33 -17.05 -12.86
CA MET C 1033 -14.48 -17.44 -14.25
C MET C 1033 -14.13 -18.90 -14.43
N SER C 1034 -13.07 -19.36 -13.78
CA SER C 1034 -12.65 -20.74 -13.97
C SER C 1034 -13.53 -21.69 -13.21
N GLU C 1035 -13.84 -21.40 -11.96
CA GLU C 1035 -14.59 -22.33 -11.13
C GLU C 1035 -16.08 -22.25 -11.39
N CYS C 1036 -16.64 -21.06 -11.48
CA CYS C 1036 -18.09 -20.95 -11.62
C CYS C 1036 -18.52 -21.15 -13.08
N VAL C 1037 -17.82 -20.56 -14.03
CA VAL C 1037 -18.26 -20.62 -15.42
C VAL C 1037 -17.78 -21.88 -16.10
N LEU C 1038 -16.53 -22.26 -15.92
CA LEU C 1038 -15.98 -23.41 -16.62
C LEU C 1038 -16.12 -24.68 -15.84
N GLY C 1039 -16.94 -24.70 -14.80
CA GLY C 1039 -17.18 -25.92 -14.04
C GLY C 1039 -18.28 -25.66 -13.05
N GLN C 1040 -18.67 -26.72 -12.34
CA GLN C 1040 -19.67 -26.60 -11.29
C GLN C 1040 -18.99 -26.61 -9.93
N SER C 1041 -19.14 -25.52 -9.20
CA SER C 1041 -18.47 -25.37 -7.92
C SER C 1041 -19.23 -25.99 -6.76
N LYS C 1042 -18.49 -26.54 -5.79
CA LYS C 1042 -19.13 -27.08 -4.60
C LYS C 1042 -18.98 -26.17 -3.40
N ARG C 1043 -18.22 -25.09 -3.53
CA ARG C 1043 -18.07 -24.13 -2.46
C ARG C 1043 -19.44 -23.56 -2.13
N VAL C 1044 -19.71 -23.32 -0.85
CA VAL C 1044 -21.05 -22.91 -0.43
C VAL C 1044 -21.55 -21.66 -1.15
N ASP C 1045 -20.90 -20.53 -0.97
CA ASP C 1045 -21.47 -19.33 -1.59
C ASP C 1045 -20.45 -18.65 -2.47
N PHE C 1046 -19.60 -19.44 -3.09
CA PHE C 1046 -18.65 -18.87 -4.00
C PHE C 1046 -19.33 -18.39 -5.28
N CYS C 1047 -20.35 -19.12 -5.74
CA CYS C 1047 -21.04 -18.79 -6.98
C CYS C 1047 -22.53 -18.65 -6.72
N GLY C 1048 -22.92 -17.64 -5.97
CA GLY C 1048 -24.32 -17.35 -5.72
C GLY C 1048 -24.86 -18.12 -4.52
N LYS C 1049 -26.06 -17.75 -4.10
CA LYS C 1049 -26.69 -18.42 -2.98
C LYS C 1049 -27.52 -19.60 -3.48
N GLY C 1050 -27.43 -20.72 -2.80
CA GLY C 1050 -28.10 -21.93 -3.19
C GLY C 1050 -27.08 -22.90 -3.75
N TYR C 1051 -27.56 -24.01 -4.30
CA TYR C 1051 -26.67 -24.99 -4.90
C TYR C 1051 -26.39 -24.58 -6.33
N HIS C 1052 -25.14 -24.27 -6.63
CA HIS C 1052 -24.74 -23.78 -7.94
C HIS C 1052 -24.95 -24.80 -9.03
N LEU C 1053 -25.48 -24.34 -10.17
CA LEU C 1053 -25.64 -25.17 -11.36
C LEU C 1053 -24.75 -24.70 -12.50
N MET C 1054 -24.83 -23.43 -12.91
CA MET C 1054 -23.99 -22.94 -13.98
C MET C 1054 -23.95 -21.43 -13.91
N SER C 1055 -22.95 -20.82 -14.54
CA SER C 1055 -22.81 -19.38 -14.58
C SER C 1055 -22.48 -18.87 -15.96
N PHE C 1056 -22.94 -17.66 -16.27
CA PHE C 1056 -22.71 -17.04 -17.55
C PHE C 1056 -21.98 -15.71 -17.37
N PRO C 1057 -20.94 -15.45 -18.12
CA PRO C 1057 -20.20 -14.19 -18.02
C PRO C 1057 -20.67 -13.07 -18.92
N GLN C 1058 -20.92 -11.87 -18.42
CA GLN C 1058 -21.29 -10.75 -19.27
C GLN C 1058 -20.32 -9.61 -19.04
N SER C 1059 -19.77 -9.05 -20.12
CA SER C 1059 -18.85 -7.93 -20.00
C SER C 1059 -19.55 -6.67 -19.53
N ALA C 1060 -18.88 -5.90 -18.70
CA ALA C 1060 -19.36 -4.65 -18.16
C ALA C 1060 -18.20 -3.67 -18.23
N PRO C 1061 -18.46 -2.38 -18.23
CA PRO C 1061 -17.34 -1.44 -18.37
C PRO C 1061 -16.40 -1.59 -17.19
N HIS C 1062 -15.14 -1.79 -17.50
CA HIS C 1062 -14.08 -1.94 -16.51
C HIS C 1062 -14.42 -3.03 -15.50
N GLY C 1063 -15.00 -4.12 -15.95
CA GLY C 1063 -15.41 -5.15 -15.01
C GLY C 1063 -16.14 -6.28 -15.70
N VAL C 1064 -16.66 -7.20 -14.91
CA VAL C 1064 -17.42 -8.33 -15.41
C VAL C 1064 -18.63 -8.57 -14.54
N VAL C 1065 -19.71 -9.04 -15.15
CA VAL C 1065 -20.94 -9.41 -14.45
C VAL C 1065 -21.19 -10.90 -14.63
N PHE C 1066 -21.42 -11.61 -13.55
CA PHE C 1066 -21.65 -13.06 -13.58
C PHE C 1066 -23.10 -13.36 -13.24
N LEU C 1067 -23.77 -14.13 -14.07
CA LEU C 1067 -25.13 -14.56 -13.79
C LEU C 1067 -25.05 -15.97 -13.25
N HIS C 1068 -25.47 -16.19 -12.01
CA HIS C 1068 -25.33 -17.49 -11.39
C HIS C 1068 -26.68 -18.20 -11.34
N VAL C 1069 -26.76 -19.38 -11.91
CA VAL C 1069 -27.98 -20.19 -11.87
C VAL C 1069 -27.85 -21.19 -10.74
N THR C 1070 -28.79 -21.17 -9.80
CA THR C 1070 -28.74 -22.02 -8.63
C THR C 1070 -30.07 -22.73 -8.43
N TYR C 1071 -30.03 -23.84 -7.70
CA TYR C 1071 -31.21 -24.63 -7.39
C TYR C 1071 -31.59 -24.39 -5.94
N VAL C 1072 -32.78 -23.87 -5.68
CA VAL C 1072 -33.21 -23.58 -4.32
C VAL C 1072 -34.36 -24.51 -3.94
N PRO C 1073 -34.21 -25.35 -2.92
CA PRO C 1073 -35.32 -26.20 -2.47
C PRO C 1073 -36.52 -25.41 -1.97
N ALA C 1074 -37.72 -25.98 -2.10
CA ALA C 1074 -38.93 -25.28 -1.70
C ALA C 1074 -40.03 -26.25 -1.29
N GLN C 1075 -41.07 -25.72 -0.64
CA GLN C 1075 -42.26 -26.46 -0.21
C GLN C 1075 -41.95 -27.70 0.62
N GLU C 1076 -41.41 -27.46 1.80
CA GLU C 1076 -41.03 -28.51 2.73
C GLU C 1076 -42.18 -29.12 3.51
N LYS C 1077 -42.04 -30.40 3.83
CA LYS C 1077 -43.00 -31.14 4.64
C LYS C 1077 -42.25 -31.92 5.70
N ASN C 1078 -42.86 -32.10 6.86
CA ASN C 1078 -42.22 -32.76 7.98
C ASN C 1078 -42.67 -34.22 8.08
N PHE C 1079 -41.72 -35.12 8.28
CA PHE C 1079 -41.97 -36.56 8.41
C PHE C 1079 -41.17 -37.12 9.57
N THR C 1080 -41.63 -38.27 10.08
CA THR C 1080 -40.88 -38.98 11.11
C THR C 1080 -39.75 -39.75 10.46
N THR C 1081 -38.62 -39.84 11.15
CA THR C 1081 -37.44 -40.49 10.60
C THR C 1081 -36.83 -41.48 11.58
N ALA C 1082 -36.18 -42.52 11.05
CA ALA C 1082 -35.50 -43.52 11.85
C ALA C 1082 -34.10 -43.77 11.31
N PRO C 1083 -33.11 -43.96 12.20
CA PRO C 1083 -31.77 -44.28 11.72
C PRO C 1083 -31.64 -45.59 10.98
N ALA C 1084 -32.27 -46.64 11.44
CA ALA C 1084 -32.14 -47.95 10.82
C ALA C 1084 -33.44 -48.70 10.96
N ILE C 1085 -33.61 -49.74 10.14
CA ILE C 1085 -34.78 -50.60 10.19
C ILE C 1085 -34.37 -52.00 10.63
N CYS C 1086 -35.02 -52.54 11.63
CA CYS C 1086 -34.70 -53.86 12.17
C CYS C 1086 -35.59 -54.92 11.53
N HIS C 1087 -35.00 -55.79 10.71
CA HIS C 1087 -35.72 -56.87 10.05
C HIS C 1087 -34.95 -58.16 10.31
N ASP C 1088 -35.62 -59.17 10.87
CA ASP C 1088 -34.98 -60.46 11.15
C ASP C 1088 -33.73 -60.26 11.97
N GLY C 1089 -33.76 -59.31 12.89
CA GLY C 1089 -32.61 -59.15 13.72
C GLY C 1089 -31.43 -58.52 13.02
N LYS C 1090 -31.61 -57.94 11.84
CA LYS C 1090 -30.53 -57.33 11.10
C LYS C 1090 -30.84 -55.86 10.90
N ALA C 1091 -29.89 -55.00 11.24
CA ALA C 1091 -30.09 -53.59 10.98
C ALA C 1091 -29.92 -53.30 9.49
N HIS C 1092 -30.78 -52.46 8.95
CA HIS C 1092 -30.72 -52.03 7.56
C HIS C 1092 -30.51 -50.53 7.52
N PHE C 1093 -29.52 -50.10 6.77
CA PHE C 1093 -29.19 -48.70 6.63
C PHE C 1093 -29.34 -48.31 5.17
N PRO C 1094 -29.94 -47.17 4.86
CA PRO C 1094 -30.15 -46.83 3.45
C PRO C 1094 -28.84 -46.54 2.75
N ARG C 1095 -28.62 -47.16 1.60
CA ARG C 1095 -27.37 -46.90 0.89
C ARG C 1095 -27.28 -45.43 0.52
N GLU C 1096 -28.37 -44.87 0.02
CA GLU C 1096 -28.43 -43.46 -0.35
C GLU C 1096 -29.83 -42.98 -0.03
N GLY C 1097 -29.92 -41.98 0.81
CA GLY C 1097 -31.18 -41.39 1.20
C GLY C 1097 -31.45 -41.55 2.67
N VAL C 1098 -32.69 -41.30 3.05
CA VAL C 1098 -33.11 -41.35 4.44
C VAL C 1098 -34.44 -42.06 4.55
N PHE C 1099 -34.65 -42.76 5.66
CA PHE C 1099 -35.93 -43.43 5.92
C PHE C 1099 -36.97 -42.47 6.45
N VAL C 1100 -38.08 -42.30 5.73
CA VAL C 1100 -39.13 -41.39 6.15
C VAL C 1100 -40.41 -42.19 6.35
N SER C 1101 -41.31 -41.64 7.14
CA SER C 1101 -42.57 -42.30 7.47
C SER C 1101 -43.74 -41.34 7.49
N ASN C 1102 -44.71 -41.53 6.61
CA ASN C 1102 -45.91 -40.70 6.64
C ASN C 1102 -46.98 -41.55 7.27
N GLY C 1103 -47.56 -41.08 8.36
CA GLY C 1103 -48.50 -41.98 9.01
C GLY C 1103 -47.79 -43.25 9.42
N THR C 1104 -48.31 -44.38 8.97
CA THR C 1104 -47.78 -45.68 9.36
C THR C 1104 -46.93 -46.38 8.32
N HIS C 1105 -46.55 -45.72 7.24
CA HIS C 1105 -45.82 -46.36 6.16
C HIS C 1105 -44.40 -45.84 6.11
N TRP C 1106 -43.44 -46.74 6.00
CA TRP C 1106 -42.03 -46.39 5.98
C TRP C 1106 -41.47 -46.48 4.57
N PHE C 1107 -40.74 -45.46 4.14
CA PHE C 1107 -40.19 -45.42 2.79
C PHE C 1107 -38.77 -44.92 2.88
N VAL C 1108 -38.04 -44.99 1.76
CA VAL C 1108 -36.69 -44.45 1.68
C VAL C 1108 -36.69 -43.42 0.58
N THR C 1109 -36.16 -42.23 0.85
CA THR C 1109 -36.19 -41.15 -0.11
C THR C 1109 -34.84 -40.45 -0.22
N GLN C 1110 -34.55 -39.89 -1.39
CA GLN C 1110 -33.34 -39.11 -1.54
C GLN C 1110 -33.47 -37.87 -0.65
N ARG C 1111 -32.36 -37.42 -0.09
CA ARG C 1111 -32.44 -36.33 0.87
C ARG C 1111 -32.92 -35.00 0.28
N ASN C 1112 -32.41 -34.61 -0.86
CA ASN C 1112 -32.73 -33.30 -1.43
C ASN C 1112 -34.19 -33.15 -1.88
N PHE C 1113 -34.77 -34.17 -2.49
CA PHE C 1113 -36.11 -34.08 -3.06
C PHE C 1113 -36.94 -35.25 -2.61
N TYR C 1114 -38.22 -35.02 -2.37
CA TYR C 1114 -39.06 -36.08 -1.83
C TYR C 1114 -39.59 -37.02 -2.90
N GLU C 1115 -39.03 -38.22 -2.96
CA GLU C 1115 -39.48 -39.25 -3.89
C GLU C 1115 -39.59 -40.58 -3.15
N PRO C 1116 -40.69 -40.81 -2.44
CA PRO C 1116 -40.81 -42.02 -1.61
C PRO C 1116 -40.77 -43.33 -2.40
N GLN C 1117 -39.97 -44.27 -1.93
CA GLN C 1117 -39.86 -45.59 -2.55
C GLN C 1117 -39.88 -46.67 -1.49
N ILE C 1118 -40.46 -47.82 -1.84
CA ILE C 1118 -40.58 -48.92 -0.88
C ILE C 1118 -39.21 -49.43 -0.49
N ILE C 1119 -39.03 -49.73 0.80
CA ILE C 1119 -37.77 -50.27 1.27
C ILE C 1119 -37.56 -51.67 0.73
N THR C 1120 -36.39 -51.91 0.17
CA THR C 1120 -36.05 -53.18 -0.44
C THR C 1120 -34.59 -53.45 -0.16
N THR C 1121 -34.19 -54.69 -0.38
CA THR C 1121 -32.80 -55.07 -0.21
C THR C 1121 -31.90 -54.27 -1.13
N ASP C 1122 -32.39 -53.95 -2.33
CA ASP C 1122 -31.57 -53.22 -3.30
C ASP C 1122 -31.15 -51.84 -2.81
N ASN C 1123 -32.03 -51.12 -2.14
CA ASN C 1123 -31.68 -49.75 -1.75
C ASN C 1123 -31.10 -49.61 -0.35
N THR C 1124 -30.94 -50.70 0.40
CA THR C 1124 -30.46 -50.67 1.77
C THR C 1124 -29.35 -51.69 1.94
N PHE C 1125 -28.49 -51.49 2.94
CA PHE C 1125 -27.44 -52.45 3.23
C PHE C 1125 -27.52 -52.86 4.70
N VAL C 1126 -27.13 -54.10 4.97
CA VAL C 1126 -27.18 -54.68 6.31
C VAL C 1126 -25.88 -54.56 7.07
N SER C 1127 -25.91 -53.94 8.24
CA SER C 1127 -24.70 -53.71 9.00
C SER C 1127 -24.49 -54.61 10.21
N GLY C 1128 -25.52 -55.26 10.75
CA GLY C 1128 -25.29 -56.05 11.96
C GLY C 1128 -26.61 -56.44 12.61
N ASN C 1129 -26.57 -56.61 13.93
CA ASN C 1129 -27.77 -56.99 14.67
C ASN C 1129 -28.58 -55.74 14.98
N CYS C 1130 -29.55 -55.84 15.87
CA CYS C 1130 -30.42 -54.72 16.19
C CYS C 1130 -30.28 -54.18 17.60
N ASP C 1131 -29.08 -54.22 18.17
CA ASP C 1131 -28.91 -53.83 19.57
C ASP C 1131 -28.15 -52.54 19.75
N VAL C 1132 -27.05 -52.37 19.05
CA VAL C 1132 -26.21 -51.19 19.26
C VAL C 1132 -26.92 -49.91 18.85
N VAL C 1133 -27.56 -49.91 17.69
CA VAL C 1133 -28.19 -48.69 17.17
C VAL C 1133 -29.27 -48.19 18.11
N ILE C 1134 -29.32 -46.88 18.30
CA ILE C 1134 -30.31 -46.24 19.16
C ILE C 1134 -31.33 -45.54 18.28
N GLY C 1135 -32.60 -45.91 18.45
CA GLY C 1135 -33.66 -45.35 17.65
C GLY C 1135 -34.14 -46.23 16.52
N ILE C 1136 -33.57 -47.42 16.37
CA ILE C 1136 -33.97 -48.32 15.30
C ILE C 1136 -35.43 -48.70 15.45
N VAL C 1137 -36.16 -48.70 14.35
CA VAL C 1137 -37.58 -49.03 14.37
C VAL C 1137 -37.82 -50.32 13.60
N ASN C 1138 -38.84 -51.05 14.01
CA ASN C 1138 -39.16 -52.32 13.37
C ASN C 1138 -39.99 -52.13 12.12
N ASN C 1139 -39.67 -52.87 11.07
CA ASN C 1139 -40.44 -52.77 9.83
C ASN C 1139 -40.00 -53.94 8.95
N THR C 1140 -40.70 -54.14 7.84
CA THR C 1140 -40.41 -55.23 6.93
C THR C 1140 -39.67 -54.72 5.72
N VAL C 1141 -38.60 -55.40 5.34
CA VAL C 1141 -37.84 -55.02 4.15
C VAL C 1141 -38.17 -56.01 3.04
N TYR C 1142 -38.86 -55.52 2.01
CA TYR C 1142 -39.31 -56.37 0.92
C TYR C 1142 -38.11 -56.95 0.19
N ASP C 1143 -38.26 -58.17 -0.34
CA ASP C 1143 -37.21 -58.81 -1.11
C ASP C 1143 -37.66 -59.04 -2.55
N PRO C 1144 -36.95 -58.53 -3.54
CA PRO C 1144 -37.36 -58.74 -4.94
C PRO C 1144 -37.33 -60.19 -5.41
N LEU C 1145 -36.35 -60.98 -4.98
CA LEU C 1145 -36.23 -62.35 -5.46
C LEU C 1145 -37.35 -63.25 -4.96
N GLN C 1146 -37.83 -63.04 -3.75
CA GLN C 1146 -38.81 -63.96 -3.17
C GLN C 1146 -40.07 -64.14 -4.02
N PRO C 1147 -40.71 -63.09 -4.55
CA PRO C 1147 -41.90 -63.33 -5.37
C PRO C 1147 -41.62 -64.16 -6.61
N GLU C 1148 -40.50 -63.94 -7.31
CA GLU C 1148 -40.21 -64.77 -8.48
C GLU C 1148 -40.07 -66.23 -8.08
N LEU C 1149 -39.40 -66.48 -6.98
CA LEU C 1149 -39.20 -67.83 -6.48
C LEU C 1149 -40.49 -68.35 -5.85
N GLU D 1 -49.53 -31.62 37.21
CA GLU D 1 -49.56 -31.55 38.66
C GLU D 1 -48.18 -31.28 39.23
N VAL D 2 -47.66 -30.08 38.99
CA VAL D 2 -46.35 -29.70 39.47
C VAL D 2 -46.58 -28.90 40.74
N GLN D 3 -46.02 -29.35 41.84
CA GLN D 3 -46.23 -28.71 43.13
C GLN D 3 -44.90 -28.29 43.75
N LEU D 4 -44.79 -27.02 44.14
CA LEU D 4 -43.61 -26.51 44.83
C LEU D 4 -44.05 -26.06 46.22
N VAL D 5 -43.42 -26.60 47.25
CA VAL D 5 -43.79 -26.31 48.64
C VAL D 5 -42.63 -25.65 49.37
N GLU D 6 -42.89 -24.50 49.99
CA GLU D 6 -41.87 -23.74 50.71
C GLU D 6 -41.95 -24.04 52.19
N SER D 7 -40.80 -23.98 52.86
CA SER D 7 -40.74 -24.22 54.30
C SER D 7 -39.55 -23.48 54.88
N GLY D 8 -39.57 -23.31 56.21
CA GLY D 8 -38.49 -22.66 56.91
C GLY D 8 -38.62 -21.17 57.12
N GLY D 9 -39.74 -20.56 56.73
CA GLY D 9 -39.95 -19.15 56.99
C GLY D 9 -40.49 -18.90 58.39
N GLY D 10 -39.81 -18.05 59.14
CA GLY D 10 -40.16 -17.76 60.52
C GLY D 10 -39.59 -16.43 60.97
N LEU D 11 -40.09 -15.96 62.11
CA LEU D 11 -39.56 -14.73 62.68
C LEU D 11 -38.10 -14.89 63.08
N VAL D 12 -37.29 -13.88 62.76
CA VAL D 12 -35.87 -13.94 63.05
C VAL D 12 -35.40 -12.57 63.52
N GLN D 13 -34.48 -12.55 64.48
CA GLN D 13 -33.90 -11.30 64.94
C GLN D 13 -32.93 -10.75 63.90
N PRO D 14 -32.78 -9.43 63.83
CA PRO D 14 -31.89 -8.84 62.83
C PRO D 14 -30.46 -9.29 63.03
N GLY D 15 -29.78 -9.57 61.93
CA GLY D 15 -28.39 -9.98 61.94
C GLY D 15 -28.20 -11.48 62.05
N ARG D 16 -29.26 -12.24 62.28
CA ARG D 16 -29.21 -13.68 62.35
C ARG D 16 -29.30 -14.30 60.95
N SER D 17 -29.06 -15.60 60.86
CA SER D 17 -29.08 -16.34 59.61
C SER D 17 -30.22 -17.35 59.57
N LEU D 18 -30.96 -17.39 58.46
CA LEU D 18 -32.07 -18.31 58.25
C LEU D 18 -31.94 -19.03 56.92
N ARG D 19 -32.46 -20.26 56.87
CA ARG D 19 -32.40 -21.12 55.68
C ARG D 19 -33.81 -21.46 55.18
N LEU D 20 -34.01 -21.34 53.87
CA LEU D 20 -35.27 -21.66 53.22
C LEU D 20 -35.15 -22.88 52.34
N SER D 21 -36.08 -23.84 52.48
CA SER D 21 -36.04 -25.05 51.69
C SER D 21 -37.32 -25.17 50.88
N CYS D 22 -37.19 -25.45 49.58
CA CYS D 22 -38.33 -25.66 48.69
C CYS D 22 -38.35 -27.11 48.22
N ALA D 23 -39.49 -27.77 48.38
CA ALA D 23 -39.63 -29.17 47.97
C ALA D 23 -40.29 -29.23 46.59
N ALA D 24 -39.71 -30.01 45.69
CA ALA D 24 -40.18 -30.09 44.31
C ALA D 24 -40.73 -31.47 44.00
N SER D 25 -41.92 -31.51 43.42
CA SER D 25 -42.56 -32.78 43.07
C SER D 25 -43.31 -32.66 41.76
N GLY D 26 -43.51 -33.79 41.09
CA GLY D 26 -44.30 -33.81 39.87
C GLY D 26 -43.61 -33.45 38.58
N PHE D 27 -42.30 -33.23 38.58
CA PHE D 27 -41.56 -32.92 37.37
C PHE D 27 -40.12 -33.35 37.56
N THR D 28 -39.37 -33.41 36.47
CA THR D 28 -37.96 -33.77 36.59
C THR D 28 -37.20 -32.53 37.02
N PHE D 29 -36.74 -32.59 38.25
CA PHE D 29 -36.06 -31.53 38.94
C PHE D 29 -34.77 -31.12 38.27
N ASP D 30 -34.04 -32.06 37.70
CA ASP D 30 -32.74 -31.74 37.12
C ASP D 30 -32.77 -31.31 35.68
N ASP D 31 -33.87 -30.70 35.24
CA ASP D 31 -34.05 -30.36 33.84
C ASP D 31 -34.57 -28.94 33.72
N TYR D 32 -34.43 -28.14 34.77
CA TYR D 32 -34.97 -26.78 34.77
C TYR D 32 -34.26 -25.93 35.80
N ALA D 33 -34.07 -24.66 35.47
CA ALA D 33 -33.45 -23.75 36.41
C ALA D 33 -34.49 -23.35 37.46
N MET D 34 -34.02 -22.95 38.64
CA MET D 34 -34.94 -22.58 39.71
C MET D 34 -34.63 -21.16 40.16
N HIS D 35 -35.64 -20.43 40.61
CA HIS D 35 -35.43 -19.04 41.00
C HIS D 35 -36.14 -18.75 42.31
N TRP D 36 -35.67 -17.72 43.02
CA TRP D 36 -36.31 -17.28 44.26
C TRP D 36 -36.84 -15.87 44.04
N VAL D 37 -38.10 -15.65 44.38
CA VAL D 37 -38.69 -14.32 44.26
C VAL D 37 -39.37 -13.95 45.57
N ARG D 38 -39.23 -12.70 45.99
CA ARG D 38 -39.84 -12.23 47.24
C ARG D 38 -40.81 -11.10 46.96
N GLN D 39 -41.97 -11.15 47.60
CA GLN D 39 -42.96 -10.09 47.48
C GLN D 39 -42.98 -9.27 48.75
N THR D 40 -42.56 -8.01 48.64
CA THR D 40 -42.58 -7.14 49.80
C THR D 40 -44.02 -6.72 50.07
N PRO D 41 -44.42 -6.58 51.33
CA PRO D 41 -45.80 -6.14 51.60
C PRO D 41 -46.16 -4.81 50.97
N GLY D 42 -45.25 -3.84 51.04
CA GLY D 42 -45.52 -2.53 50.49
C GLY D 42 -44.89 -2.25 49.15
N LYS D 43 -44.21 -3.23 48.56
CA LYS D 43 -43.49 -3.02 47.32
C LYS D 43 -43.79 -4.16 46.36
N GLY D 44 -43.45 -3.93 45.10
CA GLY D 44 -43.69 -4.91 44.06
C GLY D 44 -42.71 -6.06 44.17
N LEU D 45 -42.98 -7.10 43.38
CA LEU D 45 -42.16 -8.30 43.43
C LEU D 45 -40.71 -7.99 43.10
N GLU D 46 -39.78 -8.62 43.82
CA GLU D 46 -38.36 -8.45 43.56
C GLU D 46 -37.69 -9.81 43.34
N TRP D 47 -36.97 -9.95 42.22
CA TRP D 47 -36.22 -11.17 41.94
C TRP D 47 -35.00 -11.29 42.82
N VAL D 48 -34.79 -12.45 43.44
CA VAL D 48 -33.68 -12.59 44.38
C VAL D 48 -32.50 -13.36 43.80
N SER D 49 -32.71 -14.58 43.32
CA SER D 49 -31.57 -15.37 42.85
C SER D 49 -32.03 -16.43 41.87
N GLY D 50 -31.12 -16.91 41.05
CA GLY D 50 -31.41 -17.98 40.12
C GLY D 50 -30.25 -18.93 39.96
N ILE D 51 -30.57 -20.21 39.78
CA ILE D 51 -29.57 -21.26 39.63
C ILE D 51 -29.92 -22.12 38.43
N SER D 52 -28.91 -22.60 37.72
CA SER D 52 -29.11 -23.44 36.56
C SER D 52 -29.35 -24.88 36.98
N TRP D 53 -29.46 -25.78 36.02
CA TRP D 53 -29.77 -27.17 36.35
C TRP D 53 -28.59 -27.85 37.03
N ASN D 54 -27.37 -27.57 36.60
CA ASN D 54 -26.19 -28.21 37.15
C ASN D 54 -25.51 -27.31 38.18
N SER D 55 -26.06 -26.14 38.44
CA SER D 55 -25.55 -25.13 39.36
C SER D 55 -24.38 -24.36 38.75
N GLY D 56 -24.12 -24.53 37.47
CA GLY D 56 -23.04 -23.80 36.83
C GLY D 56 -23.25 -22.29 36.80
N SER D 57 -24.47 -21.83 36.54
CA SER D 57 -24.76 -20.41 36.46
C SER D 57 -25.62 -19.96 37.63
N ILE D 58 -25.09 -19.04 38.45
CA ILE D 58 -25.80 -18.50 39.59
C ILE D 58 -25.79 -16.98 39.55
N GLY D 59 -26.94 -16.38 39.79
CA GLY D 59 -27.05 -14.93 39.82
C GLY D 59 -27.78 -14.46 41.06
N TYR D 60 -27.40 -13.26 41.52
CA TYR D 60 -28.01 -12.66 42.70
C TYR D 60 -28.35 -11.21 42.47
N ALA D 61 -29.38 -10.74 43.16
CA ALA D 61 -29.75 -9.34 43.11
C ALA D 61 -28.68 -8.52 43.80
N ASP D 62 -28.51 -7.28 43.37
CA ASP D 62 -27.43 -6.47 43.93
C ASP D 62 -27.59 -6.29 45.43
N SER D 63 -28.82 -6.09 45.89
CA SER D 63 -29.06 -5.87 47.31
C SER D 63 -28.65 -7.08 48.14
N VAL D 64 -28.93 -8.29 47.66
CA VAL D 64 -28.66 -9.49 48.43
C VAL D 64 -27.30 -10.09 48.17
N LYS D 65 -26.52 -9.52 47.27
CA LYS D 65 -25.24 -10.13 46.92
C LYS D 65 -24.31 -10.14 48.12
N GLY D 66 -23.64 -11.28 48.32
CA GLY D 66 -22.67 -11.41 49.38
C GLY D 66 -23.26 -11.86 50.70
N ARG D 67 -24.57 -11.91 50.82
CA ARG D 67 -25.23 -12.40 52.02
C ARG D 67 -26.14 -13.58 51.79
N PHE D 68 -26.48 -13.89 50.55
CA PHE D 68 -27.43 -14.95 50.23
C PHE D 68 -26.75 -15.98 49.35
N THR D 69 -26.93 -17.25 49.66
CA THR D 69 -26.39 -18.32 48.84
C THR D 69 -27.52 -19.23 48.41
N ILE D 70 -27.58 -19.55 47.12
CA ILE D 70 -28.57 -20.47 46.58
C ILE D 70 -27.91 -21.78 46.20
N SER D 71 -28.45 -22.88 46.66
CA SER D 71 -27.93 -24.21 46.36
C SER D 71 -29.07 -25.15 46.07
N ARG D 72 -28.81 -26.19 45.30
CA ARG D 72 -29.85 -27.15 44.96
C ARG D 72 -29.29 -28.56 45.09
N ASP D 73 -30.14 -29.48 45.50
CA ASP D 73 -29.79 -30.89 45.55
C ASP D 73 -30.67 -31.62 44.55
N ASN D 74 -30.07 -32.11 43.48
CA ASN D 74 -30.83 -32.79 42.44
C ASN D 74 -31.42 -34.10 42.96
N ALA D 75 -30.65 -34.84 43.75
CA ALA D 75 -31.13 -36.13 44.24
C ALA D 75 -32.34 -35.98 45.14
N LYS D 76 -32.34 -34.98 46.01
CA LYS D 76 -33.40 -34.75 46.98
C LYS D 76 -34.52 -33.88 46.45
N ASN D 77 -34.39 -33.35 45.23
CA ASN D 77 -35.38 -32.45 44.65
C ASN D 77 -35.65 -31.24 45.53
N SER D 78 -34.61 -30.65 46.07
CA SER D 78 -34.78 -29.54 47.01
C SER D 78 -33.96 -28.33 46.60
N LEU D 79 -34.54 -27.15 46.79
CA LEU D 79 -33.91 -25.88 46.50
C LEU D 79 -33.67 -25.14 47.82
N TYR D 80 -32.44 -24.70 48.06
CA TYR D 80 -32.07 -24.08 49.33
C TYR D 80 -31.57 -22.67 49.16
N LEU D 81 -32.09 -21.75 49.96
CA LEU D 81 -31.59 -20.38 50.00
C LEU D 81 -31.06 -20.15 51.41
N GLN D 82 -29.82 -19.71 51.51
CA GLN D 82 -29.24 -19.41 52.81
C GLN D 82 -29.17 -17.90 52.97
N MET D 83 -29.75 -17.39 54.04
CA MET D 83 -29.78 -15.95 54.27
C MET D 83 -28.98 -15.56 55.50
N ASN D 84 -28.07 -14.60 55.34
CA ASN D 84 -27.21 -14.14 56.42
C ASN D 84 -27.28 -12.64 56.50
N SER D 85 -26.93 -12.09 57.67
CA SER D 85 -26.97 -10.65 57.92
C SER D 85 -28.34 -10.05 57.61
N LEU D 86 -29.36 -10.72 58.10
CA LEU D 86 -30.74 -10.32 57.81
C LEU D 86 -31.04 -8.93 58.35
N ARG D 87 -31.83 -8.17 57.60
CA ARG D 87 -32.18 -6.79 57.92
C ARG D 87 -33.67 -6.60 57.82
N ALA D 88 -34.14 -5.46 58.34
CA ALA D 88 -35.57 -5.19 58.38
C ALA D 88 -36.19 -5.17 56.99
N GLU D 89 -35.46 -4.64 56.01
CA GLU D 89 -35.96 -4.56 54.64
C GLU D 89 -36.23 -5.94 54.06
N ASP D 90 -35.51 -6.95 54.52
CA ASP D 90 -35.68 -8.30 53.97
C ASP D 90 -37.07 -8.85 54.16
N THR D 91 -37.80 -8.44 55.20
CA THR D 91 -39.10 -9.06 55.45
C THR D 91 -39.97 -9.00 54.21
N ALA D 92 -40.46 -10.16 53.77
CA ALA D 92 -41.28 -10.28 52.58
C ALA D 92 -41.80 -11.70 52.49
N LEU D 93 -42.65 -11.94 51.49
CA LEU D 93 -43.14 -13.28 51.19
C LEU D 93 -42.27 -13.89 50.10
N TYR D 94 -41.58 -14.98 50.41
CA TYR D 94 -40.62 -15.61 49.51
C TYR D 94 -41.22 -16.76 48.71
N TYR D 95 -41.02 -16.75 47.39
CA TYR D 95 -41.57 -17.77 46.51
C TYR D 95 -40.48 -18.54 45.78
N CYS D 96 -40.55 -19.86 45.76
CA CYS D 96 -39.64 -20.65 44.94
C CYS D 96 -40.31 -20.95 43.60
N THR D 97 -39.63 -20.63 42.50
CA THR D 97 -40.26 -20.78 41.16
C THR D 97 -39.45 -21.75 40.29
N LYS D 98 -40.05 -22.21 39.19
CA LYS D 98 -39.35 -23.14 38.26
C LYS D 98 -39.18 -22.46 36.90
N ASP D 99 -37.94 -22.30 36.43
CA ASP D 99 -37.68 -21.64 35.13
C ASP D 99 -38.03 -22.61 33.99
N LEU D 100 -38.69 -22.10 32.95
CA LEU D 100 -39.05 -22.94 31.77
C LEU D 100 -37.77 -23.48 31.12
N GLY D 101 -36.68 -22.73 31.18
CA GLY D 101 -35.42 -23.15 30.53
C GLY D 101 -34.48 -23.87 31.48
N LEU D 102 -33.21 -24.01 31.09
CA LEU D 102 -32.21 -24.73 31.93
C LEU D 102 -31.23 -23.74 32.55
N GLY D 103 -31.50 -22.43 32.42
CA GLY D 103 -30.54 -21.42 32.92
C GLY D 103 -29.46 -21.16 31.90
N ILE D 104 -29.52 -21.84 30.76
CA ILE D 104 -28.54 -21.68 29.69
C ILE D 104 -29.30 -21.86 28.41
N GLY D 105 -28.98 -21.10 27.36
CA GLY D 105 -29.62 -21.30 26.08
C GLY D 105 -30.44 -20.10 25.67
N PHE D 106 -31.62 -20.38 25.15
CA PHE D 106 -32.46 -19.36 24.55
C PHE D 106 -33.85 -19.21 25.17
N TYR D 107 -34.30 -20.13 26.04
CA TYR D 107 -35.66 -20.08 26.57
C TYR D 107 -35.64 -19.73 28.05
N TYR D 108 -36.40 -18.69 28.43
CA TYR D 108 -36.39 -18.21 29.81
C TYR D 108 -37.79 -17.80 30.23
N GLY D 109 -38.02 -17.79 31.53
CA GLY D 109 -39.30 -17.42 32.11
C GLY D 109 -39.65 -18.28 33.31
N LEU D 110 -40.49 -17.75 34.19
CA LEU D 110 -40.83 -18.44 35.44
C LEU D 110 -42.17 -19.11 35.22
N ASP D 111 -42.13 -20.39 34.85
CA ASP D 111 -43.33 -21.16 34.54
C ASP D 111 -44.23 -21.47 35.73
N VAL D 112 -43.67 -21.91 36.86
CA VAL D 112 -44.47 -22.37 38.00
C VAL D 112 -44.06 -21.63 39.25
N TRP D 113 -45.05 -21.23 40.06
CA TRP D 113 -44.79 -20.52 41.29
C TRP D 113 -45.31 -21.28 42.50
N GLY D 114 -44.51 -21.36 43.54
CA GLY D 114 -44.94 -22.01 44.77
C GLY D 114 -45.86 -21.10 45.57
N GLN D 115 -46.54 -21.68 46.56
CA GLN D 115 -47.49 -20.88 47.34
C GLN D 115 -46.79 -19.75 48.09
N GLY D 116 -45.59 -20.00 48.61
CA GLY D 116 -44.82 -18.96 49.26
C GLY D 116 -44.77 -19.13 50.77
N THR D 117 -43.72 -18.55 51.36
CA THR D 117 -43.50 -18.58 52.80
C THR D 117 -43.16 -17.17 53.27
N THR D 118 -43.49 -16.88 54.52
CA THR D 118 -43.34 -15.55 55.08
C THR D 118 -42.16 -15.47 56.03
N VAL D 119 -41.26 -14.53 55.78
CA VAL D 119 -40.12 -14.27 56.65
C VAL D 119 -40.27 -12.89 57.23
N THR D 120 -40.22 -12.79 58.56
CA THR D 120 -40.30 -11.52 59.25
C THR D 120 -39.02 -11.26 60.02
N VAL D 121 -38.41 -10.10 59.81
CA VAL D 121 -37.21 -9.70 60.53
C VAL D 121 -37.60 -8.59 61.48
N SER D 122 -37.45 -8.83 62.78
CA SER D 122 -37.84 -7.84 63.77
C SER D 122 -37.08 -8.08 65.05
N SER D 123 -36.99 -7.04 65.87
CA SER D 123 -36.35 -7.14 67.16
C SER D 123 -37.40 -7.47 68.22
N ILE E 2 -30.18 -3.27 35.02
CA ILE E 2 -31.07 -2.73 34.01
C ILE E 2 -32.46 -2.43 34.52
N GLN E 3 -32.68 -1.17 34.84
CA GLN E 3 -33.97 -0.71 35.34
C GLN E 3 -35.07 -0.79 34.31
N MET E 4 -36.25 -1.21 34.75
CA MET E 4 -37.43 -1.34 33.91
C MET E 4 -38.43 -0.33 34.42
N THR E 5 -38.97 0.48 33.54
CA THR E 5 -39.95 1.49 33.89
C THR E 5 -41.27 1.12 33.26
N GLN E 6 -42.32 1.08 34.08
CA GLN E 6 -43.62 0.65 33.62
C GLN E 6 -44.60 1.81 33.77
N SER E 7 -45.34 2.10 32.71
CA SER E 7 -46.31 3.18 32.66
C SER E 7 -47.61 2.67 32.08
N PRO E 8 -48.75 3.24 32.50
CA PRO E 8 -48.98 4.12 33.64
C PRO E 8 -48.97 3.37 34.94
N SER E 9 -48.74 4.04 36.06
CA SER E 9 -48.74 3.33 37.33
C SER E 9 -50.10 2.72 37.63
N SER E 10 -51.17 3.45 37.37
CA SER E 10 -52.51 2.89 37.53
C SER E 10 -53.44 3.40 36.44
N LEU E 11 -54.38 2.55 36.04
CA LEU E 11 -55.39 2.98 35.08
C LEU E 11 -56.71 2.35 35.50
N SER E 12 -57.81 3.01 35.15
CA SER E 12 -59.15 2.51 35.40
C SER E 12 -59.90 2.38 34.08
N THR E 13 -60.45 1.20 33.81
CA THR E 13 -61.13 0.97 32.56
C THR E 13 -62.40 0.16 32.78
N SER E 14 -63.35 0.37 31.88
CA SER E 14 -64.61 -0.36 31.90
C SER E 14 -64.46 -1.71 31.22
N VAL E 15 -65.41 -2.60 31.50
CA VAL E 15 -65.40 -3.90 30.85
C VAL E 15 -65.57 -3.74 29.35
N GLY E 16 -64.85 -4.54 28.59
CA GLY E 16 -64.93 -4.44 27.15
C GLY E 16 -64.03 -3.39 26.54
N ASP E 17 -63.13 -2.79 27.31
CA ASP E 17 -62.26 -1.74 26.83
C ASP E 17 -60.85 -2.26 26.61
N ARG E 18 -60.28 -1.92 25.45
CA ARG E 18 -58.92 -2.33 25.15
C ARG E 18 -57.97 -1.68 26.14
N VAL E 19 -57.00 -2.44 26.66
CA VAL E 19 -56.01 -1.93 27.62
C VAL E 19 -54.59 -2.09 27.08
N THR E 20 -53.82 -1.00 27.11
CA THR E 20 -52.42 -1.04 26.70
C THR E 20 -51.50 -0.64 27.85
N ILE E 21 -50.50 -1.47 28.15
CA ILE E 21 -49.51 -1.18 29.18
C ILE E 21 -48.12 -1.20 28.56
N THR E 22 -47.31 -0.19 28.86
CA THR E 22 -46.00 -0.03 28.25
C THR E 22 -44.88 -0.20 29.27
N CYS E 23 -43.90 -1.04 28.92
CA CYS E 23 -42.72 -1.28 29.73
C CYS E 23 -41.48 -0.90 28.92
N ARG E 24 -40.57 -0.14 29.53
CA ARG E 24 -39.38 0.33 28.84
C ARG E 24 -38.14 -0.16 29.58
N ALA E 25 -37.04 -0.31 28.86
CA ALA E 25 -35.81 -0.85 29.42
C ALA E 25 -34.67 0.15 29.28
N SER E 26 -33.80 0.17 30.29
CA SER E 26 -32.67 1.08 30.24
C SER E 26 -31.74 0.80 29.07
N GLN E 27 -31.44 -0.46 28.80
CA GLN E 27 -30.60 -0.85 27.69
C GLN E 27 -31.27 -1.98 26.94
N GLY E 28 -30.85 -2.22 25.70
CA GLY E 28 -31.53 -3.25 24.93
C GLY E 28 -31.45 -4.63 25.54
N ILE E 29 -32.59 -5.30 25.62
CA ILE E 29 -32.71 -6.63 26.19
C ILE E 29 -33.06 -7.67 25.13
N ARG E 30 -32.87 -7.35 23.86
CA ARG E 30 -33.25 -8.19 22.74
C ARG E 30 -34.73 -8.55 22.91
N ASN E 31 -35.11 -9.82 22.92
CA ASN E 31 -36.50 -10.21 23.11
C ASN E 31 -36.82 -10.81 24.46
N ASP E 32 -35.96 -10.68 25.45
CA ASP E 32 -36.17 -11.35 26.72
C ASP E 32 -37.05 -10.51 27.63
N LEU E 33 -38.33 -10.84 27.72
CA LEU E 33 -39.21 -10.13 28.63
C LEU E 33 -40.39 -11.02 28.97
N GLY E 34 -40.99 -10.77 30.12
CA GLY E 34 -42.16 -11.53 30.51
C GLY E 34 -43.19 -10.64 31.16
N TRP E 35 -44.45 -11.01 31.01
CA TRP E 35 -45.54 -10.29 31.65
C TRP E 35 -46.16 -11.19 32.69
N TYR E 36 -46.27 -10.70 33.92
CA TYR E 36 -46.77 -11.47 35.05
C TYR E 36 -48.00 -10.84 35.66
N GLN E 37 -49.03 -11.64 35.90
CA GLN E 37 -50.28 -11.19 36.50
C GLN E 37 -50.32 -11.55 37.98
N LEU E 38 -50.50 -10.54 38.83
CA LEU E 38 -50.58 -10.75 40.27
C LEU E 38 -51.97 -10.39 40.76
N LYS E 39 -52.61 -11.33 41.44
CA LYS E 39 -53.93 -11.16 42.01
C LYS E 39 -53.86 -11.31 43.52
N PRO E 40 -54.66 -10.58 44.28
CA PRO E 40 -54.53 -10.64 45.74
C PRO E 40 -54.77 -12.06 46.23
N GLY E 41 -53.89 -12.53 47.10
CA GLY E 41 -54.03 -13.87 47.64
C GLY E 41 -53.65 -14.97 46.68
N LYS E 42 -53.02 -14.64 45.56
CA LYS E 42 -52.66 -15.59 44.54
C LYS E 42 -51.21 -15.43 44.13
N ALA E 43 -50.58 -16.53 43.77
CA ALA E 43 -49.22 -16.48 43.28
C ALA E 43 -49.22 -15.81 41.91
N PRO E 44 -48.16 -15.09 41.56
CA PRO E 44 -48.08 -14.52 40.21
C PRO E 44 -48.16 -15.58 39.13
N LYS E 45 -48.68 -15.18 37.99
CA LYS E 45 -48.89 -16.07 36.86
C LYS E 45 -48.20 -15.51 35.62
N LEU E 46 -47.57 -16.39 34.84
CA LEU E 46 -46.84 -16.02 33.63
C LEU E 46 -47.74 -15.91 32.42
N LEU E 47 -48.15 -14.69 32.06
CA LEU E 47 -48.99 -14.53 30.89
C LEU E 47 -48.21 -14.71 29.59
N ILE E 48 -47.14 -13.93 29.42
CA ILE E 48 -46.35 -13.92 28.20
C ILE E 48 -44.88 -14.10 28.51
N TYR E 49 -44.18 -14.82 27.67
CA TYR E 49 -42.74 -15.02 27.77
C TYR E 49 -42.15 -14.66 26.43
N ASP E 50 -40.83 -14.55 26.39
CA ASP E 50 -40.11 -14.09 25.21
C ASP E 50 -40.71 -12.72 24.88
N ALA E 51 -41.10 -12.45 23.66
CA ALA E 51 -41.76 -11.16 23.48
C ALA E 51 -43.26 -11.28 23.39
N SER E 52 -43.74 -12.18 22.54
CA SER E 52 -45.16 -12.34 22.28
C SER E 52 -45.70 -13.75 22.46
N THR E 53 -44.97 -14.65 23.08
CA THR E 53 -45.40 -16.04 23.17
C THR E 53 -46.27 -16.24 24.39
N LEU E 54 -47.55 -16.51 24.17
CA LEU E 54 -48.47 -16.77 25.27
C LEU E 54 -48.23 -18.14 25.88
N GLN E 55 -48.34 -18.21 27.20
CA GLN E 55 -48.23 -19.49 27.86
C GLN E 55 -49.48 -20.30 27.62
N SER E 56 -49.33 -21.62 27.64
CA SER E 56 -50.47 -22.49 27.48
C SER E 56 -51.48 -22.23 28.58
N GLY E 57 -52.75 -22.16 28.23
CA GLY E 57 -53.75 -21.90 29.24
C GLY E 57 -54.01 -20.44 29.51
N VAL E 58 -53.53 -19.55 28.67
CA VAL E 58 -53.73 -18.12 28.83
C VAL E 58 -54.72 -17.65 27.77
N PRO E 59 -55.73 -16.88 28.14
CA PRO E 59 -56.74 -16.45 27.18
C PRO E 59 -56.13 -15.62 26.07
N SER E 60 -56.72 -15.75 24.88
CA SER E 60 -56.25 -15.10 23.68
C SER E 60 -56.28 -13.59 23.76
N ARG E 61 -57.11 -13.02 24.63
CA ARG E 61 -57.24 -11.56 24.67
C ARG E 61 -55.90 -10.90 24.95
N PHE E 62 -55.11 -11.44 25.87
CA PHE E 62 -53.78 -10.91 26.14
C PHE E 62 -52.86 -11.07 24.95
N SER E 63 -52.11 -10.02 24.63
CA SER E 63 -51.19 -10.06 23.51
C SER E 63 -49.92 -9.30 23.88
N GLY E 64 -48.81 -9.72 23.31
CA GLY E 64 -47.51 -9.12 23.57
C GLY E 64 -46.87 -8.54 22.33
N SER E 65 -46.29 -7.35 22.47
CA SER E 65 -45.69 -6.69 21.33
C SER E 65 -44.45 -5.92 21.77
N GLY E 66 -43.63 -5.58 20.79
CA GLY E 66 -42.44 -4.77 21.02
C GLY E 66 -41.16 -5.56 20.99
N SER E 67 -40.08 -4.84 20.73
CA SER E 67 -38.75 -5.41 20.66
C SER E 67 -37.75 -4.39 21.21
N GLY E 68 -36.62 -4.91 21.65
CA GLY E 68 -35.55 -4.07 22.17
C GLY E 68 -35.95 -3.25 23.39
N THR E 69 -35.74 -1.94 23.32
CA THR E 69 -36.01 -1.09 24.49
C THR E 69 -37.48 -1.03 24.89
N ASP E 70 -38.39 -0.82 23.95
CA ASP E 70 -39.80 -0.60 24.24
C ASP E 70 -40.62 -1.87 24.11
N PHE E 71 -41.45 -2.15 25.12
CA PHE E 71 -42.30 -3.33 25.04
C PHE E 71 -43.72 -2.99 25.48
N THR E 72 -44.72 -3.69 24.92
CA THR E 72 -46.11 -3.38 25.20
C THR E 72 -46.96 -4.62 25.44
N LEU E 73 -47.91 -4.53 26.37
CA LEU E 73 -48.89 -5.59 26.66
C LEU E 73 -50.29 -5.08 26.39
N THR E 74 -51.08 -5.83 25.61
CA THR E 74 -52.42 -5.41 25.22
C THR E 74 -53.50 -6.44 25.54
N ILE E 75 -54.59 -5.98 26.14
CA ILE E 75 -55.76 -6.81 26.44
C ILE E 75 -56.91 -6.33 25.56
N SER E 76 -57.34 -7.16 24.60
CA SER E 76 -58.34 -6.71 23.64
C SER E 76 -59.63 -6.25 24.32
N SER E 77 -60.13 -7.04 25.27
CA SER E 77 -61.31 -6.66 26.04
C SER E 77 -61.06 -6.90 27.51
N LEU E 78 -61.34 -5.91 28.33
CA LEU E 78 -61.22 -6.06 29.77
C LEU E 78 -62.31 -6.98 30.29
N GLU E 79 -61.98 -7.76 31.31
CA GLU E 79 -62.94 -8.68 31.92
C GLU E 79 -62.86 -8.51 33.41
N PRO E 80 -63.87 -8.98 34.16
CA PRO E 80 -63.77 -8.91 35.61
C PRO E 80 -62.59 -9.69 36.16
N GLU E 81 -62.30 -10.85 35.57
CA GLU E 81 -61.15 -11.64 35.98
C GLU E 81 -59.85 -10.90 35.73
N ASP E 82 -59.79 -10.10 34.69
CA ASP E 82 -58.58 -9.41 34.28
C ASP E 82 -58.12 -8.34 35.24
N LEU E 83 -58.93 -7.92 36.21
CA LEU E 83 -58.53 -6.80 37.06
C LEU E 83 -57.52 -7.28 38.09
N ALA E 84 -56.24 -6.99 37.83
CA ALA E 84 -55.15 -7.38 38.69
C ALA E 84 -53.93 -6.54 38.33
N THR E 85 -52.94 -6.54 39.21
CA THR E 85 -51.69 -5.85 38.93
C THR E 85 -50.87 -6.62 37.89
N TYR E 86 -50.15 -5.89 37.05
CA TYR E 86 -49.33 -6.48 36.01
C TYR E 86 -47.88 -6.02 36.11
N TYR E 87 -46.94 -6.95 35.91
CA TYR E 87 -45.53 -6.66 36.05
C TYR E 87 -44.76 -7.16 34.82
N CYS E 88 -43.69 -6.45 34.47
CA CYS E 88 -42.81 -6.85 33.38
C CYS E 88 -41.44 -7.18 33.94
N LEU E 89 -40.92 -8.37 33.60
CA LEU E 89 -39.63 -8.81 34.08
C LEU E 89 -38.69 -9.04 32.91
N HIS E 90 -37.51 -8.44 32.93
CA HIS E 90 -36.54 -8.70 31.89
C HIS E 90 -35.77 -9.97 32.24
N HIS E 91 -35.47 -10.80 31.25
CA HIS E 91 -34.70 -12.01 31.45
C HIS E 91 -33.32 -11.93 30.82
N TYR E 92 -32.88 -10.75 30.41
CA TYR E 92 -31.63 -10.64 29.66
C TYR E 92 -30.39 -11.08 30.42
N THR E 93 -30.20 -10.60 31.64
CA THR E 93 -28.94 -10.94 32.30
C THR E 93 -29.14 -10.83 33.78
N TYR E 94 -28.40 -11.61 34.54
CA TYR E 94 -28.52 -11.46 35.98
C TYR E 94 -27.91 -10.11 36.38
N PRO E 95 -28.54 -9.39 37.31
CA PRO E 95 -29.82 -9.70 37.97
C PRO E 95 -31.06 -9.32 37.20
N TRP E 96 -32.03 -10.22 37.13
CA TRP E 96 -33.30 -9.91 36.51
C TRP E 96 -34.02 -8.87 37.34
N THR E 97 -34.65 -7.90 36.69
CA THR E 97 -35.30 -6.80 37.40
C THR E 97 -36.78 -6.69 37.05
N PHE E 98 -37.64 -6.65 38.07
CA PHE E 98 -39.06 -6.48 37.85
C PHE E 98 -39.42 -5.00 37.67
N GLY E 99 -40.53 -4.75 37.01
CA GLY E 99 -41.01 -3.40 36.87
C GLY E 99 -41.79 -2.96 38.10
N HIS E 100 -42.08 -1.67 38.21
CA HIS E 100 -42.82 -1.18 39.38
C HIS E 100 -44.20 -1.82 39.47
N GLY E 101 -44.85 -1.99 38.34
CA GLY E 101 -46.14 -2.65 38.31
C GLY E 101 -47.25 -1.67 38.00
N THR E 102 -48.30 -2.18 37.38
CA THR E 102 -49.47 -1.39 37.03
C THR E 102 -50.72 -2.03 37.60
N LYS E 103 -51.52 -1.25 38.31
CA LYS E 103 -52.76 -1.74 38.90
C LYS E 103 -53.94 -1.37 38.02
N VAL E 104 -54.72 -2.38 37.64
CA VAL E 104 -55.90 -2.19 36.80
C VAL E 104 -57.13 -2.36 37.66
N GLU E 105 -58.04 -1.39 37.61
CA GLU E 105 -59.25 -1.43 38.43
C GLU E 105 -60.43 -0.90 37.63
N LEU E 106 -61.62 -1.32 38.04
CA LEU E 106 -62.85 -0.89 37.38
C LEU E 106 -63.16 0.56 37.70
N LYS E 107 -63.72 1.26 36.72
CA LYS E 107 -64.11 2.67 36.88
C LYS E 107 -65.18 2.88 37.95
N TYR F 32 35.54 1.53 49.56
CA TYR F 32 34.64 1.89 48.49
C TYR F 32 33.26 1.28 48.72
N THR F 33 32.22 2.08 48.61
CA THR F 33 30.86 1.61 48.80
C THR F 33 30.09 1.75 47.48
N ASN F 34 29.40 0.68 47.10
CA ASN F 34 28.68 0.65 45.84
C ASN F 34 27.50 1.64 45.89
N SER F 35 27.32 2.37 44.79
CA SER F 35 26.21 3.32 44.67
C SER F 35 24.86 2.63 44.66
N PHE F 36 24.75 1.47 44.02
CA PHE F 36 23.50 0.75 43.83
C PHE F 36 22.49 1.66 43.12
N THR F 37 21.27 1.78 43.63
CA THR F 37 20.21 2.60 43.08
C THR F 37 20.07 3.97 43.73
N ARG F 38 20.87 4.27 44.73
CA ARG F 38 20.75 5.54 45.44
C ARG F 38 21.25 6.70 44.58
N GLY F 39 20.61 7.86 44.76
CA GLY F 39 21.03 9.08 44.11
C GLY F 39 20.21 9.64 42.95
N VAL F 40 18.97 9.22 42.76
CA VAL F 40 18.12 9.78 41.72
C VAL F 40 17.41 11.02 42.24
N TYR F 41 17.31 12.05 41.40
CA TYR F 41 16.69 13.31 41.80
C TYR F 41 15.72 13.75 40.72
N TYR F 42 14.78 14.60 41.07
CA TYR F 42 13.80 15.04 40.08
C TYR F 42 14.49 15.95 39.08
N PRO F 43 14.44 15.64 37.79
CA PRO F 43 15.17 16.45 36.80
C PRO F 43 14.66 17.86 36.63
N ASP F 44 13.34 18.06 36.59
CA ASP F 44 12.79 19.37 36.29
C ASP F 44 11.56 19.63 37.13
N LYS F 45 11.20 20.91 37.21
CA LYS F 45 10.05 21.33 37.98
C LYS F 45 8.74 20.77 37.45
N VAL F 46 8.60 20.63 36.13
CA VAL F 46 7.33 20.20 35.56
C VAL F 46 6.91 18.86 36.13
N PHE F 47 5.61 18.72 36.40
CA PHE F 47 5.08 17.53 37.04
C PHE F 47 4.49 16.55 36.03
N ARG F 48 4.94 15.30 36.12
CA ARG F 48 4.46 14.21 35.29
C ARG F 48 3.92 13.10 36.18
N SER F 49 2.73 12.60 35.88
CA SER F 49 2.15 11.56 36.71
C SER F 49 1.77 10.34 35.89
N SER F 50 2.10 9.16 36.40
CA SER F 50 1.75 7.88 35.77
C SER F 50 2.27 7.79 34.33
N VAL F 51 3.49 8.28 34.10
CA VAL F 51 4.10 8.24 32.79
C VAL F 51 5.57 7.90 32.95
N LEU F 52 6.17 7.39 31.88
CA LEU F 52 7.60 7.11 31.88
C LEU F 52 8.24 8.12 30.95
N HIS F 53 9.21 8.86 31.46
CA HIS F 53 9.84 9.92 30.71
C HIS F 53 11.33 9.64 30.62
N SER F 54 11.91 9.80 29.43
CA SER F 54 13.34 9.62 29.27
C SER F 54 14.01 10.99 29.17
N THR F 55 15.01 11.21 30.02
CA THR F 55 15.72 12.48 30.07
C THR F 55 17.21 12.25 30.30
N GLN F 56 18.01 13.23 29.91
CA GLN F 56 19.44 13.17 30.14
C GLN F 56 19.89 13.94 31.37
N ASP F 57 18.96 14.49 32.15
CA ASP F 57 19.36 15.29 33.31
C ASP F 57 20.11 14.49 34.36
N LEU F 58 19.69 13.25 34.62
CA LEU F 58 20.32 12.50 35.71
C LEU F 58 21.79 12.26 35.41
N PHE F 59 22.62 12.47 36.43
CA PHE F 59 24.05 12.39 36.21
C PHE F 59 24.75 11.33 37.06
N LEU F 60 24.01 10.46 37.77
CA LEU F 60 24.69 9.50 38.66
C LEU F 60 24.74 8.13 38.02
N PRO F 61 25.92 7.59 37.71
CA PRO F 61 26.00 6.24 37.15
C PRO F 61 25.60 5.19 38.18
N PHE F 62 24.74 4.27 37.76
CA PHE F 62 24.25 3.24 38.68
C PHE F 62 25.35 2.23 39.00
N PHE F 63 25.27 1.66 40.20
CA PHE F 63 26.20 0.62 40.64
C PHE F 63 27.65 1.03 40.46
N SER F 64 28.00 2.21 40.95
CA SER F 64 29.37 2.67 40.89
C SER F 64 29.92 2.81 42.30
N ASN F 65 31.08 2.21 42.54
CA ASN F 65 31.72 2.30 43.83
C ASN F 65 32.22 3.72 44.05
N VAL F 66 31.79 4.34 45.15
CA VAL F 66 32.15 5.70 45.48
C VAL F 66 33.18 5.69 46.60
N THR F 67 34.01 6.73 46.62
CA THR F 67 35.09 6.80 47.61
C THR F 67 34.49 6.85 49.01
N TRP F 68 35.11 6.12 49.92
CA TRP F 68 34.66 6.02 51.30
C TRP F 68 35.59 6.83 52.19
N PHE F 69 35.02 7.74 52.96
CA PHE F 69 35.79 8.52 53.93
C PHE F 69 35.06 8.50 55.26
N HIS F 70 35.83 8.39 56.34
CA HIS F 70 35.25 8.37 57.68
C HIS F 70 34.56 9.69 58.02
N VAL F 87 40.86 17.92 50.98
CA VAL F 87 40.05 18.56 49.95
C VAL F 87 39.82 17.58 48.81
N LEU F 88 38.56 17.43 48.39
CA LEU F 88 38.20 16.51 47.32
C LEU F 88 37.73 17.28 46.10
N PRO F 89 38.24 16.95 44.91
CA PRO F 89 37.89 17.72 43.71
C PRO F 89 36.40 17.63 43.38
N PHE F 90 35.84 18.75 42.96
CA PHE F 90 34.44 18.83 42.55
C PHE F 90 34.35 18.72 41.03
N ASN F 91 34.07 17.51 40.53
CA ASN F 91 34.10 17.29 39.09
C ASN F 91 32.69 17.07 38.60
N ASP F 92 32.13 18.06 37.91
CA ASP F 92 30.82 17.94 37.29
C ASP F 92 29.75 17.53 38.30
N GLY F 93 29.83 18.05 39.51
CA GLY F 93 28.88 17.69 40.53
C GLY F 93 29.38 16.54 41.38
N VAL F 94 28.85 16.47 42.60
CA VAL F 94 29.27 15.46 43.56
C VAL F 94 28.05 14.97 44.34
N TYR F 95 28.05 13.68 44.66
CA TYR F 95 26.99 13.09 45.48
C TYR F 95 27.56 12.88 46.87
N PHE F 96 26.91 13.46 47.88
CA PHE F 96 27.38 13.38 49.27
C PHE F 96 26.38 12.65 50.15
N ALA F 97 26.84 11.65 50.89
CA ALA F 97 25.97 10.94 51.82
C ALA F 97 26.69 10.72 53.13
N SER F 98 26.15 11.25 54.23
CA SER F 98 26.73 11.05 55.56
C SER F 98 25.74 10.29 56.44
N THR F 99 26.15 9.11 56.90
CA THR F 99 25.32 8.28 57.78
C THR F 99 25.62 8.58 59.25
N GLU F 100 25.25 9.78 59.70
CA GLU F 100 25.43 10.09 61.12
C GLU F 100 24.16 10.63 61.74
N LYS F 101 23.72 9.97 62.82
CA LYS F 101 22.59 10.47 63.60
C LYS F 101 22.95 11.76 64.32
N SER F 102 24.20 11.86 64.79
CA SER F 102 24.67 13.02 65.52
C SER F 102 24.71 14.27 64.64
N ASN F 103 24.91 14.07 63.34
CA ASN F 103 24.96 15.17 62.38
C ASN F 103 25.98 16.23 62.79
N ILE F 104 27.18 15.76 63.15
CA ILE F 104 28.24 16.68 63.51
C ILE F 104 28.59 17.57 62.32
N ILE F 105 28.58 17.01 61.11
CA ILE F 105 28.96 17.78 59.94
C ILE F 105 27.98 18.92 59.76
N ARG F 106 28.50 20.13 59.64
CA ARG F 106 27.62 21.26 59.37
C ARG F 106 28.19 22.25 58.37
N GLY F 107 29.24 21.89 57.64
CA GLY F 107 29.89 22.82 56.76
C GLY F 107 30.19 22.22 55.41
N TRP F 108 30.18 23.06 54.38
CA TRP F 108 30.50 22.67 53.02
C TRP F 108 31.27 23.80 52.36
N ILE F 109 32.56 23.61 52.12
CA ILE F 109 33.41 24.64 51.57
C ILE F 109 33.57 24.35 50.08
N PHE F 110 33.37 25.38 49.26
CA PHE F 110 33.50 25.24 47.82
C PHE F 110 34.44 26.29 47.26
N GLY F 111 35.36 25.87 46.40
CA GLY F 111 36.30 26.80 45.82
C GLY F 111 36.83 26.28 44.51
N THR F 112 37.48 27.17 43.76
CA THR F 112 38.14 26.78 42.53
C THR F 112 39.22 25.75 42.84
N GLN F 119 36.62 32.84 44.05
CA GLN F 119 35.42 32.91 44.85
C GLN F 119 35.14 31.61 45.59
N SER F 120 34.77 31.75 46.86
CA SER F 120 34.51 30.62 47.74
C SER F 120 33.06 30.61 48.17
N LEU F 121 32.41 29.46 48.00
CA LEU F 121 31.03 29.27 48.41
C LEU F 121 31.03 28.54 49.74
N LEU F 122 30.66 29.23 50.80
CA LEU F 122 30.57 28.63 52.12
C LEU F 122 29.12 28.38 52.47
N ILE F 123 28.77 27.12 52.68
CA ILE F 123 27.43 26.74 53.11
C ILE F 123 27.55 26.20 54.52
N VAL F 124 26.90 26.87 55.47
CA VAL F 124 26.98 26.48 56.87
C VAL F 124 25.58 26.26 57.41
N ASN F 125 25.32 25.06 57.92
CA ASN F 125 24.05 24.76 58.54
C ASN F 125 23.86 25.63 59.77
N ASN F 126 24.92 25.76 60.58
CA ASN F 126 24.99 26.57 61.80
C ASN F 126 23.79 26.27 62.70
N ALA F 127 23.03 27.26 63.13
CA ALA F 127 21.85 27.07 63.93
C ALA F 127 20.63 27.52 63.14
N THR F 128 19.50 26.92 63.47
CA THR F 128 18.22 27.22 62.83
C THR F 128 18.39 27.29 61.32
N ASN F 129 18.06 28.43 60.72
CA ASN F 129 18.11 28.53 59.26
C ASN F 129 19.52 28.36 58.75
N VAL F 130 19.66 27.61 57.66
CA VAL F 130 20.96 27.45 57.02
C VAL F 130 21.35 28.77 56.36
N VAL F 131 22.58 29.20 56.60
CA VAL F 131 23.11 30.44 56.04
C VAL F 131 24.17 30.10 55.01
N ILE F 132 24.11 30.75 53.86
CA ILE F 132 24.99 30.45 52.74
C ILE F 132 25.69 31.72 52.30
N LYS F 133 27.03 31.67 52.25
CA LYS F 133 27.87 32.78 51.86
C LYS F 133 28.63 32.42 50.59
N VAL F 134 28.57 33.28 49.58
CA VAL F 134 29.34 33.08 48.35
C VAL F 134 30.53 34.02 48.28
N CYS F 135 30.81 34.77 49.35
CA CYS F 135 31.90 35.73 49.36
C CYS F 135 33.26 35.07 49.22
N CYS F 170 31.68 40.91 49.05
CA CYS F 170 30.80 39.80 48.71
C CYS F 170 30.16 40.03 47.35
N THR F 171 30.43 39.13 46.41
CA THR F 171 29.77 39.22 45.10
C THR F 171 28.27 38.98 45.24
N PHE F 172 27.88 38.06 46.11
CA PHE F 172 26.49 37.76 46.37
C PHE F 172 26.34 37.26 47.80
N GLU F 173 25.13 37.37 48.33
CA GLU F 173 24.83 36.83 49.64
C GLU F 173 23.51 36.08 49.57
N TYR F 174 23.50 34.87 50.09
CA TYR F 174 22.30 34.05 50.02
C TYR F 174 21.54 34.16 51.33
N VAL F 175 20.23 34.35 51.23
CA VAL F 175 19.41 34.51 52.42
C VAL F 175 19.37 33.19 53.19
N SER F 176 19.25 33.31 54.50
CA SER F 176 19.18 32.12 55.35
C SER F 176 17.92 31.33 55.02
N GLN F 177 18.03 30.01 55.04
CA GLN F 177 16.92 29.16 54.65
C GLN F 177 16.37 28.41 55.84
N ASN F 192 20.97 8.39 61.19
CA ASN F 192 20.31 8.17 59.91
C ASN F 192 21.22 8.57 58.76
N LEU F 193 20.72 8.50 57.53
CA LEU F 193 21.48 8.87 56.35
C LEU F 193 20.89 10.10 55.67
N ARG F 194 21.75 11.08 55.39
CA ARG F 194 21.40 12.29 54.67
C ARG F 194 22.05 12.28 53.30
N GLU F 195 21.25 12.41 52.25
CA GLU F 195 21.72 12.36 50.87
C GLU F 195 21.66 13.74 50.24
N PHE F 196 22.79 14.19 49.71
CA PHE F 196 22.90 15.50 49.08
C PHE F 196 23.53 15.38 47.70
N VAL F 197 22.92 16.06 46.72
CA VAL F 197 23.47 16.14 45.37
C VAL F 197 23.82 17.58 45.11
N PHE F 198 25.06 17.84 44.74
CA PHE F 198 25.56 19.18 44.47
C PHE F 198 25.98 19.28 43.01
N LYS F 199 25.40 20.23 42.28
CA LYS F 199 25.81 20.48 40.92
C LYS F 199 25.65 21.95 40.60
N ASN F 200 26.51 22.44 39.72
CA ASN F 200 26.44 23.81 39.25
C ASN F 200 26.18 23.78 37.74
N ILE F 201 25.06 24.35 37.32
CA ILE F 201 24.70 24.44 35.91
C ILE F 201 24.35 25.88 35.58
N ASP F 202 25.01 26.45 34.57
CA ASP F 202 24.71 27.79 34.10
C ASP F 202 24.82 28.80 35.23
N GLY F 203 25.75 28.60 36.14
CA GLY F 203 25.90 29.56 37.21
C GLY F 203 24.81 29.43 38.24
N TYR F 204 24.08 28.32 38.24
CA TYR F 204 23.05 28.04 39.23
C TYR F 204 23.43 26.78 39.98
N PHE F 205 23.38 26.85 41.31
CA PHE F 205 23.81 25.74 42.15
C PHE F 205 22.58 25.05 42.74
N LYS F 206 22.25 23.89 42.21
CA LYS F 206 21.05 23.18 42.63
C LYS F 206 21.43 22.10 43.64
N ILE F 207 20.83 22.14 44.82
CA ILE F 207 21.07 21.13 45.85
C ILE F 207 19.83 20.26 46.01
N TYR F 208 20.06 18.95 46.13
CA TYR F 208 18.98 17.99 46.31
C TYR F 208 19.22 17.23 47.60
N SER F 209 18.24 17.19 48.49
CA SER F 209 18.43 16.58 49.79
C SER F 209 17.34 15.57 50.15
N LYS F 210 17.75 14.40 50.64
CA LYS F 210 16.81 13.40 51.12
C LYS F 210 17.38 12.82 52.42
N HIS F 211 16.53 12.56 53.40
CA HIS F 211 16.96 11.91 54.64
C HIS F 211 16.26 10.57 54.81
N THR F 212 17.04 9.51 54.98
CA THR F 212 16.47 8.18 55.10
C THR F 212 17.00 7.45 56.33
N PRO F 213 16.14 6.90 57.18
CA PRO F 213 16.63 6.08 58.29
C PRO F 213 17.32 4.84 57.74
N ILE F 214 18.43 4.45 58.38
CA ILE F 214 19.24 3.34 57.91
C ILE F 214 19.25 2.23 58.94
N ASN F 215 18.93 1.02 58.50
CA ASN F 215 19.05 -0.13 59.41
C ASN F 215 20.50 -0.36 59.76
N LEU F 216 21.40 -0.25 58.78
CA LEU F 216 22.83 -0.42 58.98
C LEU F 216 23.54 0.85 58.52
N VAL F 217 24.34 1.42 59.42
CA VAL F 217 25.10 2.64 59.12
C VAL F 217 26.22 2.36 58.12
N ARG F 218 26.85 1.19 58.24
CA ARG F 218 28.02 0.86 57.42
C ARG F 218 27.73 0.84 55.93
N ASP F 219 26.59 0.29 55.52
CA ASP F 219 26.28 0.11 54.12
C ASP F 219 25.12 0.98 53.70
N LEU F 220 25.23 1.55 52.50
CA LEU F 220 24.13 2.34 51.96
C LEU F 220 22.92 1.45 51.81
N PRO F 221 21.72 1.90 52.19
CA PRO F 221 20.57 1.01 52.15
C PRO F 221 20.25 0.61 50.72
N GLN F 222 19.97 -0.68 50.54
CA GLN F 222 19.55 -1.12 49.22
C GLN F 222 18.12 -0.65 49.01
N GLY F 223 17.85 -0.04 47.87
CA GLY F 223 16.53 0.49 47.63
C GLY F 223 16.64 1.72 46.75
N PHE F 224 15.48 2.33 46.50
CA PHE F 224 15.40 3.47 45.61
C PHE F 224 15.01 4.71 46.40
N SER F 225 15.78 5.78 46.24
CA SER F 225 15.56 7.06 46.89
C SER F 225 15.42 8.16 45.85
N ALA F 226 14.42 9.01 46.01
CA ALA F 226 14.20 10.16 45.14
C ALA F 226 14.58 11.41 45.92
N LEU F 227 15.46 12.23 45.34
CA LEU F 227 15.99 13.41 45.99
C LEU F 227 15.25 14.65 45.52
N GLU F 228 14.54 15.28 46.45
CA GLU F 228 13.78 16.50 46.18
C GLU F 228 14.70 17.70 46.10
N PRO F 229 14.53 18.57 45.11
CA PRO F 229 15.35 19.79 45.05
C PRO F 229 15.07 20.71 46.23
N LEU F 230 16.12 21.25 46.83
CA LEU F 230 15.86 22.16 47.93
C LEU F 230 16.03 23.63 47.54
N VAL F 231 17.24 24.03 47.19
CA VAL F 231 17.52 25.42 46.86
C VAL F 231 18.36 25.54 45.60
N ASP F 232 18.13 26.62 44.86
CA ASP F 232 18.90 26.95 43.67
C ASP F 232 19.49 28.35 43.81
N LEU F 233 20.78 28.48 43.56
CA LEU F 233 21.44 29.74 43.75
C LEU F 233 22.13 30.19 42.46
N PRO F 234 21.86 31.43 41.96
CA PRO F 234 22.52 31.93 40.75
C PRO F 234 23.89 32.56 41.03
N ILE F 235 24.71 31.87 41.82
CA ILE F 235 26.00 32.40 42.23
C ILE F 235 26.92 32.62 41.04
N GLY F 236 26.86 31.73 40.05
CA GLY F 236 27.80 31.86 38.94
C GLY F 236 29.26 31.81 39.31
N ILE F 237 29.62 30.92 40.24
CA ILE F 237 31.01 30.79 40.71
C ILE F 237 31.54 29.44 40.28
N ASN F 238 32.75 29.43 39.72
CA ASN F 238 33.39 28.18 39.32
C ASN F 238 33.95 27.46 40.53
N ILE F 239 33.60 26.18 40.70
CA ILE F 239 34.10 25.41 41.83
C ILE F 239 34.78 24.15 41.34
N THR F 240 36.08 24.00 41.61
CA THR F 240 36.76 22.78 41.19
C THR F 240 37.12 21.88 42.36
N ARG F 241 37.09 22.41 43.58
CA ARG F 241 37.44 21.68 44.77
C ARG F 241 36.36 21.89 45.83
N PHE F 242 36.20 20.91 46.72
CA PHE F 242 35.24 21.09 47.79
C PHE F 242 35.80 20.43 49.05
N GLN F 243 35.30 20.88 50.19
CA GLN F 243 35.72 20.35 51.48
C GLN F 243 34.50 20.26 52.39
N THR F 244 34.55 19.37 53.37
CA THR F 244 33.45 19.15 54.28
C THR F 244 33.88 19.50 55.69
N LEU F 245 33.04 20.25 56.40
CA LEU F 245 33.34 20.70 57.75
C LEU F 245 32.52 19.89 58.73
N LEU F 246 33.19 19.27 59.68
CA LEU F 246 32.52 18.48 60.70
C LEU F 246 31.72 19.36 61.65
N ALA F 268 30.39 8.46 58.63
CA ALA F 268 31.23 8.42 57.43
C ALA F 268 30.54 9.15 56.28
N TYR F 269 31.34 9.83 55.47
CA TYR F 269 30.83 10.55 54.31
C TYR F 269 31.43 9.96 53.04
N TYR F 270 30.58 9.72 52.05
CA TYR F 270 30.95 9.08 50.78
C TYR F 270 30.76 10.09 49.65
N VAL F 271 31.76 10.22 48.79
CA VAL F 271 31.71 11.20 47.71
C VAL F 271 31.73 10.49 46.37
N GLY F 272 30.73 10.77 45.53
CA GLY F 272 30.68 10.24 44.17
C GLY F 272 30.52 11.26 43.07
N TYR F 273 31.40 11.22 42.07
CA TYR F 273 31.32 12.10 40.92
C TYR F 273 30.15 11.76 40.00
N LEU F 274 29.59 12.79 39.38
CA LEU F 274 28.41 12.68 38.52
C LEU F 274 28.80 12.72 37.06
N GLN F 275 28.32 11.74 36.30
CA GLN F 275 28.57 11.57 34.88
C GLN F 275 27.26 11.59 34.12
N PRO F 276 27.18 12.30 32.99
CA PRO F 276 25.90 12.43 32.29
C PRO F 276 25.38 11.07 31.83
N ARG F 277 24.10 10.83 32.07
CA ARG F 277 23.47 9.57 31.72
C ARG F 277 22.07 9.82 31.22
N THR F 278 21.57 8.90 30.40
CA THR F 278 20.20 8.93 29.93
C THR F 278 19.39 8.03 30.85
N PHE F 279 18.32 8.55 31.41
CA PHE F 279 17.57 7.79 32.39
C PHE F 279 16.10 7.71 32.05
N LEU F 280 15.53 6.52 32.20
CA LEU F 280 14.10 6.33 32.04
C LEU F 280 13.53 6.39 33.44
N LEU F 281 12.66 7.36 33.70
CA LEU F 281 12.15 7.56 35.05
C LEU F 281 10.70 7.12 35.15
N LYS F 282 10.39 6.27 36.10
CA LYS F 282 9.02 5.84 36.33
C LYS F 282 8.36 6.82 37.30
N TYR F 283 7.26 7.42 36.89
CA TYR F 283 6.48 8.32 37.74
C TYR F 283 5.17 7.64 38.12
N ASN F 284 4.87 7.61 39.41
CA ASN F 284 3.64 6.99 39.88
C ASN F 284 2.49 8.00 39.80
N GLU F 285 1.32 7.62 40.30
CA GLU F 285 0.19 8.54 40.31
C GLU F 285 0.51 9.77 41.14
N ASN F 286 1.20 9.56 42.26
CA ASN F 286 1.65 10.65 43.11
C ASN F 286 2.63 11.53 42.37
N GLY F 287 3.36 10.97 41.42
CA GLY F 287 4.37 11.68 40.69
C GLY F 287 5.76 11.49 41.24
N THR F 288 5.90 10.69 42.28
CA THR F 288 7.22 10.38 42.80
C THR F 288 7.95 9.52 41.78
N ILE F 289 9.26 9.65 41.72
CA ILE F 289 10.01 8.77 40.83
C ILE F 289 10.22 7.46 41.58
N THR F 290 9.33 6.51 41.36
CA THR F 290 9.41 5.22 42.02
C THR F 290 10.66 4.45 41.63
N ASP F 291 11.01 4.44 40.35
CA ASP F 291 12.15 3.68 39.90
C ASP F 291 12.74 4.32 38.66
N ALA F 292 14.01 4.01 38.39
CA ALA F 292 14.69 4.53 37.22
C ALA F 292 15.52 3.44 36.57
N VAL F 293 15.87 3.66 35.30
CA VAL F 293 16.66 2.73 34.50
C VAL F 293 17.86 3.46 33.92
N ASP F 294 19.04 2.93 34.15
CA ASP F 294 20.26 3.48 33.57
C ASP F 294 20.48 2.76 32.25
N CYS F 295 20.23 3.47 31.14
CA CYS F 295 20.30 2.81 29.83
C CYS F 295 21.68 2.26 29.53
N ALA F 296 22.74 2.95 29.93
CA ALA F 296 24.09 2.51 29.58
C ALA F 296 24.64 1.44 30.51
N LEU F 297 23.93 1.06 31.57
CA LEU F 297 24.48 0.12 32.53
C LEU F 297 24.80 -1.24 31.93
N ASP F 298 23.87 -1.81 31.17
CA ASP F 298 24.06 -3.14 30.64
C ASP F 298 23.13 -3.33 29.46
N PRO F 299 23.34 -4.37 28.65
CA PRO F 299 22.47 -4.55 27.49
C PRO F 299 21.00 -4.68 27.87
N LEU F 300 20.68 -5.46 28.89
CA LEU F 300 19.27 -5.61 29.25
C LEU F 300 18.66 -4.25 29.58
N SER F 301 19.38 -3.44 30.34
CA SER F 301 18.87 -2.12 30.67
C SER F 301 18.63 -1.31 29.40
N GLU F 302 19.57 -1.36 28.47
CA GLU F 302 19.43 -0.65 27.21
C GLU F 302 18.18 -1.10 26.48
N THR F 303 17.94 -2.41 26.44
CA THR F 303 16.75 -2.92 25.77
C THR F 303 15.50 -2.28 26.36
N LYS F 304 15.45 -2.16 27.69
CA LYS F 304 14.29 -1.57 28.33
C LYS F 304 14.10 -0.14 27.87
N CYS F 305 15.18 0.62 27.78
CA CYS F 305 15.03 2.01 27.33
C CYS F 305 14.48 2.06 25.91
N THR F 306 14.98 1.20 25.03
CA THR F 306 14.49 1.23 23.66
C THR F 306 13.01 0.88 23.60
N LEU F 307 12.60 -0.16 24.32
CA LEU F 307 11.20 -0.55 24.33
C LEU F 307 10.36 0.36 25.20
N LYS F 308 10.98 1.33 25.89
CA LYS F 308 10.29 2.28 26.76
C LYS F 308 9.43 1.57 27.81
N SER F 309 9.63 0.28 28.03
CA SER F 309 8.89 -0.49 29.02
C SER F 309 9.82 -1.21 29.98
N PHE F 310 9.49 -1.18 31.27
CA PHE F 310 10.36 -1.87 32.22
C PHE F 310 10.39 -3.37 31.96
N THR F 311 9.24 -3.97 31.66
CA THR F 311 9.20 -5.40 31.36
C THR F 311 9.54 -5.64 29.91
N VAL F 312 10.39 -6.65 29.67
CA VAL F 312 10.76 -7.05 28.31
C VAL F 312 10.33 -8.49 28.08
N GLU F 313 9.59 -8.71 27.00
CA GLU F 313 9.09 -10.02 26.62
C GLU F 313 10.16 -10.83 25.89
N LYS F 314 9.93 -12.13 25.82
CA LYS F 314 10.86 -13.01 25.13
C LYS F 314 11.01 -12.61 23.67
N GLY F 315 12.25 -12.55 23.21
CA GLY F 315 12.50 -12.23 21.82
C GLY F 315 13.89 -11.66 21.64
N ILE F 316 14.17 -11.28 20.40
CA ILE F 316 15.43 -10.65 20.02
C ILE F 316 15.11 -9.23 19.58
N TYR F 317 15.80 -8.26 20.15
CA TYR F 317 15.53 -6.86 19.88
C TYR F 317 16.81 -6.17 19.44
N GLN F 318 16.75 -5.40 18.37
CA GLN F 318 17.89 -4.62 17.93
C GLN F 318 17.88 -3.27 18.64
N THR F 319 18.82 -3.06 19.54
CA THR F 319 18.82 -1.85 20.34
C THR F 319 19.99 -0.91 20.13
N SER F 320 20.94 -1.24 19.27
CA SER F 320 22.12 -0.39 19.18
C SER F 320 22.81 -0.57 17.84
N ASN F 321 23.73 0.32 17.55
CA ASN F 321 24.54 0.18 16.36
C ASN F 321 25.99 0.22 16.81
N PHE F 322 26.83 -0.52 16.10
CA PHE F 322 28.23 -0.67 16.46
C PHE F 322 29.13 -0.03 15.42
N ARG F 323 30.13 0.73 15.87
CA ARG F 323 31.13 1.31 14.99
C ARG F 323 32.50 1.13 15.61
N VAL F 324 33.53 1.12 14.77
CA VAL F 324 34.91 1.03 15.23
C VAL F 324 35.53 2.41 15.15
N GLN F 325 35.97 2.93 16.28
CA GLN F 325 36.52 4.29 16.32
C GLN F 325 37.88 4.38 15.64
N PRO F 326 38.16 5.49 14.95
CA PRO F 326 39.48 5.68 14.34
C PRO F 326 40.58 5.78 15.39
N THR F 327 41.65 5.02 15.16
CA THR F 327 42.79 5.03 16.08
C THR F 327 43.51 6.38 16.12
N GLU F 328 43.73 7.00 14.96
CA GLU F 328 44.50 8.24 14.88
C GLU F 328 44.10 9.02 13.65
N SER F 329 44.55 10.28 13.60
CA SER F 329 44.32 11.17 12.47
C SER F 329 45.62 11.35 11.68
N ILE F 330 45.58 11.03 10.39
CA ILE F 330 46.71 11.15 9.48
C ILE F 330 46.44 12.22 8.44
N VAL F 331 47.35 13.20 8.34
CA VAL F 331 47.22 14.29 7.38
C VAL F 331 48.33 14.17 6.35
N ARG F 332 47.99 14.04 5.07
CA ARG F 332 49.03 14.05 4.04
C ARG F 332 48.87 15.26 3.13
N PHE F 333 49.80 16.20 3.22
CA PHE F 333 49.79 17.36 2.36
C PHE F 333 50.99 17.40 1.41
N PRO F 334 50.92 18.21 0.35
CA PRO F 334 52.05 18.35 -0.56
C PRO F 334 53.23 18.95 0.19
N ASN F 335 54.45 18.78 -0.35
CA ASN F 335 55.62 19.37 0.29
C ASN F 335 55.94 20.62 -0.51
N ILE F 336 55.52 21.78 -0.03
CA ILE F 336 55.79 23.02 -0.74
C ILE F 336 56.42 24.02 0.20
N THR F 337 57.62 24.46 -0.13
CA THR F 337 58.45 25.41 0.60
C THR F 337 58.14 26.84 0.21
N ASN F 338 57.80 27.06 -1.06
CA ASN F 338 57.55 28.40 -1.58
C ASN F 338 56.40 29.05 -0.84
N LEU F 339 56.57 30.32 -0.54
CA LEU F 339 55.57 31.13 0.14
C LEU F 339 54.87 32.00 -0.89
N CYS F 340 53.56 32.04 -0.82
CA CYS F 340 52.79 32.80 -1.79
C CYS F 340 53.05 34.28 -1.59
N PRO F 341 53.20 35.04 -2.67
CA PRO F 341 53.53 36.46 -2.58
C PRO F 341 52.33 37.39 -2.53
N PHE F 342 51.37 37.07 -1.66
CA PHE F 342 50.19 37.92 -1.49
C PHE F 342 50.60 39.36 -1.28
N GLY F 343 51.70 39.58 -0.56
CA GLY F 343 52.15 40.94 -0.28
C GLY F 343 52.28 41.77 -1.53
N GLU F 344 52.82 41.20 -2.60
CA GLU F 344 52.99 41.94 -3.83
C GLU F 344 51.65 42.48 -4.32
N VAL F 345 50.62 41.62 -4.33
CA VAL F 345 49.31 42.03 -4.82
C VAL F 345 48.70 43.09 -3.91
N PHE F 346 48.77 42.86 -2.59
CA PHE F 346 48.14 43.77 -1.66
C PHE F 346 48.87 45.10 -1.56
N ASN F 347 50.19 45.06 -1.50
CA ASN F 347 50.98 46.26 -1.32
C ASN F 347 51.46 46.85 -2.63
N ALA F 348 50.95 46.37 -3.75
CA ALA F 348 51.29 46.87 -5.07
C ALA F 348 51.19 48.39 -5.10
N THR F 349 52.30 49.05 -5.46
CA THR F 349 52.28 50.51 -5.49
C THR F 349 51.24 51.05 -6.45
N ARG F 350 51.13 50.47 -7.63
CA ARG F 350 50.18 50.93 -8.62
C ARG F 350 49.00 49.97 -8.69
N PHE F 351 47.79 50.51 -8.59
CA PHE F 351 46.59 49.71 -8.63
C PHE F 351 45.91 49.89 -9.98
N ALA F 352 45.24 48.84 -10.44
CA ALA F 352 44.59 48.87 -11.73
C ALA F 352 43.26 49.62 -11.65
N SER F 353 42.74 49.98 -12.81
CA SER F 353 41.47 50.67 -12.88
C SER F 353 40.34 49.71 -12.52
N VAL F 354 39.23 50.29 -12.05
CA VAL F 354 38.10 49.46 -11.66
C VAL F 354 37.59 48.66 -12.85
N TYR F 355 37.30 49.34 -13.95
CA TYR F 355 36.83 48.63 -15.13
C TYR F 355 37.93 47.74 -15.70
N ALA F 356 39.17 48.23 -15.72
CA ALA F 356 40.30 47.45 -16.21
C ALA F 356 40.99 46.65 -15.11
N TRP F 357 40.19 45.94 -14.32
CA TRP F 357 40.73 45.12 -13.24
C TRP F 357 41.69 44.07 -13.76
N ASN F 358 42.76 43.83 -13.02
CA ASN F 358 43.79 42.89 -13.44
C ASN F 358 43.71 41.63 -12.60
N ARG F 359 43.99 40.49 -13.22
CA ARG F 359 43.94 39.20 -12.53
C ARG F 359 45.33 38.59 -12.48
N LYS F 360 45.85 38.41 -11.27
CA LYS F 360 47.14 37.77 -11.06
C LYS F 360 46.87 36.39 -10.47
N ARG F 361 47.50 35.36 -11.02
CA ARG F 361 47.25 34.00 -10.56
C ARG F 361 48.33 33.56 -9.59
N ILE F 362 47.93 33.14 -8.40
CA ILE F 362 48.85 32.66 -7.37
C ILE F 362 48.83 31.13 -7.35
N SER F 363 50.00 30.52 -7.47
CA SER F 363 50.06 29.07 -7.57
C SER F 363 51.41 28.56 -7.08
N ASN F 364 51.45 27.26 -6.81
CA ASN F 364 52.66 26.55 -6.39
C ASN F 364 53.31 27.14 -5.14
N CYS F 365 52.50 27.40 -4.12
CA CYS F 365 53.08 27.96 -2.90
C CYS F 365 52.11 27.79 -1.76
N VAL F 366 52.67 27.61 -0.56
CA VAL F 366 51.83 27.53 0.63
C VAL F 366 51.33 28.94 0.93
N ALA F 367 50.04 29.05 1.21
CA ALA F 367 49.42 30.35 1.46
C ALA F 367 48.86 30.38 2.86
N ASP F 368 49.17 31.44 3.60
CA ASP F 368 48.63 31.63 4.94
C ASP F 368 47.69 32.81 4.93
N TYR F 369 46.39 32.52 5.01
CA TYR F 369 45.38 33.56 4.98
C TYR F 369 45.20 34.23 6.33
N SER F 370 45.73 33.63 7.39
CA SER F 370 45.60 34.20 8.73
C SER F 370 46.15 35.62 8.78
N VAL F 371 47.34 35.82 8.21
CA VAL F 371 47.98 37.13 8.26
C VAL F 371 47.05 38.20 7.69
N LEU F 372 46.46 37.92 6.54
CA LEU F 372 45.56 38.89 5.93
C LEU F 372 44.40 39.19 6.86
N TYR F 373 43.78 38.13 7.36
CA TYR F 373 42.63 38.27 8.25
C TYR F 373 42.99 39.04 9.50
N ASN F 374 44.19 38.80 10.04
CA ASN F 374 44.62 39.51 11.24
C ASN F 374 44.76 41.00 10.98
N SER F 375 45.39 41.38 9.88
CA SER F 375 45.59 42.78 9.54
C SER F 375 44.27 43.53 9.54
N ALA F 376 44.18 44.56 10.38
CA ALA F 376 42.98 45.37 10.49
C ALA F 376 42.83 46.38 9.37
N SER F 377 43.87 46.60 8.57
CA SER F 377 43.82 47.56 7.48
C SER F 377 42.60 47.32 6.60
N PHE F 378 42.25 46.06 6.38
CA PHE F 378 41.13 45.70 5.53
C PHE F 378 39.82 45.98 6.24
N SER F 379 39.09 47.00 5.79
CA SER F 379 37.80 47.32 6.37
C SER F 379 36.81 46.16 6.30
N THR F 380 36.80 45.45 5.17
CA THR F 380 35.87 44.33 4.96
C THR F 380 36.66 43.07 4.60
N PHE F 381 36.30 41.94 5.22
CA PHE F 381 36.94 40.68 4.88
C PHE F 381 35.88 39.59 4.65
N LYS F 382 34.72 39.98 4.13
CA LYS F 382 33.61 39.05 3.95
C LYS F 382 33.99 37.90 3.03
N CYS F 383 33.70 36.65 3.43
CA CYS F 383 33.97 35.53 2.54
C CYS F 383 32.63 34.90 2.16
N TYR F 384 32.32 34.89 0.87
CA TYR F 384 31.03 34.38 0.38
C TYR F 384 30.81 32.87 0.50
N GLY F 385 31.76 32.06 0.07
CA GLY F 385 31.54 30.62 0.11
C GLY F 385 32.42 29.77 0.99
N VAL F 386 33.23 30.42 1.81
CA VAL F 386 34.19 29.78 2.69
C VAL F 386 34.27 30.58 3.97
N SER F 387 34.85 29.98 4.96
CA SER F 387 35.04 30.63 6.24
C SER F 387 36.52 30.85 6.48
N PRO F 388 36.88 32.05 6.96
CA PRO F 388 38.29 32.41 7.13
C PRO F 388 39.06 31.42 7.96
N THR F 389 38.51 30.91 9.05
CA THR F 389 39.26 29.96 9.85
C THR F 389 39.63 28.75 9.01
N LYS F 390 38.67 28.22 8.26
CA LYS F 390 38.90 27.03 7.46
C LYS F 390 39.94 27.27 6.37
N LEU F 391 40.06 28.51 5.88
CA LEU F 391 40.98 28.84 4.79
C LEU F 391 42.37 28.29 5.03
N ASN F 392 42.83 28.36 6.27
CA ASN F 392 44.18 27.92 6.61
C ASN F 392 44.40 26.46 6.26
N ASP F 393 43.40 25.61 6.46
CA ASP F 393 43.58 24.19 6.21
C ASP F 393 43.14 23.76 4.82
N LEU F 394 42.21 24.46 4.18
CA LEU F 394 41.73 24.04 2.86
C LEU F 394 42.83 24.21 1.82
N CYS F 395 42.89 23.29 0.88
CA CYS F 395 43.85 23.33 -0.22
C CYS F 395 43.13 23.54 -1.56
N PHE F 396 43.45 24.64 -2.25
CA PHE F 396 42.81 25.03 -3.51
C PHE F 396 43.73 24.84 -4.70
N THR F 397 43.16 24.42 -5.83
CA THR F 397 43.98 24.19 -7.02
C THR F 397 44.65 25.47 -7.51
N ASN F 398 43.90 26.56 -7.60
CA ASN F 398 44.47 27.84 -8.02
C ASN F 398 43.78 28.99 -7.32
N VAL F 399 44.52 30.07 -7.10
CA VAL F 399 43.99 31.28 -6.50
C VAL F 399 44.18 32.45 -7.47
N TYR F 400 43.13 33.22 -7.68
CA TYR F 400 43.15 34.35 -8.62
C TYR F 400 42.86 35.63 -7.86
N ALA F 401 43.69 36.65 -8.07
CA ALA F 401 43.54 37.91 -7.35
C ALA F 401 43.21 39.03 -8.34
N ASP F 402 42.13 39.75 -8.08
CA ASP F 402 41.69 40.86 -8.93
C ASP F 402 41.88 42.18 -8.18
N SER F 403 42.65 43.10 -8.76
CA SER F 403 42.96 44.36 -8.11
C SER F 403 42.32 45.54 -8.83
N PHE F 404 41.57 46.35 -8.10
CA PHE F 404 40.92 47.54 -8.67
C PHE F 404 40.64 48.52 -7.55
N VAL F 405 40.50 49.80 -7.91
CA VAL F 405 40.22 50.87 -6.94
C VAL F 405 38.83 51.42 -7.17
N ILE F 406 38.02 51.45 -6.10
CA ILE F 406 36.64 51.90 -6.18
C ILE F 406 36.32 52.77 -4.97
N ARG F 407 35.32 53.63 -5.15
CA ARG F 407 34.84 54.47 -4.06
C ARG F 407 34.21 53.62 -2.97
N GLY F 408 34.20 54.16 -1.74
CA GLY F 408 33.65 53.41 -0.61
C GLY F 408 32.25 52.87 -0.88
N ASP F 409 31.42 53.67 -1.55
CA ASP F 409 30.06 53.25 -1.89
C ASP F 409 30.10 52.07 -2.85
N GLU F 410 31.01 52.14 -3.82
CA GLU F 410 31.13 51.14 -4.87
C GLU F 410 31.52 49.77 -4.34
N VAL F 411 32.08 49.69 -3.13
CA VAL F 411 32.51 48.41 -2.57
C VAL F 411 31.36 47.43 -2.49
N ARG F 412 30.19 47.90 -2.06
CA ARG F 412 29.02 47.04 -1.94
C ARG F 412 28.63 46.44 -3.28
N GLN F 413 28.73 47.23 -4.35
CA GLN F 413 28.29 46.78 -5.67
C GLN F 413 28.99 45.49 -6.08
N ILE F 414 30.28 45.36 -5.74
CA ILE F 414 31.07 44.20 -6.16
C ILE F 414 30.42 42.89 -5.74
N ALA F 415 29.86 42.86 -4.55
CA ALA F 415 29.24 41.68 -3.93
C ALA F 415 28.42 40.83 -4.90
N PRO F 416 28.57 39.51 -4.80
CA PRO F 416 27.89 38.58 -5.71
C PRO F 416 26.38 38.70 -5.65
N GLY F 417 25.75 38.64 -6.82
CA GLY F 417 24.31 38.78 -6.92
C GLY F 417 23.74 40.06 -6.35
N GLN F 418 24.39 41.17 -6.73
CA GLN F 418 24.01 42.51 -6.32
C GLN F 418 24.08 43.34 -7.59
N THR F 419 23.12 44.27 -7.72
CA THR F 419 22.99 45.15 -8.88
C THR F 419 23.53 46.55 -8.64
N GLY F 420 24.72 46.81 -9.14
CA GLY F 420 25.36 48.11 -9.02
C GLY F 420 26.04 48.42 -10.33
N LYS F 421 26.08 49.71 -10.69
CA LYS F 421 26.67 50.08 -11.97
C LYS F 421 28.07 49.53 -12.11
N ILE F 422 28.86 49.60 -11.03
CA ILE F 422 30.18 49.00 -11.09
C ILE F 422 30.03 47.52 -11.40
N ALA F 423 29.10 46.87 -10.69
CA ALA F 423 28.81 45.45 -10.88
C ALA F 423 28.18 45.18 -12.24
N ASP F 424 27.42 46.13 -12.76
CA ASP F 424 26.72 45.96 -14.03
C ASP F 424 27.68 45.77 -15.19
N TYR F 425 28.79 46.50 -15.18
CA TYR F 425 29.71 46.47 -16.30
C TYR F 425 31.16 46.34 -15.86
N ASN F 426 31.61 47.27 -15.03
CA ASN F 426 33.03 47.33 -14.66
C ASN F 426 33.55 45.98 -14.19
N TYR F 427 32.88 45.34 -13.23
CA TYR F 427 33.33 44.04 -12.74
C TYR F 427 32.11 43.26 -12.27
N LYS F 428 31.97 42.01 -12.67
CA LYS F 428 30.81 41.21 -12.30
C LYS F 428 31.24 39.95 -11.56
N LEU F 429 30.57 39.66 -10.45
CA LEU F 429 30.85 38.46 -9.67
C LEU F 429 29.78 37.40 -9.88
N PRO F 430 30.14 36.20 -10.32
CA PRO F 430 29.14 35.14 -10.45
C PRO F 430 28.69 34.66 -9.08
N ASP F 431 27.45 34.18 -9.02
CA ASP F 431 26.92 33.69 -7.76
C ASP F 431 27.72 32.47 -7.29
N ASP F 432 27.95 32.40 -5.98
CA ASP F 432 28.69 31.29 -5.36
C ASP F 432 30.07 31.12 -5.98
N PHE F 433 30.81 32.21 -6.06
CA PHE F 433 32.16 32.12 -6.58
C PHE F 433 33.15 31.58 -5.55
N THR F 434 32.70 31.33 -4.32
CA THR F 434 33.54 30.75 -3.28
C THR F 434 34.84 31.52 -3.06
N GLY F 435 34.73 32.83 -2.93
CA GLY F 435 35.90 33.66 -2.73
C GLY F 435 35.61 34.76 -1.74
N CYS F 436 36.69 35.32 -1.20
CA CYS F 436 36.63 36.41 -0.24
C CYS F 436 36.95 37.73 -0.91
N VAL F 437 36.09 38.73 -0.70
CA VAL F 437 36.32 40.08 -1.19
C VAL F 437 36.92 40.91 -0.07
N ILE F 438 38.12 41.45 -0.30
CA ILE F 438 38.84 42.21 0.72
C ILE F 438 38.99 43.65 0.26
N ALA F 439 38.52 44.60 1.08
CA ALA F 439 38.62 46.01 0.77
C ALA F 439 39.28 46.76 1.92
N TRP F 440 40.17 47.71 1.59
CA TRP F 440 40.84 48.51 2.60
C TRP F 440 40.81 49.97 2.18
N ASN F 441 40.85 50.86 3.17
CA ASN F 441 40.79 52.29 2.89
C ASN F 441 42.10 52.75 2.27
N SER F 442 42.00 53.35 1.08
CA SER F 442 43.15 53.85 0.35
C SER F 442 43.01 55.31 -0.06
N ASN F 443 42.06 56.04 0.51
CA ASN F 443 41.84 57.43 0.11
C ASN F 443 43.10 58.27 0.27
N ASN F 444 43.83 58.10 1.38
CA ASN F 444 45.00 58.92 1.63
C ASN F 444 45.96 58.86 0.47
N LEU F 445 46.27 57.65 -0.01
CA LEU F 445 47.17 57.52 -1.14
C LEU F 445 46.49 57.94 -2.43
N ASP F 446 45.25 57.49 -2.63
CA ASP F 446 44.55 57.78 -3.88
C ASP F 446 44.22 59.26 -4.00
N SER F 447 43.68 59.86 -2.94
CA SER F 447 43.28 61.26 -3.00
C SER F 447 43.75 62.01 -1.76
N LEU F 456 40.05 56.00 -13.58
CA LEU F 456 39.03 55.96 -14.63
C LEU F 456 38.00 54.87 -14.37
N TYR F 457 36.73 55.22 -14.48
CA TYR F 457 35.63 54.30 -14.30
C TYR F 457 34.66 54.46 -15.46
N ARG F 458 33.92 53.39 -15.77
CA ARG F 458 32.95 53.43 -16.84
C ARG F 458 31.53 53.39 -16.29
N LYS F 466 28.54 40.04 -17.82
CA LYS F 466 29.04 38.67 -17.77
C LYS F 466 30.01 38.48 -16.62
N PRO F 467 29.81 37.41 -15.85
CA PRO F 467 30.65 37.18 -14.68
C PRO F 467 32.12 36.98 -15.05
N PHE F 468 32.99 37.60 -14.28
CA PHE F 468 34.44 37.51 -14.45
C PHE F 468 34.88 37.91 -15.84
N GLU F 469 34.25 38.95 -16.39
CA GLU F 469 34.56 39.40 -17.74
C GLU F 469 34.91 40.88 -17.71
N ARG F 470 36.01 41.25 -18.36
CA ARG F 470 36.36 42.67 -18.45
C ARG F 470 36.32 43.13 -19.90
N GLY F 508 32.54 59.34 2.04
CA GLY F 508 31.63 58.67 1.13
C GLY F 508 32.24 58.49 -0.24
N TYR F 509 32.90 59.54 -0.73
CA TYR F 509 33.46 59.54 -2.07
C TYR F 509 34.92 59.11 -2.08
N GLN F 510 35.49 58.84 -0.92
CA GLN F 510 36.89 58.47 -0.84
C GLN F 510 37.11 57.11 -1.52
N PRO F 511 38.15 56.99 -2.33
CA PRO F 511 38.38 55.72 -3.04
C PRO F 511 39.19 54.71 -2.24
N TYR F 512 38.69 53.47 -2.16
CA TYR F 512 39.33 52.41 -1.38
C TYR F 512 39.72 51.25 -2.29
N ARG F 513 40.97 50.81 -2.18
CA ARG F 513 41.44 49.70 -3.01
C ARG F 513 40.76 48.40 -2.60
N VAL F 514 40.37 47.61 -3.60
CA VAL F 514 39.66 46.37 -3.38
C VAL F 514 40.31 45.24 -4.18
N VAL F 515 40.65 44.15 -3.49
CA VAL F 515 41.20 42.96 -4.13
C VAL F 515 40.23 41.80 -3.89
N VAL F 516 39.89 41.09 -4.97
CA VAL F 516 38.95 39.98 -4.91
C VAL F 516 39.71 38.68 -5.13
N LEU F 517 39.54 37.72 -4.22
CA LEU F 517 40.16 36.41 -4.33
C LEU F 517 39.13 35.37 -4.74
N SER F 518 39.42 34.61 -5.77
CA SER F 518 38.56 33.53 -6.22
C SER F 518 39.29 32.21 -6.05
N PHE F 519 38.63 31.22 -5.46
CA PHE F 519 39.28 29.95 -5.16
C PHE F 519 38.76 28.87 -6.08
N GLU F 520 39.67 28.18 -6.75
CA GLU F 520 39.31 27.10 -7.66
C GLU F 520 39.10 25.83 -6.87
N LEU F 521 37.94 25.21 -7.00
CA LEU F 521 37.60 24.02 -6.23
C LEU F 521 37.61 22.75 -7.07
N LEU F 522 38.12 22.81 -8.29
CA LEU F 522 38.08 21.65 -9.17
C LEU F 522 39.01 20.55 -8.65
N HIS F 523 38.72 19.31 -9.05
CA HIS F 523 39.50 18.18 -8.57
C HIS F 523 40.74 18.06 -9.45
N ALA F 524 41.88 18.46 -8.90
CA ALA F 524 43.16 18.42 -9.57
C ALA F 524 44.21 18.49 -8.49
N PRO F 525 45.47 18.18 -8.82
CA PRO F 525 46.52 18.38 -7.82
C PRO F 525 46.47 19.84 -7.42
N ALA F 526 46.43 20.10 -6.13
CA ALA F 526 46.22 21.46 -5.65
C ALA F 526 47.55 22.15 -5.39
N THR F 527 47.86 23.12 -6.25
CA THR F 527 49.11 23.85 -6.12
C THR F 527 49.17 24.67 -4.83
N VAL F 528 48.05 25.30 -4.45
CA VAL F 528 48.05 26.18 -3.29
C VAL F 528 47.51 25.42 -2.10
N CYS F 529 48.28 25.36 -1.03
CA CYS F 529 47.86 24.65 0.16
C CYS F 529 48.12 25.52 1.38
N GLY F 530 47.32 25.36 2.40
CA GLY F 530 47.51 26.11 3.62
C GLY F 530 48.63 25.51 4.44
N PRO F 531 49.00 26.21 5.51
CA PRO F 531 50.14 25.71 6.30
C PRO F 531 49.69 24.52 7.12
N LYS F 532 50.34 23.39 6.92
CA LYS F 532 49.95 22.16 7.60
C LYS F 532 51.17 21.26 7.70
N LYS F 533 51.11 20.29 8.60
CA LYS F 533 52.19 19.34 8.75
C LYS F 533 51.71 17.93 8.40
N SER F 534 52.43 17.28 7.50
CA SER F 534 52.10 15.93 7.09
C SER F 534 52.48 14.92 8.18
N THR F 535 51.77 13.80 8.20
CA THR F 535 52.05 12.75 9.16
C THR F 535 52.21 11.42 8.44
N ASN F 536 52.93 10.51 9.08
CA ASN F 536 53.24 9.23 8.45
C ASN F 536 51.99 8.42 8.15
N LEU F 537 51.97 7.80 6.98
CA LEU F 537 50.83 7.01 6.56
C LEU F 537 50.67 5.78 7.45
N VAL F 538 49.42 5.45 7.75
CA VAL F 538 49.06 4.28 8.53
C VAL F 538 48.14 3.39 7.70
N LYS F 539 48.39 2.07 7.71
CA LYS F 539 47.60 1.18 6.88
C LYS F 539 47.10 0.00 7.72
N ASN F 540 45.99 -0.59 7.27
CA ASN F 540 45.37 -1.76 7.89
C ASN F 540 44.70 -1.48 9.22
N LYS F 541 44.44 -0.21 9.52
CA LYS F 541 43.77 0.17 10.75
C LYS F 541 42.80 1.30 10.48
N CYS F 542 41.72 1.36 11.26
CA CYS F 542 40.81 2.48 11.10
C CYS F 542 41.54 3.75 11.46
N VAL F 543 41.43 4.75 10.60
CA VAL F 543 42.15 6.00 10.78
C VAL F 543 41.33 7.13 10.18
N ASN F 544 41.45 8.30 10.78
CA ASN F 544 40.83 9.49 10.23
C ASN F 544 41.88 10.12 9.32
N PHE F 545 41.53 10.35 8.05
CA PHE F 545 42.52 10.82 7.09
C PHE F 545 42.12 12.12 6.42
N ASN F 546 43.05 13.05 6.38
CA ASN F 546 42.91 14.31 5.65
C ASN F 546 43.93 14.35 4.51
N PHE F 547 43.48 14.15 3.28
CA PHE F 547 44.41 14.10 2.14
C PHE F 547 44.13 15.26 1.21
N ASN F 548 45.07 16.18 1.12
CA ASN F 548 44.95 17.32 0.22
C ASN F 548 43.62 18.02 0.43
N GLY F 549 43.22 18.19 1.68
CA GLY F 549 42.00 18.89 1.98
C GLY F 549 40.75 18.04 1.90
N LEU F 550 40.90 16.72 1.76
CA LEU F 550 39.80 15.77 1.73
C LEU F 550 39.79 15.00 3.03
N THR F 551 38.67 15.02 3.74
CA THR F 551 38.58 14.40 5.05
C THR F 551 37.63 13.21 5.04
N GLY F 552 38.11 12.07 5.51
CA GLY F 552 37.29 10.89 5.64
C GLY F 552 37.87 9.97 6.68
N THR F 553 37.03 9.08 7.21
CA THR F 553 37.48 8.07 8.17
C THR F 553 37.26 6.69 7.55
N GLY F 554 38.35 5.96 7.34
CA GLY F 554 38.25 4.62 6.79
C GLY F 554 39.55 3.87 6.95
N VAL F 555 39.46 2.55 6.80
CA VAL F 555 40.66 1.73 6.80
C VAL F 555 41.44 2.01 5.51
N LEU F 556 42.76 2.05 5.61
CA LEU F 556 43.58 2.24 4.42
C LEU F 556 44.34 0.96 4.10
N THR F 557 44.26 0.53 2.85
CA THR F 557 44.95 -0.67 2.40
C THR F 557 45.57 -0.38 1.05
N GLU F 558 46.60 -1.14 0.71
CA GLU F 558 47.21 -0.97 -0.60
C GLU F 558 46.20 -1.32 -1.67
N SER F 559 46.21 -0.57 -2.77
CA SER F 559 45.26 -0.74 -3.85
C SER F 559 45.90 -1.35 -5.08
N ASN F 560 45.26 -2.39 -5.61
CA ASN F 560 45.70 -3.04 -6.82
C ASN F 560 45.08 -2.40 -8.05
N LYS F 561 44.39 -1.28 -7.88
CA LYS F 561 43.79 -0.59 -9.00
C LYS F 561 44.87 -0.09 -9.93
N LYS F 562 44.64 -0.23 -11.23
CA LYS F 562 45.59 0.29 -12.21
C LYS F 562 45.28 1.75 -12.47
N PHE F 563 45.62 2.59 -11.49
CA PHE F 563 45.29 3.99 -11.61
C PHE F 563 46.06 4.60 -12.78
N LEU F 564 45.35 5.37 -13.61
CA LEU F 564 46.02 6.06 -14.68
C LEU F 564 46.80 7.24 -14.10
N PRO F 565 47.88 7.66 -14.75
CA PRO F 565 48.70 8.72 -14.14
C PRO F 565 47.94 10.02 -13.93
N PHE F 566 47.09 10.41 -14.89
CA PHE F 566 46.40 11.68 -14.76
C PHE F 566 45.38 11.64 -13.62
N GLN F 567 44.91 10.44 -13.29
CA GLN F 567 43.90 10.23 -12.26
C GLN F 567 44.44 10.44 -10.86
N GLN F 568 43.67 11.19 -10.05
CA GLN F 568 44.02 11.44 -8.66
C GLN F 568 43.08 10.79 -7.65
N PHE F 569 41.79 10.64 -7.96
CA PHE F 569 40.79 10.06 -7.06
C PHE F 569 39.92 9.03 -7.76
N GLY F 570 39.53 8.01 -7.01
CA GLY F 570 38.64 7.01 -7.52
C GLY F 570 37.37 7.04 -6.69
N ARG F 571 36.21 7.15 -7.33
CA ARG F 571 34.95 7.30 -6.63
C ARG F 571 33.98 6.18 -6.97
N ASP F 572 33.16 5.82 -5.98
CA ASP F 572 32.17 4.77 -6.15
C ASP F 572 30.88 5.40 -6.71
N ILE F 573 29.76 4.68 -6.64
CA ILE F 573 28.52 5.25 -7.14
C ILE F 573 28.18 6.51 -6.37
N ALA F 574 28.37 6.47 -5.07
CA ALA F 574 28.21 7.58 -4.16
C ALA F 574 29.39 8.55 -4.33
N ASP F 575 29.21 9.79 -3.89
CA ASP F 575 30.26 10.78 -4.03
C ASP F 575 31.51 10.41 -3.23
N THR F 576 31.38 9.54 -2.23
CA THR F 576 32.52 9.21 -1.38
C THR F 576 33.66 8.63 -2.22
N THR F 577 34.88 8.96 -1.84
CA THR F 577 36.05 8.57 -2.62
C THR F 577 36.55 7.20 -2.20
N ASP F 578 36.42 6.23 -3.12
CA ASP F 578 36.85 4.87 -2.85
C ASP F 578 38.37 4.73 -2.71
N ALA F 579 39.14 5.39 -3.58
CA ALA F 579 40.59 5.27 -3.62
C ALA F 579 41.26 6.64 -3.72
N VAL F 580 42.41 6.79 -3.07
CA VAL F 580 43.12 8.07 -3.06
C VAL F 580 44.59 7.85 -3.35
N ARG F 581 45.19 8.82 -4.02
CA ARG F 581 46.62 8.81 -4.35
C ARG F 581 47.37 9.74 -3.41
N ASP F 582 48.41 9.20 -2.80
CA ASP F 582 49.18 9.91 -1.80
C ASP F 582 49.80 11.18 -2.35
N PRO F 583 49.69 12.31 -1.66
CA PRO F 583 50.29 13.57 -2.12
C PRO F 583 51.80 13.61 -2.02
N GLN F 584 52.44 12.57 -1.49
CA GLN F 584 53.87 12.57 -1.26
C GLN F 584 54.56 11.32 -1.76
N THR F 585 53.84 10.24 -2.01
CA THR F 585 54.47 8.99 -2.39
C THR F 585 53.85 8.45 -3.68
N LEU F 586 52.79 9.07 -4.15
CA LEU F 586 52.12 8.70 -5.39
C LEU F 586 51.76 7.21 -5.42
N GLU F 587 51.20 6.74 -4.32
CA GLU F 587 50.72 5.36 -4.23
C GLU F 587 49.21 5.35 -4.17
N ILE F 588 48.62 4.28 -4.70
CA ILE F 588 47.17 4.14 -4.78
C ILE F 588 46.69 3.31 -3.60
N LEU F 589 45.88 3.93 -2.73
CA LEU F 589 45.42 3.27 -1.51
C LEU F 589 43.91 3.09 -1.54
N ASP F 590 43.46 1.86 -1.35
CA ASP F 590 42.04 1.59 -1.24
C ASP F 590 41.50 2.04 0.12
N ILE F 591 40.25 2.53 0.14
CA ILE F 591 39.61 2.92 1.39
C ILE F 591 38.44 1.99 1.66
N THR F 592 38.43 1.37 2.83
CA THR F 592 37.35 0.50 3.24
C THR F 592 36.67 1.05 4.49
N PRO F 593 35.35 1.17 4.51
CA PRO F 593 34.69 1.76 5.68
C PRO F 593 34.92 0.90 6.92
N CYS F 594 35.02 1.58 8.07
CA CYS F 594 35.20 0.88 9.33
C CYS F 594 33.99 -0.01 9.61
N SER F 595 34.22 -1.18 10.20
CA SER F 595 33.13 -2.14 10.37
C SER F 595 32.00 -1.53 11.21
N PHE F 596 30.78 -1.66 10.71
CA PHE F 596 29.59 -1.18 11.38
C PHE F 596 28.54 -2.29 11.36
N GLY F 597 27.94 -2.57 12.50
CA GLY F 597 26.90 -3.58 12.52
C GLY F 597 25.85 -3.30 13.57
N GLY F 598 24.64 -3.78 13.32
CA GLY F 598 23.59 -3.65 14.31
C GLY F 598 23.87 -4.56 15.49
N VAL F 599 23.50 -4.09 16.67
CA VAL F 599 23.63 -4.86 17.90
C VAL F 599 22.25 -5.33 18.34
N SER F 600 22.07 -6.63 18.43
CA SER F 600 20.80 -7.22 18.82
C SER F 600 20.94 -7.90 20.17
N VAL F 601 19.93 -7.79 21.00
CA VAL F 601 19.95 -8.39 22.33
C VAL F 601 18.94 -9.52 22.36
N ILE F 602 19.40 -10.72 22.68
CA ILE F 602 18.54 -11.88 22.81
C ILE F 602 18.14 -12.00 24.27
N THR F 603 16.85 -11.84 24.54
CA THR F 603 16.39 -11.82 25.91
C THR F 603 15.29 -12.83 26.18
N PRO F 604 15.45 -13.69 27.17
CA PRO F 604 14.33 -14.55 27.57
C PRO F 604 13.39 -13.64 28.33
N GLY F 605 12.17 -14.08 28.55
CA GLY F 605 11.26 -13.13 29.18
C GLY F 605 11.81 -12.56 30.48
N THR F 606 11.68 -11.25 30.66
CA THR F 606 12.24 -10.59 31.82
C THR F 606 11.81 -11.27 33.10
N ASN F 607 10.58 -11.77 33.13
CA ASN F 607 10.10 -12.47 34.30
C ASN F 607 10.89 -13.74 34.56
N THR F 608 11.16 -14.52 33.52
CA THR F 608 11.89 -15.76 33.71
C THR F 608 13.32 -15.53 34.17
N SER F 609 14.04 -14.62 33.53
CA SER F 609 15.43 -14.40 33.88
C SER F 609 15.89 -13.05 33.34
N ASN F 610 16.95 -12.53 33.93
CA ASN F 610 17.53 -11.30 33.43
C ASN F 610 18.80 -11.49 32.64
N GLN F 611 19.27 -12.73 32.48
CA GLN F 611 20.48 -12.98 31.72
C GLN F 611 20.22 -12.68 30.24
N VAL F 612 21.22 -12.12 29.55
CA VAL F 612 21.05 -11.75 28.14
C VAL F 612 22.23 -12.18 27.29
N ALA F 613 21.97 -12.41 26.01
CA ALA F 613 22.99 -12.76 25.03
C ALA F 613 23.01 -11.69 23.94
N VAL F 614 24.19 -11.28 23.54
CA VAL F 614 24.39 -10.18 22.59
C VAL F 614 24.93 -10.69 21.27
N LEU F 615 24.29 -10.29 20.19
CA LEU F 615 24.70 -10.66 18.83
C LEU F 615 25.13 -9.44 18.06
N TYR F 616 26.29 -9.52 17.42
CA TYR F 616 26.76 -8.46 16.56
C TYR F 616 26.56 -8.93 15.13
N GLN F 617 25.77 -8.19 14.36
CA GLN F 617 25.41 -8.64 13.02
C GLN F 617 26.53 -8.38 12.01
N ASP F 618 26.93 -9.43 11.32
CA ASP F 618 27.93 -9.35 10.26
C ASP F 618 29.24 -8.73 10.74
N VAL F 619 29.61 -9.02 11.98
CA VAL F 619 30.86 -8.55 12.54
C VAL F 619 31.64 -9.75 13.02
N ASN F 620 32.89 -9.86 12.58
CA ASN F 620 33.72 -10.95 13.03
C ASN F 620 34.04 -10.80 14.52
N CYS F 621 34.17 -11.95 15.19
CA CYS F 621 34.49 -11.93 16.62
C CYS F 621 35.82 -11.25 16.90
N THR F 622 36.79 -11.40 16.00
CA THR F 622 38.11 -10.80 16.19
C THR F 622 38.02 -9.28 16.27
N GLU F 623 37.18 -8.68 15.44
CA GLU F 623 37.09 -7.22 15.40
C GLU F 623 36.62 -6.67 16.75
N VAL F 624 35.65 -7.31 17.37
CA VAL F 624 35.14 -6.78 18.61
C VAL F 624 35.59 -7.67 19.76
N ASN F 645 32.21 -17.76 26.20
CA ASN F 645 30.99 -18.02 25.45
C ASN F 645 30.93 -17.18 24.19
N VAL F 646 32.03 -17.16 23.45
CA VAL F 646 32.13 -16.41 22.20
C VAL F 646 32.03 -17.39 21.06
N PHE F 647 30.99 -17.24 20.25
CA PHE F 647 30.76 -18.18 19.16
C PHE F 647 30.61 -17.39 17.86
N GLN F 648 31.03 -17.99 16.75
CA GLN F 648 30.92 -17.36 15.45
C GLN F 648 29.78 -17.94 14.62
N THR F 649 28.91 -17.08 14.12
CA THR F 649 27.75 -17.48 13.36
C THR F 649 27.70 -16.73 12.05
N ARG F 650 26.97 -17.27 11.08
CA ARG F 650 26.80 -16.56 9.82
C ARG F 650 26.15 -15.21 10.07
N ALA F 651 25.21 -15.17 11.00
CA ALA F 651 24.57 -13.91 11.36
C ALA F 651 25.61 -12.95 11.93
N GLY F 652 26.52 -13.45 12.73
CA GLY F 652 27.58 -12.63 13.28
C GLY F 652 28.07 -13.22 14.59
N CYS F 653 28.96 -12.49 15.24
CA CYS F 653 29.52 -12.97 16.50
C CYS F 653 28.44 -13.00 17.56
N LEU F 654 28.39 -14.08 18.31
CA LEU F 654 27.40 -14.26 19.37
C LEU F 654 28.09 -14.44 20.70
N ILE F 655 27.66 -13.68 21.71
CA ILE F 655 28.28 -13.71 23.02
C ILE F 655 27.24 -13.96 24.09
N GLY F 656 27.64 -14.68 25.12
CA GLY F 656 26.73 -14.98 26.22
C GLY F 656 25.85 -16.17 25.98
N ALA F 657 26.05 -16.90 24.91
CA ALA F 657 25.29 -18.09 24.58
C ALA F 657 26.23 -19.26 24.42
N GLU F 658 25.80 -20.42 24.86
CA GLU F 658 26.62 -21.62 24.84
C GLU F 658 26.15 -22.52 23.73
N HIS F 659 27.05 -22.89 22.84
CA HIS F 659 26.71 -23.73 21.72
C HIS F 659 26.31 -25.11 22.23
N VAL F 660 25.24 -25.65 21.65
CA VAL F 660 24.75 -26.97 22.03
C VAL F 660 24.68 -27.86 20.79
N ASN F 661 25.24 -29.07 20.91
CA ASN F 661 25.22 -30.02 19.81
C ASN F 661 23.81 -30.48 19.46
N ASN F 662 22.98 -30.69 20.46
CA ASN F 662 21.61 -31.16 20.25
C ASN F 662 20.75 -30.17 19.50
N SER F 663 19.87 -30.66 18.63
CA SER F 663 18.98 -29.80 17.88
C SER F 663 17.59 -29.80 18.52
N TYR F 664 16.98 -28.63 18.61
CA TYR F 664 15.67 -28.46 19.22
C TYR F 664 14.81 -27.60 18.32
N GLU F 665 13.50 -27.62 18.55
CA GLU F 665 12.61 -26.75 17.79
C GLU F 665 12.95 -25.29 18.07
N CYS F 666 12.84 -24.45 17.05
CA CYS F 666 13.25 -23.07 17.20
C CYS F 666 12.41 -22.35 18.24
N ASP F 667 13.08 -21.61 19.10
CA ASP F 667 12.42 -20.77 20.10
C ASP F 667 12.62 -19.30 19.76
N ILE F 668 13.85 -18.84 19.61
CA ILE F 668 14.12 -17.48 19.20
C ILE F 668 15.00 -17.54 17.96
N PRO F 669 14.59 -16.95 16.85
CA PRO F 669 15.37 -17.04 15.60
C PRO F 669 16.56 -16.10 15.56
N ILE F 670 17.74 -16.65 15.27
CA ILE F 670 18.94 -15.83 15.11
C ILE F 670 19.31 -15.66 13.66
N GLY F 671 18.75 -16.47 12.78
CA GLY F 671 18.99 -16.43 11.36
C GLY F 671 19.97 -17.50 10.93
N ALA F 672 19.94 -17.82 9.65
CA ALA F 672 20.84 -18.81 9.07
C ALA F 672 20.70 -20.15 9.76
N GLY F 673 19.48 -20.50 10.14
CA GLY F 673 19.26 -21.80 10.75
C GLY F 673 19.70 -21.93 12.18
N ILE F 674 19.98 -20.83 12.87
CA ILE F 674 20.43 -20.85 14.26
C ILE F 674 19.35 -20.23 15.13
N CYS F 675 19.01 -20.90 16.23
CA CYS F 675 17.98 -20.43 17.13
C CYS F 675 18.53 -20.46 18.55
N ALA F 676 17.99 -19.62 19.42
CA ALA F 676 18.46 -19.53 20.80
C ALA F 676 17.34 -19.80 21.78
N SER F 677 17.64 -20.59 22.82
CA SER F 677 16.66 -20.85 23.86
C SER F 677 17.28 -20.74 25.25
N TYR F 678 16.43 -20.48 26.22
CA TYR F 678 16.81 -20.42 27.63
C TYR F 678 16.49 -21.73 28.35
N GLN F 679 17.51 -22.52 28.62
CA GLN F 679 17.32 -23.76 29.37
C GLN F 679 17.94 -23.66 30.74
N GLN F 694 20.88 -22.69 34.53
CA GLN F 694 20.11 -22.15 33.42
C GLN F 694 20.85 -21.05 32.69
N SER F 695 21.21 -21.33 31.44
CA SER F 695 21.94 -20.39 30.60
C SER F 695 21.33 -20.42 29.21
N ILE F 696 21.46 -19.30 28.50
CA ILE F 696 21.00 -19.25 27.13
C ILE F 696 21.85 -20.15 26.26
N ILE F 697 21.20 -20.89 25.36
CA ILE F 697 21.87 -21.84 24.48
C ILE F 697 21.57 -21.51 23.03
N ALA F 698 22.55 -21.71 22.16
CA ALA F 698 22.40 -21.52 20.72
C ALA F 698 22.54 -22.86 20.01
N TYR F 699 21.61 -23.18 19.13
CA TYR F 699 21.64 -24.50 18.50
C TYR F 699 21.08 -24.38 17.10
N THR F 700 21.39 -25.36 16.27
CA THR F 700 20.80 -25.40 14.94
C THR F 700 19.40 -25.97 15.04
N MET F 701 18.46 -25.37 14.32
CA MET F 701 17.08 -25.82 14.43
C MET F 701 16.90 -27.17 13.76
N SER F 702 15.94 -27.93 14.25
CA SER F 702 15.64 -29.27 13.75
C SER F 702 14.38 -29.27 12.91
N LEU F 703 14.48 -29.78 11.68
CA LEU F 703 13.31 -29.79 10.81
C LEU F 703 12.20 -30.68 11.35
N GLY F 704 12.54 -31.88 11.82
CA GLY F 704 11.53 -32.71 12.43
C GLY F 704 12.01 -34.13 12.64
N ALA F 705 11.14 -34.93 13.22
CA ALA F 705 11.38 -36.34 13.46
C ALA F 705 11.26 -37.15 12.17
N GLU F 706 11.91 -38.30 12.16
CA GLU F 706 11.94 -39.16 10.98
C GLU F 706 10.91 -40.25 11.11
N ASN F 707 9.90 -40.21 10.25
CA ASN F 707 8.88 -41.25 10.18
C ASN F 707 8.85 -41.71 8.74
N SER F 708 9.13 -42.99 8.49
CA SER F 708 9.05 -43.52 7.14
C SER F 708 8.18 -44.76 7.09
N VAL F 709 7.21 -44.75 6.21
CA VAL F 709 6.32 -45.91 6.09
C VAL F 709 7.06 -47.01 5.34
N ALA F 710 6.90 -48.25 5.78
CA ALA F 710 7.50 -49.34 5.02
C ALA F 710 6.75 -49.46 3.71
N TYR F 711 7.43 -49.24 2.61
CA TYR F 711 6.79 -49.27 1.30
C TYR F 711 7.05 -50.60 0.63
N SER F 712 6.00 -51.27 0.23
CA SER F 712 6.09 -52.52 -0.49
C SER F 712 5.07 -52.46 -1.59
N ASN F 713 5.18 -53.34 -2.58
CA ASN F 713 4.23 -53.23 -3.66
C ASN F 713 2.90 -53.90 -3.36
N ASN F 714 2.79 -54.66 -2.28
CA ASN F 714 1.54 -55.34 -1.98
C ASN F 714 1.11 -55.12 -0.54
N SER F 715 1.59 -54.07 0.11
CA SER F 715 1.30 -53.81 1.52
C SER F 715 0.52 -52.53 1.68
N ILE F 716 -0.55 -52.57 2.46
CA ILE F 716 -1.38 -51.41 2.74
C ILE F 716 -1.69 -51.34 4.23
N ALA F 717 -1.90 -50.13 4.74
CA ALA F 717 -2.26 -49.87 6.14
C ALA F 717 -3.63 -49.22 6.24
N ILE F 718 -4.58 -49.89 6.89
CA ILE F 718 -5.94 -49.40 7.03
C ILE F 718 -6.19 -49.00 8.48
N PRO F 719 -6.69 -47.79 8.74
CA PRO F 719 -7.01 -47.37 10.12
C PRO F 719 -8.11 -48.17 10.78
N THR F 720 -7.90 -48.57 12.04
CA THR F 720 -8.92 -49.34 12.72
C THR F 720 -9.69 -48.54 13.76
N ASN F 721 -9.40 -47.26 13.95
CA ASN F 721 -10.07 -46.46 14.96
C ASN F 721 -10.10 -45.02 14.45
N PHE F 722 -10.67 -44.11 15.22
CA PHE F 722 -10.73 -42.71 14.83
C PHE F 722 -10.65 -41.81 16.05
N THR F 723 -10.25 -40.58 15.82
CA THR F 723 -10.21 -39.57 16.88
C THR F 723 -10.88 -38.30 16.41
N ILE F 724 -11.80 -37.75 17.21
CA ILE F 724 -12.44 -36.49 16.89
C ILE F 724 -11.67 -35.39 17.60
N SER F 725 -11.18 -34.42 16.84
CA SER F 725 -10.35 -33.37 17.40
C SER F 725 -10.95 -32.01 17.09
N VAL F 726 -10.93 -31.11 18.06
CA VAL F 726 -11.40 -29.75 17.87
C VAL F 726 -10.22 -28.79 17.95
N THR F 727 -10.06 -27.93 16.95
CA THR F 727 -8.95 -27.00 16.85
C THR F 727 -9.49 -25.59 16.71
N THR F 728 -8.67 -24.61 17.06
CA THR F 728 -9.06 -23.21 17.08
C THR F 728 -8.29 -22.35 16.10
N GLU F 729 -9.01 -21.56 15.30
CA GLU F 729 -8.44 -20.60 14.36
C GLU F 729 -8.90 -19.19 14.68
N ILE F 730 -7.97 -18.24 14.75
CA ILE F 730 -8.26 -16.85 15.13
C ILE F 730 -7.91 -15.91 13.99
N LEU F 731 -8.87 -15.12 13.53
CA LEU F 731 -8.68 -14.20 12.41
C LEU F 731 -9.07 -12.77 12.75
N PRO F 732 -8.20 -11.79 12.54
CA PRO F 732 -8.56 -10.39 12.72
C PRO F 732 -9.55 -9.91 11.68
N VAL F 733 -10.59 -9.21 12.10
CA VAL F 733 -11.61 -8.76 11.15
C VAL F 733 -11.68 -7.25 11.00
N SER F 734 -11.45 -6.47 12.04
CA SER F 734 -11.63 -5.03 11.95
C SER F 734 -10.57 -4.33 12.77
N MET F 735 -10.39 -3.04 12.52
CA MET F 735 -9.48 -2.21 13.27
C MET F 735 -10.22 -0.99 13.75
N THR F 736 -9.69 -0.34 14.78
CA THR F 736 -10.36 0.81 15.37
C THR F 736 -10.50 1.96 14.38
N LYS F 737 -11.66 2.59 14.36
CA LYS F 737 -11.93 3.68 13.44
C LYS F 737 -11.49 4.99 14.08
N THR F 738 -10.54 5.67 13.46
CA THR F 738 -9.95 6.89 13.98
C THR F 738 -10.12 8.01 12.98
N SER F 739 -10.58 9.16 13.46
CA SER F 739 -10.71 10.33 12.62
C SER F 739 -9.85 11.44 13.18
N VAL F 740 -9.02 12.05 12.33
CA VAL F 740 -8.15 13.13 12.75
C VAL F 740 -8.56 14.39 12.01
N ASP F 741 -8.76 15.46 12.74
CA ASP F 741 -9.04 16.76 12.15
C ASP F 741 -7.70 17.39 11.77
N CYS F 742 -7.37 17.41 10.48
CA CYS F 742 -6.05 17.89 10.10
C CYS F 742 -5.79 19.29 10.63
N THR F 743 -6.75 20.20 10.47
CA THR F 743 -6.49 21.58 10.86
C THR F 743 -6.17 21.69 12.34
N MET F 744 -6.97 21.05 13.19
CA MET F 744 -6.75 21.19 14.61
C MET F 744 -5.40 20.61 14.99
N TYR F 745 -5.03 19.50 14.36
CA TYR F 745 -3.77 18.87 14.67
C TYR F 745 -2.61 19.78 14.29
N ILE F 746 -2.64 20.34 13.10
CA ILE F 746 -1.52 21.14 12.65
C ILE F 746 -1.53 22.49 13.35
N CYS F 747 -2.69 23.11 13.48
CA CYS F 747 -2.79 24.43 14.09
C CYS F 747 -3.67 24.32 15.32
N GLY F 748 -3.16 24.81 16.43
CA GLY F 748 -3.96 24.76 17.64
C GLY F 748 -4.93 25.91 17.81
N ASP F 749 -6.00 25.94 17.02
CA ASP F 749 -7.00 27.01 17.13
C ASP F 749 -6.36 28.37 16.93
N SER F 750 -5.38 28.43 16.03
CA SER F 750 -4.67 29.66 15.74
C SER F 750 -5.05 30.13 14.35
N THR F 751 -5.66 31.31 14.27
CA THR F 751 -6.05 31.83 12.97
C THR F 751 -4.84 32.04 12.07
N GLU F 752 -3.75 32.54 12.63
CA GLU F 752 -2.56 32.79 11.83
C GLU F 752 -2.12 31.53 11.13
N CYS F 753 -2.00 30.45 11.89
CA CYS F 753 -1.56 29.19 11.29
C CYS F 753 -2.55 28.74 10.22
N SER F 754 -3.84 28.87 10.47
CA SER F 754 -4.83 28.43 9.50
C SER F 754 -4.67 29.16 8.18
N ASN F 755 -4.44 30.47 8.22
CA ASN F 755 -4.29 31.22 6.98
C ASN F 755 -3.09 30.73 6.21
N LEU F 756 -1.99 30.46 6.90
CA LEU F 756 -0.82 29.94 6.21
C LEU F 756 -1.15 28.60 5.61
N LEU F 757 -1.93 27.81 6.31
CA LEU F 757 -2.21 26.48 5.81
C LEU F 757 -3.16 26.51 4.63
N LEU F 758 -3.80 27.65 4.35
CA LEU F 758 -4.66 27.71 3.16
C LEU F 758 -3.87 27.39 1.91
N GLN F 759 -2.61 27.79 1.88
CA GLN F 759 -1.77 27.41 0.77
C GLN F 759 -1.77 25.90 0.74
N TYR F 760 -1.62 25.30 -0.43
CA TYR F 760 -1.72 23.84 -0.53
C TYR F 760 -2.91 23.35 0.26
N GLY F 761 -4.07 23.92 -0.05
CA GLY F 761 -5.26 23.60 0.72
C GLY F 761 -5.77 22.20 0.53
N SER F 762 -5.66 21.67 -0.67
CA SER F 762 -6.24 20.36 -0.93
C SER F 762 -5.72 19.30 0.03
N PHE F 763 -4.47 19.43 0.49
CA PHE F 763 -3.86 18.40 1.34
C PHE F 763 -4.74 18.04 2.51
N CYS F 764 -5.25 19.04 3.23
CA CYS F 764 -6.06 18.75 4.40
C CYS F 764 -7.26 17.89 4.03
N THR F 765 -7.99 18.29 2.99
CA THR F 765 -9.17 17.54 2.59
C THR F 765 -8.82 16.13 2.20
N GLN F 766 -7.76 15.95 1.42
CA GLN F 766 -7.38 14.62 0.98
C GLN F 766 -7.17 13.71 2.17
N LEU F 767 -6.53 14.21 3.22
CA LEU F 767 -6.27 13.38 4.39
C LEU F 767 -7.57 12.92 5.02
N ASN F 768 -8.46 13.86 5.33
CA ASN F 768 -9.69 13.45 6.01
C ASN F 768 -10.46 12.48 5.15
N ARG F 769 -10.50 12.73 3.85
CA ARG F 769 -11.23 11.82 2.99
C ARG F 769 -10.64 10.43 3.08
N ALA F 770 -9.31 10.30 3.08
CA ALA F 770 -8.70 8.99 3.10
C ALA F 770 -9.07 8.24 4.38
N LEU F 771 -8.93 8.89 5.54
CA LEU F 771 -9.25 8.21 6.79
C LEU F 771 -10.70 7.81 6.82
N THR F 772 -11.58 8.64 6.28
CA THR F 772 -12.99 8.32 6.26
C THR F 772 -13.21 7.01 5.52
N GLY F 773 -12.56 6.86 4.37
CA GLY F 773 -12.72 5.63 3.63
C GLY F 773 -12.33 4.43 4.47
N ILE F 774 -11.23 4.54 5.20
CA ILE F 774 -10.80 3.42 6.04
C ILE F 774 -11.88 3.06 7.04
N ALA F 775 -12.47 4.06 7.67
CA ALA F 775 -13.48 3.81 8.69
C ALA F 775 -14.66 3.07 8.09
N VAL F 776 -15.14 3.50 6.94
CA VAL F 776 -16.30 2.86 6.33
C VAL F 776 -16.01 1.39 6.06
N GLU F 777 -14.83 1.05 5.57
CA GLU F 777 -14.53 -0.34 5.29
C GLU F 777 -14.66 -1.19 6.53
N GLN F 778 -14.24 -0.68 7.67
CA GLN F 778 -14.29 -1.49 8.88
C GLN F 778 -15.70 -2.00 9.10
N ASP F 779 -16.69 -1.14 8.90
CA ASP F 779 -18.06 -1.61 9.05
C ASP F 779 -18.37 -2.66 8.01
N LYS F 780 -17.94 -2.43 6.77
CA LYS F 780 -18.21 -3.41 5.73
C LYS F 780 -17.62 -4.76 6.09
N ASN F 781 -16.39 -4.76 6.60
CA ASN F 781 -15.74 -6.02 6.95
C ASN F 781 -16.60 -6.82 7.92
N THR F 782 -17.06 -6.18 8.98
CA THR F 782 -17.83 -6.89 9.98
C THR F 782 -19.11 -7.46 9.39
N GLN F 783 -19.84 -6.70 8.58
CA GLN F 783 -21.08 -7.21 8.03
C GLN F 783 -20.86 -8.43 7.18
N GLU F 784 -19.80 -8.43 6.39
CA GLU F 784 -19.56 -9.55 5.49
C GLU F 784 -19.31 -10.82 6.27
N VAL F 785 -18.66 -10.73 7.42
CA VAL F 785 -18.32 -11.94 8.13
C VAL F 785 -19.51 -12.44 8.94
N PHE F 786 -20.22 -11.57 9.63
CA PHE F 786 -21.27 -12.04 10.50
C PHE F 786 -22.66 -11.93 9.92
N ALA F 787 -23.02 -10.79 9.34
CA ALA F 787 -24.37 -10.58 8.84
C ALA F 787 -24.59 -11.24 7.48
N GLN F 788 -24.55 -12.55 7.46
CA GLN F 788 -24.82 -13.26 6.21
C GLN F 788 -26.23 -13.82 6.16
N VAL F 789 -26.67 -14.47 7.21
CA VAL F 789 -28.03 -14.99 7.30
C VAL F 789 -28.83 -13.97 8.11
N LYS F 790 -30.04 -13.67 7.68
CA LYS F 790 -30.80 -12.63 8.34
C LYS F 790 -31.97 -13.17 9.17
N GLN F 791 -31.88 -14.41 9.64
CA GLN F 791 -32.92 -15.02 10.44
C GLN F 791 -32.33 -15.45 11.77
N ILE F 792 -33.07 -15.26 12.85
CA ILE F 792 -32.64 -15.67 14.18
C ILE F 792 -33.13 -17.08 14.45
N TYR F 793 -32.26 -17.93 14.98
CA TYR F 793 -32.56 -19.32 15.31
C TYR F 793 -32.28 -19.60 16.77
N LYS F 794 -33.14 -20.42 17.39
CA LYS F 794 -33.00 -20.82 18.78
C LYS F 794 -32.99 -22.33 18.97
N THR F 795 -32.07 -22.86 19.76
CA THR F 795 -32.07 -24.30 20.07
C THR F 795 -33.15 -24.64 21.10
N PRO F 796 -33.72 -25.84 21.02
CA PRO F 796 -34.69 -26.25 22.02
C PRO F 796 -34.06 -26.37 23.39
N PRO F 797 -34.84 -26.20 24.44
CA PRO F 797 -34.27 -26.22 25.80
C PRO F 797 -33.99 -27.61 26.32
N ILE F 798 -33.10 -28.35 25.65
CA ILE F 798 -32.80 -29.73 26.02
C ILE F 798 -31.33 -29.82 26.37
N LYS F 799 -30.97 -30.80 27.21
CA LYS F 799 -29.61 -30.84 27.72
C LYS F 799 -28.61 -31.45 26.75
N ASP F 800 -28.98 -32.50 26.03
CA ASP F 800 -28.07 -33.15 25.10
C ASP F 800 -28.75 -33.45 23.79
N PHE F 801 -28.06 -33.18 22.69
CA PHE F 801 -28.60 -33.56 21.40
C PHE F 801 -27.86 -34.83 21.05
N GLY F 802 -28.49 -35.97 21.29
CA GLY F 802 -27.81 -37.22 21.04
C GLY F 802 -26.52 -37.38 21.79
N GLY F 803 -26.41 -36.86 23.00
CA GLY F 803 -25.17 -37.00 23.74
C GLY F 803 -24.08 -35.97 23.45
N PHE F 804 -24.33 -34.98 22.61
CA PHE F 804 -23.37 -33.92 22.32
C PHE F 804 -23.74 -32.72 23.17
N ASN F 805 -22.85 -32.33 24.08
CA ASN F 805 -23.20 -31.30 25.06
C ASN F 805 -23.47 -29.90 24.50
N PHE F 806 -22.56 -29.31 23.75
CA PHE F 806 -22.74 -27.97 23.15
C PHE F 806 -22.92 -26.86 24.17
N SER F 807 -22.80 -27.13 25.46
CA SER F 807 -23.07 -26.12 26.48
C SER F 807 -22.14 -24.92 26.41
N GLN F 808 -20.86 -25.16 26.15
CA GLN F 808 -19.89 -24.07 26.21
C GLN F 808 -20.15 -22.99 25.17
N ILE F 809 -20.54 -23.36 23.96
CA ILE F 809 -20.81 -22.39 22.91
C ILE F 809 -22.12 -21.61 23.12
N LEU F 810 -23.13 -22.20 23.75
CA LEU F 810 -24.42 -21.55 23.94
C LEU F 810 -24.39 -20.38 24.92
N PRO F 811 -25.28 -19.38 24.73
CA PRO F 811 -25.28 -18.21 25.61
C PRO F 811 -25.63 -18.48 27.06
N ASP F 812 -25.02 -17.71 27.94
CA ASP F 812 -25.14 -17.82 29.38
C ASP F 812 -25.64 -16.53 30.02
N PRO F 813 -26.65 -16.56 30.88
CA PRO F 813 -27.07 -15.34 31.58
C PRO F 813 -26.01 -14.76 32.49
N SER F 814 -25.22 -15.60 33.16
CA SER F 814 -24.18 -15.10 34.06
C SER F 814 -23.13 -14.26 33.34
N LYS F 815 -22.81 -14.61 32.11
CA LYS F 815 -21.78 -13.90 31.36
C LYS F 815 -22.22 -12.46 31.14
N PRO F 816 -21.27 -11.53 31.04
CA PRO F 816 -21.66 -10.10 31.01
C PRO F 816 -22.58 -9.67 29.90
N SER F 817 -22.40 -10.09 28.66
CA SER F 817 -23.25 -9.60 27.60
C SER F 817 -24.18 -10.69 27.10
N LYS F 818 -24.46 -11.67 27.94
CA LYS F 818 -25.23 -12.83 27.55
C LYS F 818 -24.44 -13.67 26.58
N ARG F 819 -23.12 -13.56 26.66
CA ARG F 819 -22.25 -14.26 25.75
C ARG F 819 -22.04 -15.69 26.22
N SER F 820 -21.41 -16.48 25.38
CA SER F 820 -21.14 -17.85 25.71
C SER F 820 -19.97 -17.93 26.67
N PHE F 821 -19.76 -19.12 27.22
CA PHE F 821 -18.66 -19.29 28.15
C PHE F 821 -17.34 -19.03 27.46
N ILE F 822 -17.14 -19.61 26.28
CA ILE F 822 -15.87 -19.42 25.57
C ILE F 822 -15.70 -17.97 25.18
N GLU F 823 -16.75 -17.36 24.64
CA GLU F 823 -16.65 -15.98 24.19
C GLU F 823 -16.26 -15.09 25.35
N ASP F 824 -16.81 -15.35 26.52
CA ASP F 824 -16.47 -14.54 27.67
C ASP F 824 -14.98 -14.59 27.91
N LEU F 825 -14.42 -15.79 27.87
CA LEU F 825 -13.00 -15.97 28.07
C LEU F 825 -12.21 -15.14 27.06
N LEU F 826 -12.62 -15.15 25.80
CA LEU F 826 -11.89 -14.44 24.76
C LEU F 826 -11.82 -12.95 25.07
N PHE F 827 -12.93 -12.35 25.46
CA PHE F 827 -12.92 -10.91 25.69
C PHE F 827 -12.04 -10.53 26.86
N ASN F 828 -11.84 -11.41 27.83
CA ASN F 828 -10.97 -11.05 28.93
C ASN F 828 -9.51 -11.07 28.53
N LYS F 829 -9.08 -12.07 27.76
CA LYS F 829 -7.67 -12.14 27.41
C LYS F 829 -7.20 -10.93 26.60
N VAL F 830 -7.90 -10.57 25.55
CA VAL F 830 -7.49 -9.41 24.78
C VAL F 830 -7.61 -8.15 25.63
N THR F 831 -6.59 -7.30 25.60
CA THR F 831 -6.60 -6.11 26.43
C THR F 831 -6.27 -4.87 25.61
N PHE F 859 -6.71 13.98 22.82
CA PHE F 859 -7.22 15.32 22.54
C PHE F 859 -6.79 15.72 21.13
N ASN F 860 -6.26 16.93 20.95
CA ASN F 860 -5.88 17.46 19.64
C ASN F 860 -7.08 17.25 18.73
N GLY F 861 -6.92 16.74 17.52
CA GLY F 861 -8.05 16.46 16.67
C GLY F 861 -8.33 14.98 16.58
N LEU F 862 -7.66 14.16 17.37
CA LEU F 862 -7.83 12.73 17.29
C LEU F 862 -9.12 12.33 17.96
N THR F 863 -9.83 11.39 17.35
CA THR F 863 -11.08 10.92 17.91
C THR F 863 -11.30 9.51 17.43
N VAL F 864 -12.00 8.72 18.22
CA VAL F 864 -12.34 7.35 17.85
C VAL F 864 -13.84 7.25 17.62
N LEU F 865 -14.22 6.71 16.48
CA LEU F 865 -15.62 6.59 16.09
C LEU F 865 -16.15 5.22 16.46
N PRO F 866 -17.32 5.15 17.04
CA PRO F 866 -17.87 3.87 17.48
C PRO F 866 -18.20 2.96 16.33
N PRO F 867 -17.96 1.67 16.48
CA PRO F 867 -18.31 0.69 15.46
C PRO F 867 -19.81 0.61 15.27
N LEU F 868 -20.24 0.43 14.02
CA LEU F 868 -21.66 0.38 13.74
C LEU F 868 -22.34 -0.77 14.45
N LEU F 869 -21.76 -1.97 14.43
CA LEU F 869 -22.37 -3.10 15.07
C LEU F 869 -21.78 -3.27 16.46
N THR F 870 -22.62 -3.12 17.48
CA THR F 870 -22.20 -3.27 18.85
C THR F 870 -21.85 -4.72 19.13
N ASP F 871 -21.06 -4.94 20.18
CA ASP F 871 -20.65 -6.30 20.49
C ASP F 871 -21.85 -7.19 20.74
N GLU F 872 -22.90 -6.65 21.36
CA GLU F 872 -24.08 -7.47 21.61
C GLU F 872 -24.68 -7.95 20.31
N MET F 873 -24.74 -7.09 19.30
CA MET F 873 -25.30 -7.50 18.02
C MET F 873 -24.48 -8.62 17.43
N ILE F 874 -23.16 -8.47 17.45
CA ILE F 874 -22.31 -9.50 16.89
C ILE F 874 -22.49 -10.79 17.64
N ALA F 875 -22.63 -10.71 18.96
CA ALA F 875 -22.84 -11.91 19.74
C ALA F 875 -24.10 -12.59 19.30
N GLN F 876 -25.16 -11.83 19.08
CA GLN F 876 -26.42 -12.41 18.66
C GLN F 876 -26.30 -13.09 17.31
N TYR F 877 -25.55 -12.50 16.39
CA TYR F 877 -25.37 -13.14 15.10
C TYR F 877 -24.72 -14.50 15.26
N THR F 878 -23.65 -14.58 16.05
CA THR F 878 -22.95 -15.85 16.20
C THR F 878 -23.88 -16.92 16.73
N SER F 879 -24.70 -16.58 17.71
CA SER F 879 -25.60 -17.55 18.32
C SER F 879 -26.56 -18.08 17.27
N ALA F 880 -27.08 -17.21 16.42
CA ALA F 880 -28.03 -17.62 15.39
C ALA F 880 -27.36 -18.62 14.45
N LEU F 881 -26.15 -18.33 14.02
CA LEU F 881 -25.42 -19.23 13.13
C LEU F 881 -25.25 -20.57 13.81
N LEU F 882 -24.84 -20.54 15.07
CA LEU F 882 -24.61 -21.75 15.84
C LEU F 882 -25.90 -22.56 15.95
N ALA F 883 -26.99 -21.91 16.33
CA ALA F 883 -28.27 -22.60 16.53
C ALA F 883 -28.76 -23.21 15.23
N GLY F 884 -28.68 -22.45 14.14
CA GLY F 884 -29.10 -22.95 12.85
C GLY F 884 -28.36 -24.21 12.47
N THR F 885 -27.08 -24.27 12.77
CA THR F 885 -26.25 -25.41 12.42
C THR F 885 -26.61 -26.63 13.25
N ILE F 886 -26.95 -26.43 14.51
CA ILE F 886 -27.23 -27.56 15.38
C ILE F 886 -28.57 -28.18 15.05
N THR F 887 -29.52 -27.40 14.57
CA THR F 887 -30.85 -27.90 14.34
C THR F 887 -31.14 -28.20 12.89
N SER F 888 -30.55 -27.49 11.94
CA SER F 888 -30.87 -27.65 10.53
C SER F 888 -29.67 -28.01 9.68
N GLY F 889 -28.52 -28.30 10.26
CA GLY F 889 -27.35 -28.66 9.49
C GLY F 889 -26.88 -27.61 8.52
N TRP F 890 -26.72 -27.97 7.25
CA TRP F 890 -26.21 -27.00 6.29
C TRP F 890 -27.29 -26.49 5.37
N THR F 891 -28.55 -26.68 5.73
CA THR F 891 -29.64 -26.31 4.87
C THR F 891 -30.13 -24.90 5.08
N PHE F 892 -29.73 -24.23 6.14
CA PHE F 892 -30.27 -22.91 6.41
C PHE F 892 -29.52 -21.84 5.67
N GLY F 893 -28.41 -22.19 5.04
CA GLY F 893 -27.57 -21.26 4.33
C GLY F 893 -27.83 -21.36 2.84
N ALA F 894 -28.55 -22.39 2.42
CA ALA F 894 -28.81 -22.62 1.02
C ALA F 894 -30.29 -22.52 0.66
N GLY F 895 -31.13 -22.08 1.57
CA GLY F 895 -32.54 -21.93 1.30
C GLY F 895 -33.34 -22.15 2.57
N PRO F 896 -34.52 -22.73 2.42
CA PRO F 896 -35.37 -22.96 3.57
C PRO F 896 -34.66 -23.85 4.58
N ALA F 897 -34.68 -23.46 5.86
CA ALA F 897 -34.05 -24.30 6.88
C ALA F 897 -34.94 -25.46 7.27
N LEU F 898 -34.44 -26.67 7.13
CA LEU F 898 -35.21 -27.85 7.49
C LEU F 898 -34.57 -28.61 8.65
N GLN F 899 -35.39 -29.06 9.60
CA GLN F 899 -34.88 -29.72 10.79
C GLN F 899 -34.41 -31.15 10.50
N ILE F 900 -33.40 -31.59 11.24
CA ILE F 900 -32.91 -32.95 11.12
C ILE F 900 -32.31 -33.33 12.47
N PRO F 901 -32.57 -34.52 13.00
CA PRO F 901 -31.95 -34.93 14.26
C PRO F 901 -30.44 -34.79 14.22
N PHE F 902 -29.87 -34.25 15.28
CA PHE F 902 -28.43 -33.98 15.23
C PHE F 902 -27.64 -35.26 15.00
N PRO F 903 -28.03 -36.35 15.65
CA PRO F 903 -27.29 -37.59 15.46
C PRO F 903 -27.27 -37.96 13.98
N MET F 904 -28.38 -37.80 13.29
CA MET F 904 -28.46 -38.12 11.87
C MET F 904 -27.64 -37.16 11.04
N GLN F 905 -27.57 -35.90 11.44
CA GLN F 905 -26.74 -34.95 10.71
C GLN F 905 -25.30 -35.41 10.68
N MET F 906 -24.78 -35.89 11.80
CA MET F 906 -23.39 -36.34 11.83
C MET F 906 -23.19 -37.48 10.87
N ALA F 907 -24.18 -38.36 10.73
CA ALA F 907 -24.06 -39.44 9.78
C ALA F 907 -23.82 -38.90 8.38
N TYR F 908 -24.54 -37.85 8.00
CA TYR F 908 -24.31 -37.24 6.69
C TYR F 908 -22.90 -36.74 6.58
N ARG F 909 -22.38 -36.13 7.63
CA ARG F 909 -21.02 -35.61 7.60
C ARG F 909 -20.04 -36.73 7.37
N PHE F 910 -20.25 -37.88 7.99
CA PHE F 910 -19.33 -39.00 7.82
C PHE F 910 -19.30 -39.44 6.38
N ASN F 911 -20.45 -39.48 5.72
CA ASN F 911 -20.44 -39.85 4.30
C ASN F 911 -19.63 -38.87 3.49
N GLY F 912 -19.64 -37.59 3.85
CA GLY F 912 -18.84 -36.65 3.08
C GLY F 912 -17.37 -36.97 3.16
N ILE F 913 -16.86 -37.32 4.35
CA ILE F 913 -15.44 -37.61 4.46
C ILE F 913 -15.13 -38.95 3.83
N GLY F 914 -16.11 -39.82 3.68
CA GLY F 914 -15.93 -41.10 3.06
C GLY F 914 -16.07 -42.32 3.93
N VAL F 915 -16.80 -42.23 5.02
CA VAL F 915 -17.01 -43.36 5.92
C VAL F 915 -18.50 -43.67 5.95
N THR F 916 -18.85 -44.94 5.90
CA THR F 916 -20.26 -45.31 5.88
C THR F 916 -20.94 -44.86 7.16
N GLN F 917 -22.22 -44.53 7.05
CA GLN F 917 -22.96 -44.03 8.20
C GLN F 917 -23.06 -45.04 9.33
N ASN F 918 -23.08 -46.34 9.05
CA ASN F 918 -23.24 -47.31 10.12
C ASN F 918 -22.17 -47.07 11.17
N VAL F 919 -20.98 -46.65 10.74
CA VAL F 919 -19.87 -46.45 11.65
C VAL F 919 -20.26 -45.47 12.74
N LEU F 920 -20.98 -44.41 12.39
CA LEU F 920 -21.36 -43.45 13.40
C LEU F 920 -22.40 -44.03 14.34
N TYR F 921 -23.45 -44.65 13.81
CA TYR F 921 -24.51 -45.15 14.66
C TYR F 921 -24.02 -46.22 15.61
N GLU F 922 -23.00 -46.97 15.23
CA GLU F 922 -22.54 -48.04 16.08
C GLU F 922 -21.53 -47.56 17.09
N ASN F 923 -21.04 -46.35 16.95
CA ASN F 923 -20.06 -45.79 17.85
C ASN F 923 -20.52 -44.43 18.30
N GLN F 924 -21.84 -44.22 18.34
CA GLN F 924 -22.36 -42.91 18.66
C GLN F 924 -21.86 -42.46 20.00
N LYS F 925 -22.00 -43.31 21.01
CA LYS F 925 -21.62 -42.93 22.37
C LYS F 925 -20.16 -42.51 22.41
N LEU F 926 -19.29 -43.32 21.82
CA LEU F 926 -17.86 -43.04 21.85
C LEU F 926 -17.58 -41.69 21.21
N ILE F 927 -18.15 -41.46 20.04
CA ILE F 927 -17.92 -40.22 19.32
C ILE F 927 -18.38 -39.04 20.15
N ALA F 928 -19.54 -39.16 20.79
CA ALA F 928 -20.03 -38.05 21.60
C ALA F 928 -19.07 -37.74 22.72
N ASN F 929 -18.57 -38.75 23.42
CA ASN F 929 -17.64 -38.48 24.52
C ASN F 929 -16.40 -37.81 24.00
N GLN F 930 -15.85 -38.31 22.89
CA GLN F 930 -14.66 -37.70 22.34
C GLN F 930 -14.92 -36.24 22.04
N PHE F 931 -16.04 -35.94 21.40
CA PHE F 931 -16.34 -34.56 21.05
C PHE F 931 -16.40 -33.72 22.32
N ASN F 932 -17.12 -34.19 23.34
CA ASN F 932 -17.26 -33.40 24.56
C ASN F 932 -15.91 -33.16 25.19
N SER F 933 -15.05 -34.17 25.22
CA SER F 933 -13.74 -34.00 25.82
C SER F 933 -12.96 -32.93 25.10
N ALA F 934 -12.98 -32.95 23.77
CA ALA F 934 -12.21 -31.97 23.02
C ALA F 934 -12.68 -30.56 23.36
N ILE F 935 -13.98 -30.35 23.43
CA ILE F 935 -14.50 -29.02 23.73
C ILE F 935 -14.00 -28.58 25.09
N GLY F 936 -13.97 -29.50 26.06
CA GLY F 936 -13.50 -29.15 27.38
C GLY F 936 -12.09 -28.63 27.36
N LYS F 937 -11.23 -29.20 26.52
CA LYS F 937 -9.85 -28.75 26.48
C LYS F 937 -9.74 -27.34 25.93
N ILE F 938 -10.63 -26.96 25.01
CA ILE F 938 -10.52 -25.64 24.39
C ILE F 938 -10.39 -24.57 25.45
N GLN F 939 -11.26 -24.59 26.45
CA GLN F 939 -11.21 -23.53 27.45
C GLN F 939 -9.83 -23.49 28.08
N ASP F 940 -9.34 -24.64 28.51
CA ASP F 940 -8.03 -24.72 29.16
C ASP F 940 -6.93 -24.20 28.25
N SER F 941 -6.95 -24.62 26.99
CA SER F 941 -5.92 -24.21 26.04
C SER F 941 -5.79 -22.70 25.95
N LEU F 942 -6.89 -22.00 25.68
CA LEU F 942 -6.82 -20.56 25.54
C LEU F 942 -6.27 -19.92 26.81
N SER F 943 -6.75 -20.34 27.97
CA SER F 943 -6.31 -19.75 29.23
C SER F 943 -4.82 -19.98 29.47
N SER F 944 -4.36 -21.22 29.32
CA SER F 944 -2.96 -21.51 29.62
C SER F 944 -2.02 -20.76 28.70
N THR F 945 -2.29 -20.80 27.40
CA THR F 945 -1.41 -20.16 26.44
C THR F 945 -1.74 -18.67 26.39
N PRO F 946 -0.84 -17.85 26.96
CA PRO F 946 -1.07 -16.41 26.94
C PRO F 946 -1.01 -15.86 25.52
N SER F 947 -0.16 -16.42 24.68
CA SER F 947 0.01 -15.96 23.31
C SER F 947 -1.02 -16.54 22.37
N ALA F 948 -2.06 -17.17 22.92
CA ALA F 948 -3.09 -17.76 22.07
C ALA F 948 -3.76 -16.73 21.19
N LEU F 949 -4.10 -15.57 21.76
CA LEU F 949 -4.76 -14.52 21.02
C LEU F 949 -3.79 -13.45 20.59
N GLY F 950 -2.53 -13.84 20.38
CA GLY F 950 -1.53 -12.87 20.00
C GLY F 950 -1.91 -12.17 18.71
N LYS F 951 -2.48 -12.91 17.77
CA LYS F 951 -2.81 -12.32 16.49
C LYS F 951 -3.73 -11.13 16.67
N LEU F 952 -4.80 -11.31 17.43
CA LEU F 952 -5.73 -10.21 17.68
C LEU F 952 -5.05 -9.09 18.45
N GLN F 953 -4.24 -9.45 19.44
CA GLN F 953 -3.58 -8.46 20.27
C GLN F 953 -2.65 -7.59 19.45
N ASP F 954 -1.95 -8.18 18.49
CA ASP F 954 -1.02 -7.42 17.66
C ASP F 954 -1.73 -6.26 17.00
N VAL F 955 -2.91 -6.51 16.46
CA VAL F 955 -3.64 -5.45 15.79
C VAL F 955 -3.84 -4.29 16.74
N VAL F 956 -4.29 -4.59 17.97
CA VAL F 956 -4.53 -3.52 18.92
C VAL F 956 -3.25 -2.72 19.17
N ASN F 957 -2.15 -3.42 19.42
CA ASN F 957 -0.91 -2.72 19.72
C ASN F 957 -0.47 -1.82 18.58
N GLN F 958 -0.49 -2.33 17.36
CA GLN F 958 -0.02 -1.52 16.25
C GLN F 958 -0.79 -0.23 16.16
N ASN F 959 -2.12 -0.29 16.25
CA ASN F 959 -2.87 0.95 16.13
C ASN F 959 -2.45 1.92 17.22
N ALA F 960 -2.40 1.43 18.46
CA ALA F 960 -2.05 2.29 19.57
C ALA F 960 -0.67 2.88 19.36
N GLN F 961 0.27 2.03 18.94
CA GLN F 961 1.64 2.50 18.75
C GLN F 961 1.66 3.66 17.76
N ALA F 962 0.96 3.49 16.64
CA ALA F 962 0.95 4.52 15.62
C ALA F 962 0.41 5.81 16.18
N LEU F 963 -0.70 5.72 16.90
CA LEU F 963 -1.33 6.92 17.43
C LEU F 963 -0.43 7.63 18.42
N ASN F 964 0.31 6.87 19.24
CA ASN F 964 1.20 7.52 20.19
C ASN F 964 2.24 8.33 19.45
N THR F 965 2.80 7.75 18.40
CA THR F 965 3.84 8.43 17.65
C THR F 965 3.31 9.74 17.11
N LEU F 966 2.10 9.73 16.58
CA LEU F 966 1.56 10.94 15.98
C LEU F 966 1.51 12.04 17.03
N VAL F 967 1.00 11.70 18.21
CA VAL F 967 0.87 12.65 19.30
C VAL F 967 2.23 13.16 19.73
N LYS F 968 3.21 12.27 19.82
CA LYS F 968 4.56 12.64 20.23
C LYS F 968 5.16 13.66 19.30
N GLN F 969 4.90 13.51 18.01
CA GLN F 969 5.48 14.39 17.01
C GLN F 969 5.13 15.84 17.25
N LEU F 970 4.05 16.12 17.97
CA LEU F 970 3.67 17.49 18.18
C LEU F 970 4.66 18.24 19.05
N SER F 971 5.63 17.56 19.64
CA SER F 971 6.59 18.19 20.52
C SER F 971 7.94 18.40 19.84
N SER F 972 8.03 18.20 18.55
CA SER F 972 9.26 18.33 17.80
C SER F 972 9.39 19.73 17.25
N ASN F 973 10.59 20.30 17.29
CA ASN F 973 10.77 21.64 16.77
C ASN F 973 10.81 21.72 15.26
N PHE F 974 11.37 20.72 14.61
CA PHE F 974 11.51 20.66 13.17
C PHE F 974 12.38 21.78 12.66
N GLY F 975 13.10 22.43 13.54
CA GLY F 975 14.00 23.51 13.18
C GLY F 975 13.55 24.86 13.66
N ALA F 976 12.35 24.97 14.20
CA ALA F 976 11.82 26.22 14.69
C ALA F 976 12.40 26.53 16.06
N ILE F 977 12.22 27.76 16.52
CA ILE F 977 12.72 28.10 17.85
C ILE F 977 12.03 27.27 18.90
N SER F 978 10.73 27.00 18.73
CA SER F 978 10.00 26.26 19.74
C SER F 978 8.97 25.38 19.08
N SER F 979 8.50 24.39 19.83
CA SER F 979 7.45 23.49 19.37
C SER F 979 6.07 23.88 19.88
N VAL F 980 5.96 24.99 20.59
CA VAL F 980 4.69 25.49 21.08
C VAL F 980 4.30 26.66 20.21
N LEU F 981 3.22 26.49 19.46
CA LEU F 981 2.80 27.52 18.53
C LEU F 981 2.50 28.82 19.26
N ASN F 982 1.79 28.75 20.38
CA ASN F 982 1.40 29.96 21.10
C ASN F 982 2.61 30.80 21.49
N ASP F 983 3.71 30.15 21.88
CA ASP F 983 4.90 30.88 22.26
C ASP F 983 5.39 31.74 21.11
N ILE F 984 5.62 31.13 19.95
CA ILE F 984 6.10 31.91 18.81
C ILE F 984 5.16 33.08 18.59
N LEU F 985 3.86 32.82 18.68
CA LEU F 985 2.90 33.87 18.46
C LEU F 985 2.99 34.93 19.55
N SER F 986 3.39 34.53 20.75
CA SER F 986 3.42 35.45 21.86
C SER F 986 4.74 36.21 21.96
N ARG F 987 5.68 35.95 21.07
CA ARG F 987 7.00 36.57 21.14
C ARG F 987 7.32 37.29 19.82
N LEU F 988 7.56 36.55 18.75
CA LEU F 988 7.96 37.16 17.51
C LEU F 988 6.82 37.95 16.88
N ASP F 989 7.17 38.94 16.08
CA ASP F 989 6.21 39.77 15.38
C ASP F 989 5.68 39.02 14.15
N PRO F 990 4.59 39.47 13.56
CA PRO F 990 3.98 38.74 12.43
C PRO F 990 4.96 38.37 11.33
N PRO F 991 5.78 39.30 10.82
CA PRO F 991 6.64 38.91 9.69
C PRO F 991 7.56 37.76 10.03
N GLU F 992 8.25 37.84 11.17
CA GLU F 992 9.17 36.79 11.57
C GLU F 992 8.44 35.52 11.95
N ALA F 993 7.33 35.65 12.66
CA ALA F 993 6.61 34.45 13.09
C ALA F 993 6.31 33.56 11.91
N GLU F 994 5.86 34.14 10.79
CA GLU F 994 5.53 33.33 9.63
C GLU F 994 6.61 32.31 9.34
N VAL F 995 7.86 32.75 9.33
CA VAL F 995 8.95 31.83 8.99
C VAL F 995 8.94 30.66 9.95
N GLN F 996 8.90 30.93 11.25
CA GLN F 996 8.94 29.86 12.24
C GLN F 996 7.73 28.94 12.09
N ILE F 997 6.54 29.53 11.94
CA ILE F 997 5.34 28.72 11.83
C ILE F 997 5.42 27.81 10.62
N ASP F 998 5.95 28.32 9.51
CA ASP F 998 6.01 27.50 8.31
C ASP F 998 6.81 26.24 8.59
N ARG F 999 7.90 26.36 9.32
CA ARG F 999 8.69 25.18 9.62
C ARG F 999 7.81 24.16 10.33
N LEU F 1000 7.10 24.60 11.37
CA LEU F 1000 6.26 23.66 12.10
C LEU F 1000 5.19 23.08 11.19
N ILE F 1001 4.55 23.91 10.38
CA ILE F 1001 3.49 23.40 9.52
C ILE F 1001 4.05 22.31 8.63
N THR F 1002 5.20 22.56 8.04
CA THR F 1002 5.77 21.58 7.14
C THR F 1002 6.00 20.27 7.85
N GLY F 1003 6.60 20.33 9.03
CA GLY F 1003 6.90 19.09 9.73
C GLY F 1003 5.62 18.38 10.16
N ARG F 1004 4.69 19.12 10.75
CA ARG F 1004 3.48 18.47 11.23
C ARG F 1004 2.69 17.90 10.08
N LEU F 1005 2.67 18.59 8.97
CA LEU F 1005 1.95 18.11 7.80
C LEU F 1005 2.53 16.79 7.35
N GLN F 1006 3.86 16.71 7.31
CA GLN F 1006 4.50 15.48 6.89
C GLN F 1006 4.15 14.35 7.84
N SER F 1007 4.10 14.63 9.14
CA SER F 1007 3.80 13.59 10.12
C SER F 1007 2.44 12.97 9.85
N LEU F 1008 1.45 13.78 9.51
CA LEU F 1008 0.13 13.23 9.22
C LEU F 1008 0.19 12.32 8.02
N GLN F 1009 0.79 12.78 6.93
CA GLN F 1009 0.79 11.95 5.74
C GLN F 1009 1.40 10.61 6.03
N THR F 1010 2.51 10.59 6.76
CA THR F 1010 3.11 9.31 7.09
C THR F 1010 2.10 8.44 7.82
N TYR F 1011 1.43 9.01 8.81
CA TYR F 1011 0.45 8.24 9.57
C TYR F 1011 -0.63 7.72 8.65
N VAL F 1012 -1.18 8.58 7.81
CA VAL F 1012 -2.28 8.16 6.95
C VAL F 1012 -1.83 7.05 6.03
N THR F 1013 -0.65 7.18 5.46
CA THR F 1013 -0.16 6.17 4.54
C THR F 1013 -0.07 4.84 5.23
N GLN F 1014 0.46 4.80 6.45
CA GLN F 1014 0.60 3.54 7.13
C GLN F 1014 -0.77 2.93 7.35
N GLN F 1015 -1.75 3.73 7.75
CA GLN F 1015 -3.07 3.16 7.97
C GLN F 1015 -3.63 2.57 6.70
N LEU F 1016 -3.43 3.24 5.56
CA LEU F 1016 -3.96 2.68 4.33
C LEU F 1016 -3.37 1.32 4.06
N ILE F 1017 -2.05 1.20 4.17
CA ILE F 1017 -1.43 -0.09 3.91
C ILE F 1017 -1.88 -1.10 4.95
N ARG F 1018 -1.92 -0.70 6.21
CA ARG F 1018 -2.31 -1.62 7.25
C ARG F 1018 -3.75 -2.06 7.05
N ALA F 1019 -4.63 -1.12 6.68
CA ALA F 1019 -6.04 -1.44 6.49
C ALA F 1019 -6.20 -2.48 5.40
N ALA F 1020 -5.40 -2.37 4.35
CA ALA F 1020 -5.48 -3.33 3.25
C ALA F 1020 -5.23 -4.73 3.76
N GLU F 1021 -4.25 -4.87 4.65
CA GLU F 1021 -3.95 -6.18 5.22
C GLU F 1021 -5.16 -6.71 5.96
N ILE F 1022 -5.80 -5.86 6.78
CA ILE F 1022 -6.95 -6.32 7.54
C ILE F 1022 -8.05 -6.74 6.58
N ARG F 1023 -8.25 -5.98 5.50
CA ARG F 1023 -9.32 -6.32 4.58
C ARG F 1023 -9.08 -7.69 3.99
N ALA F 1024 -7.85 -8.00 3.64
CA ALA F 1024 -7.55 -9.32 3.12
C ALA F 1024 -7.95 -10.37 4.15
N SER F 1025 -7.58 -10.13 5.40
CA SER F 1025 -7.92 -11.05 6.46
C SER F 1025 -9.43 -11.19 6.61
N ALA F 1026 -10.16 -10.09 6.54
CA ALA F 1026 -11.60 -10.16 6.67
C ALA F 1026 -12.21 -11.01 5.57
N ASN F 1027 -11.72 -10.86 4.34
CA ASN F 1027 -12.26 -11.64 3.24
C ASN F 1027 -12.03 -13.12 3.48
N LEU F 1028 -10.86 -13.47 3.99
CA LEU F 1028 -10.62 -14.87 4.29
C LEU F 1028 -11.59 -15.34 5.35
N ALA F 1029 -11.81 -14.53 6.38
CA ALA F 1029 -12.73 -14.90 7.44
C ALA F 1029 -14.12 -15.12 6.88
N ALA F 1030 -14.54 -14.26 5.96
CA ALA F 1030 -15.85 -14.41 5.35
C ALA F 1030 -15.95 -15.71 4.60
N THR F 1031 -14.90 -16.07 3.85
CA THR F 1031 -14.92 -17.32 3.10
C THR F 1031 -15.05 -18.50 4.04
N LYS F 1032 -14.31 -18.49 5.15
CA LYS F 1032 -14.38 -19.60 6.08
C LYS F 1032 -15.76 -19.70 6.69
N MET F 1033 -16.39 -18.57 6.97
CA MET F 1033 -17.72 -18.63 7.53
C MET F 1033 -18.67 -19.34 6.59
N SER F 1034 -18.56 -19.06 5.29
CA SER F 1034 -19.49 -19.68 4.36
C SER F 1034 -19.13 -21.12 4.09
N GLU F 1035 -17.86 -21.41 3.87
CA GLU F 1035 -17.48 -22.76 3.48
C GLU F 1035 -17.36 -23.68 4.68
N CYS F 1036 -16.73 -23.24 5.76
CA CYS F 1036 -16.50 -24.12 6.88
C CYS F 1036 -17.73 -24.22 7.77
N VAL F 1037 -18.39 -23.11 8.07
CA VAL F 1037 -19.50 -23.13 9.01
C VAL F 1037 -20.80 -23.50 8.33
N LEU F 1038 -21.09 -22.95 7.17
CA LEU F 1038 -22.36 -23.18 6.51
C LEU F 1038 -22.31 -24.35 5.54
N GLY F 1039 -21.27 -25.17 5.61
CA GLY F 1039 -21.18 -26.33 4.75
C GLY F 1039 -19.98 -27.15 5.18
N GLN F 1040 -19.83 -28.30 4.55
CA GLN F 1040 -18.68 -29.17 4.80
C GLN F 1040 -17.67 -29.01 3.67
N SER F 1041 -16.48 -28.55 4.00
CA SER F 1041 -15.47 -28.27 2.99
C SER F 1041 -14.63 -29.50 2.63
N LYS F 1042 -14.23 -29.58 1.37
CA LYS F 1042 -13.36 -30.67 0.95
C LYS F 1042 -11.93 -30.22 0.75
N ARG F 1043 -11.66 -28.93 0.87
CA ARG F 1043 -10.32 -28.42 0.77
C ARG F 1043 -9.48 -29.05 1.86
N VAL F 1044 -8.22 -29.36 1.56
CA VAL F 1044 -7.39 -30.11 2.51
C VAL F 1044 -7.29 -29.43 3.87
N ASP F 1045 -6.70 -28.25 3.95
CA ASP F 1045 -6.52 -27.67 5.27
C ASP F 1045 -7.13 -26.30 5.36
N PHE F 1046 -8.22 -26.11 4.65
CA PHE F 1046 -8.90 -24.85 4.73
C PHE F 1046 -9.61 -24.71 6.07
N CYS F 1047 -10.16 -25.79 6.60
CA CYS F 1047 -10.90 -25.75 7.86
C CYS F 1047 -10.30 -26.75 8.85
N GLY F 1048 -9.09 -26.50 9.30
CA GLY F 1048 -8.45 -27.33 10.30
C GLY F 1048 -7.70 -28.50 9.69
N LYS F 1049 -6.92 -29.18 10.52
CA LYS F 1049 -6.18 -30.34 10.05
C LYS F 1049 -7.02 -31.60 10.24
N GLY F 1050 -7.00 -32.47 9.25
CA GLY F 1050 -7.81 -33.68 9.26
C GLY F 1050 -8.96 -33.50 8.29
N TYR F 1051 -9.87 -34.47 8.29
CA TYR F 1051 -11.04 -34.37 7.44
C TYR F 1051 -12.12 -33.57 8.15
N HIS F 1052 -12.47 -32.42 7.60
CA HIS F 1052 -13.41 -31.51 8.22
C HIS F 1052 -14.80 -32.09 8.34
N LEU F 1053 -15.42 -31.88 9.50
CA LEU F 1053 -16.81 -32.28 9.74
C LEU F 1053 -17.72 -31.08 9.92
N MET F 1054 -17.43 -30.18 10.84
CA MET F 1054 -18.27 -29.01 11.05
C MET F 1054 -17.47 -27.96 11.81
N SER F 1055 -17.91 -26.71 11.72
CA SER F 1055 -17.24 -25.62 12.42
C SER F 1055 -18.23 -24.72 13.14
N PHE F 1056 -17.81 -24.14 14.25
CA PHE F 1056 -18.63 -23.25 15.04
C PHE F 1056 -17.97 -21.89 15.16
N PRO F 1057 -18.69 -20.82 14.94
CA PRO F 1057 -18.13 -19.47 15.06
C PRO F 1057 -18.26 -18.81 16.41
N GLN F 1058 -17.18 -18.27 16.98
CA GLN F 1058 -17.28 -17.56 18.25
C GLN F 1058 -16.72 -16.17 18.09
N SER F 1059 -17.46 -15.16 18.52
CA SER F 1059 -17.00 -13.78 18.42
C SER F 1059 -15.84 -13.51 19.36
N ALA F 1060 -14.89 -12.71 18.90
CA ALA F 1060 -13.72 -12.31 19.65
C ALA F 1060 -13.54 -10.83 19.40
N PRO F 1061 -12.85 -10.11 20.28
CA PRO F 1061 -12.73 -8.67 20.07
C PRO F 1061 -12.00 -8.40 18.77
N HIS F 1062 -12.62 -7.59 17.94
CA HIS F 1062 -12.07 -7.20 16.65
C HIS F 1062 -11.68 -8.41 15.81
N GLY F 1063 -12.48 -9.46 15.85
CA GLY F 1063 -12.12 -10.66 15.13
C GLY F 1063 -13.11 -11.77 15.36
N VAL F 1064 -12.77 -12.95 14.85
CA VAL F 1064 -13.61 -14.13 15.01
C VAL F 1064 -12.75 -15.34 15.31
N VAL F 1065 -13.28 -16.27 16.09
CA VAL F 1065 -12.61 -17.52 16.41
C VAL F 1065 -13.44 -18.68 15.88
N PHE F 1066 -12.83 -19.58 15.12
CA PHE F 1066 -13.52 -20.72 14.54
C PHE F 1066 -13.09 -22.00 15.21
N LEU F 1067 -14.04 -22.80 15.67
CA LEU F 1067 -13.73 -24.10 16.25
C LEU F 1067 -13.99 -25.14 15.17
N HIS F 1068 -12.97 -25.86 14.74
CA HIS F 1068 -13.11 -26.81 13.65
C HIS F 1068 -13.14 -28.24 14.19
N VAL F 1069 -14.20 -28.97 13.88
CA VAL F 1069 -14.30 -30.37 14.27
C VAL F 1069 -13.87 -31.23 13.10
N THR F 1070 -12.87 -32.08 13.32
CA THR F 1070 -12.32 -32.91 12.26
C THR F 1070 -12.22 -34.36 12.71
N TYR F 1071 -12.15 -35.25 11.74
CA TYR F 1071 -12.04 -36.69 11.98
C TYR F 1071 -10.62 -37.13 11.68
N VAL F 1072 -9.91 -37.64 12.67
CA VAL F 1072 -8.53 -38.06 12.46
C VAL F 1072 -8.42 -39.58 12.58
N PRO F 1073 -8.01 -40.29 11.54
CA PRO F 1073 -7.82 -41.74 11.63
C PRO F 1073 -6.76 -42.15 12.65
N ALA F 1074 -6.91 -43.33 13.23
CA ALA F 1074 -5.97 -43.78 14.26
C ALA F 1074 -5.88 -45.31 14.31
N GLN F 1075 -4.86 -45.81 15.01
CA GLN F 1075 -4.61 -47.24 15.22
C GLN F 1075 -4.59 -48.06 13.94
N GLU F 1076 -3.58 -47.80 13.12
CA GLU F 1076 -3.39 -48.48 11.85
C GLU F 1076 -2.79 -49.87 11.94
N LYS F 1077 -3.18 -50.72 11.02
CA LYS F 1077 -2.67 -52.08 10.90
C LYS F 1077 -2.32 -52.35 9.45
N ASN F 1078 -1.30 -53.15 9.21
CA ASN F 1078 -0.81 -53.44 7.87
C ASN F 1078 -1.35 -54.76 7.36
N PHE F 1079 -1.82 -54.77 6.11
CA PHE F 1079 -2.36 -55.96 5.46
C PHE F 1079 -1.83 -56.07 4.04
N THR F 1080 -1.87 -57.28 3.50
CA THR F 1080 -1.49 -57.49 2.11
C THR F 1080 -2.65 -57.09 1.21
N THR F 1081 -2.36 -56.53 0.06
CA THR F 1081 -3.38 -56.03 -0.84
C THR F 1081 -3.17 -56.53 -2.27
N ALA F 1082 -4.26 -56.66 -3.02
CA ALA F 1082 -4.22 -57.07 -4.42
C ALA F 1082 -5.07 -56.14 -5.26
N PRO F 1083 -4.63 -55.79 -6.47
CA PRO F 1083 -5.47 -54.97 -7.35
C PRO F 1083 -6.77 -55.60 -7.79
N ALA F 1084 -6.77 -56.89 -8.13
CA ALA F 1084 -7.96 -57.53 -8.62
C ALA F 1084 -7.95 -58.99 -8.20
N ILE F 1085 -9.11 -59.62 -8.25
CA ILE F 1085 -9.26 -61.03 -7.91
C ILE F 1085 -9.67 -61.80 -9.15
N CYS F 1086 -8.95 -62.87 -9.47
CA CYS F 1086 -9.21 -63.67 -10.66
C CYS F 1086 -10.09 -64.86 -10.31
N HIS F 1087 -11.33 -64.86 -10.79
CA HIS F 1087 -12.28 -65.94 -10.56
C HIS F 1087 -12.85 -66.35 -11.90
N ASP F 1088 -12.73 -67.63 -12.25
CA ASP F 1088 -13.27 -68.15 -13.52
C ASP F 1088 -12.73 -67.34 -14.69
N GLY F 1089 -11.49 -66.92 -14.59
CA GLY F 1089 -10.93 -66.20 -15.70
C GLY F 1089 -11.45 -64.80 -15.84
N LYS F 1090 -12.12 -64.25 -14.83
CA LYS F 1090 -12.67 -62.91 -14.91
C LYS F 1090 -12.06 -62.08 -13.81
N ALA F 1091 -11.54 -60.91 -14.17
CA ALA F 1091 -11.03 -60.01 -13.16
C ALA F 1091 -12.17 -59.36 -12.41
N HIS F 1092 -12.04 -59.25 -11.09
CA HIS F 1092 -13.02 -58.60 -10.23
C HIS F 1092 -12.36 -57.42 -9.55
N PHE F 1093 -12.97 -56.26 -9.66
CA PHE F 1093 -12.48 -55.04 -9.06
C PHE F 1093 -13.48 -54.53 -8.05
N PRO F 1094 -13.07 -54.09 -6.87
CA PRO F 1094 -14.04 -53.68 -5.86
C PRO F 1094 -14.76 -52.41 -6.28
N ARG F 1095 -16.09 -52.42 -6.21
CA ARG F 1095 -16.80 -51.22 -6.61
C ARG F 1095 -16.42 -50.06 -5.70
N GLU F 1096 -16.34 -50.31 -4.40
CA GLU F 1096 -15.94 -49.31 -3.42
C GLU F 1096 -15.16 -50.02 -2.35
N GLY F 1097 -13.93 -49.60 -2.16
CA GLY F 1097 -13.06 -50.14 -1.15
C GLY F 1097 -11.84 -50.78 -1.76
N VAL F 1098 -11.14 -51.55 -0.94
CA VAL F 1098 -9.90 -52.20 -1.35
C VAL F 1098 -9.88 -53.63 -0.85
N PHE F 1099 -9.24 -54.52 -1.61
CA PHE F 1099 -9.09 -55.91 -1.22
C PHE F 1099 -7.96 -56.10 -0.24
N VAL F 1100 -8.26 -56.58 0.97
CA VAL F 1100 -7.24 -56.79 1.99
C VAL F 1100 -7.21 -58.27 2.35
N SER F 1101 -6.08 -58.70 2.90
CA SER F 1101 -5.87 -60.09 3.25
C SER F 1101 -5.15 -60.24 4.56
N ASN F 1102 -5.78 -60.83 5.56
CA ASN F 1102 -5.09 -61.10 6.83
C ASN F 1102 -4.76 -62.57 6.81
N GLY F 1103 -3.50 -62.91 6.93
CA GLY F 1103 -3.20 -64.31 6.79
C GLY F 1103 -3.63 -64.79 5.43
N THR F 1104 -4.46 -65.82 5.40
CA THR F 1104 -4.87 -66.44 4.14
C THR F 1104 -6.27 -66.08 3.68
N HIS F 1105 -6.93 -65.12 4.30
CA HIS F 1105 -8.31 -64.81 3.95
C HIS F 1105 -8.39 -63.46 3.28
N TRP F 1106 -9.12 -63.39 2.18
CA TRP F 1106 -9.25 -62.17 1.40
C TRP F 1106 -10.61 -61.53 1.65
N PHE F 1107 -10.62 -60.22 1.90
CA PHE F 1107 -11.84 -59.50 2.18
C PHE F 1107 -11.83 -58.19 1.41
N VAL F 1108 -12.95 -57.48 1.41
CA VAL F 1108 -13.03 -56.16 0.80
C VAL F 1108 -13.45 -55.19 1.89
N THR F 1109 -12.75 -54.09 2.02
CA THR F 1109 -13.02 -53.13 3.08
C THR F 1109 -13.04 -51.70 2.57
N GLN F 1110 -13.82 -50.84 3.23
CA GLN F 1110 -13.80 -49.43 2.88
C GLN F 1110 -12.42 -48.88 3.20
N ARG F 1111 -11.94 -47.93 2.41
CA ARG F 1111 -10.58 -47.47 2.60
C ARG F 1111 -10.33 -46.75 3.92
N ASN F 1112 -11.21 -45.87 4.33
CA ASN F 1112 -10.98 -45.07 5.53
C ASN F 1112 -10.98 -45.85 6.83
N PHE F 1113 -11.88 -46.81 6.99
CA PHE F 1113 -12.05 -47.54 8.24
C PHE F 1113 -12.07 -49.02 7.97
N TYR F 1114 -11.49 -49.81 8.86
CA TYR F 1114 -11.38 -51.25 8.62
C TYR F 1114 -12.65 -51.99 9.00
N GLU F 1115 -13.40 -52.42 7.99
CA GLU F 1115 -14.61 -53.23 8.20
C GLU F 1115 -14.61 -54.40 7.21
N PRO F 1116 -13.90 -55.46 7.50
CA PRO F 1116 -13.77 -56.56 6.54
C PRO F 1116 -15.09 -57.25 6.20
N GLN F 1117 -15.32 -57.47 4.91
CA GLN F 1117 -16.51 -58.14 4.42
C GLN F 1117 -16.15 -59.15 3.35
N ILE F 1118 -16.89 -60.25 3.30
CA ILE F 1118 -16.59 -61.31 2.33
C ILE F 1118 -16.80 -60.80 0.92
N ILE F 1119 -15.90 -61.18 0.02
CA ILE F 1119 -16.02 -60.79 -1.38
C ILE F 1119 -17.21 -61.48 -2.01
N THR F 1120 -18.05 -60.70 -2.68
CA THR F 1120 -19.26 -61.20 -3.31
C THR F 1120 -19.45 -60.45 -4.60
N THR F 1121 -20.33 -60.97 -5.43
CA THR F 1121 -20.65 -60.31 -6.68
C THR F 1121 -21.23 -58.93 -6.43
N ASP F 1122 -21.99 -58.75 -5.36
CA ASP F 1122 -22.61 -57.47 -5.06
C ASP F 1122 -21.60 -56.36 -4.85
N ASN F 1123 -20.50 -56.61 -4.17
CA ASN F 1123 -19.57 -55.53 -3.87
C ASN F 1123 -18.43 -55.37 -4.87
N THR F 1124 -18.37 -56.18 -5.92
CA THR F 1124 -17.29 -56.13 -6.89
C THR F 1124 -17.87 -56.11 -8.29
N PHE F 1125 -17.11 -55.61 -9.27
CA PHE F 1125 -17.56 -55.62 -10.65
C PHE F 1125 -16.50 -56.29 -11.51
N VAL F 1126 -16.96 -56.93 -12.59
CA VAL F 1126 -16.11 -57.69 -13.51
C VAL F 1126 -15.68 -56.87 -14.71
N SER F 1127 -14.37 -56.74 -14.91
CA SER F 1127 -13.85 -55.92 -16.01
C SER F 1127 -13.32 -56.68 -17.22
N GLY F 1128 -12.98 -57.95 -17.11
CA GLY F 1128 -12.39 -58.63 -18.26
C GLY F 1128 -11.77 -59.95 -17.88
N ASN F 1129 -10.74 -60.35 -18.63
CA ASN F 1129 -10.07 -61.61 -18.36
C ASN F 1129 -9.02 -61.38 -17.28
N CYS F 1130 -8.11 -62.33 -17.08
CA CYS F 1130 -7.11 -62.23 -16.02
C CYS F 1130 -5.68 -62.09 -16.52
N ASP F 1131 -5.46 -61.44 -17.64
CA ASP F 1131 -4.13 -61.38 -18.23
C ASP F 1131 -3.49 -60.01 -18.16
N VAL F 1132 -4.22 -58.96 -18.48
CA VAL F 1132 -3.64 -57.62 -18.54
C VAL F 1132 -3.20 -57.15 -17.16
N VAL F 1133 -4.06 -57.32 -16.15
CA VAL F 1133 -3.76 -56.80 -14.82
C VAL F 1133 -2.50 -57.42 -14.26
N ILE F 1134 -1.68 -56.60 -13.61
CA ILE F 1134 -0.44 -57.04 -12.99
C ILE F 1134 -0.62 -57.07 -11.48
N GLY F 1135 -0.41 -58.22 -10.89
CA GLY F 1135 -0.59 -58.40 -9.47
C GLY F 1135 -1.88 -59.07 -9.06
N ILE F 1136 -2.71 -59.46 -10.02
CA ILE F 1136 -3.97 -60.09 -9.71
C ILE F 1136 -3.74 -61.40 -8.97
N VAL F 1137 -4.52 -61.64 -7.93
CA VAL F 1137 -4.38 -62.86 -7.14
C VAL F 1137 -5.62 -63.72 -7.29
N ASN F 1138 -5.43 -65.04 -7.17
CA ASN F 1138 -6.52 -65.98 -7.32
C ASN F 1138 -7.32 -66.11 -6.04
N ASN F 1139 -8.64 -66.16 -6.16
CA ASN F 1139 -9.48 -66.34 -4.98
C ASN F 1139 -10.89 -66.63 -5.49
N THR F 1140 -11.77 -67.00 -4.58
CA THR F 1140 -13.15 -67.34 -4.92
C THR F 1140 -14.07 -66.18 -4.58
N VAL F 1141 -14.95 -65.82 -5.50
CA VAL F 1141 -15.93 -64.77 -5.26
C VAL F 1141 -17.28 -65.41 -5.02
N TYR F 1142 -17.77 -65.31 -3.79
CA TYR F 1142 -19.01 -65.95 -3.40
C TYR F 1142 -20.17 -65.35 -4.20
N ASP F 1143 -21.18 -66.17 -4.49
CA ASP F 1143 -22.37 -65.70 -5.19
C ASP F 1143 -23.60 -65.84 -4.31
N PRO F 1144 -24.34 -64.76 -4.05
CA PRO F 1144 -25.54 -64.87 -3.21
C PRO F 1144 -26.65 -65.74 -3.79
N LEU F 1145 -26.88 -65.70 -5.10
CA LEU F 1145 -27.98 -66.44 -5.69
C LEU F 1145 -27.79 -67.95 -5.62
N GLN F 1146 -26.55 -68.42 -5.76
CA GLN F 1146 -26.32 -69.86 -5.86
C GLN F 1146 -26.87 -70.65 -4.68
N PRO F 1147 -26.66 -70.25 -3.42
CA PRO F 1147 -27.24 -71.04 -2.32
C PRO F 1147 -28.76 -71.14 -2.36
N GLU F 1148 -29.47 -70.04 -2.68
CA GLU F 1148 -30.92 -70.14 -2.76
C GLU F 1148 -31.32 -71.14 -3.83
N LEU F 1149 -30.65 -71.10 -4.98
CA LEU F 1149 -30.95 -72.02 -6.07
C LEU F 1149 -30.40 -73.40 -5.75
N GLU G 1 25.97 -64.49 -0.48
CA GLU G 1 27.24 -64.80 -1.12
C GLU G 1 27.58 -63.80 -2.21
N VAL G 2 27.85 -62.57 -1.81
CA VAL G 2 28.19 -61.51 -2.75
C VAL G 2 29.70 -61.42 -2.76
N GLN G 3 30.30 -61.60 -3.93
CA GLN G 3 31.74 -61.60 -4.06
C GLN G 3 32.20 -60.54 -5.06
N LEU G 4 33.13 -59.68 -4.64
CA LEU G 4 33.74 -58.68 -5.50
C LEU G 4 35.21 -59.00 -5.64
N VAL G 5 35.69 -59.17 -6.86
CA VAL G 5 37.08 -59.55 -7.11
C VAL G 5 37.79 -58.46 -7.91
N GLU G 6 38.93 -58.00 -7.42
CA GLU G 6 39.70 -56.95 -8.06
C GLU G 6 40.84 -57.55 -8.88
N SER G 7 41.19 -56.87 -9.97
CA SER G 7 42.27 -57.32 -10.83
C SER G 7 42.90 -56.14 -11.54
N GLY G 8 44.09 -56.34 -12.07
CA GLY G 8 44.78 -55.31 -12.81
C GLY G 8 45.72 -54.43 -12.02
N GLY G 9 45.94 -54.70 -10.73
CA GLY G 9 46.90 -53.93 -9.96
C GLY G 9 48.30 -54.46 -10.13
N GLY G 10 49.23 -53.58 -10.50
CA GLY G 10 50.61 -53.95 -10.76
C GLY G 10 51.51 -52.75 -10.66
N LEU G 11 52.82 -53.02 -10.61
CA LEU G 11 53.80 -51.95 -10.60
C LEU G 11 53.76 -51.14 -11.88
N VAL G 12 53.82 -49.83 -11.75
CA VAL G 12 53.75 -48.95 -12.91
C VAL G 12 54.72 -47.80 -12.72
N GLN G 13 55.35 -47.37 -13.81
CA GLN G 13 56.24 -46.22 -13.76
C GLN G 13 55.43 -44.93 -13.64
N PRO G 14 56.00 -43.91 -13.00
CA PRO G 14 55.26 -42.66 -12.82
C PRO G 14 54.92 -42.03 -14.16
N GLY G 15 53.70 -41.49 -14.25
CA GLY G 15 53.22 -40.82 -15.44
C GLY G 15 52.53 -41.74 -16.43
N ARG G 16 52.57 -43.04 -16.22
CA ARG G 16 51.91 -44.01 -17.06
C ARG G 16 50.45 -44.17 -16.65
N SER G 17 49.68 -44.88 -17.48
CA SER G 17 48.25 -45.11 -17.25
C SER G 17 47.96 -46.59 -16.98
N LEU G 18 47.15 -46.85 -15.96
CA LEU G 18 46.75 -48.21 -15.58
C LEU G 18 45.24 -48.31 -15.41
N ARG G 19 44.70 -49.50 -15.69
CA ARG G 19 43.27 -49.77 -15.62
C ARG G 19 42.96 -50.85 -14.59
N LEU G 20 41.95 -50.60 -13.75
CA LEU G 20 41.51 -51.55 -12.73
C LEU G 20 40.13 -52.10 -13.05
N SER G 21 39.97 -53.42 -12.99
CA SER G 21 38.69 -54.04 -13.29
C SER G 21 38.21 -54.82 -12.08
N CYS G 22 36.95 -54.62 -11.70
CA CYS G 22 36.34 -55.35 -10.58
C CYS G 22 35.23 -56.24 -11.11
N ALA G 23 35.26 -57.52 -10.76
CA ALA G 23 34.26 -58.48 -11.20
C ALA G 23 33.19 -58.66 -10.12
N ALA G 24 31.93 -58.58 -10.51
CA ALA G 24 30.81 -58.64 -9.57
C ALA G 24 29.99 -59.90 -9.77
N SER G 25 29.72 -60.62 -8.69
CA SER G 25 28.94 -61.84 -8.77
C SER G 25 28.04 -61.97 -7.54
N GLY G 26 26.96 -62.72 -7.69
CA GLY G 26 26.08 -63.00 -6.57
C GLY G 26 25.02 -61.98 -6.23
N PHE G 27 24.86 -60.93 -7.02
CA PHE G 27 23.83 -59.92 -6.78
C PHE G 27 23.49 -59.27 -8.12
N THR G 28 22.39 -58.53 -8.13
CA THR G 28 22.02 -57.84 -9.37
C THR G 28 22.85 -56.57 -9.43
N PHE G 29 23.76 -56.58 -10.38
CA PHE G 29 24.73 -55.54 -10.61
C PHE G 29 24.10 -54.20 -10.97
N ASP G 30 22.99 -54.22 -11.70
CA ASP G 30 22.40 -52.97 -12.16
C ASP G 30 21.40 -52.37 -11.21
N ASP G 31 21.55 -52.60 -9.90
CA ASP G 31 20.57 -52.16 -8.92
C ASP G 31 21.28 -51.52 -7.75
N TYR G 32 22.54 -51.12 -7.92
CA TYR G 32 23.31 -50.56 -6.82
C TYR G 32 24.46 -49.73 -7.35
N ALA G 33 24.77 -48.66 -6.64
CA ALA G 33 25.89 -47.83 -7.03
C ALA G 33 27.19 -48.50 -6.61
N MET G 34 28.28 -48.17 -7.28
CA MET G 34 29.56 -48.80 -6.96
C MET G 34 30.58 -47.72 -6.63
N HIS G 35 31.53 -48.03 -5.76
CA HIS G 35 32.50 -47.02 -5.34
C HIS G 35 33.89 -47.61 -5.33
N TRP G 36 34.91 -46.75 -5.44
CA TRP G 36 36.29 -47.17 -5.36
C TRP G 36 36.92 -46.53 -4.13
N VAL G 37 37.57 -47.32 -3.30
CA VAL G 37 38.25 -46.80 -2.12
C VAL G 37 39.68 -47.32 -2.08
N ARG G 38 40.63 -46.46 -1.71
CA ARG G 38 42.03 -46.85 -1.63
C ARG G 38 42.55 -46.68 -0.22
N GLN G 39 43.31 -47.66 0.25
CA GLN G 39 43.93 -47.60 1.56
C GLN G 39 45.41 -47.34 1.41
N THR G 40 45.85 -46.16 1.84
CA THR G 40 47.27 -45.85 1.76
C THR G 40 47.99 -46.62 2.86
N PRO G 41 49.21 -47.09 2.61
CA PRO G 41 49.95 -47.80 3.67
C PRO G 41 50.14 -46.98 4.93
N GLY G 42 50.49 -45.72 4.79
CA GLY G 42 50.74 -44.88 5.94
C GLY G 42 49.60 -43.95 6.31
N LYS G 43 48.48 -44.01 5.59
CA LYS G 43 47.39 -43.08 5.80
C LYS G 43 46.07 -43.84 5.86
N GLY G 44 45.05 -43.16 6.35
CA GLY G 44 43.75 -43.75 6.49
C GLY G 44 43.06 -43.89 5.14
N LEU G 45 41.95 -44.61 5.14
CA LEU G 45 41.21 -44.87 3.92
C LEU G 45 40.81 -43.57 3.22
N GLU G 46 40.92 -43.54 1.89
CA GLU G 46 40.48 -42.38 1.13
C GLU G 46 39.49 -42.80 0.05
N TRP G 47 38.33 -42.14 0.01
CA TRP G 47 37.33 -42.40 -1.03
C TRP G 47 37.77 -41.85 -2.37
N VAL G 48 37.68 -42.63 -3.44
CA VAL G 48 38.17 -42.17 -4.73
C VAL G 48 37.07 -41.76 -5.69
N SER G 49 36.09 -42.62 -5.96
CA SER G 49 35.08 -42.27 -6.95
C SER G 49 33.82 -43.10 -6.72
N GLY G 50 32.71 -42.59 -7.21
CA GLY G 50 31.45 -43.32 -7.15
C GLY G 50 30.60 -43.12 -8.38
N ILE G 51 29.89 -44.19 -8.75
CA ILE G 51 29.05 -44.18 -9.94
C ILE G 51 27.67 -44.74 -9.58
N SER G 52 26.63 -44.20 -10.21
CA SER G 52 25.27 -44.65 -9.96
C SER G 52 24.98 -45.89 -10.76
N TRP G 53 23.73 -46.37 -10.71
CA TRP G 53 23.40 -47.60 -11.40
C TRP G 53 23.39 -47.42 -12.91
N ASN G 54 22.93 -46.28 -13.39
CA ASN G 54 22.83 -46.03 -14.82
C ASN G 54 24.00 -45.19 -15.31
N SER G 55 24.92 -44.82 -14.41
CA SER G 55 26.08 -43.99 -14.67
C SER G 55 25.71 -42.52 -14.79
N GLY G 56 24.48 -42.16 -14.44
CA GLY G 56 24.09 -40.77 -14.48
C GLY G 56 24.85 -39.86 -13.52
N SER G 57 25.10 -40.34 -12.31
CA SER G 57 25.80 -39.53 -11.29
C SER G 57 27.19 -40.09 -11.02
N ILE G 58 28.21 -39.30 -11.30
CA ILE G 58 29.60 -39.68 -11.05
C ILE G 58 30.31 -38.62 -10.24
N GLY G 59 31.05 -39.06 -9.22
CA GLY G 59 31.80 -38.15 -8.39
C GLY G 59 33.24 -38.61 -8.22
N TYR G 60 34.14 -37.64 -8.07
CA TYR G 60 35.56 -37.93 -7.90
C TYR G 60 36.14 -37.11 -6.76
N ALA G 61 37.17 -37.66 -6.13
CA ALA G 61 37.89 -36.95 -5.11
C ALA G 61 38.66 -35.80 -5.74
N ASP G 62 38.88 -34.73 -4.98
CA ASP G 62 39.53 -33.57 -5.57
C ASP G 62 40.92 -33.90 -6.08
N SER G 63 41.66 -34.72 -5.34
CA SER G 63 43.02 -35.07 -5.73
C SER G 63 43.04 -35.80 -7.07
N VAL G 64 42.09 -36.71 -7.29
CA VAL G 64 42.10 -37.53 -8.50
C VAL G 64 41.30 -36.94 -9.64
N LYS G 65 40.66 -35.79 -9.44
CA LYS G 65 39.80 -35.25 -10.48
C LYS G 65 40.62 -34.90 -11.71
N GLY G 66 40.10 -35.26 -12.88
CA GLY G 66 40.73 -34.94 -14.14
C GLY G 66 41.75 -35.95 -14.61
N ARG G 67 42.08 -36.93 -13.78
CA ARG G 67 43.00 -37.99 -14.15
C ARG G 67 42.41 -39.37 -14.05
N PHE G 68 41.27 -39.54 -13.38
CA PHE G 68 40.68 -40.84 -13.14
C PHE G 68 39.29 -40.87 -13.74
N THR G 69 38.96 -41.94 -14.44
CA THR G 69 37.63 -42.11 -15.01
C THR G 69 37.04 -43.42 -14.50
N ILE G 70 35.81 -43.38 -14.01
CA ILE G 70 35.11 -44.57 -13.55
C ILE G 70 34.00 -44.91 -14.53
N SER G 71 33.96 -46.16 -14.97
CA SER G 71 32.94 -46.63 -15.90
C SER G 71 32.46 -48.01 -15.46
N ARG G 72 31.25 -48.35 -15.84
CA ARG G 72 30.70 -49.64 -15.48
C ARG G 72 30.00 -50.26 -16.67
N ASP G 73 30.08 -51.57 -16.78
CA ASP G 73 29.35 -52.30 -17.80
C ASP G 73 28.32 -53.18 -17.10
N ASN G 74 27.05 -52.84 -17.27
CA ASN G 74 26.00 -53.61 -16.60
C ASN G 74 25.90 -55.02 -17.14
N ALA G 75 26.04 -55.19 -18.46
CA ALA G 75 25.92 -56.52 -19.05
C ALA G 75 27.02 -57.46 -18.56
N LYS G 76 28.24 -56.97 -18.44
CA LYS G 76 29.39 -57.77 -18.06
C LYS G 76 29.60 -57.82 -16.55
N ASN G 77 28.81 -57.10 -15.78
CA ASN G 77 28.96 -57.03 -14.32
C ASN G 77 30.36 -56.59 -13.91
N SER G 78 30.90 -55.59 -14.59
CA SER G 78 32.26 -55.16 -14.31
C SER G 78 32.35 -53.67 -14.04
N LEU G 79 33.22 -53.31 -13.09
CA LEU G 79 33.47 -51.93 -12.71
C LEU G 79 34.90 -51.57 -13.12
N TYR G 80 35.06 -50.48 -13.84
CA TYR G 80 36.36 -50.09 -14.37
C TYR G 80 36.81 -48.74 -13.88
N LEU G 81 38.06 -48.65 -13.42
CA LEU G 81 38.65 -47.38 -13.06
C LEU G 81 39.84 -47.19 -13.97
N GLN G 82 39.90 -46.05 -14.65
CA GLN G 82 41.03 -45.74 -15.52
C GLN G 82 41.88 -44.70 -14.83
N MET G 83 43.17 -44.99 -14.67
CA MET G 83 44.08 -44.09 -13.98
C MET G 83 45.15 -43.55 -14.92
N ASN G 84 45.30 -42.23 -14.96
CA ASN G 84 46.26 -41.58 -15.84
C ASN G 84 47.09 -40.61 -15.02
N SER G 85 48.27 -40.26 -15.54
CA SER G 85 49.20 -39.36 -14.85
C SER G 85 49.52 -39.83 -13.44
N LEU G 86 49.82 -41.11 -13.31
CA LEU G 86 50.05 -41.72 -12.01
C LEU G 86 51.25 -41.09 -11.31
N ARG G 87 51.15 -40.95 -9.99
CA ARG G 87 52.17 -40.31 -9.18
C ARG G 87 52.48 -41.19 -7.98
N ALA G 88 53.59 -40.85 -7.29
CA ALA G 88 54.05 -41.67 -6.17
C ALA G 88 53.00 -41.75 -5.07
N GLU G 89 52.29 -40.65 -4.82
CA GLU G 89 51.28 -40.63 -3.77
C GLU G 89 50.16 -41.63 -4.04
N ASP G 90 49.90 -41.94 -5.31
CA ASP G 90 48.81 -42.83 -5.65
C ASP G 90 48.99 -44.24 -5.07
N THR G 91 50.21 -44.70 -4.84
CA THR G 91 50.38 -46.08 -4.40
C THR G 91 49.55 -46.34 -3.16
N ALA G 92 48.71 -47.37 -3.23
CA ALA G 92 47.80 -47.74 -2.15
C ALA G 92 47.13 -49.06 -2.51
N LEU G 93 46.36 -49.58 -1.57
CA LEU G 93 45.53 -50.76 -1.80
C LEU G 93 44.14 -50.32 -2.21
N TYR G 94 43.71 -50.68 -3.42
CA TYR G 94 42.45 -50.23 -3.99
C TYR G 94 41.33 -51.25 -3.80
N TYR G 95 40.18 -50.80 -3.31
CA TYR G 95 39.04 -51.68 -3.05
C TYR G 95 37.82 -51.28 -3.87
N CYS G 96 37.17 -52.23 -4.52
CA CYS G 96 35.89 -51.95 -5.19
C CYS G 96 34.76 -52.30 -4.23
N THR G 97 33.84 -51.36 -4.01
CA THR G 97 32.77 -51.58 -2.99
C THR G 97 31.38 -51.49 -3.65
N LYS G 98 30.35 -51.97 -2.96
CA LYS G 98 28.97 -51.92 -3.49
C LYS G 98 28.13 -51.01 -2.60
N ASP G 99 27.58 -49.93 -3.16
CA ASP G 99 26.74 -48.98 -2.39
C ASP G 99 25.38 -49.62 -2.11
N LEU G 100 24.87 -49.48 -0.87
CA LEU G 100 23.55 -50.05 -0.51
C LEU G 100 22.46 -49.41 -1.38
N GLY G 101 22.64 -48.14 -1.77
CA GLY G 101 21.62 -47.42 -2.55
C GLY G 101 21.88 -47.47 -4.05
N LEU G 102 21.22 -46.61 -4.82
CA LEU G 102 21.37 -46.59 -6.30
C LEU G 102 22.19 -45.36 -6.72
N GLY G 103 22.77 -44.63 -5.76
CA GLY G 103 23.50 -43.39 -6.09
C GLY G 103 22.54 -42.23 -6.22
N ILE G 104 21.24 -42.49 -6.03
CA ILE G 104 20.22 -41.45 -6.10
C ILE G 104 19.19 -41.80 -5.06
N GLY G 105 18.63 -40.82 -4.36
CA GLY G 105 17.57 -41.10 -3.43
C GLY G 105 17.99 -40.75 -2.01
N PHE G 106 17.65 -41.63 -1.08
CA PHE G 106 17.82 -41.38 0.33
C PHE G 106 18.70 -42.38 1.07
N TYR G 107 19.08 -43.51 0.48
CA TYR G 107 19.82 -44.54 1.19
C TYR G 107 21.26 -44.63 0.66
N TYR G 108 22.24 -44.54 1.55
CA TYR G 108 23.63 -44.52 1.15
C TYR G 108 24.49 -45.30 2.13
N GLY G 109 25.64 -45.76 1.67
CA GLY G 109 26.57 -46.53 2.48
C GLY G 109 27.23 -47.64 1.68
N LEU G 110 28.41 -48.05 2.13
CA LEU G 110 29.20 -49.04 1.40
C LEU G 110 28.95 -50.38 2.08
N ASP G 111 28.01 -51.14 1.53
CA ASP G 111 27.61 -52.42 2.11
C ASP G 111 28.65 -53.54 2.00
N VAL G 112 29.26 -53.72 0.83
CA VAL G 112 30.17 -54.85 0.59
C VAL G 112 31.52 -54.35 0.10
N TRP G 113 32.59 -54.94 0.60
CA TRP G 113 33.93 -54.56 0.22
C TRP G 113 34.68 -55.72 -0.41
N GLY G 114 35.36 -55.47 -1.51
CA GLY G 114 36.16 -56.50 -2.15
C GLY G 114 37.48 -56.70 -1.40
N GLN G 115 38.17 -57.79 -1.72
CA GLN G 115 39.42 -58.08 -1.00
C GLN G 115 40.47 -56.99 -1.25
N GLY G 116 40.54 -56.46 -2.47
CA GLY G 116 41.44 -55.37 -2.76
C GLY G 116 42.62 -55.80 -3.61
N THR G 117 43.20 -54.82 -4.32
CA THR G 117 44.35 -55.01 -5.17
C THR G 117 45.37 -53.93 -4.87
N THR G 118 46.64 -54.24 -5.10
CA THR G 118 47.75 -53.35 -4.75
C THR G 118 48.34 -52.71 -5.99
N VAL G 119 48.41 -51.39 -5.99
CA VAL G 119 49.04 -50.63 -7.05
C VAL G 119 50.25 -49.93 -6.49
N THR G 120 51.40 -50.13 -7.12
CA THR G 120 52.63 -49.47 -6.71
C THR G 120 53.15 -48.59 -7.84
N VAL G 121 53.42 -47.33 -7.53
CA VAL G 121 53.98 -46.39 -8.49
C VAL G 121 55.41 -46.11 -8.08
N SER G 122 56.36 -46.48 -8.94
CA SER G 122 57.76 -46.30 -8.61
C SER G 122 58.57 -46.23 -9.89
N SER G 123 59.76 -45.66 -9.78
CA SER G 123 60.67 -45.59 -10.91
C SER G 123 61.62 -46.77 -10.86
N ILE H 2 34.13 -31.19 2.35
CA ILE H 2 33.73 -31.21 3.75
C ILE H 2 34.60 -32.08 4.62
N GLN H 3 35.54 -31.44 5.30
CA GLN H 3 36.45 -32.14 6.19
C GLN H 3 35.75 -32.71 7.41
N MET H 4 36.17 -33.90 7.79
CA MET H 4 35.63 -34.63 8.93
C MET H 4 36.77 -34.75 9.93
N THR H 5 36.52 -34.35 11.18
CA THR H 5 37.53 -34.42 12.22
C THR H 5 37.09 -35.44 13.25
N GLN H 6 37.96 -36.38 13.56
CA GLN H 6 37.64 -37.47 14.45
C GLN H 6 38.53 -37.39 15.68
N SER H 7 37.93 -37.45 16.85
CA SER H 7 38.63 -37.36 18.13
C SER H 7 38.15 -38.48 19.04
N PRO H 8 39.01 -38.98 19.94
CA PRO H 8 40.46 -38.79 20.03
C PRO H 8 41.17 -39.60 18.98
N SER H 9 42.41 -39.24 18.65
CA SER H 9 43.14 -40.02 17.66
C SER H 9 43.36 -41.45 18.13
N SER H 10 43.72 -41.64 19.39
CA SER H 10 43.87 -42.97 19.94
C SER H 10 43.38 -43.02 21.38
N LEU H 11 42.82 -44.16 21.78
CA LEU H 11 42.42 -44.34 23.17
C LEU H 11 42.73 -45.78 23.54
N SER H 12 42.99 -46.00 24.82
CA SER H 12 43.22 -47.33 25.37
C SER H 12 42.20 -47.63 26.45
N THR H 13 41.52 -48.76 26.33
CA THR H 13 40.47 -49.09 27.29
C THR H 13 40.52 -50.57 27.63
N SER H 14 40.06 -50.88 28.82
CA SER H 14 39.98 -52.25 29.30
C SER H 14 38.69 -52.91 28.80
N VAL H 15 38.69 -54.24 28.84
CA VAL H 15 37.50 -54.98 28.44
C VAL H 15 36.36 -54.64 29.37
N GLY H 16 35.16 -54.51 28.81
CA GLY H 16 34.01 -54.16 29.63
C GLY H 16 33.83 -52.68 29.86
N ASP H 17 34.59 -51.83 29.16
CA ASP H 17 34.53 -50.39 29.37
C ASP H 17 33.80 -49.73 28.22
N ARG H 18 32.86 -48.83 28.55
CA ARG H 18 32.13 -48.11 27.53
C ARG H 18 33.09 -47.23 26.75
N VAL H 19 32.96 -47.20 25.42
CA VAL H 19 33.81 -46.39 24.55
C VAL H 19 32.99 -45.40 23.75
N THR H 20 33.40 -44.13 23.76
CA THR H 20 32.75 -43.09 22.98
C THR H 20 33.73 -42.45 22.01
N ILE H 21 33.37 -42.40 20.72
CA ILE H 21 34.18 -41.76 19.68
C ILE H 21 33.36 -40.67 19.02
N THR H 22 33.95 -39.49 18.85
CA THR H 22 33.24 -38.32 18.32
C THR H 22 33.78 -37.90 16.96
N CYS H 23 32.88 -37.73 15.99
CA CYS H 23 33.21 -37.26 14.66
C CYS H 23 32.47 -35.96 14.39
N ARG H 24 33.16 -34.95 13.87
CA ARG H 24 32.56 -33.65 13.63
C ARG H 24 32.71 -33.31 12.15
N ALA H 25 31.79 -32.48 11.65
CA ALA H 25 31.75 -32.12 10.25
C ALA H 25 31.89 -30.63 10.05
N SER H 26 32.57 -30.24 8.98
CA SER H 26 32.75 -28.82 8.70
C SER H 26 31.43 -28.10 8.47
N GLN H 27 30.52 -28.70 7.72
CA GLN H 27 29.21 -28.12 7.46
C GLN H 27 28.16 -29.19 7.67
N GLY H 28 26.91 -28.78 7.85
CA GLY H 28 25.89 -29.77 8.15
C GLY H 28 25.70 -30.80 7.06
N ILE H 29 25.68 -32.06 7.44
CA ILE H 29 25.53 -33.20 6.54
C ILE H 29 24.19 -33.89 6.74
N ARG H 30 23.24 -33.26 7.39
CA ARG H 30 21.95 -33.84 7.74
C ARG H 30 22.23 -35.14 8.49
N ASN H 31 21.68 -36.28 8.07
CA ASN H 31 21.93 -37.54 8.74
C ASN H 31 22.84 -38.49 7.98
N ASP H 32 23.57 -38.02 6.98
CA ASP H 32 24.35 -38.94 6.17
C ASP H 32 25.72 -39.19 6.79
N LEU H 33 25.90 -40.32 7.45
CA LEU H 33 27.20 -40.63 8.02
C LEU H 33 27.29 -42.14 8.17
N GLY H 34 28.50 -42.66 8.18
CA GLY H 34 28.71 -44.08 8.40
C GLY H 34 29.90 -44.33 9.27
N TRP H 35 29.85 -45.41 10.02
CA TRP H 35 30.96 -45.82 10.86
C TRP H 35 31.53 -47.12 10.31
N TYR H 36 32.84 -47.15 10.06
CA TYR H 36 33.52 -48.27 9.44
C TYR H 36 34.59 -48.84 10.34
N GLN H 37 34.60 -50.15 10.51
CA GLN H 37 35.59 -50.84 11.34
C GLN H 37 36.67 -51.46 10.46
N LEU H 38 37.93 -51.10 10.72
CA LEU H 38 39.05 -51.63 9.97
C LEU H 38 39.93 -52.46 10.89
N LYS H 39 40.18 -53.70 10.51
CA LYS H 39 41.01 -54.63 11.24
C LYS H 39 42.21 -55.02 10.37
N PRO H 40 43.37 -55.26 10.96
CA PRO H 40 44.54 -55.55 10.15
C PRO H 40 44.31 -56.81 9.31
N GLY H 41 44.63 -56.72 8.03
CA GLY H 41 44.45 -57.86 7.15
C GLY H 41 43.03 -58.12 6.75
N LYS H 42 42.11 -57.20 7.03
CA LYS H 42 40.70 -57.38 6.76
C LYS H 42 40.15 -56.16 6.04
N ALA H 43 39.17 -56.41 5.18
CA ALA H 43 38.51 -55.30 4.51
C ALA H 43 37.68 -54.54 5.53
N PRO H 44 37.51 -53.23 5.35
CA PRO H 44 36.65 -52.47 6.24
C PRO H 44 35.23 -53.00 6.24
N LYS H 45 34.56 -52.82 7.37
CA LYS H 45 33.21 -53.31 7.58
C LYS H 45 32.29 -52.16 7.99
N LEU H 46 31.07 -52.15 7.46
CA LEU H 46 30.09 -51.11 7.74
C LEU H 46 29.30 -51.38 9.01
N LEU H 47 29.68 -50.74 10.11
CA LEU H 47 28.93 -50.94 11.35
C LEU H 47 27.59 -50.22 11.32
N ILE H 48 27.61 -48.91 11.10
CA ILE H 48 26.42 -48.07 11.13
C ILE H 48 26.30 -47.25 9.86
N TYR H 49 25.08 -47.07 9.40
CA TYR H 49 24.78 -46.24 8.25
C TYR H 49 23.70 -45.27 8.67
N ASP H 50 23.45 -44.28 7.84
CA ASP H 50 22.54 -43.18 8.15
C ASP H 50 23.05 -42.58 9.46
N ALA H 51 22.23 -42.38 10.46
CA ALA H 51 22.85 -41.91 11.69
C ALA H 51 23.03 -43.01 12.70
N SER H 52 21.96 -43.76 12.97
CA SER H 52 21.95 -44.79 14.00
C SER H 52 21.52 -46.17 13.53
N THR H 53 21.45 -46.43 12.24
CA THR H 53 20.93 -47.69 11.76
C THR H 53 22.04 -48.72 11.67
N LEU H 54 21.97 -49.74 12.51
CA LEU H 54 22.97 -50.81 12.49
C LEU H 54 22.76 -51.72 11.29
N GLN H 55 23.87 -52.15 10.70
CA GLN H 55 23.78 -53.10 9.61
C GLN H 55 23.42 -54.47 10.15
N SER H 56 22.76 -55.27 9.33
CA SER H 56 22.44 -56.62 9.74
C SER H 56 23.70 -57.40 10.05
N GLY H 57 23.70 -58.14 11.15
CA GLY H 57 24.89 -58.88 11.48
C GLY H 57 25.88 -58.14 12.32
N VAL H 58 25.51 -56.99 12.87
CA VAL H 58 26.39 -56.19 13.70
C VAL H 58 25.94 -56.30 15.15
N PRO H 59 26.83 -56.56 16.08
CA PRO H 59 26.43 -56.74 17.48
C PRO H 59 25.78 -55.50 18.04
N SER H 60 24.84 -55.72 18.94
CA SER H 60 24.04 -54.66 19.54
C SER H 60 24.86 -53.67 20.34
N ARG H 61 26.06 -54.05 20.80
CA ARG H 61 26.83 -53.16 21.65
C ARG H 61 27.12 -51.84 20.95
N PHE H 62 27.47 -51.88 19.66
CA PHE H 62 27.68 -50.66 18.90
C PHE H 62 26.41 -49.86 18.74
N SER H 63 26.51 -48.54 18.94
CA SER H 63 25.35 -47.67 18.81
C SER H 63 25.78 -46.37 18.17
N GLY H 64 24.86 -45.76 17.44
CA GLY H 64 25.11 -44.51 16.74
C GLY H 64 24.22 -43.38 17.19
N SER H 65 24.80 -42.20 17.36
CA SER H 65 24.05 -41.07 17.86
C SER H 65 24.55 -39.79 17.19
N GLY H 66 23.72 -38.76 17.28
CA GLY H 66 24.07 -37.44 16.78
C GLY H 66 23.39 -37.09 15.48
N SER H 67 23.30 -35.79 15.24
CA SER H 67 22.70 -35.24 14.04
C SER H 67 23.44 -33.98 13.63
N GLY H 68 23.34 -33.66 12.36
CA GLY H 68 23.97 -32.47 11.82
C GLY H 68 25.48 -32.46 11.95
N THR H 69 26.04 -31.41 12.54
CA THR H 69 27.49 -31.28 12.62
C THR H 69 28.18 -32.34 13.48
N ASP H 70 27.65 -32.61 14.67
CA ASP H 70 28.31 -33.50 15.64
C ASP H 70 27.74 -34.91 15.59
N PHE H 71 28.61 -35.91 15.52
CA PHE H 71 28.15 -37.29 15.51
C PHE H 71 28.98 -38.14 16.47
N THR H 72 28.35 -39.17 17.06
CA THR H 72 29.04 -39.99 18.07
C THR H 72 28.80 -41.48 17.87
N LEU H 73 29.82 -42.30 18.13
CA LEU H 73 29.75 -43.75 18.10
C LEU H 73 30.06 -44.32 19.48
N THR H 74 29.20 -45.19 20.00
CA THR H 74 29.34 -45.74 21.35
C THR H 74 29.33 -47.26 21.38
N ILE H 75 30.28 -47.85 22.09
CA ILE H 75 30.36 -49.29 22.33
C ILE H 75 30.09 -49.55 23.80
N SER H 76 28.96 -50.19 24.11
CA SER H 76 28.58 -50.35 25.51
C SER H 76 29.64 -51.08 26.32
N SER H 77 30.16 -52.19 25.79
CA SER H 77 31.23 -52.92 26.45
C SER H 77 32.31 -53.26 25.43
N LEU H 78 33.56 -52.97 25.77
CA LEU H 78 34.67 -53.32 24.91
C LEU H 78 34.88 -54.83 24.93
N GLU H 79 35.28 -55.37 23.79
CA GLU H 79 35.54 -56.80 23.68
C GLU H 79 36.87 -56.98 22.98
N PRO H 80 37.48 -58.17 23.08
CA PRO H 80 38.73 -58.40 22.34
C PRO H 80 38.56 -58.23 20.84
N GLU H 81 37.43 -58.70 20.31
CA GLU H 81 37.16 -58.54 18.89
C GLU H 81 37.04 -57.08 18.49
N ASP H 82 36.54 -56.24 19.39
CA ASP H 82 36.29 -54.84 19.11
C ASP H 82 37.54 -54.01 18.91
N LEU H 83 38.72 -54.51 19.23
CA LEU H 83 39.91 -53.67 19.15
C LEU H 83 40.35 -53.53 17.69
N ALA H 84 40.00 -52.40 17.09
CA ALA H 84 40.32 -52.10 15.70
C ALA H 84 40.18 -50.61 15.49
N THR H 85 40.72 -50.13 14.38
CA THR H 85 40.57 -48.73 14.01
C THR H 85 39.15 -48.45 13.52
N TYR H 86 38.64 -47.25 13.82
CA TYR H 86 37.31 -46.85 13.44
C TYR H 86 37.33 -45.55 12.63
N TYR H 87 36.51 -45.50 11.58
CA TYR H 87 36.47 -44.36 10.69
C TYR H 87 35.03 -43.88 10.48
N CYS H 88 34.86 -42.58 10.28
CA CYS H 88 33.57 -42.00 9.98
C CYS H 88 33.59 -41.40 8.59
N LEU H 89 32.62 -41.77 7.75
CA LEU H 89 32.54 -41.29 6.38
C LEU H 89 31.25 -40.54 6.17
N HIS H 90 31.32 -39.31 5.67
CA HIS H 90 30.11 -38.58 5.35
C HIS H 90 29.62 -39.00 3.97
N HIS H 91 28.32 -39.14 3.80
CA HIS H 91 27.73 -39.47 2.51
C HIS H 91 26.96 -38.32 1.90
N TYR H 92 27.11 -37.12 2.42
CA TYR H 92 26.27 -36.01 1.97
C TYR H 92 26.44 -35.63 0.51
N THR H 93 27.67 -35.45 0.05
CA THR H 93 27.79 -34.97 -1.32
C THR H 93 29.15 -35.38 -1.84
N TYR H 94 29.25 -35.57 -3.13
CA TYR H 94 30.57 -35.87 -3.65
C TYR H 94 31.44 -34.63 -3.56
N PRO H 95 32.72 -34.79 -3.18
CA PRO H 95 33.38 -36.04 -2.77
C PRO H 95 33.17 -36.46 -1.33
N TRP H 96 32.87 -37.73 -1.11
CA TRP H 96 32.75 -38.25 0.23
C TRP H 96 34.13 -38.23 0.90
N THR H 97 34.19 -37.85 2.17
CA THR H 97 35.45 -37.71 2.87
C THR H 97 35.51 -38.57 4.12
N PHE H 98 36.57 -39.37 4.25
CA PHE H 98 36.76 -40.18 5.43
C PHE H 98 37.42 -39.37 6.55
N GLY H 99 37.20 -39.82 7.78
CA GLY H 99 37.85 -39.19 8.91
C GLY H 99 39.28 -39.73 9.08
N HIS H 100 40.06 -39.06 9.93
CA HIS H 100 41.43 -39.51 10.14
C HIS H 100 41.48 -40.92 10.71
N GLY H 101 40.58 -41.23 11.62
CA GLY H 101 40.49 -42.55 12.18
C GLY H 101 40.93 -42.59 13.62
N THR H 102 40.38 -43.52 14.38
CA THR H 102 40.71 -43.69 15.78
C THR H 102 41.12 -45.13 16.03
N LYS H 103 42.28 -45.31 16.65
CA LYS H 103 42.79 -46.64 16.97
C LYS H 103 42.46 -47.00 18.41
N VAL H 104 41.80 -48.14 18.60
CA VAL H 104 41.43 -48.63 19.92
C VAL H 104 42.32 -49.80 20.27
N GLU H 105 42.95 -49.75 21.44
CA GLU H 105 43.86 -50.80 21.87
C GLU H 105 43.70 -51.06 23.35
N LEU H 106 44.08 -52.28 23.76
CA LEU H 106 43.98 -52.68 25.16
C LEU H 106 45.04 -51.96 26.01
N LYS H 107 44.66 -51.64 27.24
CA LYS H 107 45.58 -50.99 28.18
C LYS H 107 46.82 -51.82 28.52
N TYR I 32 35.36 14.07 -47.69
CA TYR I 32 34.82 13.94 -46.35
C TYR I 32 35.00 12.52 -45.83
N THR I 33 35.52 12.37 -44.62
CA THR I 33 35.72 11.07 -44.02
C THR I 33 34.83 10.94 -42.79
N ASN I 34 34.12 9.82 -42.70
CA ASN I 34 33.19 9.59 -41.61
C ASN I 34 33.96 9.45 -40.29
N SER I 35 33.43 10.08 -39.24
CA SER I 35 34.02 10.00 -37.91
C SER I 35 33.94 8.59 -37.32
N PHE I 36 32.86 7.88 -37.56
CA PHE I 36 32.59 6.55 -36.98
C PHE I 36 32.66 6.64 -35.46
N THR I 37 33.40 5.76 -34.80
CA THR I 37 33.54 5.74 -33.34
C THR I 37 34.80 6.42 -32.84
N ARG I 38 35.63 6.95 -33.71
CA ARG I 38 36.88 7.57 -33.29
C ARG I 38 36.63 8.90 -32.60
N GLY I 39 37.47 9.22 -31.63
CA GLY I 39 37.44 10.49 -30.95
C GLY I 39 36.90 10.59 -29.52
N VAL I 40 36.80 9.48 -28.81
CA VAL I 40 36.36 9.53 -27.41
C VAL I 40 37.57 9.77 -26.50
N TYR I 41 37.38 10.60 -25.47
CA TYR I 41 38.47 10.94 -24.56
C TYR I 41 37.96 10.83 -23.13
N TYR I 42 38.87 10.68 -22.18
CA TYR I 42 38.45 10.53 -20.80
C TYR I 42 37.91 11.87 -20.31
N PRO I 43 36.68 11.92 -19.81
CA PRO I 43 36.10 13.21 -19.42
C PRO I 43 36.75 13.87 -18.23
N ASP I 44 37.09 13.10 -17.19
CA ASP I 44 37.59 13.68 -15.96
C ASP I 44 38.68 12.81 -15.37
N LYS I 45 39.44 13.43 -14.47
CA LYS I 45 40.55 12.75 -13.81
C LYS I 45 40.09 11.58 -12.95
N VAL I 46 38.93 11.70 -12.30
CA VAL I 46 38.50 10.66 -11.37
C VAL I 46 38.41 9.31 -12.07
N PHE I 47 38.83 8.26 -11.37
CA PHE I 47 38.89 6.93 -11.95
C PHE I 47 37.68 6.09 -11.58
N ARG I 48 37.04 5.52 -12.60
CA ARG I 48 35.90 4.63 -12.46
C ARG I 48 36.23 3.30 -13.10
N SER I 49 35.96 2.20 -12.41
CA SER I 49 36.26 0.90 -12.95
C SER I 49 35.05 -0.01 -12.95
N SER I 50 34.84 -0.71 -14.06
CA SER I 50 33.74 -1.68 -14.19
C SER I 50 32.37 -1.06 -13.92
N VAL I 51 32.17 0.17 -14.39
CA VAL I 51 30.92 0.87 -14.21
C VAL I 51 30.59 1.63 -15.49
N LEU I 52 29.31 1.93 -15.67
CA LEU I 52 28.87 2.72 -16.80
C LEU I 52 28.45 4.08 -16.26
N HIS I 53 29.05 5.14 -16.78
CA HIS I 53 28.81 6.48 -16.30
C HIS I 53 28.29 7.33 -17.44
N SER I 54 27.25 8.11 -17.18
CA SER I 54 26.73 9.02 -18.20
C SER I 54 27.19 10.44 -17.88
N THR I 55 27.81 11.09 -18.85
CA THR I 55 28.34 12.43 -18.69
C THR I 55 28.11 13.24 -19.95
N GLN I 56 28.09 14.56 -19.80
CA GLN I 56 27.97 15.46 -20.94
C GLN I 56 29.30 16.01 -21.44
N ASP I 57 30.42 15.56 -20.87
CA ASP I 57 31.71 16.12 -21.27
C ASP I 57 32.05 15.83 -22.73
N LEU I 58 31.76 14.64 -23.23
CA LEU I 58 32.17 14.31 -24.58
C LEU I 58 31.50 15.22 -25.59
N PHE I 59 32.29 15.72 -26.54
CA PHE I 59 31.77 16.68 -27.48
C PHE I 59 31.84 16.24 -28.94
N LEU I 60 32.15 14.98 -29.23
CA LEU I 60 32.29 14.59 -30.64
C LEU I 60 31.06 13.82 -31.11
N PRO I 61 30.30 14.34 -32.06
CA PRO I 61 29.15 13.59 -32.58
C PRO I 61 29.58 12.37 -33.35
N PHE I 62 28.95 11.23 -33.06
CA PHE I 62 29.31 9.98 -33.71
C PHE I 62 28.87 9.98 -35.16
N PHE I 63 29.61 9.24 -35.99
CA PHE I 63 29.28 9.07 -37.40
C PHE I 63 29.03 10.40 -38.11
N SER I 64 29.97 11.33 -37.96
CA SER I 64 29.86 12.61 -38.62
C SER I 64 31.01 12.75 -39.61
N ASN I 65 30.67 13.08 -40.84
CA ASN I 65 31.68 13.30 -41.87
C ASN I 65 32.46 14.56 -41.56
N VAL I 66 33.79 14.43 -41.45
CA VAL I 66 34.67 15.53 -41.14
C VAL I 66 35.40 15.98 -42.39
N THR I 67 35.76 17.26 -42.43
CA THR I 67 36.41 17.82 -43.61
C THR I 67 37.74 17.12 -43.85
N TRP I 68 38.02 16.83 -45.11
CA TRP I 68 39.23 16.13 -45.50
C TRP I 68 40.19 17.12 -46.15
N PHE I 69 41.42 17.17 -45.63
CA PHE I 69 42.46 18.01 -46.22
C PHE I 69 43.72 17.18 -46.35
N HIS I 70 44.42 17.39 -47.47
CA HIS I 70 45.67 16.67 -47.72
C HIS I 70 46.74 17.01 -46.70
N VAL I 87 43.56 28.64 -43.27
CA VAL I 87 43.17 28.76 -41.87
C VAL I 87 41.77 28.19 -41.69
N LEU I 88 41.60 27.32 -40.70
CA LEU I 88 40.32 26.69 -40.42
C LEU I 88 39.76 27.18 -39.11
N PRO I 89 38.48 27.58 -39.07
CA PRO I 89 37.92 28.14 -37.83
C PRO I 89 37.90 27.13 -36.69
N PHE I 90 38.21 27.61 -35.49
CA PHE I 90 38.19 26.80 -34.28
C PHE I 90 36.87 27.01 -33.56
N ASN I 91 35.91 26.11 -33.77
CA ASN I 91 34.58 26.32 -33.21
C ASN I 91 34.34 25.30 -32.11
N ASP I 92 34.36 25.76 -30.86
CA ASP I 92 34.04 24.90 -29.72
C ASP I 92 34.91 23.65 -29.69
N GLY I 93 36.17 23.79 -30.04
CA GLY I 93 37.06 22.65 -30.07
C GLY I 93 37.11 22.00 -31.43
N VAL I 94 38.22 21.31 -31.69
CA VAL I 94 38.44 20.68 -32.98
C VAL I 94 39.10 19.32 -32.78
N TYR I 95 38.74 18.36 -33.62
CA TYR I 95 39.36 17.05 -33.59
C TYR I 95 40.32 16.96 -34.77
N PHE I 96 41.59 16.68 -34.50
CA PHE I 96 42.63 16.62 -35.53
C PHE I 96 43.22 15.23 -35.65
N ALA I 97 43.27 14.69 -36.87
CA ALA I 97 43.88 13.39 -37.08
C ALA I 97 44.73 13.43 -38.34
N SER I 98 46.03 13.16 -38.20
CA SER I 98 46.94 13.12 -39.35
C SER I 98 47.50 11.71 -39.49
N THR I 99 47.23 11.07 -40.63
CA THR I 99 47.73 9.74 -40.93
C THR I 99 49.07 9.79 -41.67
N GLU I 100 50.11 10.26 -40.99
CA GLU I 100 51.42 10.27 -41.63
C GLU I 100 52.49 9.62 -40.76
N LYS I 101 53.16 8.60 -41.32
CA LYS I 101 54.30 7.98 -40.64
C LYS I 101 55.46 8.97 -40.55
N SER I 102 55.65 9.77 -41.59
CA SER I 102 56.75 10.73 -41.65
C SER I 102 56.62 11.80 -40.58
N ASN I 103 55.38 12.13 -40.20
CA ASN I 103 55.10 13.13 -39.18
C ASN I 103 55.76 14.46 -39.52
N ILE I 104 55.58 14.89 -40.78
CA ILE I 104 56.13 16.18 -41.19
C ILE I 104 55.49 17.29 -40.39
N ILE I 105 54.19 17.18 -40.10
CA ILE I 105 53.50 18.25 -39.39
C ILE I 105 54.11 18.40 -38.02
N ARG I 106 54.50 19.61 -37.67
CA ARG I 106 55.01 19.83 -36.33
C ARG I 106 54.54 21.15 -35.72
N GLY I 107 53.53 21.78 -36.28
CA GLY I 107 53.09 23.09 -35.81
C GLY I 107 51.59 23.19 -35.69
N TRP I 108 51.16 24.01 -34.74
CA TRP I 108 49.74 24.28 -34.53
C TRP I 108 49.58 25.73 -34.13
N ILE I 109 49.02 26.54 -35.01
CA ILE I 109 48.89 27.97 -34.78
C ILE I 109 47.46 28.22 -34.33
N PHE I 110 47.31 28.98 -33.26
CA PHE I 110 46.00 29.31 -32.72
C PHE I 110 45.85 30.82 -32.54
N GLY I 111 44.73 31.36 -33.00
CA GLY I 111 44.51 32.79 -32.87
C GLY I 111 43.03 33.10 -32.89
N THR I 112 42.71 34.33 -32.50
CA THR I 112 41.34 34.80 -32.57
C THR I 112 40.88 34.77 -34.03
N GLN I 119 45.90 37.54 -29.01
CA GLN I 119 46.87 36.57 -28.52
C GLN I 119 46.92 35.33 -29.38
N SER I 120 48.14 34.87 -29.66
CA SER I 120 48.38 33.72 -30.50
C SER I 120 49.03 32.60 -29.70
N LEU I 121 48.46 31.42 -29.79
CA LEU I 121 48.99 30.23 -29.13
C LEU I 121 49.76 29.42 -30.17
N LEU I 122 51.07 29.40 -30.04
CA LEU I 122 51.90 28.62 -30.94
C LEU I 122 52.39 27.36 -30.23
N ILE I 123 52.01 26.21 -30.76
CA ILE I 123 52.45 24.92 -30.25
C ILE I 123 53.36 24.30 -31.29
N VAL I 124 54.62 24.10 -30.95
CA VAL I 124 55.59 23.56 -31.88
C VAL I 124 56.24 22.32 -31.29
N ASN I 125 56.12 21.20 -32.00
CA ASN I 125 56.77 19.97 -31.57
C ASN I 125 58.27 20.15 -31.57
N ASN I 126 58.80 20.78 -32.61
CA ASN I 126 60.22 21.10 -32.82
C ASN I 126 61.07 19.86 -32.58
N ALA I 127 62.08 19.91 -31.72
CA ALA I 127 62.91 18.77 -31.39
C ALA I 127 62.71 18.43 -29.92
N THR I 128 62.92 17.15 -29.61
CA THR I 128 62.80 16.63 -28.25
C THR I 128 61.51 17.15 -27.61
N ASN I 129 61.63 17.84 -26.49
CA ASN I 129 60.45 18.29 -25.77
C ASN I 129 59.64 19.27 -26.59
N VAL I 130 58.31 19.11 -26.57
CA VAL I 130 57.44 20.04 -27.25
C VAL I 130 57.44 21.37 -26.50
N VAL I 131 57.61 22.46 -27.24
CA VAL I 131 57.64 23.80 -26.67
C VAL I 131 56.38 24.53 -27.09
N ILE I 132 55.75 25.21 -26.15
CA ILE I 132 54.46 25.87 -26.38
C ILE I 132 54.58 27.33 -25.98
N LYS I 133 54.24 28.22 -26.92
CA LYS I 133 54.28 29.66 -26.71
C LYS I 133 52.88 30.22 -26.82
N VAL I 134 52.47 31.01 -25.84
CA VAL I 134 51.17 31.69 -25.89
C VAL I 134 51.32 33.18 -26.18
N CYS I 135 52.53 33.63 -26.48
CA CYS I 135 52.81 35.04 -26.73
C CYS I 135 52.08 35.55 -27.97
N CYS I 170 55.14 38.51 -23.65
CA CYS I 170 54.48 37.22 -23.48
C CYS I 170 53.57 37.26 -22.25
N THR I 171 52.27 37.04 -22.48
CA THR I 171 51.36 36.95 -21.34
C THR I 171 51.66 35.73 -20.49
N PHE I 172 52.02 34.62 -21.13
CA PHE I 172 52.38 33.39 -20.45
C PHE I 172 53.37 32.62 -21.30
N GLU I 173 54.12 31.74 -20.65
CA GLU I 173 55.02 30.85 -21.36
C GLU I 173 54.85 29.45 -20.82
N TYR I 174 54.70 28.48 -21.71
CA TYR I 174 54.50 27.11 -21.28
C TYR I 174 55.82 26.35 -21.32
N VAL I 175 56.09 25.61 -20.27
CA VAL I 175 57.34 24.87 -20.18
C VAL I 175 57.35 23.76 -21.23
N SER I 176 58.55 23.46 -21.72
CA SER I 176 58.68 22.40 -22.71
C SER I 176 58.27 21.06 -22.09
N GLN I 177 57.62 20.23 -22.90
CA GLN I 177 57.09 18.98 -22.40
C GLN I 177 57.85 17.80 -22.98
N ASN I 192 51.56 6.01 -39.48
CA ASN I 192 50.51 5.70 -38.52
C ASN I 192 49.54 6.87 -38.40
N LEU I 193 48.57 6.76 -37.48
CA LEU I 193 47.60 7.82 -37.24
C LEU I 193 47.75 8.41 -35.85
N ARG I 194 47.83 9.74 -35.79
CA ARG I 194 47.88 10.50 -34.55
C ARG I 194 46.58 11.25 -34.36
N GLU I 195 45.92 11.04 -33.22
CA GLU I 195 44.63 11.64 -32.91
C GLU I 195 44.79 12.69 -31.83
N PHE I 196 44.34 13.92 -32.12
CA PHE I 196 44.43 15.04 -31.19
C PHE I 196 43.09 15.70 -31.02
N VAL I 197 42.71 15.98 -29.78
CA VAL I 197 41.49 16.73 -29.47
C VAL I 197 41.91 18.02 -28.80
N PHE I 198 41.48 19.14 -29.36
CA PHE I 198 41.80 20.47 -28.85
C PHE I 198 40.53 21.16 -28.39
N LYS I 199 40.51 21.58 -27.13
CA LYS I 199 39.38 22.35 -26.63
C LYS I 199 39.88 23.33 -25.57
N ASN I 200 39.19 24.46 -25.48
CA ASN I 200 39.49 25.46 -24.46
C ASN I 200 38.26 25.61 -23.59
N ILE I 201 38.41 25.33 -22.31
CA ILE I 201 37.33 25.47 -21.33
C ILE I 201 37.84 26.29 -20.15
N ASP I 202 37.12 27.36 -19.83
CA ASP I 202 37.45 28.20 -18.67
C ASP I 202 38.88 28.69 -18.73
N GLY I 203 39.36 28.98 -19.94
CA GLY I 203 40.71 29.49 -20.03
C GLY I 203 41.74 28.42 -19.84
N TYR I 204 41.35 27.16 -19.93
CA TYR I 204 42.24 26.02 -19.84
C TYR I 204 42.19 25.25 -21.14
N PHE I 205 43.35 24.95 -21.71
CA PHE I 205 43.44 24.29 -23.00
C PHE I 205 43.85 22.83 -22.81
N LYS I 206 42.89 21.92 -22.93
CA LYS I 206 43.14 20.52 -22.69
C LYS I 206 43.39 19.81 -24.02
N ILE I 207 44.52 19.15 -24.15
CA ILE I 207 44.85 18.38 -25.34
C ILE I 207 44.81 16.89 -25.05
N TYR I 208 44.22 16.12 -25.95
CA TYR I 208 44.11 14.67 -25.81
C TYR I 208 44.78 14.01 -27.00
N SER I 209 45.72 13.10 -26.76
CA SER I 209 46.48 12.51 -27.85
C SER I 209 46.51 11.00 -27.81
N LYS I 210 46.25 10.36 -28.95
CA LYS I 210 46.37 8.92 -29.07
C LYS I 210 47.05 8.60 -30.40
N HIS I 211 47.94 7.60 -30.42
CA HIS I 211 48.59 7.18 -31.66
C HIS I 211 48.21 5.74 -31.98
N THR I 212 47.67 5.51 -33.17
CA THR I 212 47.23 4.17 -33.54
C THR I 212 47.81 3.76 -34.89
N PRO I 213 48.42 2.58 -34.99
CA PRO I 213 48.86 2.11 -36.31
C PRO I 213 47.65 1.86 -37.19
N ILE I 214 47.77 2.21 -38.47
CA ILE I 214 46.65 2.12 -39.41
C ILE I 214 46.97 1.13 -40.51
N ASN I 215 46.06 0.17 -40.72
CA ASN I 215 46.25 -0.73 -41.85
C ASN I 215 46.13 0.02 -43.17
N LEU I 216 45.17 0.94 -43.25
CA LEU I 216 44.96 1.77 -44.43
C LEU I 216 45.07 3.24 -44.02
N VAL I 217 45.94 3.97 -44.70
CA VAL I 217 46.13 5.39 -44.43
C VAL I 217 44.92 6.21 -44.88
N ARG I 218 44.31 5.82 -46.01
CA ARG I 218 43.23 6.59 -46.60
C ARG I 218 42.02 6.72 -45.69
N ASP I 219 41.63 5.66 -45.00
CA ASP I 219 40.42 5.64 -44.21
C ASP I 219 40.72 5.54 -42.72
N LEU I 220 39.97 6.28 -41.92
CA LEU I 220 40.13 6.20 -40.48
C LEU I 220 39.81 4.77 -40.04
N PRO I 221 40.60 4.18 -39.15
CA PRO I 221 40.36 2.78 -38.81
C PRO I 221 39.02 2.61 -38.12
N GLN I 222 38.28 1.58 -38.52
CA GLN I 222 37.04 1.29 -37.84
C GLN I 222 37.39 0.68 -36.49
N GLY I 223 36.78 1.18 -35.43
CA GLY I 223 37.10 0.69 -34.11
C GLY I 223 36.95 1.81 -33.11
N PHE I 224 37.28 1.48 -31.86
CA PHE I 224 37.10 2.42 -30.76
C PHE I 224 38.46 2.81 -30.21
N SER I 225 38.69 4.12 -30.10
CA SER I 225 39.91 4.70 -29.57
C SER I 225 39.61 5.59 -28.38
N ALA I 226 40.37 5.45 -27.30
CA ALA I 226 40.25 6.29 -26.13
C ALA I 226 41.45 7.23 -26.08
N LEU I 227 41.17 8.52 -25.98
CA LEU I 227 42.20 9.55 -26.03
C LEU I 227 42.57 10.00 -24.62
N GLU I 228 43.80 9.73 -24.24
CA GLU I 228 44.33 10.10 -22.94
C GLU I 228 44.67 11.58 -22.89
N PRO I 229 44.30 12.29 -21.83
CA PRO I 229 44.68 13.70 -21.71
C PRO I 229 46.19 13.86 -21.60
N LEU I 230 46.75 14.82 -22.32
CA LEU I 230 48.19 15.01 -22.19
C LEU I 230 48.53 16.22 -21.33
N VAL I 231 48.19 17.42 -21.79
CA VAL I 231 48.55 18.63 -21.07
C VAL I 231 47.37 19.59 -20.98
N ASP I 232 47.32 20.34 -19.89
CA ASP I 232 46.32 21.38 -19.67
C ASP I 232 47.00 22.71 -19.40
N LEU I 233 46.58 23.76 -20.11
CA LEU I 233 47.24 25.03 -19.98
C LEU I 233 46.24 26.11 -19.60
N PRO I 234 46.48 26.89 -18.51
CA PRO I 234 45.56 27.97 -18.12
C PRO I 234 45.83 29.28 -18.86
N ILE I 235 45.99 29.19 -20.18
CA ILE I 235 46.34 30.35 -21.00
C ILE I 235 45.25 31.40 -20.94
N GLY I 236 43.99 30.99 -20.90
CA GLY I 236 42.92 31.98 -20.95
C GLY I 236 42.91 32.87 -22.17
N ILE I 237 43.18 32.30 -23.35
CA ILE I 237 43.23 33.05 -24.60
C ILE I 237 42.09 32.58 -25.49
N ASN I 238 41.37 33.55 -26.08
CA ASN I 238 40.28 33.23 -27.00
C ASN I 238 40.84 32.83 -28.35
N ILE I 239 40.42 31.68 -28.87
CA ILE I 239 40.90 31.23 -30.17
C ILE I 239 39.72 30.95 -31.09
N THR I 240 39.61 31.69 -32.20
CA THR I 240 38.51 31.42 -33.12
C THR I 240 38.99 30.79 -34.41
N ARG I 241 40.29 30.84 -34.69
CA ARG I 241 40.86 30.30 -35.91
C ARG I 241 42.08 29.46 -35.56
N PHE I 242 42.38 28.47 -36.39
CA PHE I 242 43.57 27.67 -36.14
C PHE I 242 44.20 27.32 -37.49
N GLN I 243 45.49 27.03 -37.46
CA GLN I 243 46.24 26.65 -38.64
C GLN I 243 47.20 25.53 -38.28
N THR I 244 47.58 24.72 -39.27
CA THR I 244 48.48 23.60 -39.05
C THR I 244 49.75 23.81 -39.85
N LEU I 245 50.88 23.58 -39.21
CA LEU I 245 52.20 23.79 -39.81
C LEU I 245 52.79 22.43 -40.15
N LEU I 246 53.15 22.25 -41.41
CA LEU I 246 53.76 21.00 -41.85
C LEU I 246 55.16 20.84 -41.28
N ALA I 268 47.50 13.16 -44.76
CA ALA I 268 46.30 13.98 -44.78
C ALA I 268 45.82 14.28 -43.36
N TYR I 269 45.32 15.48 -43.15
CA TYR I 269 44.79 15.90 -41.86
C TYR I 269 43.30 16.20 -41.99
N TYR I 270 42.51 15.68 -41.06
CA TYR I 270 41.06 15.80 -41.04
C TYR I 270 40.64 16.61 -39.82
N VAL I 271 39.78 17.60 -40.03
CA VAL I 271 39.35 18.49 -38.96
C VAL I 271 37.86 18.32 -38.71
N GLY I 272 37.49 18.03 -37.46
CA GLY I 272 36.10 17.93 -37.06
C GLY I 272 35.70 18.78 -35.87
N TYR I 273 34.66 19.60 -36.02
CA TYR I 273 34.13 20.42 -34.95
C TYR I 273 33.42 19.58 -33.88
N LEU I 274 33.52 20.04 -32.63
CA LEU I 274 32.99 19.36 -31.45
C LEU I 274 31.69 20.00 -31.00
N GLN I 275 30.66 19.17 -30.84
CA GLN I 275 29.33 19.56 -30.41
C GLN I 275 28.96 18.84 -29.13
N PRO I 276 28.37 19.54 -28.16
CA PRO I 276 28.10 18.91 -26.86
C PRO I 276 27.16 17.72 -27.02
N ARG I 277 27.51 16.62 -26.37
CA ARG I 277 26.70 15.41 -26.43
C ARG I 277 26.70 14.72 -25.08
N THR I 278 25.66 13.94 -24.84
CA THR I 278 25.55 13.12 -23.64
C THR I 278 26.03 11.73 -24.00
N PHE I 279 26.99 11.22 -23.25
CA PHE I 279 27.60 9.96 -23.61
C PHE I 279 27.57 8.96 -22.47
N LEU I 280 27.23 7.72 -22.78
CA LEU I 280 27.30 6.64 -21.82
C LEU I 280 28.63 5.97 -22.06
N LEU I 281 29.51 5.96 -21.06
CA LEU I 281 30.85 5.44 -21.25
C LEU I 281 31.01 4.12 -20.52
N LYS I 282 31.46 3.10 -21.22
CA LYS I 282 31.73 1.81 -20.61
C LYS I 282 33.16 1.79 -20.09
N TYR I 283 33.33 1.54 -18.80
CA TYR I 283 34.65 1.42 -18.19
C TYR I 283 34.91 -0.04 -17.84
N ASN I 284 36.06 -0.57 -18.26
CA ASN I 284 36.39 -1.96 -17.96
C ASN I 284 37.06 -2.03 -16.59
N GLU I 285 37.53 -3.22 -16.21
CA GLU I 285 38.23 -3.36 -14.94
C GLU I 285 39.47 -2.49 -14.91
N ASN I 286 40.17 -2.43 -16.04
CA ASN I 286 41.34 -1.57 -16.17
C ASN I 286 40.95 -0.11 -16.02
N GLY I 287 39.71 0.22 -16.37
CA GLY I 287 39.24 1.59 -16.34
C GLY I 287 39.33 2.28 -17.68
N THR I 288 39.79 1.60 -18.71
CA THR I 288 39.79 2.17 -20.03
C THR I 288 38.37 2.31 -20.51
N ILE I 289 38.11 3.33 -21.33
CA ILE I 289 36.77 3.44 -21.89
C ILE I 289 36.72 2.52 -23.10
N THR I 290 36.24 1.31 -22.87
CA THR I 290 36.15 0.31 -23.94
C THR I 290 35.18 0.75 -25.03
N ASP I 291 34.03 1.28 -24.66
CA ASP I 291 33.03 1.65 -25.65
C ASP I 291 32.17 2.79 -25.13
N ALA I 292 31.54 3.52 -26.04
CA ALA I 292 30.67 4.61 -25.68
C ALA I 292 29.41 4.59 -26.53
N VAL I 293 28.38 5.27 -26.03
CA VAL I 293 27.08 5.36 -26.70
C VAL I 293 26.70 6.82 -26.86
N ASP I 294 26.40 7.23 -28.08
CA ASP I 294 25.93 8.58 -28.36
C ASP I 294 24.41 8.55 -28.26
N CYS I 295 23.87 9.11 -27.17
CA CYS I 295 22.43 9.03 -26.95
C CYS I 295 21.62 9.66 -28.06
N ALA I 296 22.07 10.78 -28.60
CA ALA I 296 21.29 11.48 -29.61
C ALA I 296 21.44 10.92 -31.02
N LEU I 297 22.30 9.92 -31.24
CA LEU I 297 22.53 9.44 -32.59
C LEU I 297 21.29 8.86 -33.25
N ASP I 298 20.56 8.01 -32.54
CA ASP I 298 19.40 7.35 -33.13
C ASP I 298 18.51 6.85 -32.02
N PRO I 299 17.27 6.48 -32.33
CA PRO I 299 16.37 6.01 -31.26
C PRO I 299 16.93 4.83 -30.50
N LEU I 300 17.48 3.83 -31.18
CA LEU I 300 18.00 2.68 -30.46
C LEU I 300 19.07 3.10 -29.47
N SER I 301 19.96 3.99 -29.89
CA SER I 301 21.00 4.47 -28.99
C SER I 301 20.38 5.14 -27.79
N GLU I 302 19.37 5.98 -28.02
CA GLU I 302 18.69 6.66 -26.93
C GLU I 302 18.09 5.66 -25.95
N THR I 303 17.47 4.60 -26.47
CA THR I 303 16.90 3.59 -25.60
C THR I 303 17.97 3.03 -24.67
N LYS I 304 19.15 2.76 -25.22
CA LYS I 304 20.23 2.22 -24.40
C LYS I 304 20.58 3.17 -23.28
N CYS I 305 20.67 4.46 -23.57
CA CYS I 305 20.99 5.41 -22.52
C CYS I 305 19.94 5.40 -21.43
N THR I 306 18.66 5.37 -21.80
CA THR I 306 17.61 5.36 -20.78
C THR I 306 17.69 4.11 -19.93
N LEU I 307 17.87 2.95 -20.54
CA LEU I 307 17.98 1.72 -19.79
C LEU I 307 19.34 1.56 -19.14
N LYS I 308 20.27 2.49 -19.36
CA LYS I 308 21.62 2.46 -18.80
C LYS I 308 22.34 1.14 -19.09
N SER I 309 21.84 0.34 -20.03
CA SER I 309 22.45 -0.93 -20.40
C SER I 309 22.71 -1.00 -21.89
N PHE I 310 23.88 -1.50 -22.27
CA PHE I 310 24.18 -1.60 -23.70
C PHE I 310 23.20 -2.54 -24.40
N THR I 311 22.89 -3.68 -23.78
CA THR I 311 21.95 -4.62 -24.37
C THR I 311 20.52 -4.21 -24.05
N VAL I 312 19.65 -4.27 -25.05
CA VAL I 312 18.24 -3.96 -24.88
C VAL I 312 17.41 -5.19 -25.24
N GLU I 313 16.55 -5.61 -24.33
CA GLU I 313 15.67 -6.77 -24.50
C GLU I 313 14.45 -6.40 -25.33
N LYS I 314 13.79 -7.44 -25.83
CA LYS I 314 12.58 -7.25 -26.62
C LYS I 314 11.52 -6.52 -25.80
N GLY I 315 10.90 -5.53 -26.41
CA GLY I 315 9.83 -4.81 -25.74
C GLY I 315 9.68 -3.41 -26.31
N ILE I 316 8.75 -2.67 -25.72
CA ILE I 316 8.49 -1.28 -26.06
C ILE I 316 8.87 -0.42 -24.87
N TYR I 317 9.70 0.59 -25.11
CA TYR I 317 10.22 1.42 -24.03
C TYR I 317 9.93 2.88 -24.35
N GLN I 318 9.42 3.60 -23.38
CA GLN I 318 9.20 5.04 -23.54
C GLN I 318 10.45 5.78 -23.15
N THR I 319 11.14 6.37 -24.13
CA THR I 319 12.41 7.02 -23.85
C THR I 319 12.45 8.51 -24.07
N SER I 320 11.37 9.15 -24.49
CA SER I 320 11.47 10.56 -24.81
C SER I 320 10.10 11.22 -24.74
N ASN I 321 10.12 12.54 -24.77
CA ASN I 321 8.88 13.28 -24.83
C ASN I 321 8.98 14.20 -26.03
N PHE I 322 7.84 14.44 -26.66
CA PHE I 322 7.78 15.21 -27.89
C PHE I 322 7.03 16.52 -27.68
N ARG I 323 7.58 17.62 -28.18
CA ARG I 323 6.92 18.92 -28.14
C ARG I 323 7.07 19.60 -29.49
N VAL I 324 6.15 20.49 -29.80
CA VAL I 324 6.21 21.28 -31.03
C VAL I 324 6.70 22.68 -30.68
N GLN I 325 7.83 23.07 -31.25
CA GLN I 325 8.42 24.36 -30.93
C GLN I 325 7.61 25.53 -31.49
N PRO I 326 7.52 26.64 -30.77
CA PRO I 326 6.82 27.83 -31.29
C PRO I 326 7.53 28.41 -32.51
N THR I 327 6.74 28.69 -33.54
CA THR I 327 7.29 29.26 -34.76
C THR I 327 7.84 30.68 -34.56
N GLU I 328 7.13 31.52 -33.82
CA GLU I 328 7.51 32.92 -33.65
C GLU I 328 6.94 33.48 -32.37
N SER I 329 7.43 34.65 -31.99
CA SER I 329 6.95 35.36 -30.81
C SER I 329 6.12 36.57 -31.23
N ILE I 330 4.87 36.62 -30.75
CA ILE I 330 3.93 37.69 -31.04
C ILE I 330 3.63 38.49 -29.78
N VAL I 331 3.84 39.81 -29.83
CA VAL I 331 3.60 40.68 -28.70
C VAL I 331 2.44 41.61 -29.05
N ARG I 332 1.36 41.59 -28.27
CA ARG I 332 0.28 42.55 -28.49
C ARG I 332 0.15 43.48 -27.29
N PHE I 333 0.50 44.74 -27.47
CA PHE I 333 0.34 45.73 -26.43
C PHE I 333 -0.69 46.81 -26.78
N PRO I 334 -1.17 47.56 -25.79
CA PRO I 334 -2.11 48.65 -26.06
C PRO I 334 -1.42 49.71 -26.92
N ASN I 335 -2.20 50.55 -27.61
CA ASN I 335 -1.61 51.62 -28.41
C ASN I 335 -1.73 52.88 -27.57
N ILE I 336 -0.67 53.27 -26.88
CA ILE I 336 -0.72 54.47 -26.07
C ILE I 336 0.45 55.38 -26.43
N THR I 337 0.13 56.58 -26.87
CA THR I 337 1.05 57.64 -27.27
C THR I 337 1.48 58.50 -26.12
N ASN I 338 0.60 58.70 -25.15
CA ASN I 338 0.87 59.57 -24.01
C ASN I 338 2.05 59.05 -23.21
N LEU I 339 2.90 59.98 -22.80
CA LEU I 339 4.07 59.67 -22.00
C LEU I 339 3.77 60.04 -20.54
N CYS I 340 4.11 59.13 -19.64
CA CYS I 340 3.83 59.35 -18.24
C CYS I 340 4.68 60.51 -17.73
N PRO I 341 4.10 61.37 -16.91
CA PRO I 341 4.81 62.56 -16.42
C PRO I 341 5.55 62.35 -15.10
N PHE I 342 6.33 61.26 -15.04
CA PHE I 342 7.13 61.00 -13.84
C PHE I 342 7.94 62.22 -13.45
N GLY I 343 8.43 62.96 -14.44
CA GLY I 343 9.25 64.14 -14.17
C GLY I 343 8.58 65.09 -13.19
N GLU I 344 7.28 65.31 -13.37
CA GLU I 344 6.57 66.23 -12.50
C GLU I 344 6.69 65.79 -11.05
N VAL I 345 6.47 64.50 -10.80
CA VAL I 345 6.53 63.99 -9.43
C VAL I 345 7.95 64.07 -8.88
N PHE I 346 8.93 63.66 -9.68
CA PHE I 346 10.30 63.63 -9.20
C PHE I 346 10.89 65.01 -9.05
N ASN I 347 10.64 65.89 -10.01
CA ASN I 347 11.24 67.22 -10.00
C ASN I 347 10.32 68.27 -9.38
N ALA I 348 9.23 67.83 -8.75
CA ALA I 348 8.29 68.73 -8.09
C ALA I 348 9.04 69.70 -7.19
N THR I 349 8.83 71.00 -7.43
CA THR I 349 9.54 71.99 -6.62
C THR I 349 9.21 71.88 -5.15
N ARG I 350 7.94 71.67 -4.82
CA ARG I 350 7.53 71.56 -3.42
C ARG I 350 7.23 70.11 -3.10
N PHE I 351 7.82 69.63 -2.02
CA PHE I 351 7.65 68.25 -1.60
C PHE I 351 6.74 68.21 -0.37
N ALA I 352 5.97 67.14 -0.26
CA ALA I 352 5.03 67.02 0.84
C ALA I 352 5.74 66.59 2.12
N SER I 353 5.03 66.76 3.24
CA SER I 353 5.57 66.37 4.53
C SER I 353 5.64 64.85 4.62
N VAL I 354 6.55 64.36 5.47
CA VAL I 354 6.69 62.92 5.63
C VAL I 354 5.40 62.30 6.12
N TYR I 355 4.86 62.82 7.22
CA TYR I 355 3.60 62.29 7.73
C TYR I 355 2.47 62.58 6.76
N ALA I 356 2.44 63.77 6.17
CA ALA I 356 1.40 64.13 5.20
C ALA I 356 1.81 63.80 3.78
N TRP I 357 2.29 62.57 3.56
CA TRP I 357 2.70 62.13 2.23
C TRP I 357 1.53 62.20 1.26
N ASN I 358 1.81 62.61 0.04
CA ASN I 358 0.79 62.77 -0.99
C ASN I 358 0.90 61.65 -2.02
N ARG I 359 -0.24 61.21 -2.53
CA ARG I 359 -0.29 60.13 -3.51
C ARG I 359 -0.83 60.66 -4.83
N LYS I 360 0.00 60.62 -5.87
CA LYS I 360 -0.40 61.02 -7.20
C LYS I 360 -0.53 59.75 -8.04
N ARG I 361 -1.63 59.61 -8.76
CA ARG I 361 -1.86 58.39 -9.53
C ARG I 361 -1.48 58.61 -10.99
N ILE I 362 -0.61 57.76 -11.52
CA ILE I 362 -0.16 57.83 -12.91
C ILE I 362 -0.88 56.77 -13.71
N SER I 363 -1.53 57.18 -14.80
CA SER I 363 -2.34 56.26 -15.57
C SER I 363 -2.45 56.72 -17.02
N ASN I 364 -2.88 55.79 -17.88
CA ASN I 364 -3.11 56.06 -19.30
C ASN I 364 -1.90 56.61 -20.03
N CYS I 365 -0.74 55.99 -19.81
CA CYS I 365 0.44 56.49 -20.50
C CYS I 365 1.53 55.44 -20.48
N VAL I 366 2.33 55.42 -21.54
CA VAL I 366 3.47 54.52 -21.57
C VAL I 366 4.52 55.06 -20.61
N ALA I 367 5.09 54.19 -19.78
CA ALA I 367 6.05 54.59 -18.78
C ALA I 367 7.37 53.90 -19.04
N ASP I 368 8.45 54.67 -19.05
CA ASP I 368 9.78 54.11 -19.22
C ASP I 368 10.56 54.26 -17.92
N TYR I 369 10.76 53.16 -17.22
CA TYR I 369 11.45 53.18 -15.95
C TYR I 369 12.95 53.20 -16.11
N SER I 370 13.44 52.92 -17.31
CA SER I 370 14.89 52.90 -17.55
C SER I 370 15.51 54.24 -17.20
N VAL I 371 14.88 55.33 -17.64
CA VAL I 371 15.44 56.67 -17.40
C VAL I 371 15.68 56.87 -15.92
N LEU I 372 14.69 56.55 -15.10
CA LEU I 372 14.83 56.75 -13.66
C LEU I 372 16.00 55.92 -13.15
N TYR I 373 16.04 54.64 -13.53
CA TYR I 373 17.09 53.75 -13.08
C TYR I 373 18.46 54.25 -13.52
N ASN I 374 18.55 54.79 -14.74
CA ASN I 374 19.82 55.28 -15.24
C ASN I 374 20.32 56.46 -14.40
N SER I 375 19.44 57.41 -14.11
CA SER I 375 19.80 58.59 -13.33
C SER I 375 20.45 58.19 -12.01
N ALA I 376 21.68 58.64 -11.81
CA ALA I 376 22.42 58.34 -10.59
C ALA I 376 21.99 59.18 -9.41
N SER I 377 21.22 60.24 -9.64
CA SER I 377 20.78 61.12 -8.55
C SER I 377 20.16 60.32 -7.41
N PHE I 378 19.42 59.27 -7.74
CA PHE I 378 18.76 58.45 -6.74
C PHE I 378 19.77 57.56 -6.04
N SER I 379 20.04 57.87 -4.76
CA SER I 379 20.96 57.06 -3.97
C SER I 379 20.52 55.60 -3.87
N THR I 380 19.22 55.36 -3.70
CA THR I 380 18.68 54.01 -3.57
C THR I 380 17.59 53.77 -4.61
N PHE I 381 17.63 52.61 -5.25
CA PHE I 381 16.60 52.26 -6.21
C PHE I 381 16.08 50.84 -5.95
N LYS I 382 16.07 50.42 -4.68
CA LYS I 382 15.68 49.07 -4.33
C LYS I 382 14.26 48.75 -4.77
N CYS I 383 14.05 47.60 -5.43
CA CYS I 383 12.69 47.23 -5.80
C CYS I 383 12.33 45.96 -5.02
N TYR I 384 11.29 46.04 -4.19
CA TYR I 384 10.89 44.92 -3.33
C TYR I 384 10.29 43.70 -4.04
N GLY I 385 9.34 43.91 -4.93
CA GLY I 385 8.70 42.76 -5.57
C GLY I 385 8.85 42.57 -7.06
N VAL I 386 9.70 43.39 -7.66
CA VAL I 386 9.93 43.40 -9.10
C VAL I 386 11.40 43.71 -9.34
N SER I 387 11.82 43.47 -10.54
CA SER I 387 13.17 43.75 -10.94
C SER I 387 13.19 44.87 -11.97
N PRO I 388 14.12 45.82 -11.79
CA PRO I 388 14.15 47.00 -12.67
C PRO I 388 14.19 46.67 -14.14
N THR I 389 14.98 45.67 -14.55
CA THR I 389 15.04 45.36 -15.97
C THR I 389 13.65 44.99 -16.47
N LYS I 390 12.96 44.12 -15.72
CA LYS I 390 11.64 43.65 -16.13
C LYS I 390 10.63 44.80 -16.21
N LEU I 391 10.80 45.84 -15.39
CA LEU I 391 9.86 46.95 -15.32
C LEU I 391 9.51 47.49 -16.70
N ASN I 392 10.48 47.55 -17.58
CA ASN I 392 10.29 48.12 -18.92
C ASN I 392 9.23 47.34 -19.68
N ASP I 393 9.18 46.03 -19.54
CA ASP I 393 8.23 45.24 -20.31
C ASP I 393 6.92 44.96 -19.56
N LEU I 394 6.92 44.95 -18.23
CA LEU I 394 5.71 44.64 -17.49
C LEU I 394 4.68 45.76 -17.66
N CYS I 395 3.41 45.38 -17.75
CA CYS I 395 2.31 46.33 -17.86
C CYS I 395 1.43 46.29 -16.61
N PHE I 396 1.32 47.42 -15.92
CA PHE I 396 0.59 47.54 -14.65
C PHE I 396 -0.69 48.33 -14.82
N THR I 397 -1.76 47.90 -14.11
CA THR I 397 -3.04 48.58 -14.24
C THR I 397 -2.97 50.04 -13.77
N ASN I 398 -2.34 50.30 -12.62
CA ASN I 398 -2.19 51.66 -12.13
C ASN I 398 -0.88 51.81 -11.37
N VAL I 399 -0.32 53.01 -11.42
CA VAL I 399 0.89 53.34 -10.69
C VAL I 399 0.61 54.49 -9.73
N TYR I 400 1.03 54.35 -8.48
CA TYR I 400 0.79 55.35 -7.44
C TYR I 400 2.11 55.86 -6.92
N ALA I 401 2.28 57.17 -6.85
CA ALA I 401 3.53 57.77 -6.41
C ALA I 401 3.32 58.53 -5.11
N ASP I 402 4.11 58.22 -4.09
CA ASP I 402 4.04 58.88 -2.79
C ASP I 402 5.27 59.74 -2.58
N SER I 403 5.08 61.04 -2.34
CA SER I 403 6.19 61.97 -2.19
C SER I 403 6.29 62.50 -0.76
N PHE I 404 7.47 62.37 -0.15
CA PHE I 404 7.70 62.86 1.20
C PHE I 404 9.19 63.08 1.38
N VAL I 405 9.56 63.94 2.34
CA VAL I 405 10.95 64.26 2.64
C VAL I 405 11.31 63.72 4.01
N ILE I 406 12.40 62.95 4.08
CA ILE I 406 12.83 62.33 5.32
C ILE I 406 14.35 62.41 5.42
N ARG I 407 14.83 62.36 6.66
CA ARG I 407 16.27 62.35 6.93
C ARG I 407 16.89 61.07 6.39
N GLY I 408 18.20 61.15 6.08
CA GLY I 408 18.90 59.99 5.53
C GLY I 408 18.68 58.72 6.34
N ASP I 409 18.69 58.85 7.67
CA ASP I 409 18.46 57.70 8.55
C ASP I 409 17.07 57.15 8.34
N GLU I 410 16.09 58.04 8.21
CA GLU I 410 14.68 57.69 8.10
C GLU I 410 14.38 56.89 6.85
N VAL I 411 15.26 56.95 5.83
CA VAL I 411 15.02 56.24 4.58
C VAL I 411 14.82 54.76 4.82
N ARG I 412 15.67 54.17 5.67
CA ARG I 412 15.58 52.74 5.96
C ARG I 412 14.23 52.38 6.56
N GLN I 413 13.69 53.23 7.43
CA GLN I 413 12.45 52.93 8.12
C GLN I 413 11.32 52.63 7.14
N ILE I 414 11.28 53.35 6.01
CA ILE I 414 10.19 53.21 5.05
C ILE I 414 10.04 51.75 4.61
N ALA I 415 11.14 51.06 4.39
CA ALA I 415 11.20 49.69 3.89
C ALA I 415 10.14 48.76 4.47
N PRO I 416 9.55 47.93 3.62
CA PRO I 416 8.45 47.04 4.03
C PRO I 416 8.86 46.06 5.10
N GLY I 417 7.97 45.87 6.08
CA GLY I 417 8.26 44.99 7.19
C GLY I 417 9.49 45.35 8.00
N GLN I 418 9.58 46.63 8.33
CA GLN I 418 10.65 47.20 9.11
C GLN I 418 9.99 48.12 10.13
N THR I 419 10.53 48.12 11.35
CA THR I 419 10.01 48.90 12.48
C THR I 419 10.80 50.18 12.74
N GLY I 420 10.25 51.29 12.29
CA GLY I 420 10.87 52.60 12.48
C GLY I 420 9.77 53.59 12.81
N LYS I 421 10.10 54.58 13.65
CA LYS I 421 9.07 55.54 14.05
C LYS I 421 8.41 56.17 12.85
N ILE I 422 9.18 56.51 11.82
CA ILE I 422 8.56 57.02 10.60
C ILE I 422 7.61 55.97 10.06
N ALA I 423 8.08 54.72 10.03
CA ALA I 423 7.29 53.59 9.55
C ALA I 423 6.12 53.29 10.49
N ASP I 424 6.31 53.53 11.79
CA ASP I 424 5.29 53.22 12.79
C ASP I 424 4.03 54.03 12.58
N TYR I 425 4.17 55.29 12.19
CA TYR I 425 3.02 56.17 12.07
C TYR I 425 3.03 56.97 10.79
N ASN I 426 4.09 57.75 10.57
CA ASN I 426 4.15 58.66 9.44
C ASN I 426 3.77 58.00 8.13
N TYR I 427 4.40 56.87 7.80
CA TYR I 427 4.09 56.17 6.56
C TYR I 427 4.36 54.69 6.76
N LYS I 428 3.42 53.83 6.37
CA LYS I 428 3.57 52.39 6.57
C LYS I 428 3.50 51.66 5.25
N LEU I 429 4.44 50.74 5.02
CA LEU I 429 4.45 49.92 3.81
C LEU I 429 3.97 48.51 4.08
N PRO I 430 2.93 48.04 3.41
CA PRO I 430 2.49 46.65 3.59
C PRO I 430 3.50 45.69 2.98
N ASP I 431 3.57 44.49 3.56
CA ASP I 431 4.50 43.50 3.05
C ASP I 431 4.14 43.11 1.63
N ASP I 432 5.16 42.91 0.80
CA ASP I 432 4.99 42.52 -0.60
C ASP I 432 4.10 43.50 -1.36
N PHE I 433 4.43 44.78 -1.25
CA PHE I 433 3.66 45.77 -1.99
C PHE I 433 4.06 45.85 -3.45
N THR I 434 5.06 45.07 -3.87
CA THR I 434 5.50 45.01 -5.27
C THR I 434 5.79 46.38 -5.85
N GLY I 435 6.56 47.17 -5.14
CA GLY I 435 6.91 48.50 -5.61
C GLY I 435 8.35 48.83 -5.29
N CYS I 436 8.86 49.83 -6.00
CA CYS I 436 10.23 50.31 -5.83
C CYS I 436 10.24 51.59 -5.03
N VAL I 437 11.08 51.63 -3.98
CA VAL I 437 11.28 52.84 -3.19
C VAL I 437 12.51 53.56 -3.71
N ILE I 438 12.35 54.81 -4.14
CA ILE I 438 13.44 55.59 -4.72
C ILE I 438 13.73 56.80 -3.84
N ALA I 439 14.98 56.93 -3.39
CA ALA I 439 15.40 58.04 -2.56
C ALA I 439 16.61 58.74 -3.16
N TRP I 440 16.62 60.08 -3.11
CA TRP I 440 17.72 60.85 -3.64
C TRP I 440 18.10 61.93 -2.63
N ASN I 441 19.36 62.34 -2.65
CA ASN I 441 19.85 63.33 -1.71
C ASN I 441 19.28 64.70 -2.07
N SER I 442 18.59 65.31 -1.11
CA SER I 442 17.98 66.63 -1.29
C SER I 442 18.39 67.63 -0.22
N ASN I 443 19.43 67.34 0.56
CA ASN I 443 19.81 68.23 1.64
C ASN I 443 20.12 69.64 1.14
N ASN I 444 20.82 69.76 0.01
CA ASN I 444 21.20 71.08 -0.48
C ASN I 444 19.97 71.98 -0.62
N LEU I 445 18.92 71.47 -1.25
CA LEU I 445 17.72 72.26 -1.41
C LEU I 445 16.97 72.38 -0.09
N ASP I 446 16.82 71.26 0.63
CA ASP I 446 16.06 71.27 1.87
C ASP I 446 16.75 72.09 2.95
N SER I 447 18.05 71.88 3.14
CA SER I 447 18.79 72.58 4.19
C SER I 447 20.11 73.14 3.68
N LEU I 456 7.89 69.21 8.71
CA LEU I 456 7.21 68.71 9.90
C LEU I 456 7.09 67.20 9.89
N TYR I 457 7.44 66.59 11.01
CA TYR I 457 7.36 65.16 11.21
C TYR I 457 6.65 64.86 12.53
N ARG I 458 6.02 63.70 12.60
CA ARG I 458 5.33 63.31 13.82
C ARG I 458 6.07 62.17 14.51
N LYS I 466 -1.20 51.30 10.17
CA LYS I 466 -1.93 50.71 9.07
C LYS I 466 -1.25 50.97 7.74
N PRO I 467 -1.10 49.93 6.94
CA PRO I 467 -0.39 50.08 5.66
C PRO I 467 -1.11 51.03 4.73
N PHE I 468 -0.31 51.88 4.07
CA PHE I 468 -0.80 52.86 3.10
C PHE I 468 -1.87 53.77 3.68
N GLU I 469 -1.70 54.16 4.94
CA GLU I 469 -2.68 55.00 5.61
C GLU I 469 -2.00 56.25 6.15
N ARG I 470 -2.59 57.42 5.89
CA ARG I 470 -2.04 58.66 6.45
C ARG I 470 -3.02 59.28 7.43
N GLY I 508 24.30 62.68 8.20
CA GLY I 508 23.38 61.81 8.91
C GLY I 508 22.00 62.42 9.05
N TYR I 509 21.98 63.70 9.38
CA TYR I 509 20.73 64.41 9.63
C TYR I 509 20.20 65.11 8.40
N GLN I 510 20.94 65.06 7.31
CA GLN I 510 20.53 65.75 6.11
C GLN I 510 19.25 65.13 5.55
N PRO I 511 18.29 65.95 5.14
CA PRO I 511 17.01 65.41 4.65
C PRO I 511 17.03 65.08 3.16
N TYR I 512 16.59 63.88 2.80
CA TYR I 512 16.58 63.41 1.42
C TYR I 512 15.16 63.09 0.96
N ARG I 513 14.79 63.63 -0.20
CA ARG I 513 13.45 63.39 -0.73
C ARG I 513 13.29 61.94 -1.14
N VAL I 514 12.13 61.36 -0.81
CA VAL I 514 11.85 59.96 -1.08
C VAL I 514 10.49 59.82 -1.76
N VAL I 515 10.47 59.15 -2.91
CA VAL I 515 9.23 58.86 -3.63
C VAL I 515 9.06 57.34 -3.69
N VAL I 516 7.87 56.87 -3.32
CA VAL I 516 7.56 55.45 -3.29
C VAL I 516 6.58 55.13 -4.41
N LEU I 517 6.91 54.15 -5.24
CA LEU I 517 6.05 53.71 -6.32
C LEU I 517 5.40 52.37 -5.96
N SER I 518 4.09 52.29 -6.08
CA SER I 518 3.34 51.07 -5.84
C SER I 518 2.70 50.62 -7.15
N PHE I 519 2.84 49.35 -7.50
CA PHE I 519 2.34 48.85 -8.77
C PHE I 519 1.13 47.96 -8.55
N GLU I 520 0.04 48.29 -9.24
CA GLU I 520 -1.19 47.52 -9.12
C GLU I 520 -1.10 46.31 -10.05
N LEU I 521 -1.28 45.11 -9.50
CA LEU I 521 -1.15 43.89 -10.27
C LEU I 521 -2.48 43.22 -10.55
N LEU I 522 -3.59 43.90 -10.30
CA LEU I 522 -4.89 43.27 -10.47
C LEU I 522 -5.20 43.05 -11.95
N HIS I 523 -6.09 42.09 -12.21
CA HIS I 523 -6.39 41.75 -13.59
C HIS I 523 -7.45 42.71 -14.10
N ALA I 524 -7.02 43.64 -14.94
CA ALA I 524 -7.87 44.67 -15.52
C ALA I 524 -7.14 45.19 -16.74
N PRO I 525 -7.83 45.93 -17.62
CA PRO I 525 -7.09 46.54 -18.72
C PRO I 525 -6.04 47.42 -18.09
N ALA I 526 -4.79 47.27 -18.54
CA ALA I 526 -3.69 47.94 -17.90
C ALA I 526 -3.40 49.27 -18.58
N THR I 527 -3.70 50.36 -17.88
CA THR I 527 -3.49 51.69 -18.40
C THR I 527 -2.01 51.98 -18.62
N VAL I 528 -1.15 51.57 -17.70
CA VAL I 528 0.27 51.89 -17.77
C VAL I 528 1.00 50.72 -18.38
N CYS I 529 1.72 50.96 -19.47
CA CYS I 529 2.47 49.91 -20.13
C CYS I 529 3.87 50.41 -20.43
N GLY I 530 4.82 49.50 -20.45
CA GLY I 530 6.18 49.87 -20.76
C GLY I 530 6.36 50.03 -22.25
N PRO I 531 7.53 50.51 -22.66
CA PRO I 531 7.72 50.78 -24.09
C PRO I 531 7.92 49.46 -24.80
N LYS I 532 7.05 49.18 -25.77
CA LYS I 532 7.10 47.91 -26.49
C LYS I 532 6.50 48.12 -27.87
N LYS I 533 6.79 47.20 -28.77
CA LYS I 533 6.23 47.26 -30.11
C LYS I 533 5.34 46.05 -30.35
N SER I 534 4.10 46.31 -30.77
CA SER I 534 3.16 45.24 -31.07
C SER I 534 3.51 44.56 -32.39
N THR I 535 3.12 43.30 -32.52
CA THR I 535 3.36 42.55 -33.74
C THR I 535 2.06 41.92 -34.20
N ASN I 536 2.00 41.64 -35.50
CA ASN I 536 0.78 41.13 -36.11
C ASN I 536 0.39 39.78 -35.53
N LEU I 537 -0.91 39.62 -35.29
CA LEU I 537 -1.43 38.38 -34.72
C LEU I 537 -1.24 37.22 -35.69
N VAL I 538 -0.90 36.06 -35.14
CA VAL I 538 -0.75 34.82 -35.90
C VAL I 538 -1.70 33.78 -35.35
N LYS I 539 -2.38 33.04 -36.21
CA LYS I 539 -3.36 32.07 -35.76
C LYS I 539 -3.14 30.73 -36.44
N ASN I 540 -3.57 29.67 -35.77
CA ASN I 540 -3.51 28.29 -36.26
C ASN I 540 -2.11 27.72 -36.29
N LYS I 541 -1.18 28.33 -35.57
CA LYS I 541 0.20 27.84 -35.49
C LYS I 541 0.72 28.02 -34.08
N CYS I 542 1.63 27.13 -33.68
CA CYS I 542 2.23 27.30 -32.36
C CYS I 542 3.02 28.59 -32.36
N VAL I 543 2.80 29.41 -31.33
CA VAL I 543 3.42 30.72 -31.25
C VAL I 543 3.64 31.06 -29.80
N ASN I 544 4.70 31.82 -29.54
CA ASN I 544 4.95 32.33 -28.21
C ASN I 544 4.28 33.69 -28.16
N PHE I 545 3.39 33.91 -27.19
CA PHE I 545 2.60 35.14 -27.16
C PHE I 545 2.76 35.90 -25.86
N ASN I 546 3.00 37.19 -25.99
CA ASN I 546 3.02 38.13 -24.87
C ASN I 546 1.88 39.12 -25.01
N PHE I 547 0.82 38.97 -24.22
CA PHE I 547 -0.35 39.84 -24.34
C PHE I 547 -0.50 40.65 -23.07
N ASN I 548 -0.33 41.96 -23.19
CA ASN I 548 -0.50 42.86 -22.06
C ASN I 548 0.29 42.37 -20.85
N GLY I 549 1.52 41.93 -21.10
CA GLY I 549 2.37 41.49 -20.02
C GLY I 549 2.13 40.06 -19.57
N LEU I 550 1.33 39.30 -20.31
CA LEU I 550 1.06 37.89 -20.04
C LEU I 550 1.79 37.07 -21.08
N THR I 551 2.63 36.14 -20.62
CA THR I 551 3.45 35.34 -21.52
C THR I 551 3.04 33.87 -21.50
N GLY I 552 2.79 33.31 -22.67
CA GLY I 552 2.48 31.90 -22.79
C GLY I 552 2.79 31.43 -24.19
N THR I 553 2.98 30.13 -24.33
CA THR I 553 3.18 29.52 -25.64
C THR I 553 2.03 28.57 -25.95
N GLY I 554 1.27 28.87 -26.99
CA GLY I 554 0.16 28.01 -27.37
C GLY I 554 -0.33 28.35 -28.75
N VAL I 555 -1.09 27.42 -29.33
CA VAL I 555 -1.75 27.69 -30.60
C VAL I 555 -2.85 28.72 -30.38
N LEU I 556 -3.02 29.63 -31.32
CA LEU I 556 -4.11 30.61 -31.21
C LEU I 556 -5.15 30.32 -32.27
N THR I 557 -6.41 30.27 -31.85
CA THR I 557 -7.52 30.02 -32.75
C THR I 557 -8.65 30.97 -32.37
N GLU I 558 -9.53 31.24 -33.34
CA GLU I 558 -10.67 32.09 -33.04
C GLU I 558 -11.55 31.39 -32.01
N SER I 559 -12.10 32.17 -31.10
CA SER I 559 -12.91 31.64 -30.00
C SER I 559 -14.38 31.95 -30.18
N ASN I 560 -15.21 30.93 -30.04
CA ASN I 560 -16.64 31.07 -30.11
C ASN I 560 -17.25 31.37 -28.75
N LYS I 561 -16.40 31.62 -27.76
CA LYS I 561 -16.89 31.93 -26.42
C LYS I 561 -17.65 33.24 -26.46
N LYS I 562 -18.77 33.30 -25.76
CA LYS I 562 -19.55 34.53 -25.67
C LYS I 562 -18.98 35.38 -24.54
N PHE I 563 -17.81 35.96 -24.81
CA PHE I 563 -17.15 36.73 -23.77
C PHE I 563 -17.99 37.93 -23.40
N LEU I 564 -18.17 38.16 -22.11
CA LEU I 564 -18.88 39.35 -21.69
C LEU I 564 -17.96 40.56 -21.87
N PRO I 565 -18.52 41.75 -22.09
CA PRO I 565 -17.65 42.90 -22.37
C PRO I 565 -16.68 43.22 -21.25
N PHE I 566 -17.11 43.13 -20.00
CA PHE I 566 -16.24 43.50 -18.89
C PHE I 566 -15.09 42.50 -18.76
N GLN I 567 -15.31 41.27 -19.23
CA GLN I 567 -14.34 40.18 -19.14
C GLN I 567 -13.15 40.38 -20.07
N GLN I 568 -11.95 40.18 -19.54
CA GLN I 568 -10.73 40.26 -20.30
C GLN I 568 -9.98 38.93 -20.49
N PHE I 569 -10.06 38.00 -19.52
CA PHE I 569 -9.38 36.71 -19.56
C PHE I 569 -10.30 35.57 -19.19
N GLY I 570 -10.10 34.43 -19.82
CA GLY I 570 -10.84 33.24 -19.49
C GLY I 570 -9.86 32.20 -18.99
N ARG I 571 -10.11 31.62 -17.82
CA ARG I 571 -9.18 30.69 -17.19
C ARG I 571 -9.82 29.33 -16.97
N ASP I 572 -9.01 28.28 -17.07
CA ASP I 572 -9.46 26.92 -16.85
C ASP I 572 -9.36 26.60 -15.36
N ILE I 573 -9.43 25.32 -15.00
CA ILE I 573 -9.32 24.96 -13.59
C ILE I 573 -7.97 25.42 -13.04
N ALA I 574 -6.93 25.21 -13.83
CA ALA I 574 -5.58 25.66 -13.55
C ALA I 574 -5.50 27.17 -13.78
N ASP I 575 -4.48 27.80 -13.20
CA ASP I 575 -4.31 29.24 -13.33
C ASP I 575 -4.08 29.66 -14.77
N THR I 576 -3.63 28.75 -15.64
CA THR I 576 -3.31 29.10 -17.01
C THR I 576 -4.53 29.69 -17.70
N THR I 577 -4.30 30.67 -18.57
CA THR I 577 -5.40 31.38 -19.21
C THR I 577 -5.82 30.69 -20.49
N ASP I 578 -7.04 30.16 -20.48
CA ASP I 578 -7.58 29.45 -21.64
C ASP I 578 -7.84 30.38 -22.84
N ALA I 579 -8.40 31.56 -22.59
CA ALA I 579 -8.80 32.49 -23.65
C ALA I 579 -8.35 33.91 -23.33
N VAL I 580 -7.96 34.66 -24.36
CA VAL I 580 -7.46 36.02 -24.17
C VAL I 580 -8.12 36.96 -25.17
N ARG I 581 -8.33 38.19 -24.75
CA ARG I 581 -8.90 39.25 -25.59
C ARG I 581 -7.80 40.17 -26.07
N ASP I 582 -7.77 40.39 -27.37
CA ASP I 582 -6.72 41.17 -28.01
C ASP I 582 -6.69 42.61 -27.48
N PRO I 583 -5.52 43.14 -27.14
CA PRO I 583 -5.42 44.52 -26.66
C PRO I 583 -5.63 45.57 -27.73
N GLN I 584 -5.82 45.17 -28.98
CA GLN I 584 -5.91 46.11 -30.08
C GLN I 584 -7.10 45.85 -30.99
N THR I 585 -7.70 44.67 -30.95
CA THR I 585 -8.76 44.34 -31.88
C THR I 585 -9.99 43.84 -31.13
N LEU I 586 -9.86 43.63 -29.82
CA LEU I 586 -10.96 43.20 -28.96
C LEU I 586 -11.65 41.95 -29.50
N GLU I 587 -10.83 40.98 -29.89
CA GLU I 587 -11.34 39.69 -30.34
C GLU I 587 -10.98 38.62 -29.32
N ILE I 588 -11.84 37.60 -29.24
CA ILE I 588 -11.68 36.53 -28.28
C ILE I 588 -10.98 35.35 -28.94
N LEU I 589 -9.78 35.02 -28.47
CA LEU I 589 -8.98 33.96 -29.09
C LEU I 589 -8.79 32.81 -28.12
N ASP I 590 -9.15 31.61 -28.57
CA ASP I 590 -8.89 30.41 -27.78
C ASP I 590 -7.41 30.03 -27.81
N ILE I 591 -6.91 29.51 -26.69
CA ILE I 591 -5.53 29.04 -26.63
C ILE I 591 -5.51 27.53 -26.45
N THR I 592 -4.82 26.82 -27.34
CA THR I 592 -4.69 25.39 -27.26
C THR I 592 -3.22 25.00 -27.09
N PRO I 593 -2.88 24.17 -26.11
CA PRO I 593 -1.46 23.85 -25.91
C PRO I 593 -0.87 23.13 -27.11
N CYS I 594 0.41 23.40 -27.37
CA CYS I 594 1.10 22.74 -28.47
C CYS I 594 1.14 21.23 -28.24
N SER I 595 1.01 20.45 -29.32
CA SER I 595 0.91 19.01 -29.16
C SER I 595 2.14 18.45 -28.46
N PHE I 596 1.91 17.65 -27.43
CA PHE I 596 2.96 16.98 -26.67
C PHE I 596 2.61 15.52 -26.53
N GLY I 597 3.56 14.63 -26.81
CA GLY I 597 3.29 13.21 -26.64
C GLY I 597 4.53 12.45 -26.26
N GLY I 598 4.33 11.34 -25.56
CA GLY I 598 5.44 10.47 -25.24
C GLY I 598 5.95 9.77 -26.48
N VAL I 599 7.25 9.56 -26.55
CA VAL I 599 7.88 8.84 -27.64
C VAL I 599 8.30 7.47 -27.14
N SER I 600 7.77 6.42 -27.76
CA SER I 600 8.07 5.04 -27.38
C SER I 600 8.84 4.38 -28.49
N VAL I 601 9.82 3.55 -28.13
CA VAL I 601 10.63 2.84 -29.11
C VAL I 601 10.31 1.37 -29.02
N ILE I 602 9.89 0.79 -30.14
CA ILE I 602 9.61 -0.63 -30.23
C ILE I 602 10.86 -1.33 -30.71
N THR I 603 11.44 -2.17 -29.86
CA THR I 603 12.70 -2.79 -30.18
C THR I 603 12.65 -4.31 -30.09
N PRO I 604 13.03 -5.03 -31.14
CA PRO I 604 13.18 -6.47 -31.01
C PRO I 604 14.47 -6.67 -30.24
N GLY I 605 14.68 -7.87 -29.73
CA GLY I 605 15.87 -7.99 -28.91
C GLY I 605 17.13 -7.53 -29.60
N THR I 606 17.96 -6.75 -28.88
CA THR I 606 19.15 -6.18 -29.49
C THR I 606 19.99 -7.24 -30.16
N ASN I 607 20.02 -8.45 -29.59
CA ASN I 607 20.77 -9.54 -30.20
C ASN I 607 20.20 -9.91 -31.55
N THR I 608 18.87 -10.02 -31.65
CA THR I 608 18.28 -10.41 -32.92
C THR I 608 18.49 -9.37 -34.01
N SER I 609 18.25 -8.10 -33.71
CA SER I 609 18.36 -7.07 -34.73
C SER I 609 18.47 -5.72 -34.07
N ASN I 610 19.02 -4.76 -34.81
CA ASN I 610 19.09 -3.40 -34.30
C ASN I 610 18.06 -2.48 -34.92
N GLN I 611 17.22 -2.96 -35.82
CA GLN I 611 16.21 -2.11 -36.44
C GLN I 611 15.15 -1.75 -35.40
N VAL I 612 14.64 -0.52 -35.45
CA VAL I 612 13.67 -0.04 -34.45
C VAL I 612 12.50 0.66 -35.10
N ALA I 613 11.35 0.63 -34.42
CA ALA I 613 10.14 1.32 -34.84
C ALA I 613 9.75 2.32 -33.77
N VAL I 614 9.37 3.52 -34.18
CA VAL I 614 9.07 4.63 -33.27
C VAL I 614 7.60 4.96 -33.28
N LEU I 615 7.00 5.04 -32.10
CA LEU I 615 5.60 5.37 -31.94
C LEU I 615 5.44 6.69 -31.21
N TYR I 616 4.62 7.59 -31.75
CA TYR I 616 4.33 8.84 -31.09
C TYR I 616 2.93 8.72 -30.52
N GLN I 617 2.81 8.85 -29.21
CA GLN I 617 1.53 8.62 -28.56
C GLN I 617 0.57 9.79 -28.71
N ASP I 618 -0.62 9.51 -29.23
CA ASP I 618 -1.68 10.51 -29.36
C ASP I 618 -1.23 11.71 -30.18
N VAL I 619 -0.40 11.49 -31.18
CA VAL I 619 0.05 12.55 -32.07
C VAL I 619 -0.31 12.15 -33.47
N ASN I 620 -0.97 13.05 -34.19
CA ASN I 620 -1.30 12.76 -35.57
C ASN I 620 -0.04 12.73 -36.43
N CYS I 621 -0.06 11.89 -37.47
CA CYS I 621 1.09 11.78 -38.35
C CYS I 621 1.40 13.10 -39.06
N THR I 622 0.35 13.87 -39.37
CA THR I 622 0.55 15.15 -40.06
C THR I 622 1.37 16.12 -39.21
N GLU I 623 1.14 16.15 -37.91
CA GLU I 623 1.85 17.09 -37.04
C GLU I 623 3.34 16.83 -37.07
N VAL I 624 3.77 15.58 -37.05
CA VAL I 624 5.18 15.29 -37.00
C VAL I 624 5.61 14.73 -38.34
N ASN I 645 6.78 3.99 -44.49
CA ASN I 645 6.27 3.14 -43.43
C ASN I 645 5.63 3.97 -42.33
N VAL I 646 4.79 4.91 -42.72
CA VAL I 646 4.09 5.79 -41.80
C VAL I 646 2.65 5.31 -41.69
N PHE I 647 2.25 4.89 -40.51
CA PHE I 647 0.92 4.34 -40.33
C PHE I 647 0.24 5.08 -39.18
N GLN I 648 -1.08 5.21 -39.26
CA GLN I 648 -1.86 5.88 -38.22
C GLN I 648 -2.59 4.88 -37.36
N THR I 649 -2.42 4.98 -36.04
CA THR I 649 -3.03 4.09 -35.09
C THR I 649 -3.75 4.88 -34.01
N ARG I 650 -4.69 4.21 -33.33
CA ARG I 650 -5.37 4.89 -32.23
C ARG I 650 -4.36 5.31 -31.18
N ALA I 651 -3.37 4.46 -30.94
CA ALA I 651 -2.31 4.82 -30.00
C ALA I 651 -1.56 6.06 -30.47
N GLY I 652 -1.32 6.16 -31.76
CA GLY I 652 -0.66 7.32 -32.32
C GLY I 652 0.05 6.94 -33.61
N CYS I 653 0.77 7.91 -34.16
CA CYS I 653 1.48 7.68 -35.40
C CYS I 653 2.59 6.65 -35.17
N LEU I 654 2.71 5.70 -36.09
CA LEU I 654 3.71 4.65 -35.99
C LEU I 654 4.62 4.69 -37.22
N ILE I 655 5.92 4.69 -36.99
CA ILE I 655 6.90 4.78 -38.06
C ILE I 655 7.90 3.65 -37.99
N GLY I 656 8.32 3.18 -39.15
CA GLY I 656 9.28 2.11 -39.21
C GLY I 656 8.68 0.73 -39.12
N ALA I 657 7.36 0.63 -39.14
CA ALA I 657 6.67 -0.64 -39.08
C ALA I 657 5.77 -0.75 -40.29
N GLU I 658 5.65 -1.96 -40.83
CA GLU I 658 4.88 -2.20 -42.03
C GLU I 658 3.58 -2.90 -41.65
N HIS I 659 2.46 -2.30 -42.05
CA HIS I 659 1.17 -2.86 -41.73
C HIS I 659 1.00 -4.20 -42.42
N VAL I 660 0.47 -5.18 -41.71
CA VAL I 660 0.23 -6.50 -42.24
C VAL I 660 -1.23 -6.87 -42.09
N ASN I 661 -1.84 -7.34 -43.18
CA ASN I 661 -3.23 -7.76 -43.15
C ASN I 661 -3.46 -8.96 -42.24
N ASN I 662 -2.55 -9.92 -42.26
CA ASN I 662 -2.69 -11.13 -41.46
C ASN I 662 -2.66 -10.86 -39.97
N SER I 663 -3.46 -11.61 -39.21
CA SER I 663 -3.48 -11.46 -37.76
C SER I 663 -2.66 -12.57 -37.12
N TYR I 664 -1.88 -12.21 -36.10
CA TYR I 664 -1.02 -13.14 -35.39
C TYR I 664 -1.18 -12.93 -33.89
N GLU I 665 -0.72 -13.89 -33.11
CA GLU I 665 -0.75 -13.74 -31.67
C GLU I 665 0.13 -12.58 -31.26
N CYS I 666 -0.30 -11.84 -30.24
CA CYS I 666 0.43 -10.64 -29.85
C CYS I 666 1.83 -10.98 -29.39
N ASP I 667 2.79 -10.19 -29.87
CA ASP I 667 4.18 -10.31 -29.44
C ASP I 667 4.59 -9.10 -28.63
N ILE I 668 4.43 -7.89 -29.17
CA ILE I 668 4.70 -6.67 -28.42
C ILE I 668 3.45 -5.83 -28.47
N PRO I 669 2.88 -5.45 -27.34
CA PRO I 669 1.62 -4.68 -27.32
C PRO I 669 1.79 -3.20 -27.63
N ILE I 670 1.04 -2.69 -28.60
CA ILE I 670 1.07 -1.27 -28.91
C ILE I 670 -0.16 -0.56 -28.39
N GLY I 671 -1.18 -1.29 -28.01
CA GLY I 671 -2.42 -0.77 -27.47
C GLY I 671 -3.49 -0.72 -28.53
N ALA I 672 -4.74 -0.67 -28.05
CA ALA I 672 -5.90 -0.58 -28.93
C ALA I 672 -5.94 -1.78 -29.89
N GLY I 673 -5.55 -2.93 -29.41
CA GLY I 673 -5.62 -4.12 -30.24
C GLY I 673 -4.58 -4.25 -31.31
N ILE I 674 -3.51 -3.46 -31.25
CA ILE I 674 -2.43 -3.48 -32.23
C ILE I 674 -1.17 -4.01 -31.57
N CYS I 675 -0.50 -4.95 -32.22
CA CYS I 675 0.71 -5.55 -31.70
C CYS I 675 1.78 -5.52 -32.77
N ALA I 676 3.04 -5.53 -32.37
CA ALA I 676 4.15 -5.45 -33.30
C ALA I 676 5.07 -6.65 -33.14
N SER I 677 5.51 -7.22 -34.26
CA SER I 677 6.45 -8.32 -34.23
C SER I 677 7.56 -8.14 -35.27
N TYR I 678 8.70 -8.77 -35.01
CA TYR I 678 9.84 -8.80 -35.91
C TYR I 678 9.86 -10.08 -36.74
N GLN I 679 9.50 -9.99 -38.01
CA GLN I 679 9.55 -11.14 -38.89
C GLN I 679 10.63 -10.96 -39.93
N GLN I 694 13.71 -9.15 -43.27
CA GLN I 694 13.20 -9.05 -41.92
C GLN I 694 12.97 -7.62 -41.49
N SER I 695 11.70 -7.27 -41.30
CA SER I 695 11.30 -5.93 -40.89
C SER I 695 10.24 -6.05 -39.81
N ILE I 696 10.17 -5.02 -38.96
CA ILE I 696 9.13 -4.98 -37.95
C ILE I 696 7.77 -4.82 -38.60
N ILE I 697 6.77 -5.56 -38.13
CA ILE I 697 5.42 -5.54 -38.68
C ILE I 697 4.42 -5.19 -37.59
N ALA I 698 3.39 -4.45 -37.96
CA ALA I 698 2.31 -4.08 -37.06
C ALA I 698 1.03 -4.74 -37.54
N TYR I 699 0.30 -5.40 -36.65
CA TYR I 699 -0.88 -6.13 -37.07
C TYR I 699 -1.90 -6.11 -35.95
N THR I 700 -3.15 -6.38 -36.29
CA THR I 700 -4.18 -6.50 -35.26
C THR I 700 -4.09 -7.89 -34.63
N MET I 701 -4.21 -7.95 -33.33
CA MET I 701 -4.06 -9.23 -32.66
C MET I 701 -5.26 -10.13 -32.94
N SER I 702 -5.02 -11.44 -32.91
CA SER I 702 -6.04 -12.43 -33.18
C SER I 702 -6.49 -13.12 -31.90
N LEU I 703 -7.80 -13.11 -31.65
CA LEU I 703 -8.31 -13.72 -30.43
C LEU I 703 -8.06 -15.22 -30.40
N GLY I 704 -8.32 -15.92 -31.50
CA GLY I 704 -8.01 -17.33 -31.53
C GLY I 704 -8.63 -18.00 -32.74
N ALA I 705 -8.36 -19.30 -32.83
CA ALA I 705 -8.90 -20.15 -33.87
C ALA I 705 -10.36 -20.49 -33.60
N GLU I 706 -11.07 -20.83 -34.66
CA GLU I 706 -12.50 -21.12 -34.57
C GLU I 706 -12.72 -22.62 -34.51
N ASN I 707 -13.21 -23.09 -33.38
CA ASN I 707 -13.58 -24.48 -33.19
C ASN I 707 -15.02 -24.49 -32.73
N SER I 708 -15.91 -25.11 -33.48
CA SER I 708 -17.30 -25.21 -33.07
C SER I 708 -17.78 -26.65 -33.09
N VAL I 709 -18.32 -27.12 -32.00
CA VAL I 709 -18.81 -28.49 -31.95
C VAL I 709 -20.13 -28.56 -32.68
N ALA I 710 -20.34 -29.62 -33.46
CA ALA I 710 -21.64 -29.77 -34.09
C ALA I 710 -22.66 -30.08 -33.01
N TYR I 711 -23.63 -29.20 -32.83
CA TYR I 711 -24.61 -29.35 -31.77
C TYR I 711 -25.89 -29.92 -32.35
N SER I 712 -26.34 -31.03 -31.79
CA SER I 712 -27.60 -31.64 -32.17
C SER I 712 -28.28 -32.06 -30.90
N ASN I 713 -29.57 -32.35 -30.98
CA ASN I 713 -30.23 -32.68 -29.73
C ASN I 713 -30.03 -34.13 -29.31
N ASN I 714 -29.47 -34.97 -30.16
CA ASN I 714 -29.31 -36.37 -29.81
C ASN I 714 -27.89 -36.85 -30.08
N SER I 715 -26.92 -35.96 -30.16
CA SER I 715 -25.55 -36.31 -30.51
C SER I 715 -24.61 -36.00 -29.35
N ILE I 716 -23.75 -36.95 -29.00
CA ILE I 716 -22.77 -36.79 -27.94
C ILE I 716 -21.42 -37.31 -28.42
N ALA I 717 -20.34 -36.74 -27.86
CA ALA I 717 -18.97 -37.14 -28.14
C ALA I 717 -18.28 -37.66 -26.89
N ILE I 718 -17.87 -38.92 -26.90
CA ILE I 718 -17.23 -39.57 -25.76
C ILE I 718 -15.76 -39.80 -26.07
N PRO I 719 -14.84 -39.38 -25.21
CA PRO I 719 -13.40 -39.62 -25.40
C PRO I 719 -13.01 -41.09 -25.40
N THR I 720 -12.19 -41.50 -26.36
CA THR I 720 -11.78 -42.90 -26.39
C THR I 720 -10.35 -43.13 -25.92
N ASN I 721 -9.61 -42.10 -25.53
CA ASN I 721 -8.22 -42.25 -25.12
C ASN I 721 -7.94 -41.16 -24.09
N PHE I 722 -6.73 -41.11 -23.57
CA PHE I 722 -6.35 -40.09 -22.60
C PHE I 722 -4.90 -39.71 -22.75
N THR I 723 -4.56 -38.54 -22.26
CA THR I 723 -3.18 -38.07 -22.25
C THR I 723 -2.81 -37.54 -20.88
N ILE I 724 -1.69 -37.99 -20.35
CA ILE I 724 -1.19 -37.50 -19.06
C ILE I 724 -0.21 -36.38 -19.34
N SER I 725 -0.48 -35.19 -18.80
CA SER I 725 0.34 -34.02 -19.08
C SER I 725 0.88 -33.44 -17.79
N VAL I 726 2.15 -33.04 -17.79
CA VAL I 726 2.74 -32.38 -16.64
C VAL I 726 3.04 -30.93 -16.99
N THR I 727 2.59 -30.01 -16.15
CA THR I 727 2.74 -28.58 -16.38
C THR I 727 3.41 -27.94 -15.19
N THR I 728 4.03 -26.79 -15.40
CA THR I 728 4.83 -26.11 -14.39
C THR I 728 4.26 -24.75 -13.98
N GLU I 729 4.11 -24.53 -12.68
CA GLU I 729 3.69 -23.25 -12.11
C GLU I 729 4.74 -22.68 -11.18
N ILE I 730 5.08 -21.41 -11.36
CA ILE I 730 6.14 -20.74 -10.60
C ILE I 730 5.57 -19.59 -9.79
N LEU I 731 5.77 -19.60 -8.47
CA LEU I 731 5.24 -18.58 -7.58
C LEU I 731 6.30 -17.94 -6.69
N PRO I 732 6.43 -16.62 -6.68
CA PRO I 732 7.35 -15.95 -5.76
C PRO I 732 6.90 -16.08 -4.32
N VAL I 733 7.82 -16.41 -3.41
CA VAL I 733 7.45 -16.58 -2.02
C VAL I 733 8.07 -15.56 -1.09
N SER I 734 9.30 -15.11 -1.32
CA SER I 734 9.97 -14.22 -0.38
C SER I 734 10.79 -13.20 -1.14
N MET I 735 11.18 -12.14 -0.45
CA MET I 735 12.04 -11.13 -1.02
C MET I 735 13.20 -10.91 -0.06
N THR I 736 14.28 -10.33 -0.58
CA THR I 736 15.48 -10.13 0.21
C THR I 736 15.23 -9.22 1.40
N LYS I 737 15.77 -9.59 2.56
CA LYS I 737 15.59 -8.81 3.77
C LYS I 737 16.67 -7.75 3.86
N THR I 738 16.30 -6.49 3.87
CA THR I 738 17.23 -5.37 3.86
C THR I 738 16.96 -4.48 5.06
N SER I 739 18.02 -4.12 5.76
CA SER I 739 17.92 -3.22 6.88
C SER I 739 18.76 -1.99 6.61
N VAL I 740 18.17 -0.81 6.77
CA VAL I 740 18.89 0.44 6.54
C VAL I 740 18.96 1.19 7.86
N ASP I 741 20.16 1.62 8.22
CA ASP I 741 20.35 2.45 9.40
C ASP I 741 20.06 3.89 8.99
N CYS I 742 18.92 4.43 9.39
CA CYS I 742 18.57 5.76 8.91
C CYS I 742 19.64 6.78 9.23
N THR I 743 20.15 6.77 10.46
CA THR I 743 21.12 7.81 10.84
C THR I 743 22.35 7.76 9.96
N MET I 744 22.92 6.57 9.77
CA MET I 744 24.15 6.49 9.00
C MET I 744 23.91 6.94 7.57
N TYR I 745 22.75 6.58 7.02
CA TYR I 745 22.44 6.95 5.64
C TYR I 745 22.33 8.46 5.52
N ILE I 746 21.61 9.10 6.42
CA ILE I 746 21.39 10.53 6.29
C ILE I 746 22.65 11.28 6.67
N CYS I 747 23.31 10.88 7.75
CA CYS I 747 24.49 11.57 8.24
C CYS I 747 25.66 10.60 8.20
N GLY I 748 26.74 11.02 7.57
CA GLY I 748 27.90 10.16 7.53
C GLY I 748 28.81 10.23 8.73
N ASP I 749 28.38 9.70 9.87
CA ASP I 749 29.19 9.72 11.08
C ASP I 749 29.56 11.15 11.46
N SER I 750 28.64 12.07 11.25
CA SER I 750 28.85 13.48 11.55
C SER I 750 27.99 13.85 12.74
N THR I 751 28.62 14.27 13.83
CA THR I 751 27.85 14.65 15.01
C THR I 751 26.96 15.84 14.71
N GLU I 752 27.46 16.80 13.95
CA GLU I 752 26.66 17.99 13.64
C GLU I 752 25.36 17.59 12.99
N CYS I 753 25.44 16.75 11.97
CA CYS I 753 24.22 16.33 11.28
C CYS I 753 23.29 15.59 12.23
N SER I 754 23.84 14.73 13.08
CA SER I 754 22.99 13.97 14.00
C SER I 754 22.21 14.89 14.91
N ASN I 755 22.84 15.93 15.44
CA ASN I 755 22.13 16.84 16.33
C ASN I 755 20.99 17.51 15.60
N LEU I 756 21.22 17.93 14.37
CA LEU I 756 20.14 18.54 13.61
C LEU I 756 19.04 17.53 13.40
N LEU I 757 19.41 16.28 13.18
CA LEU I 757 18.38 15.30 12.91
C LEU I 757 17.59 14.95 14.15
N LEU I 758 18.04 15.34 15.35
CA LEU I 758 17.25 15.06 16.53
C LEU I 758 15.88 15.68 16.41
N GLN I 759 15.79 16.84 15.78
CA GLN I 759 14.48 17.42 15.52
C GLN I 759 13.72 16.38 14.72
N TYR I 760 12.41 16.34 14.87
CA TYR I 760 11.62 15.31 14.20
C TYR I 760 12.29 13.97 14.37
N GLY I 761 12.54 13.62 15.64
CA GLY I 761 13.28 12.41 15.92
C GLY I 761 12.53 11.14 15.62
N SER I 762 11.23 11.13 15.84
CA SER I 762 10.49 9.89 15.66
C SER I 762 10.67 9.30 14.27
N PHE I 763 10.87 10.14 13.26
CA PHE I 763 10.95 9.67 11.88
C PHE I 763 11.95 8.54 11.73
N CYS I 764 13.15 8.70 12.27
CA CYS I 764 14.17 7.67 12.11
C CYS I 764 13.68 6.35 12.67
N THR I 765 13.14 6.35 13.88
CA THR I 765 12.68 5.11 14.51
C THR I 765 11.58 4.48 13.68
N GLN I 766 10.62 5.28 13.22
CA GLN I 766 9.51 4.73 12.46
C GLN I 766 10.02 3.97 11.26
N LEU I 767 11.03 4.51 10.58
CA LEU I 767 11.55 3.85 9.39
C LEU I 767 12.12 2.49 9.75
N ASN I 768 13.04 2.44 10.72
CA ASN I 768 13.67 1.17 11.03
C ASN I 768 12.61 0.17 11.45
N ARG I 769 11.64 0.61 12.23
CA ARG I 769 10.60 -0.32 12.67
C ARG I 769 9.88 -0.88 11.46
N ALA I 770 9.56 -0.04 10.48
CA ALA I 770 8.79 -0.54 9.33
C ALA I 770 9.58 -1.60 8.59
N LEU I 771 10.85 -1.33 8.27
CA LEU I 771 11.65 -2.31 7.53
C LEU I 771 11.77 -3.59 8.31
N THR I 772 11.90 -3.50 9.63
CA THR I 772 12.02 -4.70 10.44
C THR I 772 10.78 -5.56 10.26
N GLY I 773 9.61 -4.96 10.26
CA GLY I 773 8.41 -5.74 10.08
C GLY I 773 8.45 -6.48 8.77
N ILE I 774 8.90 -5.83 7.70
CA ILE I 774 8.96 -6.48 6.40
C ILE I 774 9.85 -7.71 6.48
N ALA I 775 11.00 -7.58 7.12
CA ALA I 775 11.94 -8.69 7.20
C ALA I 775 11.31 -9.87 7.91
N VAL I 776 10.65 -9.63 9.02
CA VAL I 776 10.05 -10.72 9.78
C VAL I 776 9.04 -11.48 8.92
N GLU I 777 8.22 -10.77 8.15
CA GLU I 777 7.24 -11.46 7.33
C GLU I 777 7.90 -12.42 6.38
N GLN I 778 9.03 -12.05 5.81
CA GLN I 778 9.66 -12.92 4.83
C GLN I 778 9.88 -14.29 5.43
N ASP I 779 10.34 -14.34 6.68
CA ASP I 779 10.52 -15.64 7.30
C ASP I 779 9.18 -16.33 7.45
N LYS I 780 8.15 -15.59 7.88
CA LYS I 780 6.84 -16.20 8.05
C LYS I 780 6.38 -16.80 6.73
N ASN I 781 6.55 -16.08 5.62
CA ASN I 781 6.09 -16.58 4.33
C ASN I 781 6.69 -17.94 4.04
N THR I 782 8.00 -18.07 4.19
CA THR I 782 8.65 -19.32 3.88
C THR I 782 8.12 -20.46 4.73
N GLN I 783 7.97 -20.24 6.03
CA GLN I 783 7.51 -21.33 6.89
C GLN I 783 6.14 -21.81 6.48
N GLU I 784 5.25 -20.90 6.14
CA GLU I 784 3.91 -21.29 5.79
C GLU I 784 3.88 -22.17 4.57
N VAL I 785 4.77 -21.93 3.61
CA VAL I 785 4.70 -22.69 2.39
C VAL I 785 5.37 -24.04 2.55
N PHE I 786 6.53 -24.08 3.18
CA PHE I 786 7.26 -25.34 3.24
C PHE I 786 7.11 -26.09 4.55
N ALA I 787 7.25 -25.42 5.68
CA ALA I 787 7.21 -26.09 6.98
C ALA I 787 5.78 -26.39 7.44
N GLN I 788 5.10 -27.25 6.70
CA GLN I 788 3.75 -27.63 7.12
C GLN I 788 3.72 -28.97 7.82
N VAL I 789 4.38 -29.97 7.28
CA VAL I 789 4.49 -31.28 7.90
C VAL I 789 5.82 -31.33 8.59
N LYS I 790 5.85 -31.86 9.82
CA LYS I 790 7.09 -31.83 10.58
C LYS I 790 7.76 -33.19 10.70
N GLN I 791 7.51 -34.09 9.75
CA GLN I 791 8.12 -35.42 9.76
C GLN I 791 8.92 -35.61 8.48
N ILE I 792 10.06 -36.24 8.58
CA ILE I 792 10.90 -36.53 7.43
C ILE I 792 10.53 -37.91 6.88
N TYR I 793 10.38 -38.01 5.56
CA TYR I 793 10.04 -39.25 4.87
C TYR I 793 11.08 -39.57 3.82
N LYS I 794 11.38 -40.87 3.68
CA LYS I 794 12.33 -41.38 2.71
C LYS I 794 11.74 -42.46 1.80
N THR I 795 11.96 -42.36 0.49
CA THR I 795 11.52 -43.41 -0.42
C THR I 795 12.43 -44.64 -0.35
N PRO I 796 11.89 -45.84 -0.56
CA PRO I 796 12.74 -47.03 -0.58
C PRO I 796 13.71 -46.99 -1.74
N PRO I 797 14.84 -47.65 -1.62
CA PRO I 797 15.87 -47.59 -2.67
C PRO I 797 15.55 -48.47 -3.87
N ILE I 798 14.45 -48.21 -4.56
CA ILE I 798 14.01 -49.04 -5.68
C ILE I 798 13.98 -48.16 -6.92
N LYS I 799 14.12 -48.78 -8.10
CA LYS I 799 14.25 -47.99 -9.31
C LYS I 799 12.93 -47.50 -9.86
N ASP I 800 11.88 -48.31 -9.82
CA ASP I 800 10.59 -47.90 -10.35
C ASP I 800 9.47 -48.27 -9.41
N PHE I 801 8.52 -47.36 -9.23
CA PHE I 801 7.36 -47.68 -8.44
C PHE I 801 6.29 -47.97 -9.47
N GLY I 802 6.07 -49.24 -9.75
CA GLY I 802 5.09 -49.57 -10.76
C GLY I 802 5.39 -48.95 -12.11
N GLY I 803 6.65 -48.81 -12.49
CA GLY I 803 6.95 -48.22 -13.78
C GLY I 803 6.99 -46.71 -13.85
N PHE I 804 6.81 -46.00 -12.75
CA PHE I 804 6.90 -44.54 -12.70
C PHE I 804 8.28 -44.18 -12.22
N ASN I 805 9.06 -43.50 -13.05
CA ASN I 805 10.47 -43.27 -12.73
C ASN I 805 10.75 -42.36 -11.52
N PHE I 806 10.21 -41.15 -11.48
CA PHE I 806 10.40 -40.23 -10.35
C PHE I 806 11.85 -39.83 -10.11
N SER I 807 12.78 -40.22 -10.96
CA SER I 807 14.20 -39.95 -10.72
C SER I 807 14.54 -38.47 -10.69
N GLN I 808 13.96 -37.70 -11.59
CA GLN I 808 14.32 -36.30 -11.71
C GLN I 808 14.04 -35.50 -10.45
N ILE I 809 12.91 -35.73 -9.80
CA ILE I 809 12.55 -35.01 -8.58
C ILE I 809 13.39 -35.43 -7.36
N LEU I 810 13.83 -36.67 -7.27
CA LEU I 810 14.58 -37.17 -6.12
C LEU I 810 15.97 -36.57 -5.98
N PRO I 811 16.49 -36.45 -4.75
CA PRO I 811 17.81 -35.86 -4.53
C PRO I 811 18.97 -36.63 -5.13
N ASP I 812 19.98 -35.87 -5.57
CA ASP I 812 21.17 -36.37 -6.23
C ASP I 812 22.44 -35.97 -5.50
N PRO I 813 23.35 -36.90 -5.24
CA PRO I 813 24.63 -36.51 -4.61
C PRO I 813 25.48 -35.60 -5.48
N SER I 814 25.48 -35.78 -6.80
CA SER I 814 26.27 -34.93 -7.69
C SER I 814 25.86 -33.47 -7.62
N LYS I 815 24.58 -33.19 -7.45
CA LYS I 815 24.08 -31.84 -7.42
C LYS I 815 24.69 -31.09 -6.23
N PRO I 816 24.88 -29.77 -6.34
CA PRO I 816 25.64 -29.06 -5.30
C PRO I 816 25.10 -29.14 -3.88
N SER I 817 23.81 -29.01 -3.65
CA SER I 817 23.32 -29.02 -2.28
C SER I 817 22.56 -30.28 -1.99
N LYS I 818 22.84 -31.34 -2.73
CA LYS I 818 22.10 -32.59 -2.62
C LYS I 818 20.70 -32.39 -3.15
N ARG I 819 20.55 -31.41 -4.05
CA ARG I 819 19.26 -31.09 -4.59
C ARG I 819 18.91 -32.03 -5.72
N SER I 820 17.67 -31.95 -6.18
CA SER I 820 17.22 -32.78 -7.27
C SER I 820 17.76 -32.25 -8.58
N PHE I 821 17.60 -33.04 -9.62
CA PHE I 821 18.07 -32.62 -10.94
C PHE I 821 17.35 -31.36 -11.39
N ILE I 822 16.02 -31.34 -11.26
CA ILE I 822 15.27 -30.18 -11.71
C ILE I 822 15.61 -28.98 -10.85
N GLU I 823 15.67 -29.16 -9.54
CA GLU I 823 15.94 -28.04 -8.65
C GLU I 823 17.28 -27.43 -9.01
N ASP I 824 18.26 -28.26 -9.31
CA ASP I 824 19.57 -27.74 -9.67
C ASP I 824 19.44 -26.80 -10.85
N LEU I 825 18.69 -27.23 -11.87
CA LEU I 825 18.48 -26.42 -13.04
C LEU I 825 17.89 -25.08 -12.66
N LEU I 826 16.90 -25.06 -11.79
CA LEU I 826 16.22 -23.83 -11.40
C LEU I 826 17.20 -22.83 -10.81
N PHE I 827 18.06 -23.29 -9.90
CA PHE I 827 18.95 -22.33 -9.24
C PHE I 827 19.96 -21.75 -10.21
N ASN I 828 20.30 -22.44 -11.28
CA ASN I 828 21.24 -21.85 -12.23
C ASN I 828 20.58 -20.76 -13.05
N LYS I 829 19.34 -20.97 -13.52
CA LYS I 829 18.72 -19.95 -14.38
C LYS I 829 18.54 -18.62 -13.67
N VAL I 830 17.98 -18.62 -12.47
CA VAL I 830 17.81 -17.34 -11.78
C VAL I 830 19.17 -16.78 -11.42
N THR I 831 19.36 -15.49 -11.67
CA THR I 831 20.65 -14.86 -11.41
C THR I 831 20.51 -13.60 -10.59
N PHE I 859 27.52 -0.34 1.17
CA PHE I 859 28.06 0.30 2.37
C PHE I 859 26.98 1.20 2.96
N ASN I 860 27.31 2.44 3.33
CA ASN I 860 26.38 3.37 3.97
C ASN I 860 25.76 2.61 5.14
N GLY I 861 24.45 2.66 5.33
CA GLY I 861 23.83 1.88 6.37
C GLY I 861 23.08 0.69 5.82
N LEU I 862 23.20 0.41 4.54
CA LEU I 862 22.45 -0.67 3.93
C LEU I 862 23.10 -1.99 4.28
N THR I 863 22.26 -2.98 4.56
CA THR I 863 22.76 -4.30 4.92
C THR I 863 21.69 -5.31 4.54
N VAL I 864 22.12 -6.51 4.22
CA VAL I 864 21.21 -7.61 3.91
C VAL I 864 21.27 -8.64 5.01
N LEU I 865 20.12 -9.02 5.52
CA LEU I 865 20.00 -9.97 6.61
C LEU I 865 19.75 -11.36 6.07
N PRO I 866 20.46 -12.37 6.58
CA PRO I 866 20.31 -13.71 6.06
C PRO I 866 18.95 -14.31 6.36
N PRO I 867 18.40 -15.06 5.42
CA PRO I 867 17.12 -15.73 5.64
C PRO I 867 17.23 -16.78 6.72
N LEU I 868 16.18 -16.90 7.52
CA LEU I 868 16.20 -17.86 8.62
C LEU I 868 16.38 -19.28 8.13
N LEU I 869 15.64 -19.68 7.11
CA LEU I 869 15.75 -21.04 6.60
C LEU I 869 16.73 -21.08 5.44
N THR I 870 17.83 -21.79 5.61
CA THR I 870 18.83 -21.92 4.58
C THR I 870 18.27 -22.73 3.42
N ASP I 871 18.90 -22.59 2.26
CA ASP I 871 18.41 -23.31 1.09
C ASP I 871 18.43 -24.81 1.33
N GLU I 872 19.43 -25.30 2.04
CA GLU I 872 19.48 -26.73 2.31
C GLU I 872 18.26 -27.18 3.09
N MET I 873 17.85 -26.39 4.08
CA MET I 873 16.69 -26.77 4.86
C MET I 873 15.46 -26.82 3.98
N ILE I 874 15.27 -25.82 3.13
CA ILE I 874 14.12 -25.81 2.26
C ILE I 874 14.16 -26.99 1.33
N ALA I 875 15.35 -27.34 0.84
CA ALA I 875 15.46 -28.49 -0.03
C ALA I 875 15.00 -29.73 0.69
N GLN I 876 15.41 -29.88 1.94
CA GLN I 876 15.03 -31.05 2.70
C GLN I 876 13.53 -31.11 2.90
N TYR I 877 12.88 -29.98 3.14
CA TYR I 877 11.43 -29.99 3.29
C TYR I 877 10.77 -30.52 2.03
N THR I 878 11.18 -30.02 0.87
CA THR I 878 10.54 -30.44 -0.38
C THR I 878 10.65 -31.94 -0.55
N SER I 879 11.82 -32.50 -0.27
CA SER I 879 12.04 -33.93 -0.45
C SER I 879 11.08 -34.71 0.42
N ALA I 880 10.90 -34.28 1.67
CA ALA I 880 10.02 -34.97 2.59
C ALA I 880 8.60 -34.98 2.05
N LEU I 881 8.13 -33.84 1.57
CA LEU I 881 6.79 -33.75 1.01
C LEU I 881 6.67 -34.71 -0.16
N LEU I 882 7.66 -34.69 -1.02
CA LEU I 882 7.67 -35.54 -2.21
C LEU I 882 7.62 -37.02 -1.80
N ALA I 883 8.49 -37.41 -0.87
CA ALA I 883 8.58 -38.81 -0.44
C ALA I 883 7.28 -39.26 0.19
N GLY I 884 6.72 -38.44 1.06
CA GLY I 884 5.47 -38.77 1.71
C GLY I 884 4.37 -39.03 0.71
N THR I 885 4.33 -38.25 -0.37
CA THR I 885 3.31 -38.39 -1.39
C THR I 885 3.48 -39.67 -2.18
N ILE I 886 4.72 -40.06 -2.46
CA ILE I 886 4.95 -41.23 -3.28
C ILE I 886 4.64 -42.50 -2.52
N THR I 887 4.81 -42.50 -1.21
CA THR I 887 4.64 -43.72 -0.45
C THR I 887 3.33 -43.79 0.29
N SER I 888 2.76 -42.67 0.71
CA SER I 888 1.55 -42.68 1.53
C SER I 888 0.40 -41.89 0.91
N GLY I 889 0.53 -41.44 -0.32
CA GLY I 889 -0.54 -40.70 -0.96
C GLY I 889 -0.95 -39.42 -0.25
N TRP I 890 -2.23 -39.26 0.05
CA TRP I 890 -2.67 -38.02 0.68
C TRP I 890 -2.97 -38.21 2.15
N THR I 891 -2.51 -39.29 2.74
CA THR I 891 -2.83 -39.58 4.11
C THR I 891 -1.86 -39.01 5.11
N PHE I 892 -0.71 -38.52 4.68
CA PHE I 892 0.27 -38.05 5.63
C PHE I 892 0.02 -36.62 6.04
N GLY I 893 -0.91 -35.96 5.38
CA GLY I 893 -1.22 -34.58 5.64
C GLY I 893 -2.47 -34.47 6.48
N ALA I 894 -3.19 -35.58 6.63
CA ALA I 894 -4.44 -35.60 7.36
C ALA I 894 -4.39 -36.45 8.62
N GLY I 895 -3.23 -36.94 9.00
CA GLY I 895 -3.10 -37.75 10.19
C GLY I 895 -1.96 -38.75 10.02
N PRO I 896 -2.14 -39.94 10.59
CA PRO I 896 -1.11 -40.95 10.51
C PRO I 896 -0.83 -41.30 9.06
N ALA I 897 0.44 -41.35 8.66
CA ALA I 897 0.77 -41.72 7.28
C ALA I 897 0.70 -43.21 7.09
N LEU I 898 -0.12 -43.68 6.16
CA LEU I 898 -0.23 -45.10 5.89
C LEU I 898 0.24 -45.45 4.49
N GLN I 899 0.99 -46.54 4.36
CA GLN I 899 1.57 -46.92 3.08
C GLN I 899 0.53 -47.51 2.14
N ILE I 900 0.72 -47.28 0.84
CA ILE I 900 -0.14 -47.85 -0.18
C ILE I 900 0.69 -48.01 -1.44
N PRO I 901 0.59 -49.13 -2.17
CA PRO I 901 1.33 -49.28 -3.41
C PRO I 901 1.06 -48.12 -4.36
N PHE I 902 2.11 -47.61 -4.99
CA PHE I 902 1.91 -46.43 -5.83
C PHE I 902 0.91 -46.71 -6.93
N PRO I 903 1.00 -47.88 -7.56
CA PRO I 903 0.09 -48.16 -8.65
C PRO I 903 -1.35 -48.05 -8.16
N MET I 904 -1.63 -48.56 -6.97
CA MET I 904 -2.97 -48.50 -6.40
C MET I 904 -3.37 -47.08 -6.06
N GLN I 905 -2.42 -46.26 -5.62
CA GLN I 905 -2.74 -44.86 -5.34
C GLN I 905 -3.29 -44.17 -6.58
N MET I 906 -2.68 -44.41 -7.73
CA MET I 906 -3.16 -43.77 -8.95
C MET I 906 -4.58 -44.19 -9.24
N ALA I 907 -4.92 -45.44 -8.95
CA ALA I 907 -6.29 -45.87 -9.16
C ALA I 907 -7.26 -45.02 -8.36
N TYR I 908 -6.92 -44.70 -7.12
CA TYR I 908 -7.77 -43.84 -6.32
C TYR I 908 -7.91 -42.49 -6.99
N ARG I 909 -6.82 -41.95 -7.52
CA ARG I 909 -6.87 -40.65 -8.17
C ARG I 909 -7.82 -40.68 -9.34
N PHE I 910 -7.81 -41.77 -10.11
CA PHE I 910 -8.69 -41.85 -11.27
C PHE I 910 -10.14 -41.80 -10.82
N ASN I 911 -10.49 -42.47 -9.74
CA ASN I 911 -11.86 -42.39 -9.26
C ASN I 911 -12.23 -40.96 -8.91
N GLY I 912 -11.30 -40.18 -8.39
CA GLY I 912 -11.64 -38.81 -8.07
C GLY I 912 -12.04 -38.03 -9.31
N ILE I 913 -11.31 -38.20 -10.41
CA ILE I 913 -11.65 -37.44 -11.60
C ILE I 913 -12.91 -37.99 -12.24
N GLY I 914 -13.26 -39.24 -11.95
CA GLY I 914 -14.45 -39.83 -12.46
C GLY I 914 -14.29 -40.97 -13.44
N VAL I 915 -13.17 -41.68 -13.42
CA VAL I 915 -12.92 -42.81 -14.31
C VAL I 915 -12.75 -44.05 -13.45
N THR I 916 -13.36 -45.15 -13.86
CA THR I 916 -13.26 -46.37 -13.08
C THR I 916 -11.82 -46.83 -12.98
N GLN I 917 -11.49 -47.47 -11.85
CA GLN I 917 -10.12 -47.90 -11.62
C GLN I 917 -9.63 -48.91 -12.64
N ASN I 918 -10.51 -49.76 -13.18
CA ASN I 918 -10.05 -50.78 -14.12
C ASN I 918 -9.26 -50.13 -15.23
N VAL I 919 -9.66 -48.92 -15.62
CA VAL I 919 -9.02 -48.22 -16.73
C VAL I 919 -7.53 -48.09 -16.45
N LEU I 920 -7.17 -47.77 -15.22
CA LEU I 920 -5.75 -47.61 -14.92
C LEU I 920 -5.03 -48.94 -14.96
N TYR I 921 -5.58 -49.96 -14.32
CA TYR I 921 -4.88 -51.24 -14.25
C TYR I 921 -4.71 -51.86 -15.62
N GLU I 922 -5.61 -51.57 -16.54
CA GLU I 922 -5.52 -52.19 -17.85
C GLU I 922 -4.63 -51.40 -18.79
N ASN I 923 -4.25 -50.20 -18.40
CA ASN I 923 -3.41 -49.36 -19.22
C ASN I 923 -2.27 -48.84 -18.38
N GLN I 924 -1.87 -49.62 -17.37
CA GLN I 924 -0.85 -49.16 -16.46
C GLN I 924 0.42 -48.80 -17.21
N LYS I 925 0.88 -49.71 -18.06
CA LYS I 925 2.14 -49.51 -18.76
C LYS I 925 2.09 -48.23 -19.57
N LEU I 926 1.01 -48.05 -20.33
CA LEU I 926 0.87 -46.88 -21.19
C LEU I 926 0.95 -45.62 -20.35
N ILE I 927 0.18 -45.57 -19.27
CA ILE I 927 0.15 -44.39 -18.42
C ILE I 927 1.52 -44.11 -17.87
N ALA I 928 2.24 -45.13 -17.43
CA ALA I 928 3.56 -44.90 -16.88
C ALA I 928 4.48 -44.28 -17.93
N ASN I 929 4.46 -44.80 -19.15
CA ASN I 929 5.33 -44.23 -20.17
C ASN I 929 4.97 -42.78 -20.43
N GLN I 930 3.68 -42.49 -20.55
CA GLN I 930 3.27 -41.12 -20.78
C GLN I 930 3.78 -40.23 -19.67
N PHE I 931 3.62 -40.66 -18.43
CA PHE I 931 4.07 -39.83 -17.33
C PHE I 931 5.57 -39.59 -17.44
N ASN I 932 6.34 -40.65 -17.67
CA ASN I 932 7.79 -40.49 -17.74
C ASN I 932 8.17 -39.53 -18.86
N SER I 933 7.52 -39.65 -20.00
CA SER I 933 7.85 -38.77 -21.12
C SER I 933 7.61 -37.33 -20.74
N ALA I 934 6.48 -37.05 -20.09
CA ALA I 934 6.17 -35.67 -19.74
C ALA I 934 7.24 -35.10 -18.84
N ILE I 935 7.67 -35.87 -17.84
CA ILE I 935 8.69 -35.40 -16.91
C ILE I 935 9.96 -35.05 -17.68
N GLY I 936 10.32 -35.90 -18.65
CA GLY I 936 11.51 -35.64 -19.42
C GLY I 936 11.46 -34.30 -20.12
N LYS I 937 10.30 -33.91 -20.62
CA LYS I 937 10.20 -32.64 -21.32
C LYS I 937 10.41 -31.47 -20.37
N ILE I 938 10.00 -31.60 -19.11
CA ILE I 938 10.10 -30.48 -18.18
C ILE I 938 11.50 -29.90 -18.21
N GLN I 939 12.51 -30.75 -18.09
CA GLN I 939 13.87 -30.22 -18.04
C GLN I 939 14.14 -29.39 -19.28
N ASP I 940 13.83 -29.94 -20.45
CA ASP I 940 14.09 -29.23 -21.70
C ASP I 940 13.34 -27.92 -21.76
N SER I 941 12.07 -27.92 -21.35
CA SER I 941 11.27 -26.72 -21.40
C SER I 941 11.91 -25.57 -20.64
N LEU I 942 12.24 -25.79 -19.37
CA LEU I 942 12.83 -24.71 -18.58
C LEU I 942 14.10 -24.18 -19.22
N SER I 943 14.98 -25.09 -19.68
CA SER I 943 16.23 -24.66 -20.27
C SER I 943 16.03 -23.86 -21.54
N SER I 944 15.19 -24.34 -22.45
CA SER I 944 15.02 -23.65 -23.72
C SER I 944 14.41 -22.27 -23.53
N THR I 945 13.35 -22.18 -22.75
CA THR I 945 12.67 -20.91 -22.55
C THR I 945 13.43 -20.11 -21.51
N PRO I 946 14.13 -19.06 -21.95
CA PRO I 946 14.87 -18.22 -21.03
C PRO I 946 13.93 -17.48 -20.09
N SER I 947 12.77 -17.08 -20.57
CA SER I 947 11.81 -16.32 -19.79
C SER I 947 10.95 -17.21 -18.92
N ALA I 948 11.30 -18.49 -18.80
CA ALA I 948 10.50 -19.41 -18.00
C ALA I 948 10.40 -18.96 -16.56
N LEU I 949 11.52 -18.53 -15.99
CA LEU I 949 11.56 -18.10 -14.60
C LEU I 949 11.52 -16.60 -14.50
N GLY I 950 10.90 -15.95 -15.47
CA GLY I 950 10.85 -14.50 -15.46
C GLY I 950 10.17 -13.98 -14.21
N LYS I 951 9.13 -14.67 -13.76
CA LYS I 951 8.40 -14.19 -12.61
C LYS I 951 9.34 -14.05 -11.41
N LEU I 952 10.12 -15.09 -11.13
CA LEU I 952 11.05 -15.03 -10.00
C LEU I 952 12.11 -13.97 -10.26
N GLN I 953 12.61 -13.91 -11.49
CA GLN I 953 13.66 -12.96 -11.82
C GLN I 953 13.21 -11.53 -11.59
N ASP I 954 11.96 -11.23 -11.95
CA ASP I 954 11.46 -9.87 -11.78
C ASP I 954 11.61 -9.41 -10.35
N VAL I 955 11.26 -10.27 -9.40
CA VAL I 955 11.38 -9.90 -8.00
C VAL I 955 12.80 -9.47 -7.70
N VAL I 956 13.77 -10.24 -8.14
CA VAL I 956 15.16 -9.91 -7.86
C VAL I 956 15.49 -8.55 -8.44
N ASN I 957 15.14 -8.31 -9.70
CA ASN I 957 15.50 -7.05 -10.33
C ASN I 957 14.88 -5.87 -9.60
N GLN I 958 13.59 -5.95 -9.28
CA GLN I 958 12.95 -4.80 -8.63
C GLN I 958 13.68 -4.43 -7.36
N ASN I 959 14.01 -5.41 -6.52
CA ASN I 959 14.65 -5.05 -5.27
C ASN I 959 15.96 -4.36 -5.57
N ALA I 960 16.76 -4.95 -6.46
CA ALA I 960 18.06 -4.36 -6.77
C ALA I 960 17.88 -2.96 -7.32
N GLN I 961 16.93 -2.79 -8.22
CA GLN I 961 16.72 -1.48 -8.82
C GLN I 961 16.45 -0.46 -7.75
N ALA I 962 15.56 -0.79 -6.82
CA ALA I 962 15.20 0.15 -5.77
C ALA I 962 16.43 0.53 -4.97
N LEU I 963 17.22 -0.46 -4.59
CA LEU I 963 18.38 -0.20 -3.77
C LEU I 963 19.40 0.66 -4.49
N ASN I 964 19.56 0.48 -5.79
CA ASN I 964 20.50 1.32 -6.53
C ASN I 964 20.06 2.76 -6.45
N THR I 965 18.78 2.99 -6.65
CA THR I 965 18.26 4.35 -6.65
C THR I 965 18.56 5.00 -5.32
N LEU I 966 18.34 4.29 -4.23
CA LEU I 966 18.56 4.89 -2.92
C LEU I 966 19.99 5.35 -2.80
N VAL I 967 20.93 4.50 -3.20
CA VAL I 967 22.35 4.81 -3.12
C VAL I 967 22.68 6.00 -4.00
N LYS I 968 22.12 6.05 -5.20
CA LYS I 968 22.37 7.13 -6.13
C LYS I 968 21.96 8.46 -5.55
N GLN I 969 20.86 8.49 -4.84
CA GLN I 969 20.31 9.71 -4.29
C GLN I 969 21.32 10.40 -3.39
N LEU I 970 22.28 9.69 -2.84
CA LEU I 970 23.21 10.32 -1.93
C LEU I 970 24.11 11.32 -2.64
N SER I 971 24.07 11.38 -3.96
CA SER I 971 24.94 12.27 -4.71
C SER I 971 24.19 13.49 -5.21
N SER I 972 22.97 13.72 -4.76
CA SER I 972 22.15 14.85 -5.19
C SER I 972 22.36 16.02 -4.25
N ASN I 973 22.43 17.21 -4.81
CA ASN I 973 22.62 18.39 -3.96
C ASN I 973 21.37 18.82 -3.23
N PHE I 974 20.21 18.67 -3.83
CA PHE I 974 18.93 19.07 -3.27
C PHE I 974 18.87 20.55 -3.02
N GLY I 975 19.79 21.30 -3.60
CA GLY I 975 19.84 22.74 -3.48
C GLY I 975 21.00 23.25 -2.67
N ALA I 976 21.75 22.36 -2.04
CA ALA I 976 22.90 22.74 -1.24
C ALA I 976 24.08 23.02 -2.13
N ILE I 977 25.12 23.64 -1.57
CA ILE I 977 26.30 23.91 -2.37
C ILE I 977 26.93 22.61 -2.84
N SER I 978 26.91 21.58 -2.00
CA SER I 978 27.56 20.34 -2.38
C SER I 978 26.77 19.16 -1.81
N SER I 979 27.02 17.99 -2.38
CA SER I 979 26.40 16.76 -1.92
C SER I 979 27.31 15.97 -1.00
N VAL I 980 28.48 16.48 -0.66
CA VAL I 980 29.41 15.83 0.25
C VAL I 980 29.32 16.56 1.57
N LEU I 981 28.82 15.88 2.58
CA LEU I 981 28.63 16.52 3.87
C LEU I 981 29.95 17.02 4.44
N ASN I 982 31.01 16.22 4.34
CA ASN I 982 32.30 16.62 4.93
C ASN I 982 32.79 17.93 4.35
N ASP I 983 32.57 18.15 3.05
CA ASP I 983 33.01 19.40 2.42
C ASP I 983 32.36 20.59 3.10
N ILE I 984 31.03 20.60 3.18
CA ILE I 984 30.35 21.72 3.80
C ILE I 984 30.93 21.93 5.18
N LEU I 985 31.15 20.84 5.91
CA LEU I 985 31.68 20.95 7.26
C LEU I 985 33.11 21.48 7.22
N SER I 986 33.84 21.20 6.17
CA SER I 986 35.23 21.60 6.10
C SER I 986 35.42 23.00 5.55
N ARG I 987 34.33 23.68 5.17
CA ARG I 987 34.44 25.00 4.57
C ARG I 987 33.61 26.01 5.35
N LEU I 988 32.30 25.93 5.31
CA LEU I 988 31.46 26.92 5.96
C LEU I 988 31.55 26.81 7.47
N ASP I 989 31.30 27.92 8.14
CA ASP I 989 31.30 27.99 9.59
C ASP I 989 30.01 27.40 10.14
N PRO I 990 29.95 27.10 11.44
CA PRO I 990 28.76 26.44 12.00
C PRO I 990 27.44 27.12 11.65
N PRO I 991 27.31 28.43 11.83
CA PRO I 991 25.98 29.03 11.56
C PRO I 991 25.51 28.79 10.14
N GLU I 992 26.37 29.06 9.17
CA GLU I 992 26.01 28.88 7.77
C GLU I 992 25.85 27.42 7.41
N ALA I 993 26.75 26.57 7.90
CA ALA I 993 26.66 25.16 7.56
C ALA I 993 25.28 24.61 7.86
N GLU I 994 24.72 24.97 9.01
CA GLU I 994 23.41 24.45 9.38
C GLU I 994 22.44 24.56 8.22
N VAL I 995 22.39 25.73 7.58
CA VAL I 995 21.44 25.92 6.50
C VAL I 995 21.66 24.89 5.41
N GLN I 996 22.91 24.74 4.97
CA GLN I 996 23.19 23.81 3.89
C GLN I 996 22.87 22.39 4.31
N ILE I 997 23.28 22.00 5.52
CA ILE I 997 23.04 20.65 5.98
C ILE I 997 21.55 20.36 6.01
N ASP I 998 20.76 21.33 6.46
CA ASP I 998 19.32 21.09 6.54
C ASP I 998 18.78 20.72 5.18
N ARG I 999 19.22 21.38 4.13
CA ARG I 999 18.73 21.03 2.81
C ARG I 999 19.02 19.57 2.54
N LEU I 1000 20.26 19.14 2.77
CA LEU I 1000 20.58 17.75 2.50
C LEU I 1000 19.74 16.82 3.36
N ILE I 1001 19.60 17.14 4.64
CA ILE I 1001 18.84 16.26 5.51
C ILE I 1001 17.44 16.10 4.98
N THR I 1002 16.82 17.20 4.59
CA THR I 1002 15.45 17.14 4.10
C THR I 1002 15.37 16.23 2.90
N GLY I 1003 16.26 16.41 1.94
CA GLY I 1003 16.21 15.61 0.75
C GLY I 1003 16.47 14.14 1.04
N ARG I 1004 17.52 13.86 1.79
CA ARG I 1004 17.86 12.47 2.06
C ARG I 1004 16.76 11.81 2.85
N LEU I 1005 16.16 12.52 3.78
CA LEU I 1005 15.09 11.97 4.57
C LEU I 1005 13.94 11.58 3.68
N GLN I 1006 13.60 12.43 2.74
CA GLN I 1006 12.50 12.14 1.83
C GLN I 1006 12.82 10.89 1.01
N SER I 1007 14.07 10.76 0.57
CA SER I 1007 14.45 9.61 -0.24
C SER I 1007 14.19 8.32 0.49
N LEU I 1008 14.51 8.26 1.79
CA LEU I 1008 14.26 7.03 2.54
C LEU I 1008 12.78 6.74 2.60
N GLN I 1009 11.96 7.72 2.95
CA GLN I 1009 10.55 7.43 3.07
C GLN I 1009 10.01 6.86 1.79
N THR I 1010 10.40 7.45 0.66
CA THR I 1010 9.90 6.90 -0.60
C THR I 1010 10.31 5.45 -0.72
N TYR I 1011 11.57 5.14 -0.43
CA TYR I 1011 12.02 3.77 -0.52
C TYR I 1011 11.21 2.87 0.38
N VAL I 1012 11.04 3.28 1.64
CA VAL I 1012 10.33 2.43 2.60
C VAL I 1012 8.92 2.19 2.13
N THR I 1013 8.25 3.24 1.65
CA THR I 1013 6.88 3.09 1.22
C THR I 1013 6.78 2.08 0.10
N GLN I 1014 7.69 2.14 -0.86
CA GLN I 1014 7.62 1.21 -1.97
C GLN I 1014 7.77 -0.21 -1.45
N GLN I 1015 8.71 -0.42 -0.54
CA GLN I 1015 8.89 -1.78 -0.03
C GLN I 1015 7.64 -2.27 0.66
N LEU I 1016 6.97 -1.41 1.41
CA LEU I 1016 5.75 -1.87 2.08
C LEU I 1016 4.74 -2.34 1.06
N ILE I 1017 4.51 -1.54 0.04
CA ILE I 1017 3.52 -1.93 -0.96
C ILE I 1017 3.98 -3.17 -1.68
N ARG I 1018 5.26 -3.22 -2.06
CA ARG I 1018 5.77 -4.36 -2.77
C ARG I 1018 5.68 -5.61 -1.91
N ALA I 1019 6.01 -5.49 -0.63
CA ALA I 1019 5.97 -6.63 0.27
C ALA I 1019 4.57 -7.20 0.36
N ALA I 1020 3.57 -6.33 0.36
CA ALA I 1020 2.19 -6.79 0.43
C ALA I 1020 1.89 -7.69 -0.74
N GLU I 1021 2.37 -7.33 -1.92
CA GLU I 1021 2.14 -8.14 -3.10
C GLU I 1021 2.76 -9.51 -2.90
N ILE I 1022 3.99 -9.56 -2.41
CA ILE I 1022 4.64 -10.85 -2.21
C ILE I 1022 3.86 -11.67 -1.21
N ARG I 1023 3.35 -11.04 -0.15
CA ARG I 1023 2.63 -11.80 0.86
C ARG I 1023 1.41 -12.45 0.23
N ALA I 1024 0.70 -11.71 -0.62
CA ALA I 1024 -0.45 -12.30 -1.28
C ALA I 1024 -0.01 -13.53 -2.06
N SER I 1025 1.08 -13.41 -2.78
CA SER I 1025 1.60 -14.52 -3.56
C SER I 1025 1.96 -15.68 -2.66
N ALA I 1026 2.59 -15.41 -1.52
CA ALA I 1026 2.97 -16.49 -0.63
C ALA I 1026 1.75 -17.24 -0.12
N ASN I 1027 0.68 -16.51 0.20
CA ASN I 1027 -0.52 -17.16 0.68
C ASN I 1027 -1.10 -18.07 -0.38
N LEU I 1028 -1.08 -17.63 -1.63
CA LEU I 1028 -1.56 -18.49 -2.68
C LEU I 1028 -0.70 -19.73 -2.78
N ALA I 1029 0.61 -19.56 -2.68
CA ALA I 1029 1.51 -20.70 -2.75
C ALA I 1029 1.21 -21.68 -1.64
N ALA I 1030 0.94 -21.16 -0.45
CA ALA I 1030 0.62 -22.02 0.68
C ALA I 1030 -0.63 -22.82 0.41
N THR I 1031 -1.65 -22.17 -0.15
CA THR I 1031 -2.90 -22.86 -0.44
C THR I 1031 -2.65 -23.97 -1.44
N LYS I 1032 -1.87 -23.71 -2.48
CA LYS I 1032 -1.62 -24.75 -3.47
C LYS I 1032 -0.87 -25.90 -2.86
N MET I 1033 0.05 -25.63 -1.94
CA MET I 1033 0.78 -26.72 -1.32
C MET I 1033 -0.18 -27.63 -0.60
N SER I 1034 -1.17 -27.07 0.09
CA SER I 1034 -2.07 -27.92 0.86
C SER I 1034 -3.08 -28.60 -0.03
N GLU I 1035 -3.67 -27.87 -0.96
CA GLU I 1035 -4.74 -28.44 -1.76
C GLU I 1035 -4.20 -29.27 -2.92
N CYS I 1036 -3.20 -28.78 -3.63
CA CYS I 1036 -2.74 -29.49 -4.81
C CYS I 1036 -1.78 -30.61 -4.43
N VAL I 1037 -0.85 -30.37 -3.53
CA VAL I 1037 0.17 -31.38 -3.21
C VAL I 1037 -0.33 -32.37 -2.19
N LEU I 1038 -0.97 -31.92 -1.13
CA LEU I 1038 -1.39 -32.80 -0.06
C LEU I 1038 -2.79 -33.34 -0.25
N GLY I 1039 -3.35 -33.20 -1.45
CA GLY I 1039 -4.67 -33.73 -1.73
C GLY I 1039 -4.96 -33.58 -3.19
N GLN I 1040 -6.09 -34.11 -3.62
CA GLN I 1040 -6.54 -33.97 -4.99
C GLN I 1040 -7.62 -32.90 -5.07
N SER I 1041 -7.35 -31.84 -5.80
CA SER I 1041 -8.28 -30.71 -5.88
C SER I 1041 -9.36 -30.89 -6.95
N LYS I 1042 -10.56 -30.38 -6.66
CA LYS I 1042 -11.62 -30.43 -7.64
C LYS I 1042 -11.86 -29.09 -8.31
N ARG I 1043 -11.18 -28.05 -7.86
CA ARG I 1043 -11.29 -26.74 -8.46
C ARG I 1043 -10.84 -26.85 -9.92
N VAL I 1044 -11.51 -26.14 -10.81
CA VAL I 1044 -11.24 -26.29 -12.24
C VAL I 1044 -9.79 -26.07 -12.60
N ASP I 1045 -9.25 -24.88 -12.41
CA ASP I 1045 -7.88 -24.67 -12.87
C ASP I 1045 -7.01 -24.17 -11.75
N PHE I 1046 -7.29 -24.62 -10.55
CA PHE I 1046 -6.46 -24.25 -9.43
C PHE I 1046 -5.13 -24.95 -9.51
N CYS I 1047 -5.09 -26.19 -9.97
CA CYS I 1047 -3.86 -26.96 -10.04
C CYS I 1047 -3.64 -27.47 -11.46
N GLY I 1048 -3.38 -26.56 -12.39
CA GLY I 1048 -3.07 -26.93 -13.75
C GLY I 1048 -4.32 -27.08 -14.60
N LYS I 1049 -4.11 -27.20 -15.92
CA LYS I 1049 -5.22 -27.37 -16.83
C LYS I 1049 -5.52 -28.85 -17.02
N GLY I 1050 -6.78 -29.21 -17.01
CA GLY I 1050 -7.21 -30.58 -17.11
C GLY I 1050 -7.70 -31.04 -15.75
N TYR I 1051 -7.99 -32.33 -15.63
CA TYR I 1051 -8.43 -32.88 -14.35
C TYR I 1051 -7.21 -33.24 -13.52
N HIS I 1052 -7.05 -32.56 -12.40
CA HIS I 1052 -5.88 -32.72 -11.55
C HIS I 1052 -5.78 -34.12 -10.96
N LEU I 1053 -4.56 -34.67 -10.97
CA LEU I 1053 -4.28 -35.96 -10.35
C LEU I 1053 -3.35 -35.80 -9.15
N MET I 1054 -2.18 -35.21 -9.31
CA MET I 1054 -1.25 -35.02 -8.20
C MET I 1054 -0.27 -33.93 -8.56
N SER I 1055 0.37 -33.37 -7.54
CA SER I 1055 1.36 -32.33 -7.75
C SER I 1055 2.61 -32.56 -6.93
N PHE I 1056 3.76 -32.11 -7.44
CA PHE I 1056 5.04 -32.26 -6.78
C PHE I 1056 5.67 -30.90 -6.56
N PRO I 1057 6.16 -30.62 -5.38
CA PRO I 1057 6.81 -29.33 -5.10
C PRO I 1057 8.30 -29.27 -5.32
N GLN I 1058 8.83 -28.30 -6.05
CA GLN I 1058 10.27 -28.19 -6.21
C GLN I 1058 10.71 -26.79 -5.77
N SER I 1059 11.73 -26.72 -4.93
CA SER I 1059 12.22 -25.44 -4.45
C SER I 1059 12.91 -24.67 -5.57
N ALA I 1060 12.73 -23.37 -5.57
CA ALA I 1060 13.32 -22.45 -6.54
C ALA I 1060 13.80 -21.24 -5.75
N PRO I 1061 14.76 -20.49 -6.26
CA PRO I 1061 15.26 -19.38 -5.48
C PRO I 1061 14.15 -18.38 -5.22
N HIS I 1062 13.96 -18.06 -3.95
CA HIS I 1062 12.96 -17.11 -3.51
C HIS I 1062 11.58 -17.47 -4.02
N GLY I 1063 11.25 -18.76 -4.04
CA GLY I 1063 9.98 -19.16 -4.59
C GLY I 1063 9.83 -20.65 -4.62
N VAL I 1064 8.75 -21.12 -5.23
CA VAL I 1064 8.47 -22.55 -5.35
C VAL I 1064 7.95 -22.84 -6.75
N VAL I 1065 8.27 -24.02 -7.26
CA VAL I 1065 7.78 -24.51 -8.55
C VAL I 1065 6.93 -25.74 -8.33
N PHE I 1066 5.73 -25.77 -8.87
CA PHE I 1066 4.81 -26.89 -8.73
C PHE I 1066 4.66 -27.62 -10.04
N LEU I 1067 4.84 -28.93 -10.03
CA LEU I 1067 4.63 -29.74 -11.21
C LEU I 1067 3.26 -30.38 -11.08
N HIS I 1068 2.33 -30.08 -11.97
CA HIS I 1068 0.97 -30.57 -11.85
C HIS I 1068 0.73 -31.68 -12.85
N VAL I 1069 0.32 -32.85 -12.37
CA VAL I 1069 -0.01 -33.98 -13.23
C VAL I 1069 -1.52 -34.00 -13.43
N THR I 1070 -1.95 -33.94 -14.69
CA THR I 1070 -3.38 -33.87 -15.01
C THR I 1070 -3.74 -34.90 -16.06
N TYR I 1071 -5.00 -35.25 -16.12
CA TYR I 1071 -5.53 -36.21 -17.08
C TYR I 1071 -6.28 -35.46 -18.16
N VAL I 1072 -5.85 -35.56 -19.41
CA VAL I 1072 -6.52 -34.83 -20.49
C VAL I 1072 -7.19 -35.83 -21.44
N PRO I 1073 -8.50 -35.80 -21.61
CA PRO I 1073 -9.18 -36.68 -22.56
C PRO I 1073 -8.73 -36.47 -24.00
N ALA I 1074 -8.80 -37.52 -24.82
CA ALA I 1074 -8.34 -37.42 -26.20
C ALA I 1074 -9.07 -38.41 -27.10
N GLN I 1075 -8.93 -38.21 -28.42
CA GLN I 1075 -9.51 -39.07 -29.46
C GLN I 1075 -11.00 -39.32 -29.29
N GLU I 1076 -11.77 -38.26 -29.47
CA GLU I 1076 -13.22 -38.29 -29.34
C GLU I 1076 -13.94 -38.85 -30.55
N LYS I 1077 -15.08 -39.50 -30.29
CA LYS I 1077 -15.95 -40.03 -31.32
C LYS I 1077 -17.38 -39.64 -31.01
N ASN I 1078 -18.18 -39.44 -32.05
CA ASN I 1078 -19.55 -38.98 -31.89
C ASN I 1078 -20.53 -40.15 -31.97
N PHE I 1079 -21.50 -40.19 -31.06
CA PHE I 1079 -22.52 -41.22 -30.99
C PHE I 1079 -23.89 -40.60 -30.75
N THR I 1080 -24.93 -41.33 -31.12
CA THR I 1080 -26.29 -40.90 -30.82
C THR I 1080 -26.61 -41.22 -29.38
N THR I 1081 -27.37 -40.36 -28.72
CA THR I 1081 -27.68 -40.51 -27.31
C THR I 1081 -29.17 -40.37 -27.04
N ALA I 1082 -29.65 -41.04 -26.00
CA ALA I 1082 -31.04 -40.97 -25.56
C ALA I 1082 -31.13 -40.72 -24.07
N PRO I 1083 -32.06 -39.90 -23.62
CA PRO I 1083 -32.23 -39.70 -22.17
C PRO I 1083 -32.65 -40.93 -21.39
N ALA I 1084 -33.57 -41.74 -21.91
CA ALA I 1084 -34.07 -42.89 -21.20
C ALA I 1084 -34.42 -43.97 -22.19
N ILE I 1085 -34.53 -45.20 -21.70
CA ILE I 1085 -34.92 -46.34 -22.51
C ILE I 1085 -36.27 -46.86 -22.04
N CYS I 1086 -37.21 -47.03 -22.96
CA CYS I 1086 -38.56 -47.49 -22.64
C CYS I 1086 -38.66 -48.99 -22.83
N HIS I 1087 -38.82 -49.72 -21.74
CA HIS I 1087 -38.97 -51.17 -21.78
C HIS I 1087 -40.18 -51.54 -20.96
N ASP I 1088 -41.13 -52.26 -21.55
CA ASP I 1088 -42.34 -52.69 -20.85
C ASP I 1088 -43.04 -51.50 -20.23
N GLY I 1089 -43.01 -50.37 -20.92
CA GLY I 1089 -43.71 -49.23 -20.39
C GLY I 1089 -43.04 -48.59 -19.20
N LYS I 1090 -41.79 -48.93 -18.92
CA LYS I 1090 -41.06 -48.37 -17.79
C LYS I 1090 -39.85 -47.62 -18.30
N ALA I 1091 -39.68 -46.38 -17.87
CA ALA I 1091 -38.49 -45.65 -18.23
C ALA I 1091 -37.30 -46.17 -17.44
N HIS I 1092 -36.16 -46.31 -18.10
CA HIS I 1092 -34.92 -46.74 -17.48
C HIS I 1092 -33.89 -45.63 -17.64
N PHE I 1093 -33.28 -45.23 -16.54
CA PHE I 1093 -32.28 -44.19 -16.52
C PHE I 1093 -30.97 -44.78 -16.03
N PRO I 1094 -29.84 -44.46 -16.65
CA PRO I 1094 -28.59 -45.08 -16.25
C PRO I 1094 -28.17 -44.61 -14.86
N ARG I 1095 -27.85 -45.55 -13.97
CA ARG I 1095 -27.43 -45.13 -12.64
C ARG I 1095 -26.17 -44.29 -12.72
N GLU I 1096 -25.22 -44.71 -13.54
CA GLU I 1096 -23.98 -43.97 -13.74
C GLU I 1096 -23.58 -44.15 -15.19
N GLY I 1097 -23.46 -43.08 -15.90
CA GLY I 1097 -23.06 -43.08 -17.29
C GLY I 1097 -24.14 -42.53 -18.19
N VAL I 1098 -23.97 -42.77 -19.48
CA VAL I 1098 -24.88 -42.26 -20.48
C VAL I 1098 -25.18 -43.34 -21.51
N PHE I 1099 -26.39 -43.33 -22.05
CA PHE I 1099 -26.78 -44.29 -23.10
C PHE I 1099 -26.26 -43.85 -24.47
N VAL I 1100 -25.42 -44.67 -25.09
CA VAL I 1100 -24.87 -44.36 -26.39
C VAL I 1100 -25.30 -45.42 -27.38
N SER I 1101 -25.28 -45.07 -28.66
CA SER I 1101 -25.71 -45.95 -29.72
C SER I 1101 -24.82 -45.87 -30.95
N ASN I 1102 -24.14 -46.95 -31.30
CA ASN I 1102 -23.33 -46.95 -32.52
C ASN I 1102 -24.14 -47.73 -33.53
N GLY I 1103 -24.46 -47.11 -34.65
CA GLY I 1103 -25.35 -47.84 -35.55
C GLY I 1103 -26.64 -48.15 -34.84
N THR I 1104 -27.01 -49.42 -34.80
CA THR I 1104 -28.29 -49.83 -34.25
C THR I 1104 -28.22 -50.44 -32.86
N HIS I 1105 -27.09 -50.38 -32.18
CA HIS I 1105 -26.94 -51.04 -30.89
C HIS I 1105 -26.82 -50.01 -29.79
N TRP I 1106 -27.58 -50.21 -28.72
CA TRP I 1106 -27.60 -49.30 -27.59
C TRP I 1106 -26.80 -49.85 -26.43
N PHE I 1107 -25.95 -49.01 -25.83
CA PHE I 1107 -25.10 -49.43 -24.73
C PHE I 1107 -25.11 -48.34 -23.68
N VAL I 1108 -24.53 -48.62 -22.52
CA VAL I 1108 -24.39 -47.64 -21.47
C VAL I 1108 -22.89 -47.52 -21.18
N THR I 1109 -22.38 -46.31 -21.14
CA THR I 1109 -20.96 -46.08 -20.95
C THR I 1109 -20.67 -45.00 -19.92
N GLN I 1110 -19.55 -45.10 -19.23
CA GLN I 1110 -19.15 -44.04 -18.32
C GLN I 1110 -18.88 -42.79 -19.14
N ARG I 1111 -19.19 -41.63 -18.58
CA ARG I 1111 -19.08 -40.41 -19.38
C ARG I 1111 -17.66 -40.05 -19.80
N ASN I 1112 -16.70 -40.15 -18.92
CA ASN I 1112 -15.34 -39.72 -19.22
C ASN I 1112 -14.62 -40.56 -20.27
N PHE I 1113 -14.77 -41.87 -20.23
CA PHE I 1113 -14.05 -42.78 -21.10
C PHE I 1113 -15.00 -43.75 -21.76
N TYR I 1114 -14.75 -44.10 -23.00
CA TYR I 1114 -15.69 -44.95 -23.73
C TYR I 1114 -15.48 -46.42 -23.44
N GLU I 1115 -16.38 -47.01 -22.66
CA GLU I 1115 -16.36 -48.44 -22.36
C GLU I 1115 -17.76 -49.01 -22.51
N PRO I 1116 -18.19 -49.32 -23.71
CA PRO I 1116 -19.57 -49.76 -23.93
C PRO I 1116 -19.93 -51.07 -23.22
N GLN I 1117 -21.08 -51.07 -22.55
CA GLN I 1117 -21.59 -52.24 -21.85
C GLN I 1117 -23.06 -52.43 -22.13
N ILE I 1118 -23.50 -53.69 -22.17
CA ILE I 1118 -24.89 -53.99 -22.48
C ILE I 1118 -25.79 -53.45 -21.39
N ILE I 1119 -26.92 -52.88 -21.79
CA ILE I 1119 -27.89 -52.37 -20.84
C ILE I 1119 -28.52 -53.51 -20.07
N THR I 1120 -28.54 -53.41 -18.74
CA THR I 1120 -29.07 -54.44 -17.87
C THR I 1120 -29.75 -53.75 -16.71
N THR I 1121 -30.53 -54.52 -15.98
CA THR I 1121 -31.20 -54.00 -14.80
C THR I 1121 -30.18 -53.50 -13.78
N ASP I 1122 -29.03 -54.17 -13.69
CA ASP I 1122 -28.02 -53.78 -12.71
C ASP I 1122 -27.51 -52.36 -12.90
N ASN I 1123 -27.28 -51.95 -14.14
CA ASN I 1123 -26.68 -50.63 -14.35
C ASN I 1123 -27.68 -49.50 -14.58
N THR I 1124 -28.98 -49.76 -14.54
CA THR I 1124 -30.01 -48.77 -14.80
C THR I 1124 -31.06 -48.83 -13.71
N PHE I 1125 -31.79 -47.74 -13.50
CA PHE I 1125 -32.87 -47.72 -12.53
C PHE I 1125 -34.15 -47.26 -13.21
N VAL I 1126 -35.28 -47.76 -12.72
CA VAL I 1126 -36.61 -47.48 -13.27
C VAL I 1126 -37.30 -46.34 -12.55
N SER I 1127 -37.69 -45.30 -13.31
CA SER I 1127 -38.31 -44.13 -12.70
C SER I 1127 -39.81 -43.99 -12.90
N GLY I 1128 -40.42 -44.67 -13.86
CA GLY I 1128 -41.85 -44.45 -14.08
C GLY I 1128 -42.30 -45.01 -15.40
N ASN I 1129 -43.35 -44.41 -15.97
CA ASN I 1129 -43.88 -44.87 -17.24
C ASN I 1129 -43.06 -44.24 -18.37
N CYS I 1130 -43.55 -44.30 -19.60
CA CYS I 1130 -42.81 -43.79 -20.75
C CYS I 1130 -43.46 -42.60 -21.43
N ASP I 1131 -44.13 -41.74 -20.69
CA ASP I 1131 -44.86 -40.64 -21.31
C ASP I 1131 -44.26 -39.27 -21.06
N VAL I 1132 -43.86 -38.99 -19.83
CA VAL I 1132 -43.37 -37.66 -19.49
C VAL I 1132 -42.05 -37.36 -20.19
N VAL I 1133 -41.12 -38.30 -20.17
CA VAL I 1133 -39.80 -38.04 -20.73
C VAL I 1133 -39.88 -37.73 -22.22
N ILE I 1134 -39.11 -36.76 -22.67
CA ILE I 1134 -39.05 -36.35 -24.06
C ILE I 1134 -37.75 -36.84 -24.67
N GLY I 1135 -37.86 -37.62 -25.72
CA GLY I 1135 -36.71 -38.20 -26.37
C GLY I 1135 -36.44 -39.64 -26.04
N ILE I 1136 -37.27 -40.25 -25.20
CA ILE I 1136 -37.06 -41.64 -24.81
C ILE I 1136 -37.12 -42.54 -26.03
N VAL I 1137 -36.21 -43.50 -26.12
CA VAL I 1137 -36.16 -44.41 -27.25
C VAL I 1137 -36.47 -45.83 -26.79
N ASN I 1138 -37.05 -46.62 -27.67
CA ASN I 1138 -37.42 -47.98 -27.35
C ASN I 1138 -36.24 -48.93 -27.49
N ASN I 1139 -36.09 -49.84 -26.54
CA ASN I 1139 -35.01 -50.82 -26.61
C ASN I 1139 -35.30 -51.87 -25.55
N THR I 1140 -34.52 -52.95 -25.57
CA THR I 1140 -34.70 -54.05 -24.63
C THR I 1140 -33.65 -53.97 -23.54
N VAL I 1141 -34.08 -54.11 -22.28
CA VAL I 1141 -33.16 -54.13 -21.16
C VAL I 1141 -32.99 -55.56 -20.68
N TYR I 1142 -31.81 -56.11 -20.89
CA TYR I 1142 -31.54 -57.50 -20.53
C TYR I 1142 -31.68 -57.70 -19.03
N ASP I 1143 -32.12 -58.89 -18.63
CA ASP I 1143 -32.24 -59.22 -17.22
C ASP I 1143 -31.32 -60.37 -16.85
N PRO I 1144 -30.42 -60.20 -15.89
CA PRO I 1144 -29.51 -61.30 -15.52
C PRO I 1144 -30.19 -62.53 -14.94
N LEU I 1145 -31.24 -62.36 -14.13
CA LEU I 1145 -31.88 -63.49 -13.48
C LEU I 1145 -32.61 -64.40 -14.45
N GLN I 1146 -33.21 -63.84 -15.50
CA GLN I 1146 -34.05 -64.65 -16.39
C GLN I 1146 -33.33 -65.84 -16.99
N PRO I 1147 -32.10 -65.72 -17.53
CA PRO I 1147 -31.45 -66.92 -18.08
C PRO I 1147 -31.22 -68.01 -17.06
N GLU I 1148 -30.82 -67.69 -15.83
CA GLU I 1148 -30.64 -68.74 -14.83
C GLU I 1148 -31.95 -69.45 -14.56
N LEU I 1149 -33.03 -68.70 -14.47
CA LEU I 1149 -34.34 -69.27 -14.22
C LEU I 1149 -34.87 -69.92 -15.49
C1 NAG J . -43.78 -26.59 -7.77
C2 NAG J . -45.17 -27.20 -7.97
C3 NAG J . -45.76 -26.75 -9.29
C4 NAG J . -45.75 -25.23 -9.36
C5 NAG J . -44.33 -24.74 -9.17
C6 NAG J . -44.21 -23.24 -9.18
C7 NAG J . -45.76 -29.36 -6.99
C8 NAG J . -45.60 -30.85 -7.07
N2 NAG J . -45.11 -28.64 -7.92
O3 NAG J . -47.10 -27.22 -9.37
O4 NAG J . -46.20 -24.82 -10.65
O5 NAG J . -43.86 -25.18 -7.89
O6 NAG J . -42.89 -22.84 -8.89
O7 NAG J . -46.45 -28.83 -6.14
C1 NAG J . -47.36 -23.96 -10.57
C2 NAG J . -47.46 -23.14 -11.84
C3 NAG J . -48.67 -22.24 -11.77
C4 NAG J . -49.92 -23.07 -11.50
C5 NAG J . -49.71 -23.92 -10.25
C6 NAG J . -50.85 -24.86 -9.98
C7 NAG J . -45.41 -22.60 -13.07
C8 NAG J . -44.23 -21.69 -13.17
N2 NAG J . -46.25 -22.35 -12.07
O3 NAG J . -48.82 -21.54 -13.01
O4 NAG J . -51.04 -22.22 -11.29
O5 NAG J . -48.54 -24.74 -10.42
O6 NAG J . -50.66 -25.57 -8.76
O7 NAG J . -45.60 -23.51 -13.86
C1 NAG K . -36.91 -15.53 -25.65
C2 NAG K . -38.22 -15.96 -26.24
C3 NAG K . -38.77 -14.85 -27.11
C4 NAG K . -38.80 -13.53 -26.39
C5 NAG K . -37.46 -13.27 -25.71
C6 NAG K . -37.48 -12.11 -24.76
C7 NAG K . -38.97 -18.12 -27.09
C8 NAG K . -38.66 -19.29 -27.96
N2 NAG K . -38.04 -17.16 -27.04
O3 NAG K . -40.10 -15.21 -27.50
O4 NAG K . -38.98 -12.52 -27.37
O5 NAG K . -37.10 -14.41 -24.92
O6 NAG K . -36.18 -11.90 -24.21
O7 NAG K . -40.01 -18.05 -26.44
C1 NAG K . -39.97 -11.52 -27.05
C2 NAG K . -39.73 -10.42 -28.06
C3 NAG K . -40.74 -9.29 -27.88
C4 NAG K . -42.14 -9.86 -27.87
C5 NAG K . -42.26 -10.99 -26.87
C6 NAG K . -43.59 -11.66 -26.91
C7 NAG K . -37.79 -9.29 -27.00
C8 NAG K . -36.38 -8.88 -27.19
N2 NAG K . -38.36 -9.93 -28.03
O3 NAG K . -40.59 -8.35 -28.94
O4 NAG K . -43.08 -8.83 -27.54
O5 NAG K . -41.29 -11.99 -27.17
O6 NAG K . -43.66 -12.75 -25.99
O7 NAG K . -38.40 -9.08 -25.96
C1 NAG L . -39.03 -55.30 17.25
C2 NAG L . -39.60 -54.95 18.61
C3 NAG L . -38.86 -55.73 19.68
C4 NAG L . -38.96 -57.22 19.40
C5 NAG L . -38.39 -57.47 18.01
C6 NAG L . -38.49 -58.92 17.59
C7 NAG L . -40.58 -52.77 19.07
C8 NAG L . -40.32 -51.32 19.32
N2 NAG L . -39.51 -53.54 18.86
O3 NAG L . -39.45 -55.42 20.95
O4 NAG L . -38.18 -57.96 20.34
O5 NAG L . -39.14 -56.72 17.04
O6 NAG L . -39.80 -59.25 17.15
O7 NAG L . -41.72 -53.23 19.03
C1 NAG L . -39.06 -58.39 21.39
C2 NAG L . -38.58 -59.71 21.93
C3 NAG L . -39.49 -60.17 23.06
C4 NAG L . -39.56 -59.08 24.12
C5 NAG L . -40.02 -57.78 23.48
C6 NAG L . -40.05 -56.63 24.45
C7 NAG L . -37.35 -61.09 20.33
C8 NAG L . -37.45 -62.13 19.26
N2 NAG L . -38.51 -60.72 20.89
O3 NAG L . -38.99 -61.38 23.62
O4 NAG L . -40.48 -59.45 25.14
O5 NAG L . -39.09 -57.42 22.44
O6 NAG L . -38.77 -56.39 25.01
O7 NAG L . -36.28 -60.60 20.65
C1 NAG M . -10.77 -46.62 19.84
C2 NAG M . -10.94 -47.95 20.57
C3 NAG M . -11.71 -47.74 21.86
C4 NAG M . -11.03 -46.68 22.71
C5 NAG M . -10.92 -45.41 21.89
C6 NAG M . -10.22 -44.30 22.61
C7 NAG M . -11.06 -50.06 19.36
C8 NAG M . -11.90 -50.95 18.49
N2 NAG M . -11.62 -48.91 19.73
O3 NAG M . -11.75 -48.96 22.57
O4 NAG M . -11.83 -46.41 23.85
O5 NAG M . -10.16 -45.68 20.71
O6 NAG M . -10.04 -43.17 21.76
O7 NAG M . -9.94 -50.37 19.70
C1 NAG M . -11.10 -46.64 25.07
C2 NAG M . -11.75 -45.84 26.20
C3 NAG M . -10.99 -46.09 27.49
C4 NAG M . -10.92 -47.58 27.78
C5 NAG M . -10.33 -48.31 26.57
C6 NAG M . -10.32 -49.80 26.74
C7 NAG M . -12.94 -43.78 25.67
C8 NAG M . -12.82 -42.32 25.37
N2 NAG M . -11.80 -44.42 25.90
O3 NAG M . -11.67 -45.43 28.56
O4 NAG M . -10.10 -47.81 28.91
O5 NAG M . -11.12 -48.02 25.41
O6 NAG M . -9.69 -50.44 25.64
O7 NAG M . -14.02 -44.34 25.68
C1 NAG N . -21.83 -30.14 29.60
C2 NAG N . -22.28 -31.20 30.55
C3 NAG N . -22.36 -30.62 31.95
C4 NAG N . -21.08 -29.91 32.34
C5 NAG N . -20.66 -28.96 31.22
C6 NAG N . -19.28 -28.40 31.40
C7 NAG N . -23.90 -33.01 30.32
C8 NAG N . -25.28 -33.39 29.91
N2 NAG N . -23.57 -31.72 30.17
O3 NAG N . -22.58 -31.69 32.87
O4 NAG N . -21.38 -29.11 33.48
O5 NAG N . -20.62 -29.67 29.98
O6 NAG N . -18.96 -27.49 30.35
O7 NAG N . -23.11 -33.82 30.78
C1 NAG N . -20.41 -29.18 34.54
C2 NAG N . -20.76 -28.02 35.45
C3 NAG N . -19.85 -27.99 36.66
C4 NAG N . -19.84 -29.35 37.35
C5 NAG N . -19.53 -30.44 36.33
C6 NAG N . -19.62 -31.81 36.92
C7 NAG N . -19.71 -26.17 34.19
C8 NAG N . -19.96 -24.86 33.53
N2 NAG N . -20.78 -26.75 34.75
O3 NAG N . -20.30 -27.00 37.59
O4 NAG N . -18.86 -29.38 38.37
O5 NAG N . -20.48 -30.39 35.26
O6 NAG N . -19.37 -32.82 35.93
O7 NAG N . -18.61 -26.68 34.23
C1 NAG O . -4.74 -68.83 -10.88
C2 NAG O . -3.30 -69.30 -10.95
C3 NAG O . -2.92 -69.56 -12.40
C4 NAG O . -3.88 -70.59 -12.99
C5 NAG O . -5.30 -70.05 -12.85
C6 NAG O . -6.35 -71.02 -13.36
C7 NAG O . -1.64 -68.59 -9.32
C8 NAG O . -0.77 -67.46 -8.84
N2 NAG O . -2.41 -68.32 -10.37
O3 NAG O . -1.59 -70.05 -12.43
O4 NAG O . -3.60 -70.77 -14.38
O5 NAG O . -5.59 -69.81 -11.46
O6 NAG O . -6.61 -72.03 -12.40
O7 NAG O . -1.66 -69.67 -8.75
C1 NAG O . -2.75 -71.92 -14.50
C2 NAG O . -3.04 -72.62 -15.81
C3 NAG O . -2.13 -73.83 -15.96
C4 NAG O . -0.69 -73.38 -15.84
C5 NAG O . -0.49 -72.66 -14.52
C6 NAG O . 0.91 -72.11 -14.34
C7 NAG O . -5.34 -72.34 -16.62
C8 NAG O . -6.74 -72.88 -16.60
N2 NAG O . -4.44 -73.02 -15.90
O3 NAG O . -2.35 -74.44 -17.22
O4 NAG O . 0.18 -74.50 -15.89
O5 NAG O . -1.38 -71.52 -14.46
O6 NAG O . 1.23 -71.19 -15.38
O7 NAG O . -5.03 -71.34 -17.27
C1 NAG P . -4.03 -43.96 -27.07
C2 NAG P . -4.04 -45.17 -28.00
C3 NAG P . -2.69 -45.86 -27.98
C4 NAG P . -1.59 -44.86 -28.29
C5 NAG P . -1.68 -43.72 -27.30
C6 NAG P . -0.67 -42.64 -27.54
C7 NAG P . -6.08 -46.43 -28.48
C8 NAG P . -7.09 -47.40 -27.96
N2 NAG P . -5.10 -46.11 -27.65
O3 NAG P . -2.68 -46.89 -28.96
O4 NAG P . -0.32 -45.50 -28.15
O5 NAG P . -2.97 -43.10 -27.41
O6 NAG P . -0.86 -41.55 -26.65
O7 NAG P . -6.17 -45.94 -29.60
C1 NAG P . 0.44 -45.42 -29.36
C2 NAG P . 1.93 -45.60 -29.03
C3 NAG P . 2.75 -45.54 -30.30
C4 NAG P . 2.23 -46.57 -31.29
C5 NAG P . 0.73 -46.38 -31.51
C6 NAG P . 0.13 -47.45 -32.39
C7 NAG P . 2.73 -44.87 -26.84
C8 NAG P . 3.18 -43.72 -25.99
N2 NAG P . 2.37 -44.58 -28.09
O3 NAG P . 4.11 -45.80 -29.99
O4 NAG P . 2.91 -46.44 -32.52
O5 NAG P . 0.05 -46.46 -30.25
O6 NAG P . -1.23 -47.19 -32.65
O7 NAG P . 2.69 -46.01 -26.40
C1 NAG Q . 14.60 -42.59 -15.24
C2 NAG Q . 14.98 -43.84 -15.96
C3 NAG Q . 16.46 -43.83 -16.26
C4 NAG Q . 16.87 -42.53 -16.95
C5 NAG Q . 16.30 -41.34 -16.20
C6 NAG Q . 16.46 -40.04 -16.94
C7 NAG Q . 14.22 -46.14 -15.69
C8 NAG Q . 13.97 -47.26 -14.74
N2 NAG Q . 14.65 -45.00 -15.15
O3 NAG Q . 16.75 -44.92 -17.12
O4 NAG Q . 18.30 -42.46 -16.87
O5 NAG Q . 14.91 -41.52 -16.01
O6 NAG Q . 15.96 -38.96 -16.17
O7 NAG Q . 14.04 -46.26 -16.89
C1 NAG Q . 18.95 -42.09 -18.08
C2 NAG Q . 20.37 -41.75 -17.66
C3 NAG Q . 21.23 -41.39 -18.85
C4 NAG Q . 21.13 -42.46 -19.92
C5 NAG Q . 19.67 -42.75 -20.23
C6 NAG Q . 19.51 -43.91 -21.19
C7 NAG Q . 20.02 -39.47 -16.80
C8 NAG Q . 20.14 -38.58 -15.60
N2 NAG Q . 20.42 -40.73 -16.62
O3 NAG Q . 22.59 -41.24 -18.45
O4 NAG Q . 21.79 -42.05 -21.11
O5 NAG Q . 18.98 -43.13 -19.03
O6 NAG Q . 18.13 -44.19 -21.43
O7 NAG Q . 19.57 -39.06 -17.86
C1 NAG R . -42.20 -47.88 -28.41
C2 NAG R . -42.78 -47.20 -29.62
C3 NAG R . -44.22 -46.78 -29.33
C4 NAG R . -45.03 -48.01 -28.93
C5 NAG R . -44.35 -48.64 -27.73
C6 NAG R . -45.04 -49.91 -27.27
C7 NAG R . -41.39 -45.94 -31.18
C8 NAG R . -40.61 -44.68 -31.41
N2 NAG R . -42.00 -46.04 -30.00
O3 NAG R . -44.75 -46.19 -30.50
O4 NAG R . -46.35 -47.62 -28.56
O5 NAG R . -43.01 -49.00 -28.07
O6 NAG R . -44.69 -51.02 -28.10
O7 NAG R . -41.44 -46.83 -32.02
C1 NAG R . -47.19 -47.80 -29.71
C2 NAG R . -48.59 -48.16 -29.25
C3 NAG R . -49.49 -48.33 -30.46
C4 NAG R . -49.47 -47.04 -31.27
C5 NAG R . -48.02 -46.73 -31.66
C6 NAG R . -47.90 -45.43 -32.42
C7 NAG R . -48.67 -49.37 -27.12
C8 NAG R . -48.63 -50.70 -26.44
N2 NAG R . -48.57 -49.38 -28.45
O3 NAG R . -50.81 -48.61 -30.03
O4 NAG R . -50.23 -47.21 -32.46
O5 NAG R . -47.24 -46.58 -30.46
O6 NAG R . -48.38 -44.34 -31.66
O7 NAG R . -48.78 -48.31 -26.49
C1 NAG S . -27.17 31.23 -24.21
C2 NAG S . -28.11 30.05 -23.87
C3 NAG S . -28.89 29.61 -25.10
C4 NAG S . -29.57 30.80 -25.76
C5 NAG S . -28.55 31.88 -26.06
C6 NAG S . -29.15 33.13 -26.66
C7 NAG S . -27.17 28.78 -22.00
C8 NAG S . -26.39 27.59 -21.59
N2 NAG S . -27.35 28.94 -23.31
O3 NAG S . -29.86 28.65 -24.71
O4 NAG S . -30.20 30.41 -26.98
O5 NAG S . -27.93 32.28 -24.83
O6 NAG S . -28.15 34.03 -27.10
O7 NAG S . -27.63 29.59 -21.19
C1 NAG T . 18.12 58.44 32.10
C2 NAG T . 16.80 57.64 32.24
C3 NAG T . 15.70 58.25 31.37
C4 NAG T . 15.63 59.76 31.52
C5 NAG T . 17.01 60.38 31.34
C6 NAG T . 17.03 61.88 31.54
C7 NAG T . 16.15 55.27 32.12
C8 NAG T . 16.52 53.92 31.62
N2 NAG T . 17.02 56.25 31.86
O3 NAG T . 14.44 57.68 31.72
O4 NAG T . 14.75 60.32 30.54
O5 NAG T . 17.87 59.81 32.33
O6 NAG T . 16.42 62.55 30.45
O7 NAG T . 15.12 55.47 32.76
C1 NAG U . -25.03 14.69 29.16
C2 NAG U . -24.73 13.21 29.33
C3 NAG U . -25.78 12.56 30.20
C4 NAG U . -25.90 13.30 31.52
C5 NAG U . -26.18 14.79 31.24
C6 NAG U . -26.26 15.62 32.49
C7 NAG U . -23.60 11.80 27.67
C8 NAG U . -22.48 11.69 28.68
N2 NAG U . -24.64 12.55 28.04
O3 NAG U . -25.41 11.20 30.46
O4 NAG U . -26.98 12.77 32.29
O5 NAG U . -25.12 15.32 30.44
O6 NAG U . -27.06 16.77 32.29
O7 NAG U . -23.54 11.25 26.58
C1 NAG V . -36.70 -38.93 21.51
C2 NAG V . -36.25 -40.27 22.06
C3 NAG V . -37.38 -40.94 22.81
C4 NAG V . -37.92 -40.01 23.87
C5 NAG V . -38.33 -38.69 23.22
C6 NAG V . -38.81 -37.66 24.20
C7 NAG V . -34.54 -41.57 20.88
C8 NAG V . -34.23 -42.39 19.68
N2 NAG V . -35.79 -41.11 20.96
O3 NAG V . -36.91 -42.13 23.41
O4 NAG V . -39.06 -40.57 24.49
O5 NAG V . -37.18 -38.12 22.57
O6 NAG V . -39.38 -36.54 23.53
O7 NAG V . -33.70 -41.32 21.73
C1 NAG W . -45.52 -32.67 11.31
C2 NAG W . -45.93 -34.08 11.69
C3 NAG W . -47.33 -34.06 12.28
C4 NAG W . -47.38 -33.09 13.46
C5 NAG W . -46.89 -31.73 13.00
C6 NAG W . -46.80 -30.73 14.14
C7 NAG W . -45.55 -36.24 10.60
C8 NAG W . -45.58 -36.99 9.31
N2 NAG W . -45.90 -34.95 10.53
O3 NAG W . -47.67 -35.37 12.74
O4 NAG W . -48.71 -32.99 13.96
O5 NAG W . -45.58 -31.84 12.46
O6 NAG W . -46.59 -29.41 13.65
O7 NAG W . -45.23 -36.76 11.65
C1 NAG X . -48.32 -42.84 3.28
C2 NAG X . -49.76 -43.29 3.33
C3 NAG X . -49.93 -44.52 2.45
C4 NAG X . -49.48 -44.19 1.03
C5 NAG X . -48.06 -43.63 1.04
C6 NAG X . -47.62 -43.14 -0.32
C7 NAG X . -51.02 -42.76 5.36
C8 NAG X . -51.48 -41.55 4.62
N2 NAG X . -50.19 -43.56 4.68
O3 NAG X . -51.29 -44.91 2.44
O4 NAG X . -49.50 -45.37 0.24
O5 NAG X . -47.98 -42.50 1.93
O6 NAG X . -48.10 -43.98 -1.36
O7 NAG X . -51.37 -43.00 6.49
C1 NAG Y . -0.17 38.45 46.39
C2 NAG Y . -1.65 38.40 46.80
C3 NAG Y . -1.82 37.66 48.12
C4 NAG Y . -1.17 36.29 48.05
C5 NAG Y . 0.28 36.40 47.60
C6 NAG Y . 0.93 35.05 47.39
C7 NAG Y . -3.23 40.12 46.07
C8 NAG Y . -3.72 41.53 46.28
N2 NAG Y . -2.23 39.73 46.87
O3 NAG Y . -3.21 37.53 48.42
O4 NAG Y . -1.20 35.68 49.33
O5 NAG Y . 0.40 37.12 46.36
O6 NAG Y . 2.20 35.19 46.75
O7 NAG Y . -3.72 39.39 45.22
C1 NAG Z . 0.46 8.28 47.21
C2 NAG Z . 0.35 6.76 47.07
C3 NAG Z . -0.74 6.19 47.97
C4 NAG Z . -0.58 6.69 49.41
C5 NAG Z . -0.50 8.22 49.40
C6 NAG Z . -0.29 8.79 50.79
C7 NAG Z . 1.12 6.09 44.85
C8 NAG Z . 0.72 5.72 43.45
N2 NAG Z . 0.12 6.38 45.69
O3 NAG Z . -0.69 4.77 47.95
O4 NAG Z . -1.67 6.26 50.21
O5 NAG Z . 0.60 8.62 48.61
O6 NAG Z . -0.42 10.20 50.78
O7 NAG Z . 2.29 6.13 45.19
C1 NAG AA . 52.21 45.09 3.30
C2 NAG AA . 52.21 43.61 3.72
C3 NAG AA . 52.00 43.47 5.25
C4 NAG AA . 52.89 44.42 6.03
C5 NAG AA . 52.76 45.83 5.49
C6 NAG AA . 53.67 46.82 6.18
C7 NAG AA . 51.07 41.56 2.96
C8 NAG AA . 49.90 41.00 2.22
N2 NAG AA . 51.16 42.90 3.02
O3 NAG AA . 52.28 42.13 5.63
O4 NAG AA . 52.52 44.42 7.40
O5 NAG AA . 53.13 45.81 4.11
O6 NAG AA . 53.19 47.11 7.49
O7 NAG AA . 51.92 40.83 3.49
C1 NAG BA . 36.98 -13.98 11.21
C2 NAG BA . 36.34 -14.82 10.12
C3 NAG BA . 36.97 -16.21 10.08
C4 NAG BA . 38.48 -16.08 9.94
C5 NAG BA . 39.02 -15.20 11.05
C6 NAG BA . 40.51 -14.97 10.95
C7 NAG BA . 34.01 -14.62 9.37
C8 NAG BA . 34.58 -14.16 8.06
N2 NAG BA . 34.90 -14.92 10.32
O3 NAG BA . 36.43 -16.93 8.98
O4 NAG BA . 39.07 -17.37 10.03
O5 NAG BA . 38.39 -13.91 10.99
O6 NAG BA . 41.07 -14.68 12.22
O7 NAG BA . 32.80 -14.71 9.57
C1 NAG CA . 6.46 -56.99 -5.77
C2 NAG CA . 6.17 -57.72 -7.06
C3 NAG CA . 6.71 -59.15 -6.99
C4 NAG CA . 8.18 -59.12 -6.63
C5 NAG CA . 8.36 -58.34 -5.33
C6 NAG CA . 9.80 -58.21 -4.91
C7 NAG CA . 4.18 -57.16 -8.37
C8 NAG CA . 2.69 -57.24 -8.45
N2 NAG CA . 4.74 -57.73 -7.31
O3 NAG CA . 6.53 -59.77 -8.25
O4 NAG CA . 8.66 -60.44 -6.44
O5 NAG CA . 7.86 -57.01 -5.51
O6 NAG CA . 9.90 -57.68 -3.60
O7 NAG CA . 4.86 -56.61 -9.24
C1 NAG DA . 2.73 -56.42 8.62
C2 NAG DA . 2.43 -57.76 7.97
C3 NAG DA . 3.24 -58.85 8.66
C4 NAG DA . 4.72 -58.49 8.65
C5 NAG DA . 4.91 -57.11 9.27
C6 NAG DA . 6.33 -56.64 9.19
C7 NAG DA . 0.37 -58.72 7.07
C8 NAG DA . -1.09 -58.97 7.29
N2 NAG DA . 1.02 -58.07 8.03
O3 NAG DA . 3.04 -60.08 7.97
O4 NAG DA . 5.47 -59.46 9.38
O5 NAG DA . 4.11 -56.15 8.55
O6 NAG DA . 6.54 -55.47 9.97
O7 NAG DA . 0.94 -59.10 6.05
C1 NAG EA . -8.51 -63.45 8.96
C2 NAG EA . -8.39 -64.77 9.70
C3 NAG EA . -9.70 -65.52 9.58
C4 NAG EA . -10.83 -64.66 10.12
C5 NAG EA . -10.84 -63.29 9.44
C6 NAG EA . -11.83 -62.33 10.04
C7 NAG EA . -6.16 -65.74 9.88
C8 NAG EA . -6.09 -65.06 11.21
N2 NAG EA . -7.29 -65.56 9.20
O3 NAG EA . -9.62 -66.74 10.33
O4 NAG EA . -12.07 -65.30 9.89
O5 NAG EA . -9.54 -62.67 9.57
O6 NAG EA . -13.03 -63.00 10.43
O7 NAG EA . -5.24 -66.42 9.44
C1 NAG FA . 58.19 15.46 -1.58
C2 NAG FA . 58.80 14.30 -0.78
C3 NAG FA . 59.59 13.37 -1.69
C4 NAG FA . 58.73 12.90 -2.85
C5 NAG FA . 58.10 14.07 -3.59
C6 NAG FA . 57.13 13.66 -4.66
C7 NAG FA . 59.37 14.57 1.58
C8 NAG FA . 60.33 15.14 2.57
N2 NAG FA . 59.64 14.80 0.30
O3 NAG FA . 60.07 12.26 -0.95
O4 NAG FA . 59.52 12.16 -3.77
O5 NAG FA . 57.38 14.93 -2.68
O6 NAG FA . 56.40 14.76 -5.15
O7 NAG FA . 58.39 13.92 1.94
C1 NAG GA . 43.88 -4.96 -18.58
C2 NAG GA . 43.04 -6.05 -19.26
C3 NAG GA . 43.74 -7.41 -19.23
C4 NAG GA . 45.16 -7.27 -19.77
C5 NAG GA . 45.90 -6.19 -19.00
C6 NAG GA . 47.30 -5.97 -19.52
C7 NAG GA . 40.66 -5.46 -19.08
C8 NAG GA . 39.39 -5.67 -18.33
N2 NAG GA . 41.72 -6.15 -18.63
O3 NAG GA . 43.01 -8.34 -20.02
O4 NAG GA . 45.85 -8.51 -19.62
O5 NAG GA . 45.19 -4.95 -19.18
O6 NAG GA . 48.03 -5.09 -18.66
O7 NAG GA . 40.74 -4.70 -20.04
C1 NAG HA . 14.32 66.19 -13.71
C2 NAG HA . 13.94 65.08 -14.69
C3 NAG HA . 15.19 64.48 -15.36
C4 NAG HA . 16.15 65.56 -15.83
C5 NAG HA . 16.42 66.57 -14.73
C6 NAG HA . 17.30 67.71 -15.16
C7 NAG HA . 12.52 63.07 -14.64
C8 NAG HA . 11.85 62.06 -13.77
N2 NAG HA . 13.20 64.02 -14.01
O3 NAG HA . 14.81 63.67 -16.46
O4 NAG HA . 17.39 64.99 -16.24
O5 NAG HA . 15.16 67.14 -14.33
O6 NAG HA . 18.65 67.29 -15.30
O7 NAG HA . 12.44 63.03 -15.87
C1 NAG IA . -5.00 13.36 -38.58
C2 NAG IA . -6.21 12.59 -38.07
C3 NAG IA . -7.06 12.08 -39.22
C4 NAG IA . -7.42 13.25 -40.14
C5 NAG IA . -6.15 13.97 -40.58
C6 NAG IA . -6.43 15.18 -41.43
C7 NAG IA . -6.27 11.30 -35.98
C8 NAG IA . -7.27 12.30 -35.50
N2 NAG IA . -5.79 11.49 -37.22
O3 NAG IA . -8.24 11.48 -38.71
O4 NAG IA . -8.10 12.75 -41.28
O5 NAG IA . -5.45 14.43 -39.43
O6 NAG IA . -5.33 15.46 -42.29
O7 NAG IA . -5.90 10.36 -35.28
C1 NAG JA . -34.33 -33.23 -32.30
C2 NAG JA . -35.72 -33.63 -31.86
C3 NAG JA . -36.47 -34.25 -33.02
C4 NAG JA . -36.46 -33.30 -34.22
C5 NAG JA . -35.02 -32.95 -34.54
C6 NAG JA . -34.89 -31.96 -35.67
C7 NAG JA . -36.15 -34.32 -29.55
C8 NAG JA . -35.95 -35.37 -28.52
N2 NAG JA . -35.63 -34.56 -30.76
O3 NAG JA . -37.82 -34.50 -32.63
O4 NAG JA . -37.05 -33.92 -35.35
O5 NAG JA . -34.41 -32.34 -33.39
O6 NAG JA . -33.54 -31.83 -36.08
O7 NAG JA . -36.75 -33.27 -29.31
C1 NAG KA . -21.12 -38.76 -36.31
C2 NAG KA . -22.27 -39.73 -36.50
C3 NAG KA . -22.39 -40.09 -37.98
C4 NAG KA . -22.52 -38.82 -38.80
C5 NAG KA . -21.36 -37.88 -38.49
C6 NAG KA . -21.48 -36.55 -39.20
C7 NAG KA . -23.08 -41.61 -35.15
C8 NAG KA . -22.71 -42.82 -34.39
N2 NAG KA . -22.08 -40.93 -35.72
O3 NAG KA . -23.54 -40.90 -38.18
O4 NAG KA . -22.53 -39.13 -40.20
O5 NAG KA . -21.34 -37.61 -37.09
O6 NAG KA . -20.29 -35.79 -39.09
O7 NAG KA . -24.25 -41.24 -35.26
C1 NAG LA . -21.99 -51.41 -32.44
C2 NAG LA . -22.05 -52.41 -33.57
C3 NAG LA . -22.25 -53.80 -33.01
C4 NAG LA . -21.13 -54.11 -32.03
C5 NAG LA . -21.05 -53.03 -30.96
C6 NAG LA . -19.85 -53.20 -30.05
C7 NAG LA . -22.83 -51.58 -35.74
C8 NAG LA . -21.39 -51.37 -36.06
N2 NAG LA . -23.09 -52.08 -34.52
O3 NAG LA . -22.24 -54.75 -34.07
O4 NAG LA . -21.39 -55.35 -31.39
O5 NAG LA . -20.90 -51.74 -31.59
O6 NAG LA . -19.61 -54.57 -29.77
O7 NAG LA . -23.72 -51.31 -36.53
C1 NAG MA . -5.65 51.15 -31.38
C2 NAG MA . -5.67 50.59 -32.82
C3 NAG MA . -7.06 50.71 -33.43
C4 NAG MA . -8.09 50.05 -32.53
C5 NAG MA . -8.00 50.60 -31.11
C6 NAG MA . -8.92 49.90 -30.14
C7 NAG MA . -3.64 50.61 -34.20
C8 NAG MA . -2.73 51.44 -35.04
N2 NAG MA . -4.68 51.25 -33.66
O3 NAG MA . -7.07 50.10 -34.71
O4 NAG MA . -9.40 50.30 -33.03
O5 NAG MA . -6.67 50.49 -30.58
O6 NAG MA . -8.64 50.26 -28.80
O7 NAG MA . -3.47 49.41 -34.04
#